data_5OOB
#
_entry.id   5OOB
#
_cell.length_a   113.800
_cell.length_b   147.230
_cell.length_c   153.880
_cell.angle_alpha   90.00
_cell.angle_beta   91.48
_cell.angle_gamma   90.00
#
_symmetry.space_group_name_H-M   'P 1 21 1'
#
loop_
_entity.id
_entity.type
_entity.pdbx_description
1 polymer 'Nuclear cap-binding protein subunit 1'
2 polymer 'Nuclear cap-binding protein subunit 2'
3 polymer 'Negative elongation factor E'
4 non-polymer "7N-METHYL-8-HYDROGUANOSINE-5'-TRIPHOSPHATE"
#
loop_
_entity_poly.entity_id
_entity_poly.type
_entity_poly.pdbx_seq_one_letter_code
_entity_poly.pdbx_strand_id
1 'polypeptide(L)'
;MKTSDANETEDHLESLICKVGEKSACSLESNLEGLAGVLEADLPNYKSKILRLLCTVARLLPEKLTIYTTLVGLLNARNY
NFGGEFVEAMIRQLKESLKANNYNEAVYLVRFLSDLVNCHVIAAPSMVAMFENFVSVTQEEDVPQVRRDWYVYAFLSSLP
WVGKELYEKKDAEMDRIFANTESYLKRRQKTHVPMLQVWTADKPHPQEEYLDCLWAQIQKLKKDRWQERHILRPYLAFDS
ILCEALQHNLPPFTPPPHTEDSVYPMPRVIFRMFDYTDDPEGPVMPGSHSVERFVIEENLHCIIKSHWKERKTCAAQLVS
YPGKNKIPLNYHIVEVIFAELFQLPAPPHIDVMYTTLLIELCKLQPGSLPQVLAQATEMLYMRLDTMNTTCVDRFINWFS
HHLSNFQFRWSWEDWSDCLSQDPESPKPKFVREVLEKCMRLSYHQRILDIVPPTFSALCPANPTCIYKYGDESSNSLPGH
SVALCLAVAFKSKATNDEIFSILKDVPNPNQDDDDDEGFSFNPLKIEVFVQTLLHLAAKSFSHSFSALAKFHEVFKTLAE
SDEGKLHVLRVMFEVWRNHPQMIAVLVDKMIRTQIVDCAAVANWIFSSELSRDFTRLFVWEILHSTIRKMNKHVLKIQKE
LEEAKEKLARQHKRRSDDDDRSSDRKDGVLEEQIERLQEKVESAQSEQKNLFLVIFQRFIMILTEHLVRCETDGTSVLTP
WYKNCIERLQQIFLQHHQIIQQYMVTLENLLFTAELDPHILAVFQQFCALQA
;
A,C,F,I
2 'polypeptide(L)'
;GAMSGGLLKALRSDSYVELSQYRDQHFRGDNEEQEKLLKKSCTLYVGNLSFYTTEEQIYELFSKSGDIKKIIMGLDKMKK
TACGFCFVEYYSRADAENAMRYINGTRLDDRIIRTDWDAGFKEGRQYGRGRSGGQVRDEYRQDYDAGRGGYGKLAQNQ
;
B,D,G,J
3 'polypeptide(L)' DKRTQIVYSDDVYKENLVDGF E,K,Z
#
loop_
_chem_comp.id
_chem_comp.type
_chem_comp.name
_chem_comp.formula
MGT non-polymer 7N-METHYL-8-HYDROGUANOSINE-5'-TRIPHOSPHATE 'C11 H20 N5 O14 P3'
#
# COMPACT_ATOMS: atom_id res chain seq x y z
N GLU A 8 -35.34 11.97 -35.54
CA GLU A 8 -34.19 12.27 -34.63
C GLU A 8 -34.43 11.67 -33.22
N THR A 9 -34.53 10.33 -33.19
CA THR A 9 -34.45 9.56 -31.93
C THR A 9 -33.05 9.67 -31.30
N GLU A 10 -32.01 9.73 -32.12
CA GLU A 10 -30.66 10.05 -31.66
C GLU A 10 -30.59 11.34 -30.81
N ASP A 11 -31.05 12.46 -31.39
CA ASP A 11 -31.23 13.74 -30.62
C ASP A 11 -32.23 13.65 -29.46
N HIS A 12 -33.29 12.85 -29.61
CA HIS A 12 -34.27 12.65 -28.52
C HIS A 12 -33.58 11.99 -27.32
N LEU A 13 -32.80 10.96 -27.58
CA LEU A 13 -32.10 10.21 -26.52
C LEU A 13 -31.12 11.06 -25.74
N GLU A 14 -30.34 11.88 -26.45
CA GLU A 14 -29.46 12.84 -25.78
C GLU A 14 -30.25 13.75 -24.86
N SER A 15 -31.31 14.34 -25.38
CA SER A 15 -32.12 15.29 -24.61
C SER A 15 -32.80 14.65 -23.40
N LEU A 16 -33.23 13.39 -23.51
CA LEU A 16 -33.82 12.65 -22.38
C LEU A 16 -32.79 12.35 -21.29
N ILE A 17 -31.62 11.87 -21.70
CA ILE A 17 -30.54 11.58 -20.77
C ILE A 17 -30.11 12.86 -20.06
N CYS A 18 -29.91 13.94 -20.80
CA CYS A 18 -29.56 15.22 -20.17
C CYS A 18 -30.63 15.74 -19.23
N LYS A 19 -31.90 15.59 -19.59
CA LYS A 19 -32.98 16.20 -18.81
C LYS A 19 -33.38 15.45 -17.55
N VAL A 20 -33.07 14.15 -17.45
CA VAL A 20 -33.31 13.43 -16.18
C VAL A 20 -32.47 14.08 -15.09
N GLY A 21 -33.04 14.23 -13.91
CA GLY A 21 -32.33 14.90 -12.81
C GLY A 21 -32.65 16.37 -12.62
N GLU A 22 -33.09 17.03 -13.69
CA GLU A 22 -33.50 18.44 -13.60
C GLU A 22 -34.88 18.53 -12.94
N LYS A 23 -35.26 19.76 -12.54
CA LYS A 23 -36.59 20.03 -11.95
C LYS A 23 -37.75 19.42 -12.73
N SER A 24 -38.63 18.72 -12.02
CA SER A 24 -39.72 17.96 -12.64
C SER A 24 -40.93 17.85 -11.71
N ALA A 25 -42.11 17.71 -12.30
CA ALA A 25 -43.35 17.46 -11.54
C ALA A 25 -43.30 16.11 -10.80
N CYS A 26 -42.75 15.08 -11.46
CA CYS A 26 -42.60 13.74 -10.88
C CYS A 26 -41.35 13.63 -10.05
N SER A 27 -41.22 12.52 -9.31
CA SER A 27 -40.05 12.25 -8.50
C SER A 27 -38.87 11.85 -9.37
N LEU A 28 -37.67 12.01 -8.82
CA LEU A 28 -36.43 11.58 -9.48
C LEU A 28 -36.45 10.08 -9.74
N GLU A 29 -36.94 9.32 -8.76
CA GLU A 29 -37.03 7.85 -8.84
C GLU A 29 -37.92 7.44 -10.01
N SER A 30 -39.07 8.07 -10.13
CA SER A 30 -40.02 7.78 -11.20
C SER A 30 -39.39 7.99 -12.58
N ASN A 31 -38.80 9.18 -12.76
CA ASN A 31 -38.14 9.56 -14.02
C ASN A 31 -37.00 8.62 -14.41
N LEU A 32 -36.21 8.19 -13.44
CA LEU A 32 -35.11 7.25 -13.68
C LEU A 32 -35.61 5.88 -14.10
N GLU A 33 -36.59 5.36 -13.37
CA GLU A 33 -37.25 4.09 -13.71
C GLU A 33 -37.83 4.19 -15.13
N GLY A 34 -38.53 5.30 -15.41
CA GLY A 34 -39.13 5.52 -16.72
C GLY A 34 -38.12 5.53 -17.84
N LEU A 35 -37.10 6.36 -17.69
CA LEU A 35 -36.02 6.47 -18.68
C LEU A 35 -35.30 5.14 -18.89
N ALA A 36 -35.02 4.43 -17.81
CA ALA A 36 -34.38 3.11 -17.88
C ALA A 36 -35.16 2.15 -18.76
N GLY A 37 -36.49 2.23 -18.68
CA GLY A 37 -37.38 1.47 -19.56
C GLY A 37 -37.25 1.90 -21.01
N VAL A 38 -37.31 3.20 -21.26
CA VAL A 38 -37.22 3.76 -22.61
C VAL A 38 -35.88 3.38 -23.27
N LEU A 39 -34.80 3.41 -22.51
CA LEU A 39 -33.46 3.08 -23.04
C LEU A 39 -33.25 1.59 -23.28
N GLU A 40 -33.79 0.73 -22.42
CA GLU A 40 -33.73 -0.73 -22.63
C GLU A 40 -34.42 -1.11 -23.93
N ALA A 41 -35.60 -0.53 -24.17
CA ALA A 41 -36.36 -0.71 -25.42
C ALA A 41 -35.56 -0.38 -26.68
N ASP A 42 -34.71 0.64 -26.60
CA ASP A 42 -33.89 1.11 -27.73
C ASP A 42 -32.50 0.48 -27.81
N LEU A 43 -32.14 -0.42 -26.88
CA LEU A 43 -30.86 -1.15 -26.94
C LEU A 43 -30.63 -1.99 -28.22
N PRO A 44 -31.67 -2.68 -28.75
CA PRO A 44 -31.48 -3.37 -30.03
C PRO A 44 -30.69 -2.58 -31.08
N ASN A 45 -31.06 -1.31 -31.28
CA ASN A 45 -30.48 -0.47 -32.34
C ASN A 45 -30.05 0.97 -31.92
N TYR A 46 -29.79 1.18 -30.63
CA TYR A 46 -29.11 2.39 -30.12
C TYR A 46 -28.12 2.13 -28.96
N LYS A 47 -27.66 0.90 -28.80
CA LYS A 47 -26.67 0.53 -27.77
C LYS A 47 -25.40 1.36 -27.97
N SER A 48 -24.91 1.37 -29.21
CA SER A 48 -23.82 2.20 -29.65
C SER A 48 -23.90 3.63 -29.10
N LYS A 49 -25.06 4.26 -29.32
CA LYS A 49 -25.26 5.67 -28.98
C LYS A 49 -25.36 5.87 -27.48
N ILE A 50 -26.14 5.02 -26.82
CA ILE A 50 -26.39 5.12 -25.39
C ILE A 50 -25.11 4.95 -24.56
N LEU A 51 -24.21 4.06 -24.99
CA LEU A 51 -22.89 3.93 -24.35
C LEU A 51 -22.09 5.23 -24.45
N ARG A 52 -22.02 5.78 -25.65
CA ARG A 52 -21.30 7.02 -25.91
C ARG A 52 -21.85 8.17 -25.11
N LEU A 53 -23.16 8.26 -25.02
CA LEU A 53 -23.81 9.30 -24.22
C LEU A 53 -23.54 9.18 -22.73
N LEU A 54 -23.66 7.98 -22.18
CA LEU A 54 -23.42 7.79 -20.76
C LEU A 54 -21.95 7.94 -20.41
N CYS A 55 -21.04 7.56 -21.32
CA CYS A 55 -19.62 7.85 -21.12
C CYS A 55 -19.31 9.34 -21.11
N THR A 56 -20.05 10.09 -21.94
CA THR A 56 -19.92 11.53 -22.03
C THR A 56 -20.40 12.20 -20.75
N VAL A 57 -21.59 11.84 -20.26
CA VAL A 57 -22.11 12.49 -19.04
C VAL A 57 -21.32 12.11 -17.78
N ALA A 58 -20.63 10.97 -17.81
CA ALA A 58 -19.74 10.59 -16.72
C ALA A 58 -18.55 11.53 -16.64
N ARG A 59 -18.10 11.99 -17.81
CA ARG A 59 -16.95 12.87 -17.96
C ARG A 59 -17.27 14.38 -17.83
N LEU A 60 -18.41 14.79 -18.40
CA LEU A 60 -18.81 16.22 -18.45
C LEU A 60 -19.88 16.66 -17.46
N LEU A 61 -20.59 15.74 -16.81
CA LEU A 61 -21.64 16.10 -15.84
C LEU A 61 -21.45 15.41 -14.47
N PRO A 62 -20.28 15.60 -13.86
CA PRO A 62 -20.04 15.05 -12.53
C PRO A 62 -20.93 15.67 -11.48
N GLU A 63 -21.40 16.89 -11.74
CA GLU A 63 -22.37 17.54 -10.86
C GLU A 63 -23.65 16.71 -10.66
N LYS A 64 -24.01 15.85 -11.64
CA LYS A 64 -25.17 14.96 -11.56
C LYS A 64 -24.75 13.48 -11.53
N LEU A 65 -23.63 13.22 -10.87
CA LEU A 65 -23.01 11.88 -10.80
C LEU A 65 -23.98 10.76 -10.41
N THR A 66 -24.60 10.90 -9.23
CA THR A 66 -25.41 9.81 -8.67
C THR A 66 -26.72 9.58 -9.42
N ILE A 67 -27.17 10.56 -10.19
CA ILE A 67 -28.28 10.36 -11.11
C ILE A 67 -27.89 9.36 -12.20
N TYR A 68 -26.73 9.55 -12.80
CA TYR A 68 -26.32 8.70 -13.94
C TYR A 68 -25.77 7.34 -13.55
N THR A 69 -25.13 7.23 -12.39
CA THR A 69 -24.70 5.91 -11.89
C THR A 69 -25.93 5.05 -11.61
N THR A 70 -26.93 5.62 -10.93
CA THR A 70 -28.22 4.95 -10.73
C THR A 70 -28.79 4.49 -12.06
N LEU A 71 -28.81 5.38 -13.05
CA LEU A 71 -29.34 5.02 -14.36
C LEU A 71 -28.63 3.82 -14.97
N VAL A 72 -27.30 3.82 -14.90
CA VAL A 72 -26.49 2.71 -15.43
C VAL A 72 -26.77 1.44 -14.63
N GLY A 73 -26.97 1.58 -13.32
CA GLY A 73 -27.32 0.47 -12.43
C GLY A 73 -28.62 -0.21 -12.77
N LEU A 74 -29.65 0.61 -13.08
CA LEU A 74 -30.95 0.10 -13.52
C LEU A 74 -30.84 -0.61 -14.87
N LEU A 75 -30.00 -0.10 -15.76
CA LEU A 75 -29.75 -0.74 -17.06
C LEU A 75 -28.97 -2.02 -16.94
N ASN A 76 -28.03 -2.06 -16.00
CA ASN A 76 -27.26 -3.26 -15.70
C ASN A 76 -28.18 -4.38 -15.21
N ALA A 77 -29.15 -4.04 -14.36
CA ALA A 77 -30.14 -4.99 -13.86
C ALA A 77 -30.96 -5.65 -14.97
N ARG A 78 -31.44 -4.84 -15.90
CA ARG A 78 -32.24 -5.33 -17.02
C ARG A 78 -31.39 -6.00 -18.10
N ASN A 79 -30.11 -5.63 -18.20
CA ASN A 79 -29.20 -6.17 -19.21
C ASN A 79 -27.77 -6.15 -18.67
N TYR A 80 -27.31 -7.31 -18.21
CA TYR A 80 -25.96 -7.49 -17.65
C TYR A 80 -24.88 -7.13 -18.66
N ASN A 81 -25.08 -7.56 -19.91
CA ASN A 81 -24.08 -7.39 -20.95
C ASN A 81 -23.81 -5.92 -21.28
N PHE A 82 -24.86 -5.10 -21.24
CA PHE A 82 -24.74 -3.66 -21.42
C PHE A 82 -23.88 -3.02 -20.33
N GLY A 83 -24.14 -3.39 -19.07
CA GLY A 83 -23.31 -2.95 -17.96
C GLY A 83 -21.84 -3.24 -18.16
N GLY A 84 -21.55 -4.43 -18.70
CA GLY A 84 -20.18 -4.87 -18.93
C GLY A 84 -19.45 -4.06 -19.98
N GLU A 85 -20.11 -3.81 -21.10
CA GLU A 85 -19.51 -2.96 -22.15
C GLU A 85 -19.26 -1.51 -21.68
N PHE A 86 -20.17 -1.00 -20.85
CA PHE A 86 -20.04 0.32 -20.28
C PHE A 86 -18.79 0.39 -19.37
N VAL A 87 -18.69 -0.56 -18.45
CA VAL A 87 -17.54 -0.62 -17.55
C VAL A 87 -16.22 -0.77 -18.33
N GLU A 88 -16.25 -1.48 -19.47
CA GLU A 88 -15.07 -1.59 -20.34
C GLU A 88 -14.73 -0.24 -20.97
N ALA A 89 -15.77 0.42 -21.50
CA ALA A 89 -15.59 1.71 -22.16
C ALA A 89 -15.08 2.80 -21.20
N MET A 90 -15.59 2.78 -19.97
CA MET A 90 -15.11 3.69 -18.94
C MET A 90 -13.63 3.50 -18.60
N ILE A 91 -13.15 2.25 -18.59
CA ILE A 91 -11.75 2.00 -18.31
C ILE A 91 -10.86 2.40 -19.49
N ARG A 92 -11.35 2.17 -20.72
CA ARG A 92 -10.63 2.70 -21.89
C ARG A 92 -10.56 4.23 -21.81
N GLN A 93 -11.69 4.85 -21.46
CA GLN A 93 -11.75 6.31 -21.35
C GLN A 93 -10.85 6.86 -20.23
N LEU A 94 -10.77 6.16 -19.11
CA LEU A 94 -9.90 6.56 -18.00
C LEU A 94 -8.43 6.50 -18.39
N LYS A 95 -8.01 5.38 -18.97
CA LYS A 95 -6.61 5.19 -19.39
C LYS A 95 -6.23 6.22 -20.46
N GLU A 96 -7.16 6.46 -21.39
CA GLU A 96 -6.95 7.42 -22.47
C GLU A 96 -6.88 8.87 -21.98
N SER A 97 -7.67 9.20 -20.95
CA SER A 97 -7.61 10.52 -20.30
C SER A 97 -6.29 10.74 -19.57
N LEU A 98 -5.80 9.72 -18.87
CA LEU A 98 -4.52 9.86 -18.16
C LEU A 98 -3.35 9.99 -19.13
N LYS A 99 -3.34 9.16 -20.17
CA LYS A 99 -2.37 9.23 -21.26
C LYS A 99 -2.27 10.66 -21.83
N ALA A 100 -3.43 11.30 -22.02
CA ALA A 100 -3.51 12.66 -22.58
C ALA A 100 -3.41 13.80 -21.55
N ASN A 101 -2.94 13.51 -20.34
CA ASN A 101 -2.87 14.50 -19.24
C ASN A 101 -4.16 15.27 -18.91
N ASN A 102 -5.34 14.63 -19.06
CA ASN A 102 -6.60 15.22 -18.58
C ASN A 102 -6.87 14.65 -17.21
N TYR A 103 -6.02 15.01 -16.26
CA TYR A 103 -6.14 14.50 -14.91
C TYR A 103 -7.41 14.98 -14.22
N ASN A 104 -7.92 16.16 -14.58
CA ASN A 104 -9.12 16.70 -13.94
C ASN A 104 -10.38 16.00 -14.43
N GLU A 105 -10.45 15.63 -15.72
CA GLU A 105 -11.53 14.76 -16.20
C GLU A 105 -11.45 13.36 -15.62
N ALA A 106 -10.23 12.84 -15.51
CA ALA A 106 -10.00 11.50 -14.94
C ALA A 106 -10.55 11.31 -13.54
N VAL A 107 -10.52 12.34 -12.69
CA VAL A 107 -11.09 12.24 -11.34
C VAL A 107 -12.59 11.91 -11.41
N TYR A 108 -13.29 12.55 -12.33
CA TYR A 108 -14.73 12.36 -12.45
C TYR A 108 -15.02 10.94 -12.87
N LEU A 109 -14.21 10.41 -13.79
CA LEU A 109 -14.33 9.01 -14.20
C LEU A 109 -14.06 8.04 -13.05
N VAL A 110 -13.06 8.35 -12.23
CA VAL A 110 -12.76 7.54 -11.06
C VAL A 110 -13.92 7.59 -10.07
N ARG A 111 -14.51 8.76 -9.84
CA ARG A 111 -15.66 8.84 -8.93
C ARG A 111 -16.89 8.13 -9.47
N PHE A 112 -17.06 8.13 -10.79
CA PHE A 112 -18.19 7.44 -11.41
C PHE A 112 -18.10 5.94 -11.17
N LEU A 113 -16.92 5.39 -11.44
CA LEU A 113 -16.65 3.97 -11.17
C LEU A 113 -16.85 3.65 -9.71
N SER A 114 -16.34 4.51 -8.83
CA SER A 114 -16.51 4.35 -7.40
C SER A 114 -17.98 4.23 -7.04
N ASP A 115 -18.79 5.22 -7.40
CA ASP A 115 -20.20 5.23 -7.00
C ASP A 115 -20.99 4.11 -7.68
N LEU A 116 -20.52 3.61 -8.83
CA LEU A 116 -21.10 2.40 -9.44
C LEU A 116 -21.05 1.13 -8.55
N VAL A 117 -20.16 1.11 -7.56
CA VAL A 117 -20.14 0.04 -6.56
C VAL A 117 -21.41 0.08 -5.71
N ASN A 118 -21.83 1.28 -5.30
CA ASN A 118 -23.08 1.45 -4.57
C ASN A 118 -24.32 1.09 -5.41
N CYS A 119 -24.18 1.03 -6.73
CA CYS A 119 -25.26 0.61 -7.64
C CYS A 119 -25.21 -0.88 -8.06
N HIS A 120 -24.36 -1.67 -7.40
CA HIS A 120 -24.17 -3.10 -7.73
C HIS A 120 -23.89 -3.31 -9.21
N VAL A 121 -23.01 -2.47 -9.75
CA VAL A 121 -22.50 -2.64 -11.12
C VAL A 121 -21.02 -3.08 -11.08
N ILE A 122 -20.28 -2.61 -10.08
CA ILE A 122 -18.88 -2.98 -9.88
C ILE A 122 -18.71 -3.65 -8.51
N ALA A 123 -17.91 -4.71 -8.49
CA ALA A 123 -17.62 -5.47 -7.29
C ALA A 123 -16.68 -4.68 -6.41
N ALA A 124 -17.03 -4.50 -5.13
CA ALA A 124 -16.21 -3.75 -4.18
C ALA A 124 -14.71 -4.16 -4.12
N PRO A 125 -14.39 -5.47 -4.21
CA PRO A 125 -12.99 -5.89 -4.30
C PRO A 125 -12.16 -5.22 -5.40
N SER A 126 -12.71 -5.18 -6.63
CA SER A 126 -12.08 -4.50 -7.77
C SER A 126 -11.68 -3.06 -7.49
N MET A 127 -12.60 -2.32 -6.88
CA MET A 127 -12.41 -0.91 -6.60
C MET A 127 -11.33 -0.70 -5.54
N VAL A 128 -11.28 -1.60 -4.55
CA VAL A 128 -10.24 -1.56 -3.52
C VAL A 128 -8.87 -1.92 -4.14
N ALA A 129 -8.87 -2.86 -5.08
CA ALA A 129 -7.65 -3.23 -5.84
C ALA A 129 -7.09 -2.06 -6.64
N MET A 130 -8.00 -1.35 -7.32
CA MET A 130 -7.62 -0.15 -8.06
C MET A 130 -7.03 0.90 -7.12
N PHE A 131 -7.67 1.14 -5.99
CA PHE A 131 -7.15 2.12 -5.04
C PHE A 131 -5.83 1.71 -4.37
N GLU A 132 -5.61 0.39 -4.22
CA GLU A 132 -4.29 -0.10 -3.78
C GLU A 132 -3.20 0.33 -4.76
N ASN A 133 -3.47 0.16 -6.06
CA ASN A 133 -2.54 0.59 -7.11
C ASN A 133 -2.36 2.12 -7.21
N PHE A 134 -3.43 2.87 -6.92
CA PHE A 134 -3.34 4.32 -6.91
C PHE A 134 -2.39 4.79 -5.81
N VAL A 135 -2.66 4.37 -4.59
CA VAL A 135 -1.85 4.80 -3.44
C VAL A 135 -0.42 4.27 -3.51
N SER A 136 -0.21 3.14 -4.19
CA SER A 136 1.14 2.62 -4.42
C SER A 136 2.01 3.52 -5.31
N VAL A 137 1.40 4.48 -6.01
CA VAL A 137 2.17 5.51 -6.71
C VAL A 137 2.95 6.38 -5.69
N THR A 138 2.50 6.45 -4.43
CA THR A 138 3.28 7.16 -3.40
C THR A 138 4.65 6.55 -3.13
N GLN A 139 4.82 5.23 -3.40
CA GLN A 139 6.12 4.55 -3.24
C GLN A 139 7.01 4.50 -4.50
N GLU A 140 6.51 4.96 -5.66
CA GLU A 140 7.37 5.19 -6.83
C GLU A 140 8.52 6.13 -6.44
N GLU A 141 9.73 5.85 -6.94
CA GLU A 141 10.93 6.64 -6.60
C GLU A 141 11.28 7.59 -7.74
N ASP A 142 11.82 8.76 -7.38
CA ASP A 142 12.24 9.80 -8.34
C ASP A 142 11.13 10.16 -9.33
N VAL A 143 9.98 10.56 -8.77
CA VAL A 143 8.84 11.13 -9.51
C VAL A 143 8.34 12.37 -8.75
N PRO A 144 7.65 13.28 -9.46
CA PRO A 144 7.18 14.51 -8.81
C PRO A 144 6.12 14.30 -7.70
N GLN A 145 6.16 15.14 -6.67
CA GLN A 145 5.10 15.21 -5.65
C GLN A 145 3.70 15.38 -6.28
N VAL A 146 3.60 16.23 -7.31
CA VAL A 146 2.33 16.47 -7.98
C VAL A 146 1.74 15.25 -8.70
N ARG A 147 2.56 14.27 -9.05
CA ARG A 147 2.06 12.98 -9.56
C ARG A 147 1.47 12.16 -8.44
N ARG A 148 2.25 12.03 -7.36
CA ARG A 148 1.81 11.28 -6.20
C ARG A 148 0.53 11.88 -5.64
N ASP A 149 0.53 13.20 -5.47
CA ASP A 149 -0.64 13.96 -5.03
C ASP A 149 -1.92 13.59 -5.76
N TRP A 150 -1.87 13.57 -7.09
CA TRP A 150 -3.09 13.36 -7.86
C TRP A 150 -3.73 12.01 -7.60
N TYR A 151 -2.91 10.96 -7.57
CA TYR A 151 -3.42 9.60 -7.33
C TYR A 151 -4.02 9.47 -5.94
N VAL A 152 -3.42 10.13 -4.94
CA VAL A 152 -4.00 10.21 -3.61
C VAL A 152 -5.34 10.96 -3.61
N TYR A 153 -5.40 12.10 -4.31
CA TYR A 153 -6.61 12.93 -4.38
C TYR A 153 -7.75 12.18 -5.08
N ALA A 154 -7.44 11.46 -6.16
CA ALA A 154 -8.46 10.68 -6.88
C ALA A 154 -9.08 9.63 -5.95
N PHE A 155 -8.25 9.06 -5.07
CA PHE A 155 -8.70 8.10 -4.07
C PHE A 155 -9.53 8.81 -3.00
N LEU A 156 -8.93 9.73 -2.26
CA LEU A 156 -9.62 10.37 -1.14
C LEU A 156 -10.91 11.08 -1.55
N SER A 157 -10.91 11.76 -2.69
CA SER A 157 -12.09 12.49 -3.16
C SER A 157 -13.23 11.57 -3.65
N SER A 158 -12.94 10.30 -3.90
CA SER A 158 -13.97 9.31 -4.22
C SER A 158 -14.69 8.76 -2.98
N LEU A 159 -14.08 8.90 -1.80
CA LEU A 159 -14.61 8.25 -0.60
C LEU A 159 -15.94 8.80 -0.05
N PRO A 160 -16.26 10.10 -0.26
CA PRO A 160 -17.60 10.49 0.17
C PRO A 160 -18.74 9.73 -0.52
N TRP A 161 -18.47 9.16 -1.70
CA TRP A 161 -19.47 8.39 -2.41
C TRP A 161 -19.42 6.90 -2.06
N VAL A 162 -18.24 6.31 -2.13
CA VAL A 162 -18.07 4.85 -2.03
C VAL A 162 -17.39 4.39 -0.73
N GLY A 163 -17.00 5.33 0.13
CA GLY A 163 -16.19 5.01 1.30
C GLY A 163 -16.83 4.06 2.29
N LYS A 164 -18.14 4.15 2.47
CA LYS A 164 -18.86 3.26 3.37
C LYS A 164 -18.86 1.84 2.83
N GLU A 165 -19.21 1.68 1.57
CA GLU A 165 -19.33 0.34 0.97
C GLU A 165 -17.99 -0.40 0.97
N LEU A 166 -16.89 0.30 0.68
CA LEU A 166 -15.57 -0.34 0.64
C LEU A 166 -15.09 -0.74 2.03
N TYR A 167 -15.32 0.13 3.02
CA TYR A 167 -14.89 -0.10 4.39
C TYR A 167 -15.76 -1.15 5.12
N GLU A 168 -16.89 -1.53 4.54
CA GLU A 168 -17.66 -2.67 5.03
C GLU A 168 -17.10 -3.96 4.45
N LYS A 169 -17.05 -4.04 3.13
CA LYS A 169 -16.62 -5.27 2.44
C LYS A 169 -15.13 -5.66 2.63
N LYS A 170 -14.25 -4.70 2.88
CA LYS A 170 -12.80 -4.97 2.89
C LYS A 170 -12.05 -4.09 3.91
N ASP A 171 -12.55 -4.01 5.14
CA ASP A 171 -12.02 -3.06 6.13
C ASP A 171 -10.52 -3.22 6.48
N ALA A 172 -10.00 -4.43 6.36
CA ALA A 172 -8.57 -4.68 6.60
C ALA A 172 -7.71 -4.05 5.52
N GLU A 173 -8.10 -4.26 4.27
CA GLU A 173 -7.38 -3.76 3.09
C GLU A 173 -7.39 -2.22 3.02
N MET A 174 -8.50 -1.62 3.45
CA MET A 174 -8.64 -0.16 3.47
C MET A 174 -7.82 0.50 4.58
N ASP A 175 -7.74 -0.14 5.75
CA ASP A 175 -6.85 0.34 6.82
C ASP A 175 -5.38 0.40 6.36
N ARG A 176 -5.01 -0.50 5.46
CA ARG A 176 -3.66 -0.54 4.95
C ARG A 176 -3.45 0.65 4.02
N ILE A 177 -4.39 0.82 3.09
CA ILE A 177 -4.34 1.92 2.14
C ILE A 177 -4.27 3.21 2.92
N PHE A 178 -5.20 3.37 3.85
CA PHE A 178 -5.20 4.56 4.72
C PHE A 178 -3.90 4.80 5.46
N ALA A 179 -3.23 3.73 5.89
CA ALA A 179 -1.94 3.83 6.57
C ALA A 179 -0.89 4.44 5.66
N ASN A 180 -0.76 3.88 4.46
CA ASN A 180 0.19 4.36 3.45
C ASN A 180 -0.12 5.79 2.99
N THR A 181 -1.42 6.09 2.82
CA THR A 181 -1.86 7.44 2.50
C THR A 181 -1.45 8.42 3.59
N GLU A 182 -1.68 8.07 4.86
CA GLU A 182 -1.37 8.97 5.98
C GLU A 182 0.13 9.26 6.09
N SER A 183 0.95 8.24 5.93
CA SER A 183 2.40 8.41 6.04
C SER A 183 2.94 9.17 4.84
N TYR A 184 2.29 9.06 3.68
CA TYR A 184 2.64 9.90 2.52
C TYR A 184 2.32 11.37 2.78
N LEU A 185 1.12 11.66 3.26
CA LEU A 185 0.72 13.05 3.54
C LEU A 185 1.59 13.70 4.61
N LYS A 186 2.08 12.91 5.57
CA LYS A 186 2.97 13.40 6.62
C LYS A 186 4.32 13.89 6.09
N ARG A 187 4.86 13.20 5.09
CA ARG A 187 6.17 13.56 4.52
C ARG A 187 6.10 14.45 3.26
N ARG A 188 4.93 15.02 2.95
CA ARG A 188 4.78 15.91 1.79
C ARG A 188 5.38 17.28 2.08
N GLN A 189 6.02 17.85 1.05
CA GLN A 189 6.58 19.19 1.11
C GLN A 189 5.45 20.20 0.94
N LYS A 190 5.41 21.22 1.79
CA LYS A 190 4.40 22.28 1.75
C LYS A 190 4.97 23.65 1.32
N THR A 191 5.97 23.64 0.43
CA THR A 191 6.71 24.87 0.08
C THR A 191 5.85 25.86 -0.70
N HIS A 192 4.95 25.30 -1.52
CA HIS A 192 4.05 26.05 -2.38
C HIS A 192 2.96 26.88 -1.67
N VAL A 193 2.64 26.54 -0.43
CA VAL A 193 1.44 27.08 0.22
C VAL A 193 1.37 28.61 0.29
N PRO A 194 2.45 29.28 0.76
CA PRO A 194 2.35 30.75 0.84
C PRO A 194 2.20 31.46 -0.51
N MET A 195 2.54 30.79 -1.60
CA MET A 195 2.36 31.34 -2.93
C MET A 195 0.91 31.25 -3.44
N LEU A 196 0.13 30.34 -2.87
CA LEU A 196 -1.22 30.05 -3.33
C LEU A 196 -2.34 30.49 -2.39
N GLN A 197 -2.01 30.90 -1.17
CA GLN A 197 -3.02 31.40 -0.23
C GLN A 197 -3.52 32.77 -0.65
N VAL A 198 -4.83 32.95 -0.57
CA VAL A 198 -5.42 34.26 -0.81
C VAL A 198 -5.10 35.19 0.39
N TRP A 199 -5.07 34.63 1.61
CA TRP A 199 -4.70 35.39 2.82
C TRP A 199 -3.62 34.62 3.59
N THR A 200 -2.59 35.35 4.06
CA THR A 200 -1.55 34.74 4.91
C THR A 200 -2.04 34.54 6.35
N ALA A 201 -2.94 35.42 6.82
CA ALA A 201 -3.53 35.32 8.16
C ALA A 201 -4.33 34.03 8.31
N ASP A 202 -4.17 33.36 9.45
CA ASP A 202 -4.89 32.11 9.72
C ASP A 202 -6.12 32.31 10.61
N LYS A 203 -6.54 33.58 10.75
CA LYS A 203 -7.75 33.95 11.47
C LYS A 203 -8.45 35.03 10.61
N PRO A 204 -9.77 34.97 10.39
CA PRO A 204 -10.71 34.02 10.99
C PRO A 204 -10.81 32.62 10.38
N HIS A 205 -10.25 32.41 9.19
CA HIS A 205 -10.25 31.08 8.55
C HIS A 205 -8.89 30.83 7.95
N PRO A 206 -8.23 29.74 8.35
CA PRO A 206 -7.00 29.42 7.62
C PRO A 206 -7.27 28.95 6.19
N GLN A 207 -6.41 29.37 5.28
CA GLN A 207 -6.44 28.88 3.90
C GLN A 207 -5.58 27.62 3.83
N GLU A 208 -6.24 26.47 3.94
CA GLU A 208 -5.57 25.18 4.05
C GLU A 208 -5.10 24.63 2.72
N GLU A 209 -4.07 23.81 2.78
CA GLU A 209 -3.54 23.10 1.62
C GLU A 209 -4.57 22.01 1.25
N TYR A 210 -4.82 21.81 -0.04
CA TYR A 210 -5.97 20.99 -0.46
C TYR A 210 -5.99 19.56 0.03
N LEU A 211 -4.83 18.90 0.11
CA LEU A 211 -4.77 17.51 0.57
C LEU A 211 -4.85 17.40 2.10
N ASP A 212 -4.30 18.38 2.82
CA ASP A 212 -4.47 18.41 4.27
C ASP A 212 -5.94 18.52 4.64
N CYS A 213 -6.64 19.38 3.92
CA CYS A 213 -8.04 19.64 4.16
C CYS A 213 -8.89 18.41 3.83
N LEU A 214 -8.67 17.82 2.66
CA LEU A 214 -9.42 16.64 2.25
C LEU A 214 -9.22 15.50 3.21
N TRP A 215 -7.98 15.32 3.65
CA TRP A 215 -7.66 14.30 4.64
C TRP A 215 -8.52 14.48 5.89
N ALA A 216 -8.46 15.67 6.48
CA ALA A 216 -9.24 15.98 7.68
C ALA A 216 -10.74 15.71 7.49
N GLN A 217 -11.25 16.02 6.29
CA GLN A 217 -12.65 15.78 5.94
C GLN A 217 -12.97 14.31 5.93
N ILE A 218 -12.12 13.53 5.26
CA ILE A 218 -12.29 12.08 5.21
C ILE A 218 -12.11 11.45 6.59
N GLN A 219 -11.23 12.01 7.43
CA GLN A 219 -11.09 11.53 8.82
C GLN A 219 -12.40 11.71 9.60
N LYS A 220 -12.99 12.90 9.52
CA LYS A 220 -14.28 13.15 10.18
C LYS A 220 -15.36 12.26 9.61
N LEU A 221 -15.38 12.06 8.29
CA LEU A 221 -16.36 11.17 7.69
C LEU A 221 -16.24 9.78 8.26
N LYS A 222 -15.01 9.27 8.37
CA LYS A 222 -14.72 7.94 8.91
C LYS A 222 -15.17 7.83 10.37
N LYS A 223 -14.80 8.83 11.17
CA LYS A 223 -15.25 8.92 12.56
C LYS A 223 -16.77 8.86 12.71
N ASP A 224 -17.53 9.34 11.71
CA ASP A 224 -19.00 9.23 11.70
C ASP A 224 -19.53 8.01 10.93
N ARG A 225 -18.82 6.89 11.00
CA ARG A 225 -19.24 5.62 10.36
C ARG A 225 -19.60 5.76 8.87
N TRP A 226 -18.90 6.66 8.17
CA TRP A 226 -19.12 6.92 6.74
C TRP A 226 -20.55 7.38 6.40
N GLN A 227 -21.12 8.22 7.26
CA GLN A 227 -22.47 8.77 7.09
C GLN A 227 -22.33 10.24 6.78
N GLU A 228 -22.92 10.69 5.68
CA GLU A 228 -22.92 12.13 5.32
C GLU A 228 -24.32 12.58 4.93
N ARG A 229 -24.60 13.86 5.16
CA ARG A 229 -25.94 14.42 5.08
C ARG A 229 -26.26 15.21 3.79
N HIS A 230 -25.54 14.98 2.69
CA HIS A 230 -25.74 15.81 1.47
C HIS A 230 -25.93 15.07 0.15
N ILE A 231 -25.15 14.03 -0.11
CA ILE A 231 -25.19 13.40 -1.43
C ILE A 231 -26.55 12.73 -1.65
N LEU A 232 -27.21 13.12 -2.74
CA LEU A 232 -28.40 12.44 -3.21
C LEU A 232 -28.00 11.07 -3.70
N ARG A 233 -28.72 10.05 -3.26
CA ARG A 233 -28.44 8.67 -3.64
C ARG A 233 -29.73 8.01 -4.11
N PRO A 234 -30.13 8.28 -5.38
CA PRO A 234 -31.35 7.70 -5.94
C PRO A 234 -31.41 6.19 -5.93
N TYR A 235 -30.25 5.55 -6.10
CA TYR A 235 -30.13 4.09 -6.07
C TYR A 235 -30.66 3.41 -4.78
N LEU A 236 -30.68 4.11 -3.65
CA LEU A 236 -31.21 3.54 -2.40
C LEU A 236 -32.71 3.20 -2.45
N ALA A 237 -33.46 3.89 -3.30
CA ALA A 237 -34.86 3.59 -3.52
C ALA A 237 -35.11 2.51 -4.59
N PHE A 238 -34.05 1.87 -5.09
CA PHE A 238 -34.18 0.73 -6.01
C PHE A 238 -33.41 -0.45 -5.44
N ASP A 239 -33.53 -0.63 -4.14
CA ASP A 239 -32.76 -1.64 -3.43
C ASP A 239 -33.13 -3.06 -3.90
N SER A 240 -34.42 -3.32 -4.08
CA SER A 240 -34.95 -4.56 -4.64
C SER A 240 -34.27 -4.96 -5.96
N ILE A 241 -34.33 -4.05 -6.92
CA ILE A 241 -33.95 -4.32 -8.30
C ILE A 241 -32.43 -4.43 -8.43
N LEU A 242 -31.70 -3.57 -7.73
CA LEU A 242 -30.24 -3.52 -7.86
C LEU A 242 -29.51 -4.70 -7.18
N CYS A 243 -30.10 -5.28 -6.15
CA CYS A 243 -29.47 -6.44 -5.47
C CYS A 243 -29.47 -7.73 -6.29
N GLU A 244 -30.54 -7.97 -7.05
CA GLU A 244 -30.60 -9.12 -7.98
C GLU A 244 -29.71 -8.97 -9.23
N ALA A 245 -29.24 -7.75 -9.50
CA ALA A 245 -28.33 -7.50 -10.61
C ALA A 245 -26.93 -8.02 -10.28
N LEU A 246 -26.30 -8.61 -11.30
CA LEU A 246 -24.98 -9.18 -11.15
C LEU A 246 -23.93 -8.10 -11.37
N GLN A 247 -22.81 -8.24 -10.66
CA GLN A 247 -21.74 -7.25 -10.65
C GLN A 247 -20.66 -7.58 -11.70
N HIS A 248 -19.79 -6.60 -11.96
CA HIS A 248 -18.68 -6.75 -12.92
C HIS A 248 -17.36 -6.49 -12.20
N ASN A 249 -16.28 -7.05 -12.75
CA ASN A 249 -14.94 -6.85 -12.18
C ASN A 249 -14.14 -5.93 -13.10
N LEU A 250 -13.41 -5.01 -12.50
CA LEU A 250 -12.51 -4.13 -13.25
C LEU A 250 -11.23 -4.91 -13.52
N PRO A 251 -10.60 -4.71 -14.70
CA PRO A 251 -9.26 -5.24 -14.86
C PRO A 251 -8.28 -4.69 -13.80
N PRO A 252 -7.13 -5.35 -13.59
CA PRO A 252 -6.09 -4.72 -12.78
C PRO A 252 -5.66 -3.39 -13.40
N PHE A 253 -5.37 -2.41 -12.56
CA PHE A 253 -5.00 -1.09 -13.06
C PHE A 253 -3.51 -0.82 -12.84
N THR A 254 -2.80 -0.50 -13.91
CA THR A 254 -1.41 -0.06 -13.85
C THR A 254 -1.42 1.42 -14.21
N PRO A 255 -1.13 2.32 -13.24
CA PRO A 255 -1.01 3.74 -13.59
C PRO A 255 0.01 3.97 -14.72
N PRO A 256 -0.39 4.70 -15.80
CA PRO A 256 0.57 5.06 -16.83
C PRO A 256 1.82 5.66 -16.21
N PRO A 257 3.01 5.12 -16.56
CA PRO A 257 4.17 5.49 -15.77
C PRO A 257 4.68 6.90 -16.11
N HIS A 258 5.37 7.51 -15.15
CA HIS A 258 5.89 8.87 -15.31
C HIS A 258 6.88 8.99 -16.47
N THR A 259 6.56 9.81 -17.47
CA THR A 259 7.49 10.16 -18.55
C THR A 259 7.92 11.62 -18.33
N GLU A 260 8.74 12.16 -19.23
CA GLU A 260 9.06 13.58 -19.21
C GLU A 260 8.01 14.42 -19.98
N ASP A 261 7.16 13.75 -20.77
CA ASP A 261 5.95 14.37 -21.34
C ASP A 261 4.74 14.41 -20.40
N SER A 262 4.86 13.85 -19.19
CA SER A 262 3.77 13.88 -18.21
C SER A 262 3.60 15.28 -17.63
N VAL A 263 2.35 15.71 -17.47
CA VAL A 263 2.00 17.03 -16.93
C VAL A 263 0.89 16.86 -15.90
N TYR A 264 1.16 17.24 -14.65
CA TYR A 264 0.22 17.03 -13.56
C TYR A 264 -0.42 18.35 -13.09
N PRO A 265 -1.63 18.28 -12.49
CA PRO A 265 -2.24 19.45 -11.87
C PRO A 265 -1.38 20.08 -10.79
N MET A 266 -1.36 21.40 -10.75
CA MET A 266 -0.68 22.15 -9.68
C MET A 266 -1.41 21.91 -8.38
N PRO A 267 -0.68 21.96 -7.27
CA PRO A 267 -1.41 21.93 -5.99
C PRO A 267 -2.31 23.15 -5.82
N ARG A 268 -3.22 23.07 -4.86
CA ARG A 268 -4.24 24.09 -4.64
C ARG A 268 -4.35 24.38 -3.16
N VAL A 269 -4.95 25.52 -2.85
CA VAL A 269 -5.23 25.92 -1.47
C VAL A 269 -6.70 26.29 -1.39
N ILE A 270 -7.40 25.75 -0.40
CA ILE A 270 -8.85 25.88 -0.34
C ILE A 270 -9.27 27.26 0.15
N PHE A 271 -9.99 27.97 -0.71
CA PHE A 271 -10.56 29.27 -0.38
C PHE A 271 -11.61 29.11 0.70
N ARG A 272 -11.62 30.02 1.66
CA ARG A 272 -12.54 29.95 2.78
C ARG A 272 -12.76 31.33 3.39
N MET A 273 -14.01 31.80 3.30
CA MET A 273 -14.41 33.06 3.96
C MET A 273 -15.61 32.95 4.91
N PHE A 274 -16.48 31.96 4.73
CA PHE A 274 -17.69 31.80 5.55
C PHE A 274 -17.65 30.64 6.56
N ASP A 275 -18.36 30.82 7.68
CA ASP A 275 -18.86 29.69 8.47
C ASP A 275 -20.33 29.95 8.85
N TYR A 276 -20.93 29.02 9.61
CA TYR A 276 -22.35 29.14 10.01
C TYR A 276 -22.70 30.46 10.72
N THR A 277 -21.75 31.07 11.42
CA THR A 277 -22.00 32.35 12.12
C THR A 277 -22.29 33.52 11.18
N ASP A 278 -21.91 33.41 9.90
CA ASP A 278 -22.21 34.44 8.91
C ASP A 278 -23.65 34.40 8.38
N ASP A 279 -24.40 33.32 8.69
CA ASP A 279 -25.83 33.17 8.34
C ASP A 279 -26.57 32.47 9.49
N PRO A 280 -26.91 33.23 10.57
CA PRO A 280 -27.53 32.55 11.73
C PRO A 280 -29.00 32.17 11.51
N GLU A 281 -29.76 32.99 10.78
CA GLU A 281 -31.16 32.68 10.44
C GLU A 281 -31.30 31.42 9.62
N GLY A 282 -30.53 31.32 8.54
CA GLY A 282 -30.68 30.23 7.58
C GLY A 282 -30.22 28.86 8.05
N PRO A 283 -30.33 27.83 7.19
CA PRO A 283 -29.92 26.46 7.52
C PRO A 283 -28.45 26.40 7.92
N VAL A 284 -28.09 25.48 8.79
CA VAL A 284 -26.72 25.45 9.32
C VAL A 284 -25.72 25.04 8.23
N MET A 285 -24.74 25.91 7.99
CA MET A 285 -23.71 25.68 6.99
C MET A 285 -22.78 24.54 7.41
N PRO A 286 -22.56 23.54 6.54
CA PRO A 286 -21.57 22.52 6.84
C PRO A 286 -20.18 23.12 7.06
N GLY A 287 -19.44 22.61 8.04
CA GLY A 287 -18.14 23.18 8.41
C GLY A 287 -17.03 22.88 7.42
N SER A 288 -15.91 23.59 7.56
CA SER A 288 -14.76 23.45 6.66
C SER A 288 -14.28 22.03 6.56
N HIS A 289 -14.32 21.32 7.67
CA HIS A 289 -13.76 19.98 7.76
C HIS A 289 -14.80 18.87 7.58
N SER A 290 -15.97 19.20 7.03
CA SER A 290 -17.00 18.22 6.69
C SER A 290 -16.96 17.89 5.20
N VAL A 291 -17.11 16.62 4.82
CA VAL A 291 -17.21 16.26 3.40
C VAL A 291 -18.38 16.92 2.68
N GLU A 292 -19.40 17.30 3.43
CA GLU A 292 -20.54 17.99 2.86
C GLU A 292 -20.08 19.30 2.20
N ARG A 293 -19.19 20.04 2.87
CA ARG A 293 -18.66 21.30 2.32
C ARG A 293 -17.85 21.02 1.06
N PHE A 294 -16.97 20.02 1.11
CA PHE A 294 -16.24 19.59 -0.07
C PHE A 294 -17.16 19.26 -1.25
N VAL A 295 -18.20 18.46 -1.00
CA VAL A 295 -19.05 17.98 -2.09
C VAL A 295 -19.89 19.11 -2.70
N ILE A 296 -20.43 19.98 -1.85
CA ILE A 296 -21.20 21.14 -2.30
C ILE A 296 -20.35 22.01 -3.24
N GLU A 297 -19.17 22.36 -2.77
CA GLU A 297 -18.29 23.25 -3.53
C GLU A 297 -17.76 22.59 -4.81
N GLU A 298 -17.45 21.30 -4.73
CA GLU A 298 -17.02 20.56 -5.93
C GLU A 298 -18.11 20.55 -6.99
N ASN A 299 -19.36 20.30 -6.59
CA ASN A 299 -20.47 20.30 -7.55
C ASN A 299 -20.72 21.72 -8.10
N LEU A 300 -20.77 22.73 -7.24
CA LEU A 300 -20.96 24.10 -7.69
C LEU A 300 -19.89 24.56 -8.69
N HIS A 301 -18.62 24.29 -8.38
CA HIS A 301 -17.50 24.54 -9.33
C HIS A 301 -17.75 23.82 -10.65
N CYS A 302 -18.18 22.55 -10.59
CA CYS A 302 -18.43 21.75 -11.79
C CYS A 302 -19.57 22.28 -12.64
N ILE A 303 -20.59 22.85 -11.99
CA ILE A 303 -21.70 23.48 -12.68
C ILE A 303 -21.20 24.67 -13.48
N ILE A 304 -20.37 25.49 -12.86
CA ILE A 304 -19.76 26.63 -13.55
C ILE A 304 -18.93 26.15 -14.73
N LYS A 305 -18.19 25.08 -14.55
CA LYS A 305 -17.38 24.50 -15.64
C LYS A 305 -18.24 24.09 -16.81
N SER A 306 -19.42 23.55 -16.53
CA SER A 306 -20.30 23.05 -17.58
C SER A 306 -20.97 24.18 -18.35
N HIS A 307 -21.41 25.24 -17.65
CA HIS A 307 -22.23 26.30 -18.23
C HIS A 307 -21.62 27.71 -18.25
N TRP A 308 -20.30 27.83 -18.23
CA TRP A 308 -19.63 29.15 -18.13
C TRP A 308 -20.00 30.12 -19.27
N LYS A 309 -20.24 29.60 -20.47
CA LYS A 309 -20.53 30.40 -21.66
C LYS A 309 -21.93 31.04 -21.66
N GLU A 310 -22.85 30.41 -20.93
CA GLU A 310 -24.25 30.81 -20.86
C GLU A 310 -24.59 31.39 -19.48
N ARG A 311 -24.33 32.68 -19.29
CA ARG A 311 -24.46 33.28 -17.95
C ARG A 311 -25.84 33.15 -17.27
N LYS A 312 -26.93 33.21 -18.04
CA LYS A 312 -28.28 33.04 -17.47
C LYS A 312 -28.52 31.57 -17.06
N THR A 313 -28.17 30.64 -17.95
CA THR A 313 -28.23 29.21 -17.64
C THR A 313 -27.39 28.84 -16.42
N CYS A 314 -26.18 29.37 -16.37
CA CYS A 314 -25.24 29.07 -15.31
C CYS A 314 -25.82 29.49 -13.97
N ALA A 315 -26.34 30.73 -13.90
CA ALA A 315 -26.95 31.25 -12.69
C ALA A 315 -28.14 30.38 -12.25
N ALA A 316 -28.98 30.01 -13.22
CA ALA A 316 -30.13 29.15 -12.97
C ALA A 316 -29.72 27.83 -12.32
N GLN A 317 -28.79 27.13 -12.98
CA GLN A 317 -28.31 25.82 -12.54
C GLN A 317 -27.73 25.84 -11.13
N LEU A 318 -27.03 26.93 -10.78
CA LEU A 318 -26.50 27.10 -9.44
C LEU A 318 -27.61 27.26 -8.41
N VAL A 319 -28.57 28.15 -8.69
CA VAL A 319 -29.69 28.43 -7.78
C VAL A 319 -30.57 27.20 -7.56
N SER A 320 -30.74 26.38 -8.58
CA SER A 320 -31.53 25.16 -8.46
C SER A 320 -30.70 23.90 -8.11
N TYR A 321 -29.60 24.08 -7.39
CA TYR A 321 -28.73 22.97 -7.02
C TYR A 321 -29.44 22.15 -5.92
N PRO A 322 -29.66 20.84 -6.13
CA PRO A 322 -30.33 20.00 -5.14
C PRO A 322 -29.38 19.32 -4.16
N GLY A 323 -29.87 19.07 -2.95
CA GLY A 323 -29.14 18.28 -1.95
C GLY A 323 -30.10 17.46 -1.10
N LYS A 324 -29.57 16.45 -0.41
CA LYS A 324 -30.38 15.63 0.51
C LYS A 324 -30.99 16.50 1.61
N ASN A 325 -30.22 17.49 2.10
CA ASN A 325 -30.67 18.39 3.17
C ASN A 325 -30.51 19.85 2.81
N LYS A 326 -31.25 20.70 3.53
CA LYS A 326 -31.23 22.14 3.31
C LYS A 326 -29.88 22.74 3.66
N ILE A 327 -29.36 23.58 2.77
CA ILE A 327 -28.08 24.26 2.95
C ILE A 327 -28.25 25.74 2.63
N PRO A 328 -27.38 26.61 3.17
CA PRO A 328 -27.44 28.04 2.83
C PRO A 328 -26.79 28.31 1.45
N LEU A 329 -27.53 27.96 0.40
CA LEU A 329 -27.00 27.88 -0.96
C LEU A 329 -26.43 29.20 -1.48
N ASN A 330 -27.11 30.30 -1.20
CA ASN A 330 -26.63 31.62 -1.64
C ASN A 330 -25.22 31.94 -1.12
N TYR A 331 -24.90 31.48 0.09
CA TYR A 331 -23.56 31.67 0.66
C TYR A 331 -22.54 30.79 -0.05
N HIS A 332 -22.88 29.52 -0.27
CA HIS A 332 -22.01 28.63 -1.03
C HIS A 332 -21.75 29.13 -2.45
N ILE A 333 -22.78 29.65 -3.12
CA ILE A 333 -22.60 30.16 -4.48
C ILE A 333 -21.64 31.34 -4.52
N VAL A 334 -21.84 32.30 -3.62
CA VAL A 334 -20.98 33.47 -3.54
C VAL A 334 -19.55 33.08 -3.15
N GLU A 335 -19.40 32.16 -2.20
CA GLU A 335 -18.07 31.71 -1.77
C GLU A 335 -17.31 31.01 -2.90
N VAL A 336 -18.01 30.13 -3.62
CA VAL A 336 -17.43 29.42 -4.75
C VAL A 336 -17.01 30.37 -5.86
N ILE A 337 -17.80 31.41 -6.10
CA ILE A 337 -17.46 32.36 -7.16
C ILE A 337 -16.14 33.09 -6.84
N PHE A 338 -16.04 33.66 -5.63
CA PHE A 338 -14.79 34.31 -5.23
C PHE A 338 -13.62 33.35 -5.11
N ALA A 339 -13.88 32.10 -4.75
CA ALA A 339 -12.84 31.07 -4.75
C ALA A 339 -12.20 30.92 -6.14
N GLU A 340 -13.04 30.90 -7.17
CA GLU A 340 -12.57 30.85 -8.55
C GLU A 340 -11.86 32.15 -8.93
N LEU A 341 -12.45 33.29 -8.58
CA LEU A 341 -11.88 34.56 -9.00
C LEU A 341 -10.52 34.80 -8.37
N PHE A 342 -10.36 34.42 -7.12
CA PHE A 342 -9.10 34.63 -6.41
C PHE A 342 -8.15 33.44 -6.44
N GLN A 343 -8.46 32.41 -7.22
CA GLN A 343 -7.57 31.25 -7.33
C GLN A 343 -6.18 31.61 -7.88
N LEU A 344 -5.15 31.08 -7.22
CA LEU A 344 -3.77 31.24 -7.66
C LEU A 344 -3.22 29.91 -8.18
N PRO A 345 -2.56 29.90 -9.33
CA PRO A 345 -2.12 31.09 -10.07
C PRO A 345 -3.21 31.86 -10.79
N ALA A 346 -4.20 31.18 -11.37
CA ALA A 346 -5.24 31.87 -12.14
C ALA A 346 -6.61 31.24 -11.98
N PRO A 347 -7.68 32.00 -12.29
CA PRO A 347 -9.02 31.46 -12.25
C PRO A 347 -9.25 30.45 -13.35
N PRO A 348 -10.24 29.54 -13.19
CA PRO A 348 -10.59 28.61 -14.26
C PRO A 348 -11.13 29.27 -15.51
N HIS A 349 -11.74 30.45 -15.38
CA HIS A 349 -12.36 31.12 -16.51
C HIS A 349 -12.02 32.60 -16.49
N ILE A 350 -12.23 33.25 -17.62
CA ILE A 350 -11.95 34.68 -17.76
C ILE A 350 -12.58 35.53 -16.66
N ASP A 351 -11.78 36.41 -16.06
CA ASP A 351 -12.16 37.12 -14.82
C ASP A 351 -13.51 37.83 -14.95
N VAL A 352 -13.76 38.40 -16.13
CA VAL A 352 -14.96 39.21 -16.36
C VAL A 352 -16.25 38.40 -16.21
N MET A 353 -16.19 37.10 -16.50
CA MET A 353 -17.36 36.23 -16.41
C MET A 353 -17.98 36.24 -15.02
N TYR A 354 -17.14 36.31 -13.99
CA TYR A 354 -17.59 36.25 -12.60
C TYR A 354 -18.39 37.49 -12.21
N THR A 355 -18.03 38.63 -12.79
CA THR A 355 -18.72 39.90 -12.53
C THR A 355 -20.16 39.81 -12.99
N THR A 356 -20.29 39.34 -14.23
CA THR A 356 -21.57 39.18 -14.89
C THR A 356 -22.38 38.04 -14.31
N LEU A 357 -21.75 36.92 -13.96
CA LEU A 357 -22.48 35.81 -13.32
C LEU A 357 -23.15 36.26 -12.02
N LEU A 358 -22.43 37.05 -11.22
CA LEU A 358 -22.99 37.58 -9.97
C LEU A 358 -24.16 38.54 -10.20
N ILE A 359 -24.11 39.34 -11.26
CA ILE A 359 -25.25 40.16 -11.67
C ILE A 359 -26.46 39.26 -11.95
N GLU A 360 -26.28 38.24 -12.78
CA GLU A 360 -27.37 37.34 -13.18
C GLU A 360 -27.97 36.58 -12.01
N LEU A 361 -27.14 36.29 -11.01
CA LEU A 361 -27.60 35.69 -9.76
C LEU A 361 -28.44 36.67 -8.95
N CYS A 362 -28.00 37.92 -8.84
CA CYS A 362 -28.82 38.97 -8.22
C CYS A 362 -30.19 39.11 -8.90
N LYS A 363 -30.24 38.94 -10.21
CA LYS A 363 -31.49 39.01 -10.94
C LYS A 363 -32.46 37.88 -10.59
N LEU A 364 -31.93 36.65 -10.44
CA LEU A 364 -32.76 35.49 -10.06
C LEU A 364 -33.21 35.47 -8.60
N GLN A 365 -32.39 36.03 -7.71
CA GLN A 365 -32.60 35.96 -6.27
C GLN A 365 -32.52 37.37 -5.67
N PRO A 366 -33.32 38.30 -6.19
CA PRO A 366 -33.19 39.71 -5.81
C PRO A 366 -33.52 40.01 -4.37
N GLY A 367 -34.25 39.10 -3.71
CA GLY A 367 -34.61 39.26 -2.31
C GLY A 367 -33.56 38.85 -1.31
N SER A 368 -32.64 37.97 -1.71
CA SER A 368 -31.64 37.37 -0.79
C SER A 368 -30.17 37.58 -1.21
N LEU A 369 -29.87 37.36 -2.49
CA LEU A 369 -28.47 37.26 -2.96
C LEU A 369 -27.68 38.57 -2.83
N PRO A 370 -28.27 39.73 -3.21
CA PRO A 370 -27.55 41.00 -3.08
C PRO A 370 -27.05 41.32 -1.69
N GLN A 371 -27.78 40.88 -0.66
CA GLN A 371 -27.39 41.12 0.72
C GLN A 371 -26.22 40.23 1.10
N VAL A 372 -26.22 39.00 0.59
CA VAL A 372 -25.09 38.08 0.80
C VAL A 372 -23.82 38.64 0.12
N LEU A 373 -23.99 39.12 -1.11
CA LEU A 373 -22.88 39.66 -1.87
C LEU A 373 -22.28 40.90 -1.18
N ALA A 374 -23.14 41.76 -0.65
CA ALA A 374 -22.67 42.94 0.08
C ALA A 374 -22.02 42.56 1.39
N GLN A 375 -22.53 41.52 2.06
CA GLN A 375 -21.93 41.00 3.27
C GLN A 375 -20.52 40.45 2.96
N ALA A 376 -20.40 39.72 1.83
CA ALA A 376 -19.12 39.20 1.40
C ALA A 376 -18.14 40.33 1.07
N THR A 377 -18.60 41.31 0.30
CA THR A 377 -17.81 42.50 -0.03
C THR A 377 -17.27 43.22 1.21
N GLU A 378 -18.11 43.33 2.23
CA GLU A 378 -17.70 43.89 3.53
C GLU A 378 -16.58 43.06 4.15
N MET A 379 -16.74 41.75 4.13
CA MET A 379 -15.77 40.85 4.74
C MET A 379 -14.43 40.85 4.00
N LEU A 380 -14.48 40.94 2.68
CA LEU A 380 -13.25 40.96 1.86
C LEU A 380 -12.42 42.20 2.17
N TYR A 381 -13.11 43.34 2.22
CA TYR A 381 -12.50 44.61 2.61
C TYR A 381 -11.84 44.51 3.98
N MET A 382 -12.55 43.99 4.98
CA MET A 382 -12.04 43.97 6.36
C MET A 382 -10.85 43.04 6.54
N ARG A 383 -10.76 42.03 5.69
CA ARG A 383 -9.64 41.09 5.69
C ARG A 383 -8.51 41.44 4.72
N LEU A 384 -8.54 42.66 4.15
CA LEU A 384 -7.53 43.12 3.18
C LEU A 384 -6.09 43.10 3.67
N ASP A 385 -5.86 43.21 4.98
CA ASP A 385 -4.50 43.44 5.48
C ASP A 385 -3.51 42.33 5.13
N THR A 386 -3.98 41.10 4.91
CA THR A 386 -3.11 40.00 4.50
C THR A 386 -3.45 39.38 3.12
N MET A 387 -4.33 40.02 2.35
CA MET A 387 -4.71 39.50 1.03
C MET A 387 -3.54 39.65 0.05
N ASN A 388 -3.23 38.58 -0.67
CA ASN A 388 -2.22 38.59 -1.73
C ASN A 388 -2.56 39.66 -2.76
N THR A 389 -1.53 40.38 -3.19
CA THR A 389 -1.67 41.49 -4.13
C THR A 389 -2.35 41.09 -5.44
N THR A 390 -2.00 39.92 -5.98
CA THR A 390 -2.62 39.41 -7.21
C THR A 390 -4.15 39.34 -7.05
N CYS A 391 -4.60 38.80 -5.91
CA CYS A 391 -6.02 38.73 -5.60
C CYS A 391 -6.66 40.10 -5.35
N VAL A 392 -5.92 41.03 -4.75
CA VAL A 392 -6.45 42.37 -4.52
C VAL A 392 -6.74 43.09 -5.84
N ASP A 393 -5.83 42.95 -6.81
CA ASP A 393 -6.04 43.54 -8.12
C ASP A 393 -7.38 43.07 -8.70
N ARG A 394 -7.66 41.79 -8.54
CA ARG A 394 -8.90 41.20 -9.05
C ARG A 394 -10.12 41.69 -8.29
N PHE A 395 -9.99 41.77 -6.98
CA PHE A 395 -11.00 42.36 -6.10
C PHE A 395 -11.33 43.79 -6.54
N ILE A 396 -10.29 44.58 -6.75
CA ILE A 396 -10.42 45.97 -7.24
C ILE A 396 -11.13 46.04 -8.60
N ASN A 397 -10.78 45.19 -9.53
CA ASN A 397 -11.39 45.22 -10.86
C ASN A 397 -12.81 44.72 -10.82
N TRP A 398 -13.10 43.74 -9.97
CA TRP A 398 -14.47 43.24 -9.85
C TRP A 398 -15.37 44.31 -9.22
N PHE A 399 -14.96 44.80 -8.05
CA PHE A 399 -15.79 45.72 -7.29
C PHE A 399 -16.08 46.97 -8.09
N SER A 400 -15.08 47.56 -8.70
CA SER A 400 -15.28 48.74 -9.54
C SER A 400 -16.26 48.47 -10.69
N HIS A 401 -16.08 47.36 -11.38
CA HIS A 401 -16.95 47.03 -12.53
C HIS A 401 -18.39 46.75 -12.07
N HIS A 402 -18.51 46.11 -10.91
CA HIS A 402 -19.81 45.81 -10.30
C HIS A 402 -20.52 47.11 -9.98
N LEU A 403 -19.84 48.01 -9.29
CA LEU A 403 -20.40 49.33 -8.97
C LEU A 403 -20.88 50.06 -10.22
N SER A 404 -20.14 49.99 -11.32
CA SER A 404 -20.57 50.66 -12.54
C SER A 404 -21.87 50.10 -13.11
N ASN A 405 -22.21 48.86 -12.77
CA ASN A 405 -23.50 48.28 -13.16
C ASN A 405 -24.67 48.58 -12.21
N PHE A 406 -24.40 49.24 -11.08
CA PHE A 406 -25.44 49.61 -10.11
C PHE A 406 -25.20 51.04 -9.62
N GLN A 407 -25.06 51.95 -10.60
CA GLN A 407 -25.05 53.41 -10.37
C GLN A 407 -24.01 53.90 -9.35
N PHE A 408 -22.92 53.15 -9.18
CA PHE A 408 -21.90 53.47 -8.18
C PHE A 408 -22.46 53.70 -6.78
N ARG A 409 -23.49 52.95 -6.43
CA ARG A 409 -24.14 53.09 -5.15
C ARG A 409 -23.41 52.22 -4.16
N TRP A 410 -22.84 52.85 -3.13
CA TRP A 410 -22.15 52.11 -2.08
C TRP A 410 -22.02 52.97 -0.83
N SER A 411 -22.25 52.35 0.34
CA SER A 411 -22.19 53.05 1.62
C SER A 411 -20.73 53.27 2.09
N TRP A 412 -20.05 54.24 1.47
CA TRP A 412 -18.61 54.46 1.67
C TRP A 412 -18.19 54.75 3.10
N GLU A 413 -19.07 55.38 3.87
CA GLU A 413 -18.81 55.70 5.27
C GLU A 413 -18.62 54.47 6.18
N ASP A 414 -19.12 53.30 5.75
CA ASP A 414 -18.82 52.03 6.43
C ASP A 414 -17.33 51.70 6.46
N TRP A 415 -16.59 52.23 5.49
CA TRP A 415 -15.14 52.05 5.37
C TRP A 415 -14.33 53.29 5.81
N SER A 416 -14.91 54.13 6.68
CA SER A 416 -14.23 55.34 7.19
C SER A 416 -12.93 55.05 7.95
N ASP A 417 -12.81 53.85 8.51
CA ASP A 417 -11.57 53.42 9.18
C ASP A 417 -10.27 53.54 8.35
N CYS A 418 -10.39 53.57 7.01
CA CYS A 418 -9.21 53.76 6.14
C CYS A 418 -8.58 55.15 6.22
N LEU A 419 -9.37 56.17 6.56
CA LEU A 419 -8.94 57.58 6.45
C LEU A 419 -7.87 57.96 7.47
N SER A 420 -7.97 57.42 8.69
CA SER A 420 -6.94 57.61 9.71
C SER A 420 -5.66 56.75 9.49
N GLN A 421 -5.73 55.72 8.65
CA GLN A 421 -4.58 54.82 8.41
C GLN A 421 -3.56 55.41 7.44
N ASP A 422 -2.37 54.81 7.43
CA ASP A 422 -1.30 55.14 6.49
C ASP A 422 -1.84 54.97 5.06
N PRO A 423 -1.70 56.00 4.20
CA PRO A 423 -2.20 55.89 2.81
C PRO A 423 -1.72 54.68 2.01
N GLU A 424 -0.55 54.13 2.34
CA GLU A 424 -0.03 52.95 1.67
C GLU A 424 -0.51 51.61 2.24
N SER A 425 -1.30 51.65 3.33
CA SER A 425 -1.92 50.42 3.87
C SER A 425 -2.96 49.84 2.93
N PRO A 426 -3.26 48.53 3.05
CA PRO A 426 -4.13 47.87 2.07
C PRO A 426 -5.53 48.47 1.87
N LYS A 427 -6.18 48.90 2.95
CA LYS A 427 -7.54 49.45 2.88
C LYS A 427 -7.66 50.77 2.09
N PRO A 428 -6.92 51.83 2.49
CA PRO A 428 -7.00 53.07 1.70
C PRO A 428 -6.44 52.93 0.27
N LYS A 429 -5.40 52.11 0.11
CA LYS A 429 -4.86 51.81 -1.21
C LYS A 429 -5.97 51.18 -2.04
N PHE A 430 -6.63 50.18 -1.46
CA PHE A 430 -7.77 49.53 -2.11
C PHE A 430 -8.81 50.56 -2.57
N VAL A 431 -9.18 51.47 -1.68
CA VAL A 431 -10.21 52.45 -1.99
C VAL A 431 -9.72 53.40 -3.09
N ARG A 432 -8.49 53.89 -2.98
CA ARG A 432 -7.88 54.74 -4.02
C ARG A 432 -7.94 54.10 -5.39
N GLU A 433 -7.51 52.84 -5.47
CA GLU A 433 -7.46 52.10 -6.73
C GLU A 433 -8.85 51.83 -7.30
N VAL A 434 -9.81 51.49 -6.43
CA VAL A 434 -11.20 51.27 -6.86
C VAL A 434 -11.78 52.54 -7.48
N LEU A 435 -11.60 53.66 -6.80
CA LEU A 435 -12.15 54.93 -7.28
C LEU A 435 -11.51 55.34 -8.61
N GLU A 436 -10.22 55.06 -8.76
CA GLU A 436 -9.50 55.31 -10.01
C GLU A 436 -10.10 54.46 -11.15
N LYS A 437 -10.36 53.19 -10.84
CA LYS A 437 -10.96 52.26 -11.80
C LYS A 437 -12.38 52.66 -12.14
N CYS A 438 -13.11 53.15 -11.13
CA CYS A 438 -14.45 53.69 -11.34
C CYS A 438 -14.41 54.88 -12.29
N MET A 439 -13.48 55.81 -12.05
CA MET A 439 -13.32 56.98 -12.91
C MET A 439 -13.08 56.60 -14.35
N ARG A 440 -12.28 55.57 -14.60
CA ARG A 440 -12.01 55.13 -15.97
C ARG A 440 -13.24 54.63 -16.71
N LEU A 441 -14.20 54.08 -15.96
CA LEU A 441 -15.50 53.65 -16.50
C LEU A 441 -16.56 54.79 -16.53
N SER A 442 -16.27 55.87 -15.82
CA SER A 442 -17.15 57.00 -15.67
C SER A 442 -16.41 58.29 -16.12
N TYR A 443 -16.43 59.34 -15.31
CA TYR A 443 -15.61 60.54 -15.53
C TYR A 443 -15.29 61.19 -14.18
N HIS A 444 -14.25 62.02 -14.16
CA HIS A 444 -13.73 62.59 -12.90
C HIS A 444 -14.78 63.19 -11.96
N GLN A 445 -15.72 63.96 -12.51
CA GLN A 445 -16.73 64.64 -11.69
C GLN A 445 -17.72 63.64 -11.05
N ARG A 446 -18.15 62.63 -11.80
CA ARG A 446 -19.12 61.63 -11.31
C ARG A 446 -18.62 60.94 -10.06
N ILE A 447 -17.33 60.63 -10.03
CA ILE A 447 -16.71 59.91 -8.92
C ILE A 447 -16.52 60.81 -7.71
N LEU A 448 -16.23 62.07 -7.97
CA LEU A 448 -16.17 63.09 -6.91
C LEU A 448 -17.54 63.21 -6.21
N ASP A 449 -18.61 63.18 -7.01
CA ASP A 449 -20.00 63.30 -6.52
C ASP A 449 -20.46 62.09 -5.70
N ILE A 450 -20.16 60.87 -6.16
CA ILE A 450 -20.65 59.65 -5.49
C ILE A 450 -19.94 59.23 -4.19
N VAL A 451 -18.91 59.99 -3.76
CA VAL A 451 -18.29 59.73 -2.44
C VAL A 451 -18.56 60.86 -1.46
N PRO A 452 -18.54 60.55 -0.15
CA PRO A 452 -18.59 61.63 0.87
C PRO A 452 -17.40 62.59 0.84
N PRO A 453 -17.56 63.82 1.38
CA PRO A 453 -16.42 64.76 1.39
C PRO A 453 -15.19 64.33 2.22
N THR A 454 -15.36 63.43 3.20
CA THR A 454 -14.20 62.84 3.92
C THR A 454 -13.30 62.03 2.97
N PHE A 455 -13.91 61.43 1.95
CA PHE A 455 -13.23 60.55 1.00
C PHE A 455 -12.60 61.26 -0.21
N SER A 456 -12.74 62.58 -0.35
CA SER A 456 -12.19 63.29 -1.51
C SER A 456 -10.64 63.33 -1.56
N ALA A 457 -9.99 63.08 -0.41
CA ALA A 457 -8.54 62.84 -0.36
C ALA A 457 -8.09 61.57 -1.12
N LEU A 458 -9.00 60.60 -1.30
CA LEU A 458 -8.71 59.32 -1.95
C LEU A 458 -9.19 59.24 -3.42
N CYS A 459 -9.93 60.25 -3.89
CA CYS A 459 -10.35 60.29 -5.28
C CYS A 459 -9.17 60.42 -6.23
N PRO A 460 -9.30 59.93 -7.47
CA PRO A 460 -8.25 60.14 -8.46
C PRO A 460 -8.20 61.60 -8.87
N ALA A 461 -7.03 62.07 -9.27
CA ALA A 461 -6.90 63.43 -9.76
C ALA A 461 -7.41 63.54 -11.20
N ASN A 462 -7.65 64.77 -11.62
CA ASN A 462 -8.24 65.05 -12.91
C ASN A 462 -7.25 64.61 -14.01
N PRO A 463 -7.69 63.76 -14.96
CA PRO A 463 -6.76 63.21 -15.94
C PRO A 463 -6.40 64.19 -17.07
N THR A 464 -5.57 65.20 -16.75
CA THR A 464 -5.20 66.24 -17.71
C THR A 464 -3.72 66.20 -18.09
N CYS A 465 -3.50 66.68 -19.31
CA CYS A 465 -2.19 66.77 -19.92
C CYS A 465 -1.33 67.80 -19.20
N ILE A 466 -0.02 67.56 -19.13
CA ILE A 466 0.95 68.54 -18.60
C ILE A 466 1.95 68.90 -19.71
N TYR A 467 1.74 70.07 -20.34
CA TYR A 467 2.64 70.53 -21.40
C TYR A 467 3.71 71.41 -20.77
N LYS A 468 4.97 71.04 -20.96
CA LYS A 468 6.11 71.76 -20.39
C LYS A 468 6.29 73.16 -21.00
N TYR A 469 5.93 73.32 -22.28
CA TYR A 469 6.16 74.54 -23.07
C TYR A 469 4.86 75.33 -23.36
N GLY A 470 4.01 75.46 -22.32
CA GLY A 470 2.70 76.12 -22.43
C GLY A 470 2.75 77.60 -22.10
N ASP A 471 1.58 78.17 -21.78
CA ASP A 471 1.45 79.60 -21.45
C ASP A 471 2.27 80.03 -20.23
N GLU A 472 2.01 79.37 -19.10
CA GLU A 472 2.64 79.73 -17.81
C GLU A 472 4.15 79.43 -17.75
N SER A 473 4.64 78.54 -18.62
CA SER A 473 6.08 78.24 -18.71
C SER A 473 6.86 79.42 -19.25
N SER A 474 8.02 79.71 -18.64
CA SER A 474 8.90 80.78 -19.11
C SER A 474 9.57 80.35 -20.41
N ASN A 475 9.84 81.30 -21.30
CA ASN A 475 10.56 81.04 -22.56
C ASN A 475 12.10 80.98 -22.41
N SER A 476 12.59 80.96 -21.18
CA SER A 476 14.00 80.65 -20.87
C SER A 476 14.33 79.15 -20.81
N LEU A 477 13.34 78.27 -21.02
CA LEU A 477 13.57 76.82 -21.06
C LEU A 477 14.34 76.42 -22.31
N PRO A 478 15.21 75.38 -22.21
CA PRO A 478 15.95 74.97 -23.40
C PRO A 478 15.02 74.44 -24.49
N GLY A 479 15.21 74.95 -25.71
CA GLY A 479 14.39 74.59 -26.85
C GLY A 479 12.96 75.09 -26.83
N HIS A 480 12.66 76.14 -26.06
CA HIS A 480 11.31 76.70 -26.02
C HIS A 480 10.88 77.22 -27.39
N SER A 481 11.76 78.00 -28.02
CA SER A 481 11.53 78.53 -29.37
C SER A 481 11.35 77.44 -30.43
N VAL A 482 12.01 76.30 -30.25
CA VAL A 482 11.86 75.15 -31.16
C VAL A 482 10.50 74.46 -30.97
N ALA A 483 10.04 74.38 -29.71
CA ALA A 483 8.73 73.83 -29.39
C ALA A 483 7.60 74.60 -30.08
N LEU A 484 7.65 75.92 -29.99
CA LEU A 484 6.64 76.79 -30.61
C LEU A 484 6.60 76.63 -32.15
N CYS A 485 7.76 76.41 -32.77
CA CYS A 485 7.85 76.13 -34.22
C CYS A 485 7.23 74.80 -34.58
N LEU A 486 7.49 73.78 -33.75
CA LEU A 486 6.86 72.46 -33.91
C LEU A 486 5.34 72.55 -33.75
N ALA A 487 4.87 73.29 -32.74
CA ALA A 487 3.44 73.52 -32.54
C ALA A 487 2.79 74.07 -33.81
N VAL A 488 3.39 75.13 -34.34
CA VAL A 488 2.94 75.75 -35.59
C VAL A 488 2.95 74.76 -36.77
N ALA A 489 4.03 73.97 -36.87
CA ALA A 489 4.18 73.00 -37.97
C ALA A 489 3.13 71.88 -37.90
N PHE A 490 2.93 71.33 -36.70
CA PHE A 490 1.96 70.25 -36.48
C PHE A 490 0.53 70.70 -36.79
N LYS A 491 0.14 71.87 -36.26
CA LYS A 491 -1.19 72.46 -36.54
C LYS A 491 -1.44 72.64 -38.05
N SER A 492 -0.37 72.94 -38.81
CA SER A 492 -0.45 73.17 -40.25
C SER A 492 0.03 71.97 -41.09
N LYS A 493 -0.43 70.77 -40.75
CA LYS A 493 -0.23 69.52 -41.52
C LYS A 493 1.20 69.28 -42.07
N ALA A 494 2.20 69.51 -41.22
CA ALA A 494 3.60 69.34 -41.60
C ALA A 494 3.98 67.89 -41.91
N THR A 495 5.06 67.74 -42.67
CA THR A 495 5.58 66.42 -43.08
C THR A 495 6.80 66.03 -42.21
N ASN A 496 7.17 64.75 -42.27
CA ASN A 496 8.29 64.21 -41.47
C ASN A 496 9.58 65.00 -41.63
N ASP A 497 9.91 65.34 -42.88
CA ASP A 497 11.11 66.11 -43.22
C ASP A 497 11.11 67.51 -42.62
N GLU A 498 9.96 68.17 -42.64
CA GLU A 498 9.81 69.51 -42.07
C GLU A 498 9.98 69.51 -40.56
N ILE A 499 9.52 68.44 -39.89
CA ILE A 499 9.73 68.28 -38.44
C ILE A 499 11.22 68.06 -38.19
N PHE A 500 11.86 67.15 -38.92
CA PHE A 500 13.31 66.91 -38.80
C PHE A 500 14.12 68.20 -38.98
N SER A 501 13.77 68.94 -40.03
CA SER A 501 14.40 70.23 -40.36
C SER A 501 14.33 71.21 -39.18
N ILE A 502 13.16 71.30 -38.53
CA ILE A 502 12.98 72.17 -37.35
C ILE A 502 13.82 71.69 -36.16
N LEU A 503 13.93 70.37 -35.99
CA LEU A 503 14.68 69.77 -34.89
C LEU A 503 16.22 69.94 -34.99
N LYS A 504 16.74 70.27 -36.17
CA LYS A 504 18.19 70.57 -36.34
C LYS A 504 18.63 71.68 -35.38
N ASP A 505 17.81 72.73 -35.26
CA ASP A 505 18.12 73.92 -34.44
C ASP A 505 17.97 73.66 -32.94
N VAL A 506 18.64 72.62 -32.42
CA VAL A 506 18.48 72.17 -31.02
C VAL A 506 19.87 71.88 -30.42
N PRO A 507 20.19 72.48 -29.24
CA PRO A 507 21.51 72.29 -28.59
C PRO A 507 21.81 70.86 -28.04
N ASN A 508 22.71 70.74 -27.05
CA ASN A 508 22.88 69.50 -26.28
C ASN A 508 23.60 69.79 -24.96
N GLU A 517 25.73 55.52 -34.48
CA GLU A 517 26.89 54.74 -34.02
C GLU A 517 27.98 55.58 -33.31
N GLY A 518 28.57 56.55 -34.01
CA GLY A 518 29.61 57.43 -33.44
C GLY A 518 29.16 58.34 -32.30
N PHE A 519 27.90 58.81 -32.39
CA PHE A 519 27.13 59.48 -31.31
C PHE A 519 25.71 59.82 -31.82
N SER A 520 24.72 58.93 -31.55
CA SER A 520 23.30 59.12 -31.99
C SER A 520 22.25 58.95 -30.86
N PHE A 521 21.98 60.05 -30.14
CA PHE A 521 20.94 60.18 -29.09
C PHE A 521 21.04 61.61 -28.48
N ASN A 522 19.95 62.36 -28.62
CA ASN A 522 19.85 63.75 -28.16
C ASN A 522 18.60 63.85 -27.25
N PRO A 523 18.79 64.02 -25.92
CA PRO A 523 17.62 64.01 -25.01
C PRO A 523 16.65 65.21 -25.16
N LEU A 524 17.15 66.37 -25.59
CA LEU A 524 16.27 67.52 -25.75
C LEU A 524 15.47 67.48 -27.06
N LYS A 525 16.03 66.91 -28.13
CA LYS A 525 15.27 66.71 -29.38
C LYS A 525 14.02 65.88 -29.11
N ILE A 526 14.22 64.75 -28.44
CA ILE A 526 13.13 63.85 -28.05
C ILE A 526 12.12 64.61 -27.18
N GLU A 527 12.63 65.34 -26.19
CA GLU A 527 11.77 66.01 -25.23
C GLU A 527 10.83 67.03 -25.84
N VAL A 528 11.34 67.90 -26.71
CA VAL A 528 10.48 68.90 -27.37
C VAL A 528 9.57 68.30 -28.43
N PHE A 529 10.03 67.24 -29.10
CA PHE A 529 9.21 66.53 -30.08
C PHE A 529 8.03 65.82 -29.44
N VAL A 530 8.29 65.08 -28.35
CA VAL A 530 7.28 64.28 -27.66
C VAL A 530 6.28 65.19 -26.93
N GLN A 531 6.78 66.04 -26.03
CA GLN A 531 5.95 67.01 -25.30
C GLN A 531 4.92 67.70 -26.19
N THR A 532 5.37 68.13 -27.36
CA THR A 532 4.55 68.91 -28.27
C THR A 532 3.55 68.04 -29.04
N LEU A 533 4.01 66.92 -29.57
CA LEU A 533 3.14 66.03 -30.36
C LEU A 533 2.00 65.47 -29.51
N LEU A 534 2.33 65.02 -28.30
CA LEU A 534 1.34 64.46 -27.37
C LEU A 534 0.33 65.51 -26.92
N HIS A 535 0.80 66.74 -26.68
CA HIS A 535 -0.09 67.85 -26.33
C HIS A 535 -1.14 68.15 -27.40
N LEU A 536 -0.73 68.20 -28.67
CA LEU A 536 -1.66 68.52 -29.77
C LEU A 536 -2.57 67.37 -30.18
N ALA A 537 -2.28 66.15 -29.74
CA ALA A 537 -3.17 65.01 -29.96
C ALA A 537 -3.80 64.49 -28.66
N ALA A 538 -3.83 65.35 -27.63
CA ALA A 538 -4.36 65.00 -26.30
C ALA A 538 -5.90 64.89 -26.26
N LYS A 539 -6.57 65.27 -27.35
CA LYS A 539 -8.03 65.23 -27.45
C LYS A 539 -8.64 63.85 -27.11
N SER A 540 -8.01 62.79 -27.63
CA SER A 540 -8.48 61.41 -27.42
C SER A 540 -7.38 60.39 -27.67
N PHE A 541 -7.68 59.12 -27.42
CA PHE A 541 -6.76 58.02 -27.76
C PHE A 541 -6.55 57.93 -29.27
N SER A 542 -7.64 58.08 -30.04
CA SER A 542 -7.57 57.96 -31.51
C SER A 542 -6.68 59.03 -32.12
N HIS A 543 -6.73 60.24 -31.56
CA HIS A 543 -5.90 61.34 -32.02
C HIS A 543 -4.45 61.07 -31.70
N SER A 544 -4.18 60.72 -30.44
CA SER A 544 -2.83 60.35 -30.00
C SER A 544 -2.25 59.18 -30.83
N PHE A 545 -3.04 58.15 -31.14
CA PHE A 545 -2.56 57.05 -31.99
C PHE A 545 -2.27 57.54 -33.40
N SER A 546 -3.13 58.40 -33.92
CA SER A 546 -2.95 58.93 -35.27
C SER A 546 -1.65 59.73 -35.36
N ALA A 547 -1.37 60.56 -34.34
CA ALA A 547 -0.11 61.29 -34.24
C ALA A 547 1.13 60.40 -34.21
N LEU A 548 1.09 59.30 -33.45
CA LEU A 548 2.21 58.34 -33.45
C LEU A 548 2.42 57.68 -34.80
N ALA A 549 1.33 57.39 -35.52
CA ALA A 549 1.41 56.80 -36.87
C ALA A 549 1.99 57.77 -37.89
N LYS A 550 1.47 59.01 -37.92
CA LYS A 550 1.88 60.03 -38.91
C LYS A 550 3.35 60.41 -38.78
N PHE A 551 3.83 60.60 -37.56
CA PHE A 551 5.24 60.95 -37.31
C PHE A 551 6.06 59.78 -36.78
N HIS A 552 5.77 58.59 -37.31
CA HIS A 552 6.38 57.32 -36.86
C HIS A 552 7.85 57.29 -37.20
N GLU A 553 8.19 57.75 -38.41
CA GLU A 553 9.57 57.79 -38.88
C GLU A 553 10.46 58.72 -38.01
N VAL A 554 9.90 59.80 -37.49
CA VAL A 554 10.64 60.68 -36.57
C VAL A 554 10.91 59.96 -35.25
N PHE A 555 9.92 59.22 -34.75
CA PHE A 555 10.08 58.43 -33.52
C PHE A 555 11.18 57.39 -33.65
N LYS A 556 11.14 56.61 -34.73
CA LYS A 556 12.13 55.55 -34.98
C LYS A 556 13.57 56.08 -35.14
N THR A 557 13.74 57.30 -35.65
CA THR A 557 15.06 57.90 -35.75
C THR A 557 15.52 58.47 -34.40
N LEU A 558 14.65 59.22 -33.73
CA LEU A 558 14.98 59.77 -32.41
C LEU A 558 15.22 58.71 -31.33
N ALA A 559 14.56 57.57 -31.45
CA ALA A 559 14.63 56.52 -30.45
C ALA A 559 15.14 55.20 -31.03
N GLU A 560 16.21 55.28 -31.82
CA GLU A 560 16.90 54.09 -32.32
C GLU A 560 17.78 53.55 -31.21
N SER A 561 18.49 54.47 -30.57
CA SER A 561 19.22 54.23 -29.33
C SER A 561 18.34 53.64 -28.23
N ASP A 562 18.91 52.75 -27.42
CA ASP A 562 18.22 52.23 -26.22
C ASP A 562 17.99 53.28 -25.14
N GLU A 563 18.89 54.26 -25.02
CA GLU A 563 18.66 55.38 -24.09
C GLU A 563 17.62 56.34 -24.66
N GLY A 564 17.47 56.35 -25.99
CA GLY A 564 16.41 57.09 -26.66
C GLY A 564 15.02 56.55 -26.35
N LYS A 565 14.87 55.23 -26.46
CA LYS A 565 13.61 54.55 -26.10
C LYS A 565 13.22 54.84 -24.65
N LEU A 566 14.14 54.62 -23.74
CA LEU A 566 13.97 55.01 -22.34
C LEU A 566 13.60 56.47 -22.11
N HIS A 567 14.12 57.38 -22.93
CA HIS A 567 13.82 58.82 -22.76
C HIS A 567 12.44 59.20 -23.34
N VAL A 568 12.03 58.52 -24.41
CA VAL A 568 10.66 58.69 -24.94
C VAL A 568 9.65 58.36 -23.84
N LEU A 569 9.86 57.23 -23.17
CA LEU A 569 9.01 56.82 -22.04
C LEU A 569 9.12 57.77 -20.85
N ARG A 570 10.31 58.30 -20.58
CA ARG A 570 10.50 59.30 -19.49
C ARG A 570 9.70 60.57 -19.71
N VAL A 571 9.69 61.06 -20.95
CA VAL A 571 9.00 62.31 -21.31
C VAL A 571 7.50 62.06 -21.37
N MET A 572 7.11 60.99 -22.08
CA MET A 572 5.72 60.56 -22.18
C MET A 572 5.05 60.42 -20.80
N PHE A 573 5.80 59.91 -19.81
CA PHE A 573 5.32 59.86 -18.42
C PHE A 573 5.15 61.24 -17.78
N GLU A 574 6.11 62.13 -17.98
CA GLU A 574 6.02 63.49 -17.42
C GLU A 574 4.84 64.28 -17.98
N VAL A 575 4.46 63.99 -19.22
CA VAL A 575 3.27 64.58 -19.85
C VAL A 575 1.99 64.04 -19.21
N TRP A 576 1.86 62.72 -19.13
CA TRP A 576 0.59 62.07 -18.84
C TRP A 576 0.50 61.38 -17.46
N ARG A 577 1.26 61.84 -16.47
CA ARG A 577 1.26 61.18 -15.15
C ARG A 577 -0.08 61.26 -14.39
N ASN A 578 -0.97 62.17 -14.77
CA ASN A 578 -2.30 62.25 -14.15
C ASN A 578 -3.33 61.33 -14.79
N HIS A 579 -2.98 60.71 -15.92
CA HIS A 579 -3.89 59.91 -16.73
C HIS A 579 -3.21 58.56 -17.05
N PRO A 580 -3.14 57.66 -16.04
CA PRO A 580 -2.47 56.37 -16.21
C PRO A 580 -3.04 55.52 -17.35
N GLN A 581 -4.33 55.62 -17.60
CA GLN A 581 -4.94 54.88 -18.69
C GLN A 581 -4.30 55.25 -20.03
N MET A 582 -4.00 56.54 -20.22
CA MET A 582 -3.36 57.03 -21.44
C MET A 582 -1.96 56.43 -21.59
N ILE A 583 -1.19 56.48 -20.50
CA ILE A 583 0.16 55.93 -20.45
C ILE A 583 0.15 54.48 -20.91
N ALA A 584 -0.73 53.69 -20.31
CA ALA A 584 -0.86 52.28 -20.66
C ALA A 584 -1.09 52.05 -22.16
N VAL A 585 -2.00 52.80 -22.76
CA VAL A 585 -2.32 52.60 -24.17
C VAL A 585 -1.24 53.14 -25.12
N LEU A 586 -0.52 54.18 -24.69
CA LEU A 586 0.60 54.72 -25.47
C LEU A 586 1.77 53.75 -25.48
N VAL A 587 2.14 53.26 -24.29
CA VAL A 587 3.18 52.24 -24.15
C VAL A 587 2.83 51.02 -25.02
N ASP A 588 1.56 50.63 -25.02
CA ASP A 588 1.10 49.52 -25.85
C ASP A 588 1.31 49.78 -27.33
N LYS A 589 0.97 50.99 -27.79
CA LYS A 589 1.08 51.32 -29.21
C LYS A 589 2.55 51.46 -29.58
N MET A 590 3.32 52.12 -28.73
CA MET A 590 4.77 52.25 -28.94
C MET A 590 5.49 50.89 -29.03
N ILE A 591 5.05 49.90 -28.27
CA ILE A 591 5.61 48.55 -28.39
C ILE A 591 5.20 47.91 -29.72
N ARG A 592 3.94 48.03 -30.08
CA ARG A 592 3.44 47.40 -31.31
C ARG A 592 4.01 48.01 -32.60
N THR A 593 4.20 49.33 -32.60
CA THR A 593 4.82 50.05 -33.73
C THR A 593 6.36 50.11 -33.64
N GLN A 594 6.94 49.59 -32.56
CA GLN A 594 8.39 49.44 -32.37
C GLN A 594 9.14 50.75 -32.11
N ILE A 595 8.43 51.79 -31.69
CA ILE A 595 9.06 53.00 -31.15
C ILE A 595 9.96 52.57 -29.99
N VAL A 596 9.39 51.76 -29.10
CA VAL A 596 10.14 51.17 -27.99
C VAL A 596 10.05 49.65 -28.06
N ASP A 597 10.84 48.99 -27.21
CA ASP A 597 10.82 47.54 -27.07
C ASP A 597 10.52 47.11 -25.63
N CYS A 598 10.23 45.83 -25.47
CA CYS A 598 9.86 45.28 -24.16
C CYS A 598 10.92 45.57 -23.11
N ALA A 599 12.17 45.39 -23.49
CA ALA A 599 13.31 45.65 -22.60
C ALA A 599 13.33 47.08 -22.05
N ALA A 600 12.98 48.05 -22.90
CA ALA A 600 12.93 49.46 -22.48
C ALA A 600 11.88 49.70 -21.43
N VAL A 601 10.70 49.09 -21.64
CA VAL A 601 9.57 49.26 -20.74
C VAL A 601 9.86 48.63 -19.38
N ALA A 602 10.52 47.48 -19.39
CA ALA A 602 10.94 46.83 -18.15
C ALA A 602 11.85 47.74 -17.32
N ASN A 603 12.90 48.27 -17.93
CA ASN A 603 13.83 49.18 -17.24
C ASN A 603 13.13 50.46 -16.81
N TRP A 604 12.22 50.96 -17.64
CA TRP A 604 11.44 52.14 -17.31
C TRP A 604 10.61 51.95 -16.04
N ILE A 605 9.99 50.80 -15.89
CA ILE A 605 9.15 50.48 -14.72
C ILE A 605 9.93 50.50 -13.40
N PHE A 606 11.14 49.96 -13.45
CA PHE A 606 12.03 49.94 -12.28
C PHE A 606 12.89 51.21 -12.15
N SER A 607 12.70 52.20 -13.03
CA SER A 607 13.45 53.46 -12.97
C SER A 607 13.05 54.30 -11.77
N SER A 608 13.91 55.25 -11.44
CA SER A 608 13.70 56.15 -10.30
C SER A 608 12.57 57.14 -10.54
N GLU A 609 12.29 57.51 -11.79
CA GLU A 609 11.19 58.43 -12.11
C GLU A 609 9.79 57.85 -11.82
N LEU A 610 9.67 56.52 -11.79
CA LEU A 610 8.45 55.81 -11.39
C LEU A 610 8.45 55.33 -9.94
N SER A 611 9.56 55.55 -9.22
CA SER A 611 9.73 55.15 -7.83
C SER A 611 8.53 55.41 -6.92
N ARG A 612 7.96 56.60 -7.04
CA ARG A 612 6.83 57.01 -6.20
C ARG A 612 5.51 56.34 -6.59
N ASP A 613 5.35 55.97 -7.86
CA ASP A 613 4.15 55.26 -8.35
C ASP A 613 4.29 53.73 -8.45
N PHE A 614 5.42 53.18 -8.00
CA PHE A 614 5.78 51.76 -8.19
C PHE A 614 4.77 50.76 -7.62
N THR A 615 4.10 51.13 -6.52
CA THR A 615 3.13 50.23 -5.88
C THR A 615 1.70 50.37 -6.45
N ARG A 616 1.52 51.21 -7.46
CA ARG A 616 0.19 51.43 -8.06
C ARG A 616 -0.11 50.40 -9.15
N LEU A 617 -1.39 50.06 -9.27
CA LEU A 617 -1.81 49.03 -10.23
C LEU A 617 -1.29 49.26 -11.64
N PHE A 618 -1.41 50.49 -12.13
CA PHE A 618 -1.18 50.73 -13.56
C PHE A 618 0.21 50.30 -14.02
N VAL A 619 1.19 50.47 -13.14
CA VAL A 619 2.58 50.04 -13.40
C VAL A 619 2.60 48.57 -13.82
N TRP A 620 1.92 47.73 -13.03
CA TRP A 620 1.93 46.29 -13.21
C TRP A 620 0.99 45.82 -14.34
N GLU A 621 -0.08 46.58 -14.57
CA GLU A 621 -0.90 46.39 -15.76
C GLU A 621 -0.05 46.57 -17.03
N ILE A 622 0.82 47.59 -17.02
CA ILE A 622 1.70 47.84 -18.15
C ILE A 622 2.75 46.74 -18.30
N LEU A 623 3.38 46.35 -17.19
CA LEU A 623 4.42 45.33 -17.28
C LEU A 623 3.86 44.05 -17.86
N HIS A 624 2.75 43.58 -17.28
CA HIS A 624 2.17 42.29 -17.67
C HIS A 624 1.61 42.34 -19.09
N SER A 625 1.03 43.48 -19.46
CA SER A 625 0.59 43.69 -20.84
C SER A 625 1.76 43.61 -21.82
N THR A 626 2.88 44.23 -21.42
CA THR A 626 4.11 44.20 -22.20
C THR A 626 4.67 42.78 -22.36
N ILE A 627 4.74 42.05 -21.24
CA ILE A 627 5.16 40.64 -21.26
C ILE A 627 4.25 39.81 -22.20
N ARG A 628 2.93 40.02 -22.11
CA ARG A 628 1.98 39.27 -22.93
C ARG A 628 2.18 39.49 -24.44
N LYS A 629 2.48 40.74 -24.84
CA LYS A 629 2.75 41.04 -26.25
C LYS A 629 3.98 40.25 -26.73
N MET A 630 5.04 40.27 -25.90
CA MET A 630 6.28 39.49 -26.14
C MET A 630 5.99 38.01 -26.31
N ASN A 631 5.19 37.43 -25.40
CA ASN A 631 4.90 36.00 -25.46
C ASN A 631 4.15 35.65 -26.73
N LYS A 632 3.20 36.50 -27.13
CA LYS A 632 2.42 36.29 -28.35
C LYS A 632 3.26 36.46 -29.60
N HIS A 633 4.20 37.41 -29.55
CA HIS A 633 5.15 37.61 -30.65
C HIS A 633 5.93 36.33 -30.94
N VAL A 634 6.43 35.69 -29.88
CA VAL A 634 7.22 34.46 -30.02
C VAL A 634 6.34 33.33 -30.56
N LEU A 635 5.13 33.19 -30.01
CA LEU A 635 4.19 32.17 -30.49
C LEU A 635 3.89 32.31 -31.98
N LYS A 636 3.70 33.57 -32.41
CA LYS A 636 3.37 33.85 -33.82
C LYS A 636 4.50 33.44 -34.77
N ILE A 637 5.74 33.82 -34.42
CA ILE A 637 6.93 33.48 -35.20
C ILE A 637 7.19 31.96 -35.14
N GLN A 638 6.88 31.32 -34.01
CA GLN A 638 6.98 29.86 -33.89
C GLN A 638 5.98 29.10 -34.76
N LYS A 639 4.80 29.68 -34.99
CA LYS A 639 3.83 29.06 -35.89
C LYS A 639 4.20 29.22 -37.37
N GLU A 640 4.77 30.35 -37.76
CA GLU A 640 5.29 30.49 -39.13
C GLU A 640 6.37 29.45 -39.46
N LEU A 641 7.21 29.11 -38.48
CA LEU A 641 8.22 28.07 -38.63
C LEU A 641 7.60 26.68 -38.79
N GLU A 642 6.67 26.33 -37.90
CA GLU A 642 5.92 25.06 -37.97
C GLU A 642 5.18 24.86 -39.29
N GLU A 643 4.54 25.92 -39.77
CA GLU A 643 3.76 25.87 -41.02
C GLU A 643 4.65 25.68 -42.26
N ALA A 644 5.73 26.45 -42.35
CA ALA A 644 6.70 26.29 -43.44
C ALA A 644 7.44 24.93 -43.42
N LYS A 645 7.58 24.31 -42.25
CA LYS A 645 8.17 22.96 -42.14
C LYS A 645 7.26 21.86 -42.67
N GLU A 646 5.97 21.94 -42.34
CA GLU A 646 4.98 21.01 -42.86
C GLU A 646 4.82 21.10 -44.40
N LYS A 647 5.04 22.29 -44.97
CA LYS A 647 5.10 22.48 -46.44
C LYS A 647 6.29 21.70 -47.05
N LEU A 648 7.47 21.75 -46.40
CA LEU A 648 8.65 20.93 -46.79
C LEU A 648 8.41 19.41 -46.68
N ALA A 649 7.82 18.96 -45.57
CA ALA A 649 7.48 17.53 -45.35
C ALA A 649 6.63 16.86 -46.46
N ARG A 650 5.79 17.64 -47.13
CA ARG A 650 4.86 17.13 -48.15
C ARG A 650 5.57 16.77 -49.48
N VAL A 669 14.83 26.93 -52.20
CA VAL A 669 14.04 28.15 -52.19
C VAL A 669 13.24 28.26 -50.89
N LEU A 670 12.41 27.24 -50.62
CA LEU A 670 11.62 27.14 -49.36
C LEU A 670 12.45 26.59 -48.18
N GLU A 671 13.50 25.84 -48.47
CA GLU A 671 14.50 25.43 -47.46
C GLU A 671 15.39 26.60 -47.01
N GLU A 672 15.59 27.58 -47.88
CA GLU A 672 16.28 28.83 -47.54
C GLU A 672 15.41 29.83 -46.77
N GLN A 673 14.09 29.62 -46.77
CA GLN A 673 13.16 30.42 -45.96
C GLN A 673 12.94 29.87 -44.53
N ILE A 674 13.09 28.55 -44.35
CA ILE A 674 13.09 27.93 -43.01
C ILE A 674 14.32 28.36 -42.19
N GLU A 675 15.47 28.51 -42.83
CA GLU A 675 16.68 28.98 -42.15
C GLU A 675 16.58 30.43 -41.69
N ARG A 676 15.83 31.27 -42.41
CA ARG A 676 15.58 32.66 -41.98
C ARG A 676 14.59 32.72 -40.81
N LEU A 677 13.55 31.88 -40.86
CA LEU A 677 12.58 31.81 -39.76
C LEU A 677 13.18 31.23 -38.47
N GLN A 678 14.01 30.21 -38.59
CA GLN A 678 14.73 29.62 -37.44
C GLN A 678 15.61 30.66 -36.74
N GLU A 679 16.27 31.53 -37.54
CA GLU A 679 17.02 32.66 -37.01
C GLU A 679 16.12 33.61 -36.23
N LYS A 680 14.95 33.93 -36.81
CA LYS A 680 13.96 34.81 -36.17
C LYS A 680 13.37 34.25 -34.88
N VAL A 681 13.11 32.94 -34.83
CA VAL A 681 12.62 32.28 -33.61
C VAL A 681 13.65 32.39 -32.51
N GLU A 682 14.90 32.06 -32.82
CA GLU A 682 15.98 32.09 -31.83
C GLU A 682 16.19 33.47 -31.24
N SER A 683 16.14 34.50 -32.09
CA SER A 683 16.30 35.88 -31.61
C SER A 683 15.04 36.39 -30.89
N ALA A 684 13.86 35.91 -31.30
CA ALA A 684 12.62 36.25 -30.58
C ALA A 684 12.61 35.61 -29.20
N GLN A 685 12.84 34.29 -29.16
CA GLN A 685 12.94 33.56 -27.88
C GLN A 685 13.99 34.14 -26.95
N SER A 686 15.07 34.66 -27.55
CA SER A 686 16.12 35.31 -26.80
C SER A 686 15.68 36.65 -26.23
N GLU A 687 14.91 37.43 -27.00
CA GLU A 687 14.39 38.73 -26.54
C GLU A 687 13.44 38.53 -25.36
N GLN A 688 12.60 37.49 -25.47
CA GLN A 688 11.67 37.05 -24.42
C GLN A 688 12.40 36.68 -23.13
N LYS A 689 13.41 35.81 -23.28
CA LYS A 689 14.21 35.40 -22.14
C LYS A 689 14.91 36.58 -21.47
N ASN A 690 15.51 37.47 -22.27
CA ASN A 690 16.20 38.65 -21.71
C ASN A 690 15.23 39.59 -21.01
N LEU A 691 13.97 39.61 -21.46
CA LEU A 691 12.92 40.37 -20.79
C LEU A 691 12.67 39.88 -19.38
N PHE A 692 12.51 38.57 -19.23
CA PHE A 692 12.33 37.96 -17.90
C PHE A 692 13.57 38.11 -17.05
N LEU A 693 14.74 37.87 -17.64
CA LEU A 693 16.00 38.04 -16.91
C LEU A 693 16.13 39.46 -16.39
N VAL A 694 15.90 40.46 -17.23
CA VAL A 694 15.93 41.85 -16.79
C VAL A 694 14.99 42.07 -15.61
N ILE A 695 13.74 41.62 -15.72
CA ILE A 695 12.75 41.84 -14.66
C ILE A 695 13.21 41.21 -13.33
N PHE A 696 13.73 39.99 -13.39
CA PHE A 696 14.19 39.30 -12.18
C PHE A 696 15.42 39.97 -11.57
N GLN A 697 16.34 40.45 -12.41
CA GLN A 697 17.55 41.14 -11.92
C GLN A 697 17.17 42.40 -11.16
N ARG A 698 16.24 43.17 -11.72
CA ARG A 698 15.84 44.44 -11.13
C ARG A 698 15.08 44.18 -9.84
N PHE A 699 14.26 43.13 -9.81
CA PHE A 699 13.55 42.74 -8.58
C PHE A 699 14.51 42.32 -7.47
N ILE A 700 15.44 41.43 -7.81
CA ILE A 700 16.46 40.95 -6.89
C ILE A 700 17.30 42.11 -6.32
N MET A 701 17.60 43.09 -7.17
CA MET A 701 18.39 44.23 -6.75
C MET A 701 17.64 45.01 -5.67
N ILE A 702 16.45 45.51 -6.01
CA ILE A 702 15.70 46.38 -5.09
C ILE A 702 15.19 45.66 -3.84
N LEU A 703 14.96 44.35 -3.94
CA LEU A 703 14.59 43.57 -2.76
C LEU A 703 15.77 43.42 -1.83
N THR A 704 16.95 43.14 -2.40
CA THR A 704 18.20 43.04 -1.63
C THR A 704 18.53 44.38 -0.93
N GLU A 705 18.44 45.47 -1.69
CA GLU A 705 18.64 46.83 -1.17
C GLU A 705 17.82 47.07 0.10
N HIS A 706 16.54 46.72 0.03
CA HIS A 706 15.61 46.83 1.17
C HIS A 706 16.01 45.93 2.34
N LEU A 707 16.31 44.66 2.07
CA LEU A 707 16.62 43.71 3.14
C LEU A 707 17.93 44.01 3.86
N VAL A 708 18.92 44.52 3.13
CA VAL A 708 20.21 44.92 3.70
C VAL A 708 20.04 46.17 4.57
N ARG A 709 19.30 47.16 4.06
CA ARG A 709 18.95 48.36 4.83
C ARG A 709 18.22 48.03 6.14
N CYS A 710 17.36 47.02 6.13
CA CYS A 710 16.57 46.64 7.31
C CYS A 710 17.37 45.87 8.37
N GLU A 711 18.35 45.10 7.94
CA GLU A 711 19.25 44.42 8.87
C GLU A 711 20.28 45.38 9.47
N THR A 712 20.63 46.44 8.73
CA THR A 712 21.47 47.53 9.23
C THR A 712 20.73 48.35 10.29
N ASP A 713 19.54 48.85 9.94
CA ASP A 713 18.76 49.72 10.84
C ASP A 713 17.98 48.99 11.94
N GLY A 714 17.90 47.65 11.87
CA GLY A 714 17.06 46.88 12.79
C GLY A 714 15.54 47.12 12.68
N THR A 715 15.10 47.78 11.60
CA THR A 715 13.68 48.10 11.38
C THR A 715 12.92 46.90 10.80
N SER A 716 11.59 47.00 10.73
CA SER A 716 10.73 45.94 10.18
C SER A 716 11.00 45.70 8.71
N VAL A 717 11.16 44.43 8.34
CA VAL A 717 11.25 44.07 6.93
C VAL A 717 9.89 44.28 6.27
N LEU A 718 8.84 43.75 6.91
CA LEU A 718 7.50 43.75 6.31
C LEU A 718 6.85 45.13 6.39
N THR A 719 7.24 46.01 5.47
CA THR A 719 6.55 47.29 5.25
C THR A 719 5.50 47.09 4.18
N PRO A 720 4.58 48.06 4.01
CA PRO A 720 3.70 48.02 2.84
C PRO A 720 4.42 47.97 1.49
N TRP A 721 5.52 48.71 1.33
CA TRP A 721 6.28 48.65 0.08
C TRP A 721 6.82 47.24 -0.21
N TYR A 722 7.34 46.57 0.82
CA TYR A 722 7.90 45.22 0.65
C TYR A 722 6.81 44.21 0.32
N LYS A 723 5.70 44.29 1.04
CA LYS A 723 4.54 43.42 0.77
C LYS A 723 4.20 43.48 -0.71
N ASN A 724 4.08 44.69 -1.26
CA ASN A 724 3.77 44.87 -2.67
C ASN A 724 4.88 44.30 -3.55
N CYS A 725 6.12 44.70 -3.29
CA CYS A 725 7.24 44.32 -4.17
C CYS A 725 7.48 42.80 -4.23
N ILE A 726 7.54 42.15 -3.07
CA ILE A 726 7.76 40.70 -3.04
C ILE A 726 6.60 39.96 -3.72
N GLU A 727 5.37 40.46 -3.53
CA GLU A 727 4.17 39.83 -4.09
C GLU A 727 4.02 40.08 -5.59
N ARG A 728 4.58 41.18 -6.09
CA ARG A 728 4.65 41.44 -7.54
C ARG A 728 5.64 40.56 -8.26
N LEU A 729 6.73 40.20 -7.59
CA LEU A 729 7.68 39.22 -8.10
C LEU A 729 7.01 37.84 -8.16
N GLN A 730 6.41 37.44 -7.02
CA GLN A 730 5.54 36.27 -6.95
C GLN A 730 4.59 36.14 -8.16
N GLN A 731 3.96 37.27 -8.50
CA GLN A 731 3.01 37.37 -9.63
C GLN A 731 3.61 37.07 -11.00
N ILE A 732 4.86 37.48 -11.22
CA ILE A 732 5.54 37.20 -12.48
C ILE A 732 5.60 35.69 -12.67
N PHE A 733 5.98 34.97 -11.61
CA PHE A 733 6.04 33.51 -11.64
C PHE A 733 4.67 32.86 -11.83
N LEU A 734 3.69 33.31 -11.05
CA LEU A 734 2.31 32.79 -11.17
C LEU A 734 1.72 32.99 -12.56
N GLN A 735 1.82 34.21 -13.05
CA GLN A 735 1.18 34.55 -14.30
C GLN A 735 1.86 33.95 -15.52
N HIS A 736 3.14 33.64 -15.43
CA HIS A 736 3.89 33.16 -16.60
C HIS A 736 4.69 31.90 -16.32
N HIS A 737 4.27 31.10 -15.34
CA HIS A 737 4.98 29.88 -14.97
C HIS A 737 5.39 28.99 -16.16
N GLN A 738 4.54 28.90 -17.19
CA GLN A 738 4.82 27.98 -18.29
C GLN A 738 6.02 28.39 -19.14
N ILE A 739 6.18 29.70 -19.36
CA ILE A 739 7.30 30.24 -20.14
C ILE A 739 8.55 30.14 -19.27
N ILE A 740 8.44 30.60 -18.02
CA ILE A 740 9.58 30.64 -17.08
C ILE A 740 10.14 29.22 -16.79
N GLN A 741 9.30 28.19 -16.87
CA GLN A 741 9.77 26.78 -16.76
C GLN A 741 10.88 26.45 -17.76
N GLN A 742 10.87 27.09 -18.93
CA GLN A 742 11.93 26.90 -19.92
C GLN A 742 13.31 27.40 -19.46
N TYR A 743 13.35 28.35 -18.54
CA TYR A 743 14.58 29.00 -18.11
C TYR A 743 15.12 28.48 -16.77
N MET A 744 14.78 27.25 -16.40
CA MET A 744 15.09 26.75 -15.04
C MET A 744 16.57 26.63 -14.75
N VAL A 745 17.31 26.11 -15.72
CA VAL A 745 18.74 25.90 -15.59
C VAL A 745 19.48 27.24 -15.40
N THR A 746 19.16 28.21 -16.25
CA THR A 746 19.73 29.54 -16.14
C THR A 746 19.42 30.23 -14.81
N LEU A 747 18.18 30.10 -14.34
CA LEU A 747 17.74 30.77 -13.10
C LEU A 747 18.35 30.17 -11.84
N GLU A 748 18.44 28.83 -11.77
CA GLU A 748 19.09 28.14 -10.63
C GLU A 748 20.57 28.51 -10.51
N ASN A 749 21.26 28.42 -11.65
CA ASN A 749 22.70 28.67 -11.73
C ASN A 749 23.08 30.13 -11.57
N LEU A 750 22.40 31.04 -12.27
CA LEU A 750 22.84 32.43 -12.38
C LEU A 750 22.08 33.52 -11.58
N LEU A 751 20.78 33.35 -11.31
CA LEU A 751 20.03 34.42 -10.62
C LEU A 751 19.57 34.02 -9.23
N PHE A 752 18.76 32.98 -9.14
CA PHE A 752 18.16 32.57 -7.87
C PHE A 752 19.00 31.47 -7.21
N THR A 753 20.14 31.91 -6.68
CA THR A 753 21.17 31.01 -6.14
C THR A 753 21.11 31.01 -4.63
N ALA A 754 21.82 30.06 -4.01
CA ALA A 754 21.92 29.97 -2.54
C ALA A 754 22.52 31.23 -1.88
N GLU A 755 23.29 32.00 -2.65
CA GLU A 755 23.82 33.29 -2.19
C GLU A 755 22.74 34.34 -1.86
N LEU A 756 21.55 34.24 -2.46
CA LEU A 756 20.47 35.23 -2.24
C LEU A 756 19.87 35.19 -0.85
N ASP A 757 19.32 36.32 -0.43
CA ASP A 757 18.59 36.40 0.85
C ASP A 757 17.45 35.39 0.81
N PRO A 758 17.27 34.56 1.87
CA PRO A 758 16.22 33.52 1.81
C PRO A 758 14.78 34.04 1.58
N HIS A 759 14.51 35.30 1.95
CA HIS A 759 13.26 35.99 1.61
C HIS A 759 12.96 36.02 0.10
N ILE A 760 13.98 36.28 -0.71
CA ILE A 760 13.84 36.34 -2.17
C ILE A 760 13.89 34.95 -2.77
N LEU A 761 14.81 34.12 -2.27
CA LEU A 761 14.96 32.76 -2.79
C LEU A 761 13.71 31.89 -2.53
N ALA A 762 13.04 32.13 -1.40
CA ALA A 762 11.75 31.49 -1.09
C ALA A 762 10.75 31.54 -2.25
N VAL A 763 10.64 32.72 -2.87
CA VAL A 763 9.70 32.91 -3.97
C VAL A 763 10.01 31.96 -5.12
N PHE A 764 11.29 31.87 -5.47
CA PHE A 764 11.70 30.96 -6.54
C PHE A 764 11.47 29.50 -6.15
N GLN A 765 11.70 29.17 -4.87
CA GLN A 765 11.48 27.79 -4.40
C GLN A 765 9.99 27.43 -4.41
N GLN A 766 9.15 28.38 -4.01
CA GLN A 766 7.69 28.29 -4.16
C GLN A 766 7.30 28.01 -5.61
N PHE A 767 7.82 28.83 -6.53
CA PHE A 767 7.59 28.63 -7.97
C PHE A 767 7.97 27.22 -8.43
N CYS A 768 9.10 26.71 -7.94
CA CYS A 768 9.54 25.36 -8.32
C CYS A 768 8.62 24.26 -7.79
N ALA A 769 8.00 24.51 -6.63
CA ALA A 769 7.07 23.56 -6.03
C ALA A 769 5.77 23.32 -6.84
N LEU A 770 5.40 24.27 -7.69
CA LEU A 770 4.19 24.14 -8.49
C LEU A 770 4.19 22.90 -9.42
N GLN A 771 5.34 22.47 -9.90
CA GLN A 771 5.42 21.23 -10.70
C GLN A 771 6.46 20.22 -10.21
N ALA A 772 7.04 20.46 -9.03
CA ALA A 772 7.91 19.51 -8.36
C ALA A 772 7.08 18.47 -7.61
N GLY B 6 -16.00 13.15 -27.30
CA GLY B 6 -17.49 13.35 -27.40
C GLY B 6 -18.03 14.48 -26.54
N LEU B 7 -19.10 15.14 -27.01
CA LEU B 7 -19.63 16.36 -26.41
C LEU B 7 -21.14 16.32 -26.28
N LEU B 8 -21.70 17.12 -25.39
CA LEU B 8 -23.15 17.26 -25.23
C LEU B 8 -23.63 18.57 -25.83
N LYS B 9 -24.72 18.51 -26.59
CA LYS B 9 -25.27 19.70 -27.23
C LYS B 9 -25.58 20.80 -26.20
N ALA B 10 -26.20 20.41 -25.08
CA ALA B 10 -26.56 21.37 -24.02
C ALA B 10 -25.36 22.17 -23.49
N LEU B 11 -24.18 21.55 -23.41
CA LEU B 11 -22.97 22.25 -22.94
C LEU B 11 -22.26 23.02 -24.05
N ARG B 12 -22.30 22.52 -25.29
CA ARG B 12 -21.79 23.29 -26.44
C ARG B 12 -22.55 24.61 -26.67
N SER B 13 -23.82 24.66 -26.23
CA SER B 13 -24.62 25.87 -26.27
C SER B 13 -23.86 27.13 -25.90
N ASP B 14 -23.91 28.11 -26.81
CA ASP B 14 -23.17 29.35 -26.71
C ASP B 14 -23.97 30.45 -27.41
N SER B 15 -25.10 30.78 -26.81
CA SER B 15 -26.12 31.59 -27.45
C SER B 15 -25.76 33.06 -27.55
N TYR B 16 -24.92 33.56 -26.65
CA TYR B 16 -24.50 34.95 -26.70
C TYR B 16 -23.57 35.27 -27.90
N VAL B 17 -23.03 34.23 -28.53
CA VAL B 17 -22.10 34.34 -29.66
C VAL B 17 -22.77 34.07 -31.03
N GLU B 18 -24.05 33.68 -31.03
CA GLU B 18 -24.79 33.48 -32.28
C GLU B 18 -24.99 34.80 -33.01
N LEU B 19 -25.26 34.71 -34.32
CA LEU B 19 -25.49 35.88 -35.16
C LEU B 19 -26.84 36.48 -34.81
N SER B 20 -26.97 37.80 -34.93
CA SER B 20 -28.26 38.45 -34.68
C SER B 20 -29.09 38.46 -35.96
N GLN B 21 -30.28 39.06 -35.90
CA GLN B 21 -31.13 39.26 -37.08
C GLN B 21 -30.53 40.23 -38.10
N TYR B 22 -29.79 41.23 -37.61
CA TYR B 22 -29.24 42.32 -38.42
C TYR B 22 -28.32 41.89 -39.56
N ARG B 23 -28.48 42.55 -40.71
CA ARG B 23 -27.46 42.58 -41.77
C ARG B 23 -27.24 44.00 -42.27
N ASP B 24 -26.03 44.24 -42.77
CA ASP B 24 -25.66 45.53 -43.36
C ASP B 24 -26.23 45.59 -44.76
N GLN B 25 -27.10 46.57 -44.99
CA GLN B 25 -27.82 46.69 -46.25
C GLN B 25 -26.90 47.29 -47.35
N HIS B 26 -25.94 48.13 -46.97
CA HIS B 26 -24.95 48.69 -47.90
C HIS B 26 -23.71 47.78 -48.10
N PHE B 27 -23.84 46.49 -47.84
CA PHE B 27 -22.71 45.54 -47.93
C PHE B 27 -22.57 45.03 -49.37
N ARG B 28 -21.47 45.39 -50.03
CA ARG B 28 -21.15 44.88 -51.39
C ARG B 28 -21.00 43.35 -51.39
N GLY B 29 -22.13 42.65 -51.41
CA GLY B 29 -22.08 41.20 -51.46
C GLY B 29 -23.35 40.48 -51.11
N ASP B 30 -23.29 39.18 -51.41
CA ASP B 30 -24.30 38.16 -51.10
C ASP B 30 -24.57 38.10 -49.57
N ASN B 31 -25.67 37.48 -49.15
CA ASN B 31 -25.90 37.22 -47.70
C ASN B 31 -24.98 36.11 -47.18
N GLU B 32 -24.84 35.00 -47.92
CA GLU B 32 -23.90 33.92 -47.56
C GLU B 32 -22.45 34.41 -47.41
N GLU B 33 -22.05 35.37 -48.23
CA GLU B 33 -20.74 36.00 -48.15
C GLU B 33 -20.59 36.91 -46.91
N GLN B 34 -21.69 37.54 -46.48
CA GLN B 34 -21.70 38.37 -45.26
C GLN B 34 -21.62 37.53 -43.96
N GLU B 35 -22.37 36.43 -43.92
CA GLU B 35 -22.35 35.51 -42.77
C GLU B 35 -20.99 34.85 -42.59
N LYS B 36 -20.38 34.47 -43.71
CA LYS B 36 -19.02 33.91 -43.75
C LYS B 36 -18.00 34.85 -43.08
N LEU B 37 -18.15 36.16 -43.27
CA LEU B 37 -17.28 37.16 -42.60
C LEU B 37 -17.63 37.37 -41.13
N LEU B 38 -18.93 37.40 -40.82
CA LEU B 38 -19.41 37.54 -39.42
C LEU B 38 -18.96 36.40 -38.50
N LYS B 39 -18.89 35.19 -39.04
CA LYS B 39 -18.46 34.02 -38.27
C LYS B 39 -16.95 33.98 -38.00
N LYS B 40 -16.18 34.75 -38.78
CA LYS B 40 -14.73 34.92 -38.61
C LYS B 40 -14.33 36.28 -38.03
N SER B 41 -15.30 37.19 -37.82
CA SER B 41 -14.99 38.56 -37.43
C SER B 41 -14.36 38.66 -36.05
N CYS B 42 -13.57 39.71 -35.84
CA CYS B 42 -13.11 40.10 -34.53
C CYS B 42 -13.58 41.50 -34.20
N THR B 43 -14.61 41.96 -34.90
CA THR B 43 -15.09 43.32 -34.79
C THR B 43 -16.54 43.28 -34.31
N LEU B 44 -16.86 44.13 -33.35
CA LEU B 44 -18.19 44.20 -32.77
C LEU B 44 -18.81 45.58 -32.98
N TYR B 45 -20.05 45.61 -33.49
CA TYR B 45 -20.89 46.81 -33.34
C TYR B 45 -21.31 46.90 -31.88
N VAL B 46 -21.36 48.10 -31.35
CA VAL B 46 -21.77 48.34 -29.96
C VAL B 46 -22.89 49.38 -29.96
N GLY B 47 -24.10 48.96 -29.60
CA GLY B 47 -25.29 49.84 -29.59
C GLY B 47 -25.70 50.45 -28.27
N ASN B 48 -26.54 51.47 -28.33
CA ASN B 48 -27.17 52.12 -27.18
C ASN B 48 -26.23 52.82 -26.21
N LEU B 49 -25.10 53.31 -26.72
CA LEU B 49 -24.20 54.14 -25.91
C LEU B 49 -24.79 55.53 -25.69
N SER B 50 -24.36 56.18 -24.62
CA SER B 50 -24.60 57.60 -24.44
C SER B 50 -23.78 58.39 -25.47
N PHE B 51 -24.34 59.51 -25.91
CA PHE B 51 -23.63 60.46 -26.78
C PHE B 51 -22.43 61.03 -26.04
N TYR B 52 -22.52 61.16 -24.72
CA TYR B 52 -21.44 61.69 -23.90
C TYR B 52 -20.41 60.63 -23.44
N THR B 53 -20.60 59.36 -23.80
CA THR B 53 -19.65 58.31 -23.46
C THR B 53 -18.42 58.45 -24.36
N THR B 54 -17.25 58.49 -23.70
CA THR B 54 -15.95 58.63 -24.34
C THR B 54 -15.46 57.35 -24.98
N GLU B 55 -14.55 57.51 -25.94
CA GLU B 55 -13.72 56.43 -26.47
C GLU B 55 -12.90 55.73 -25.37
N GLU B 56 -12.43 56.52 -24.41
CA GLU B 56 -11.61 56.03 -23.31
C GLU B 56 -12.37 55.16 -22.31
N GLN B 57 -13.68 55.38 -22.20
CA GLN B 57 -14.54 54.54 -21.38
C GLN B 57 -14.81 53.21 -22.07
N ILE B 58 -15.10 53.25 -23.36
CA ILE B 58 -15.30 52.02 -24.14
C ILE B 58 -14.04 51.15 -24.10
N TYR B 59 -12.87 51.78 -24.15
CA TYR B 59 -11.60 51.05 -24.10
C TYR B 59 -11.44 50.31 -22.76
N GLU B 60 -11.71 51.00 -21.65
CA GLU B 60 -11.59 50.42 -20.31
C GLU B 60 -12.50 49.20 -20.14
N LEU B 61 -13.77 49.31 -20.57
CA LEU B 61 -14.74 48.24 -20.40
C LEU B 61 -14.40 47.07 -21.31
N PHE B 62 -14.31 47.34 -22.61
CA PHE B 62 -14.09 46.28 -23.60
C PHE B 62 -12.73 45.58 -23.52
N SER B 63 -11.78 46.22 -22.84
CA SER B 63 -10.48 45.61 -22.52
C SER B 63 -10.56 44.43 -21.55
N LYS B 64 -11.64 44.32 -20.79
CA LYS B 64 -11.84 43.23 -19.86
C LYS B 64 -12.03 41.86 -20.51
N SER B 65 -12.36 41.82 -21.80
CA SER B 65 -12.48 40.55 -22.51
C SER B 65 -11.21 40.21 -23.25
N GLY B 66 -10.27 41.16 -23.32
CA GLY B 66 -9.02 40.98 -24.07
C GLY B 66 -8.39 42.26 -24.61
N ASP B 67 -7.35 42.11 -25.45
CA ASP B 67 -6.62 43.25 -26.01
C ASP B 67 -7.27 43.78 -27.27
N ILE B 68 -7.55 45.08 -27.25
CA ILE B 68 -8.25 45.81 -28.31
C ILE B 68 -7.26 46.37 -29.31
N LYS B 69 -7.55 46.16 -30.59
CA LYS B 69 -6.76 46.70 -31.69
C LYS B 69 -7.19 48.12 -32.06
N LYS B 70 -8.49 48.34 -32.22
CA LYS B 70 -9.01 49.63 -32.69
C LYS B 70 -10.43 49.90 -32.18
N ILE B 71 -10.68 51.15 -31.76
CA ILE B 71 -12.06 51.61 -31.51
C ILE B 71 -12.41 52.72 -32.52
N ILE B 72 -13.45 52.48 -33.32
CA ILE B 72 -13.95 53.45 -34.27
C ILE B 72 -15.30 53.99 -33.80
N MET B 73 -15.32 55.20 -33.24
CA MET B 73 -16.56 55.82 -32.72
C MET B 73 -17.57 56.10 -33.82
N GLY B 74 -18.85 55.89 -33.48
CA GLY B 74 -19.96 56.18 -34.37
C GLY B 74 -20.24 57.66 -34.31
N LEU B 75 -20.20 58.32 -35.46
CA LEU B 75 -20.27 59.77 -35.56
C LEU B 75 -21.49 60.23 -36.35
N ASP B 76 -21.99 61.42 -35.99
CA ASP B 76 -23.05 62.09 -36.76
C ASP B 76 -22.47 62.51 -38.11
N LYS B 77 -23.15 62.14 -39.20
CA LYS B 77 -22.62 62.38 -40.55
C LYS B 77 -22.38 63.86 -40.83
N MET B 78 -23.30 64.70 -40.35
CA MET B 78 -23.25 66.15 -40.51
C MET B 78 -22.25 66.75 -39.51
N LYS B 79 -22.55 66.63 -38.21
CA LYS B 79 -21.82 67.34 -37.14
C LYS B 79 -20.46 66.72 -36.71
N LYS B 80 -20.25 65.45 -37.06
CA LYS B 80 -19.06 64.67 -36.65
C LYS B 80 -18.76 64.67 -35.14
N THR B 81 -19.84 64.53 -34.37
CA THR B 81 -19.81 64.25 -32.94
C THR B 81 -20.41 62.86 -32.73
N ALA B 82 -20.14 62.29 -31.55
CA ALA B 82 -20.58 60.94 -31.20
C ALA B 82 -22.10 60.82 -31.18
N CYS B 83 -22.65 59.92 -31.99
CA CYS B 83 -24.10 59.68 -32.04
C CYS B 83 -24.53 58.27 -31.54
N GLY B 84 -23.77 57.72 -30.59
CA GLY B 84 -24.24 56.61 -29.75
C GLY B 84 -24.03 55.17 -30.19
N PHE B 85 -23.17 54.94 -31.17
CA PHE B 85 -22.64 53.60 -31.39
C PHE B 85 -21.13 53.65 -31.54
N CYS B 86 -20.52 52.49 -31.66
CA CYS B 86 -19.11 52.37 -32.03
C CYS B 86 -18.79 50.97 -32.54
N PHE B 87 -17.56 50.79 -33.00
CA PHE B 87 -17.02 49.48 -33.34
C PHE B 87 -15.80 49.21 -32.44
N VAL B 88 -15.63 47.95 -32.06
CA VAL B 88 -14.48 47.50 -31.29
C VAL B 88 -13.89 46.31 -32.04
N GLU B 89 -12.64 46.43 -32.45
CA GLU B 89 -11.92 45.37 -33.15
C GLU B 89 -10.91 44.78 -32.19
N TYR B 90 -10.93 43.46 -32.05
CA TYR B 90 -9.96 42.74 -31.22
C TYR B 90 -8.91 42.09 -32.12
N TYR B 91 -7.74 41.81 -31.53
CA TYR B 91 -6.70 41.07 -32.23
C TYR B 91 -7.14 39.62 -32.47
N SER B 92 -7.78 39.00 -31.47
CA SER B 92 -8.27 37.61 -31.61
C SER B 92 -9.81 37.45 -31.53
N ARG B 93 -10.32 36.44 -32.23
CA ARG B 93 -11.74 36.05 -32.18
C ARG B 93 -12.20 35.72 -30.76
N ALA B 94 -11.37 34.96 -30.03
CA ALA B 94 -11.72 34.48 -28.70
C ALA B 94 -12.05 35.62 -27.74
N ASP B 95 -11.31 36.73 -27.86
CA ASP B 95 -11.52 37.89 -27.00
C ASP B 95 -12.80 38.63 -27.35
N ALA B 96 -13.15 38.63 -28.63
CA ALA B 96 -14.41 39.21 -29.10
C ALA B 96 -15.60 38.37 -28.67
N GLU B 97 -15.45 37.04 -28.75
CA GLU B 97 -16.47 36.12 -28.23
C GLU B 97 -16.75 36.39 -26.75
N ASN B 98 -15.71 36.57 -25.97
CA ASN B 98 -15.88 36.84 -24.54
C ASN B 98 -16.58 38.17 -24.28
N ALA B 99 -16.35 39.17 -25.11
CA ALA B 99 -17.08 40.44 -24.98
C ALA B 99 -18.59 40.22 -25.21
N MET B 100 -18.90 39.47 -26.27
CA MET B 100 -20.27 39.10 -26.61
C MET B 100 -20.96 38.27 -25.53
N ARG B 101 -20.17 37.47 -24.80
CA ARG B 101 -20.69 36.68 -23.70
C ARG B 101 -20.92 37.43 -22.40
N TYR B 102 -20.03 38.35 -22.04
CA TYR B 102 -20.00 38.95 -20.68
C TYR B 102 -20.07 40.47 -20.57
N ILE B 103 -19.77 41.19 -21.65
CA ILE B 103 -19.90 42.65 -21.67
C ILE B 103 -21.24 43.06 -22.27
N ASN B 104 -21.60 42.40 -23.38
CA ASN B 104 -22.96 42.44 -23.96
C ASN B 104 -24.06 42.44 -22.90
N GLY B 105 -24.96 43.41 -22.96
CA GLY B 105 -26.06 43.49 -22.01
C GLY B 105 -25.72 43.94 -20.61
N THR B 106 -24.54 44.52 -20.40
CA THR B 106 -24.18 45.15 -19.12
C THR B 106 -24.06 46.66 -19.32
N ARG B 107 -23.70 47.38 -18.27
CA ARG B 107 -23.79 48.85 -18.25
C ARG B 107 -22.50 49.61 -18.58
N LEU B 108 -22.67 50.69 -19.33
CA LEU B 108 -21.62 51.68 -19.58
C LEU B 108 -22.25 53.09 -19.58
N ASP B 109 -21.84 53.90 -18.59
CA ASP B 109 -22.53 55.16 -18.23
C ASP B 109 -24.01 54.89 -17.91
N ASP B 110 -24.19 53.91 -17.03
CA ASP B 110 -25.49 53.45 -16.60
C ASP B 110 -26.51 53.11 -17.69
N ARG B 111 -26.06 52.68 -18.86
CA ARG B 111 -26.98 52.24 -19.93
C ARG B 111 -26.67 50.83 -20.36
N ILE B 112 -27.70 50.02 -20.60
CA ILE B 112 -27.50 48.65 -21.06
C ILE B 112 -27.11 48.67 -22.53
N ILE B 113 -25.81 48.53 -22.77
CA ILE B 113 -25.28 48.44 -24.14
C ILE B 113 -25.53 47.07 -24.72
N ARG B 114 -25.55 47.00 -26.05
CA ARG B 114 -25.92 45.81 -26.78
C ARG B 114 -24.87 45.62 -27.88
N THR B 115 -24.23 44.46 -27.94
CA THR B 115 -23.17 44.18 -28.91
C THR B 115 -23.63 43.18 -29.95
N ASP B 116 -23.12 43.32 -31.17
CA ASP B 116 -23.36 42.38 -32.29
C ASP B 116 -22.10 42.23 -33.12
N TRP B 117 -21.93 41.05 -33.72
CA TRP B 117 -20.86 40.81 -34.68
C TRP B 117 -21.00 41.75 -35.86
N ASP B 118 -19.89 42.32 -36.31
CA ASP B 118 -19.84 43.15 -37.51
C ASP B 118 -19.00 42.46 -38.57
N ALA B 119 -19.32 42.74 -39.84
CA ALA B 119 -18.64 42.10 -40.97
C ALA B 119 -17.23 42.65 -41.23
N GLY B 120 -16.93 43.80 -40.64
CA GLY B 120 -15.65 44.48 -40.82
C GLY B 120 -15.89 45.96 -41.07
N PHE B 121 -14.99 46.80 -40.56
CA PHE B 121 -15.03 48.22 -40.83
C PHE B 121 -14.55 48.51 -42.26
N LYS B 122 -15.25 49.45 -42.91
CA LYS B 122 -14.83 50.08 -44.15
C LYS B 122 -15.10 51.57 -43.96
N GLU B 123 -14.51 52.41 -44.80
CA GLU B 123 -14.81 53.86 -44.73
C GLU B 123 -16.29 54.12 -44.94
N GLY B 124 -16.81 55.10 -44.20
CA GLY B 124 -18.22 55.49 -44.29
C GLY B 124 -19.15 54.80 -43.31
N ARG B 125 -18.73 53.66 -42.79
CA ARG B 125 -19.52 52.89 -41.82
C ARG B 125 -19.56 53.47 -40.42
N GLN B 126 -18.65 54.40 -40.11
CA GLN B 126 -18.70 55.14 -38.85
C GLN B 126 -19.84 56.16 -38.74
N TYR B 127 -20.53 56.43 -39.86
CA TYR B 127 -21.50 57.52 -39.90
C TYR B 127 -22.93 56.99 -39.79
N GLY B 128 -23.71 57.67 -38.95
CA GLY B 128 -25.13 57.37 -38.79
C GLY B 128 -25.87 57.50 -40.12
N ARG B 129 -26.72 56.53 -40.41
CA ARG B 129 -27.41 56.44 -41.70
C ARG B 129 -28.82 57.03 -41.72
N GLY B 130 -29.22 57.69 -40.64
CA GLY B 130 -30.51 58.38 -40.60
C GLY B 130 -30.49 59.70 -41.33
N ARG B 131 -31.66 60.12 -41.81
CA ARG B 131 -31.87 61.42 -42.47
C ARG B 131 -31.13 62.56 -41.81
N SER B 132 -31.35 62.76 -40.51
CA SER B 132 -30.82 63.93 -39.80
C SER B 132 -29.34 63.89 -39.49
N GLY B 133 -28.68 62.74 -39.70
CA GLY B 133 -27.22 62.60 -39.50
C GLY B 133 -26.86 61.53 -38.48
N GLY B 134 -27.65 61.42 -37.42
CA GLY B 134 -27.50 60.38 -36.41
C GLY B 134 -27.96 59.00 -36.87
N GLN B 135 -28.17 58.11 -35.89
CA GLN B 135 -28.58 56.74 -36.18
C GLN B 135 -30.05 56.68 -36.62
N VAL B 136 -30.36 55.70 -37.45
CA VAL B 136 -31.75 55.44 -37.91
C VAL B 136 -32.70 55.25 -36.73
N ARG B 137 -32.28 54.45 -35.75
CA ARG B 137 -33.03 54.21 -34.52
C ARG B 137 -33.43 55.50 -33.78
N ASP B 138 -32.61 56.55 -33.87
CA ASP B 138 -32.90 57.84 -33.20
C ASP B 138 -33.92 58.78 -33.89
N GLU B 139 -34.38 58.47 -35.10
CA GLU B 139 -35.36 59.33 -35.79
C GLU B 139 -36.80 59.04 -35.39
N TYR B 140 -37.21 57.77 -35.50
CA TYR B 140 -38.57 57.32 -35.25
C TYR B 140 -39.03 57.31 -33.78
N ARG B 141 -38.08 57.30 -32.85
CA ARG B 141 -38.39 57.07 -31.44
C ARG B 141 -39.13 58.27 -30.82
N GLN B 142 -40.08 57.95 -29.94
CA GLN B 142 -40.94 58.95 -29.31
C GLN B 142 -40.38 59.44 -27.98
N ASP B 143 -39.83 58.50 -27.19
CA ASP B 143 -39.32 58.76 -25.82
C ASP B 143 -38.29 59.90 -25.66
N TYR B 144 -38.16 60.38 -24.42
CA TYR B 144 -37.11 61.33 -24.06
C TYR B 144 -35.94 60.56 -23.48
N ASP B 145 -34.74 60.83 -24.02
CA ASP B 145 -33.52 60.11 -23.70
C ASP B 145 -32.38 61.13 -23.54
N ALA B 146 -32.18 61.60 -22.31
CA ALA B 146 -31.13 62.58 -21.99
C ALA B 146 -29.77 62.27 -22.65
N GLY B 147 -29.38 61.00 -22.62
CA GLY B 147 -28.13 60.55 -23.20
C GLY B 147 -28.07 60.43 -24.71
N ARG B 148 -29.20 60.58 -25.41
CA ARG B 148 -29.19 60.53 -26.88
C ARG B 148 -29.79 61.78 -27.54
N GLY B 149 -29.47 62.96 -27.00
CA GLY B 149 -29.87 64.25 -27.59
C GLY B 149 -31.09 64.87 -26.95
N GLY B 150 -32.18 64.10 -26.93
CA GLY B 150 -33.42 64.50 -26.26
C GLY B 150 -34.57 63.68 -26.79
N TYR B 151 -35.48 64.31 -27.51
CA TYR B 151 -36.56 63.59 -28.20
C TYR B 151 -36.01 63.12 -29.53
N GLY B 152 -36.73 62.20 -30.20
CA GLY B 152 -36.36 61.77 -31.55
C GLY B 152 -36.37 62.94 -32.53
N LYS B 153 -35.72 62.78 -33.68
CA LYS B 153 -35.45 63.93 -34.54
C LYS B 153 -36.64 64.47 -35.33
N LEU B 154 -37.66 63.64 -35.53
CA LEU B 154 -38.98 64.10 -35.99
C LEU B 154 -39.64 65.04 -34.97
N ALA B 155 -39.86 64.56 -33.74
CA ALA B 155 -40.56 65.36 -32.70
C ALA B 155 -39.74 66.53 -32.07
N GLN B 156 -38.48 66.71 -32.48
CA GLN B 156 -37.59 67.78 -31.99
C GLN B 156 -37.80 69.13 -32.74
N ASN B 157 -38.08 69.08 -34.06
CA ASN B 157 -38.07 70.29 -34.94
C ASN B 157 -38.71 70.07 -36.33
N ASP C 5 -36.74 -62.71 -15.23
CA ASP C 5 -36.72 -62.02 -16.56
C ASP C 5 -37.76 -60.91 -16.63
N ALA C 6 -39.03 -61.27 -16.47
CA ALA C 6 -40.16 -60.31 -16.52
C ALA C 6 -40.09 -59.31 -15.35
N ASN C 7 -40.17 -59.81 -14.12
CA ASN C 7 -40.09 -58.99 -12.88
C ASN C 7 -38.76 -58.28 -12.70
N GLU C 8 -37.67 -58.86 -13.18
CA GLU C 8 -36.34 -58.24 -13.12
C GLU C 8 -36.17 -57.03 -14.02
N THR C 9 -36.52 -57.14 -15.31
CA THR C 9 -36.47 -55.99 -16.25
C THR C 9 -37.51 -54.93 -15.88
N GLU C 10 -38.68 -55.35 -15.41
CA GLU C 10 -39.70 -54.46 -14.86
C GLU C 10 -39.12 -53.57 -13.74
N ASP C 11 -38.55 -54.18 -12.70
CA ASP C 11 -37.80 -53.45 -11.64
C ASP C 11 -36.56 -52.68 -12.15
N HIS C 12 -35.87 -53.19 -13.17
CA HIS C 12 -34.73 -52.48 -13.77
C HIS C 12 -35.21 -51.16 -14.39
N LEU C 13 -36.30 -51.23 -15.14
CA LEU C 13 -36.86 -50.06 -15.84
C LEU C 13 -37.29 -48.96 -14.86
N GLU C 14 -37.95 -49.34 -13.78
CA GLU C 14 -38.32 -48.41 -12.72
C GLU C 14 -37.07 -47.73 -12.16
N SER C 15 -36.06 -48.52 -11.81
CA SER C 15 -34.82 -47.98 -11.23
C SER C 15 -34.07 -47.04 -12.17
N LEU C 16 -34.08 -47.34 -13.47
CA LEU C 16 -33.46 -46.46 -14.47
C LEU C 16 -34.19 -45.13 -14.64
N ILE C 17 -35.51 -45.21 -14.71
CA ILE C 17 -36.36 -44.01 -14.83
C ILE C 17 -36.18 -43.15 -13.58
N CYS C 18 -36.23 -43.74 -12.39
CA CYS C 18 -36.02 -42.98 -11.17
C CYS C 18 -34.61 -42.36 -11.09
N LYS C 19 -33.59 -43.09 -11.52
CA LYS C 19 -32.22 -42.62 -11.35
C LYS C 19 -31.74 -41.56 -12.35
N VAL C 20 -32.39 -41.45 -13.50
CA VAL C 20 -32.04 -40.35 -14.43
C VAL C 20 -32.33 -39.02 -13.74
N GLY C 21 -31.44 -38.05 -13.91
CA GLY C 21 -31.60 -36.75 -13.27
C GLY C 21 -30.83 -36.59 -11.97
N GLU C 22 -30.45 -37.70 -11.32
CA GLU C 22 -29.60 -37.63 -10.14
C GLU C 22 -28.16 -37.29 -10.53
N LYS C 23 -27.34 -36.94 -9.54
CA LYS C 23 -25.86 -36.81 -9.68
C LYS C 23 -25.23 -37.96 -10.50
N SER C 24 -24.43 -37.59 -11.50
CA SER C 24 -23.88 -38.56 -12.45
C SER C 24 -22.56 -38.07 -13.02
N ALA C 25 -21.71 -39.02 -13.40
CA ALA C 25 -20.46 -38.73 -14.10
C ALA C 25 -20.70 -38.10 -15.48
N CYS C 26 -21.71 -38.59 -16.21
CA CYS C 26 -22.09 -38.07 -17.53
C CYS C 26 -23.03 -36.89 -17.39
N SER C 27 -23.27 -36.22 -18.52
CA SER C 27 -24.22 -35.10 -18.58
C SER C 27 -25.65 -35.60 -18.51
N LEU C 28 -26.53 -34.69 -18.10
CA LEU C 28 -27.97 -34.98 -18.06
C LEU C 28 -28.50 -35.32 -19.45
N GLU C 29 -28.02 -34.58 -20.45
CA GLU C 29 -28.40 -34.78 -21.85
C GLU C 29 -28.06 -36.18 -22.32
N SER C 30 -26.85 -36.61 -22.03
CA SER C 30 -26.37 -37.93 -22.42
C SER C 30 -27.24 -39.04 -21.83
N ASN C 31 -27.46 -38.96 -20.51
CA ASN C 31 -28.28 -39.94 -19.77
C ASN C 31 -29.71 -40.04 -20.28
N LEU C 32 -30.31 -38.90 -20.61
CA LEU C 32 -31.67 -38.86 -21.15
C LEU C 32 -31.75 -39.50 -22.52
N GLU C 33 -30.83 -39.12 -23.40
CA GLU C 33 -30.72 -39.73 -24.73
C GLU C 33 -30.53 -41.24 -24.61
N GLY C 34 -29.63 -41.65 -23.72
CA GLY C 34 -29.36 -43.06 -23.47
C GLY C 34 -30.59 -43.84 -23.01
N LEU C 35 -31.22 -43.34 -21.97
CA LEU C 35 -32.44 -43.95 -21.42
C LEU C 35 -33.57 -44.02 -22.45
N ALA C 36 -33.74 -42.94 -23.22
CA ALA C 36 -34.75 -42.90 -24.28
C ALA C 36 -34.57 -44.03 -25.27
N GLY C 37 -33.31 -44.34 -25.57
CA GLY C 37 -32.95 -45.50 -26.38
C GLY C 37 -33.34 -46.81 -25.75
N VAL C 38 -32.95 -46.99 -24.50
CA VAL C 38 -33.22 -48.22 -23.74
C VAL C 38 -34.74 -48.48 -23.64
N LEU C 39 -35.52 -47.42 -23.43
CA LEU C 39 -36.98 -47.55 -23.31
C LEU C 39 -37.68 -47.83 -24.65
N GLU C 40 -37.23 -47.19 -25.73
CA GLU C 40 -37.77 -47.47 -27.08
C GLU C 40 -37.58 -48.96 -27.44
N ALA C 41 -36.39 -49.49 -27.18
CA ALA C 41 -36.06 -50.90 -27.38
C ALA C 41 -37.03 -51.88 -26.68
N ASP C 42 -37.49 -51.50 -25.48
CA ASP C 42 -38.39 -52.33 -24.68
C ASP C 42 -39.88 -52.05 -24.89
N LEU C 43 -40.23 -51.10 -25.76
CA LEU C 43 -41.64 -50.84 -26.12
C LEU C 43 -42.44 -52.03 -26.68
N PRO C 44 -41.83 -52.86 -27.56
CA PRO C 44 -42.55 -54.06 -28.00
C PRO C 44 -43.32 -54.79 -26.89
N ASN C 45 -42.67 -55.04 -25.76
CA ASN C 45 -43.23 -55.85 -24.66
C ASN C 45 -43.09 -55.26 -23.23
N TYR C 46 -42.92 -53.95 -23.12
CA TYR C 46 -43.03 -53.22 -21.83
C TYR C 46 -43.72 -51.83 -21.95
N LYS C 47 -44.47 -51.59 -23.03
CA LYS C 47 -45.18 -50.33 -23.26
C LYS C 47 -46.14 -50.07 -22.12
N SER C 48 -46.94 -51.08 -21.80
CA SER C 48 -47.83 -51.09 -20.65
C SER C 48 -47.16 -50.52 -19.39
N LYS C 49 -45.99 -51.07 -19.06
CA LYS C 49 -45.30 -50.73 -17.82
C LYS C 49 -44.70 -49.33 -17.88
N ILE C 50 -44.06 -49.00 -19.00
CA ILE C 50 -43.38 -47.73 -19.17
C ILE C 50 -44.36 -46.53 -19.13
N LEU C 51 -45.57 -46.71 -19.67
CA LEU C 51 -46.61 -45.69 -19.55
C LEU C 51 -46.99 -45.45 -18.09
N ARG C 52 -47.29 -46.55 -17.38
CA ARG C 52 -47.61 -46.49 -15.94
C ARG C 52 -46.52 -45.81 -15.14
N LEU C 53 -45.27 -46.15 -15.41
CA LEU C 53 -44.14 -45.55 -14.71
C LEU C 53 -44.00 -44.06 -14.97
N LEU C 54 -44.11 -43.64 -16.21
CA LEU C 54 -43.99 -42.22 -16.53
C LEU C 54 -45.20 -41.43 -16.02
N CYS C 55 -46.37 -42.04 -16.02
CA CYS C 55 -47.54 -41.42 -15.38
C CYS C 55 -47.37 -41.26 -13.87
N THR C 56 -46.71 -42.23 -13.25
CA THR C 56 -46.42 -42.19 -11.84
C THR C 56 -45.42 -41.08 -11.50
N VAL C 57 -44.32 -40.98 -12.23
CA VAL C 57 -43.34 -39.93 -11.92
C VAL C 57 -43.85 -38.51 -12.25
N ALA C 58 -44.83 -38.41 -13.14
CA ALA C 58 -45.47 -37.15 -13.40
C ALA C 58 -46.27 -36.67 -12.19
N ARG C 59 -46.84 -37.63 -11.47
CA ARG C 59 -47.67 -37.40 -10.30
C ARG C 59 -46.89 -37.31 -8.97
N LEU C 60 -45.88 -38.15 -8.81
CA LEU C 60 -45.11 -38.26 -7.54
C LEU C 60 -43.72 -37.60 -7.54
N LEU C 61 -43.18 -37.22 -8.70
CA LEU C 61 -41.86 -36.57 -8.78
C LEU C 61 -41.90 -35.24 -9.56
N PRO C 62 -42.77 -34.31 -9.13
CA PRO C 62 -42.81 -33.00 -9.77
C PRO C 62 -41.54 -32.21 -9.54
N GLU C 63 -40.82 -32.54 -8.47
CA GLU C 63 -39.51 -31.95 -8.22
C GLU C 63 -38.51 -32.14 -9.39
N LYS C 64 -38.70 -33.20 -10.18
CA LYS C 64 -37.86 -33.50 -11.36
C LYS C 64 -38.67 -33.43 -12.66
N LEU C 65 -39.61 -32.49 -12.70
CA LEU C 65 -40.55 -32.31 -13.82
C LEU C 65 -39.88 -32.26 -15.19
N THR C 66 -38.97 -31.31 -15.37
CA THR C 66 -38.40 -31.05 -16.70
C THR C 66 -37.45 -32.15 -17.19
N ILE C 67 -36.96 -32.98 -16.26
CA ILE C 67 -36.24 -34.19 -16.65
C ILE C 67 -37.18 -35.16 -17.36
N TYR C 68 -38.36 -35.39 -16.79
CA TYR C 68 -39.27 -36.41 -17.34
C TYR C 68 -40.09 -35.95 -18.53
N THR C 69 -40.40 -34.66 -18.61
CA THR C 69 -41.04 -34.12 -19.82
C THR C 69 -40.11 -34.24 -21.02
N THR C 70 -38.85 -33.85 -20.83
CA THR C 70 -37.81 -34.05 -21.84
C THR C 70 -37.76 -35.51 -22.26
N LEU C 71 -37.74 -36.43 -21.30
CA LEU C 71 -37.69 -37.86 -21.61
C LEU C 71 -38.86 -38.28 -22.49
N VAL C 72 -40.07 -37.83 -22.15
CA VAL C 72 -41.27 -38.16 -22.92
C VAL C 72 -41.17 -37.54 -24.31
N GLY C 73 -40.60 -36.34 -24.39
CA GLY C 73 -40.37 -35.65 -25.67
C GLY C 73 -39.46 -36.38 -26.62
N LEU C 74 -38.38 -36.94 -26.08
CA LEU C 74 -37.46 -37.76 -26.86
C LEU C 74 -38.11 -39.07 -27.32
N LEU C 75 -38.96 -39.65 -26.49
CA LEU C 75 -39.71 -40.86 -26.85
C LEU C 75 -40.79 -40.58 -27.88
N ASN C 76 -41.41 -39.41 -27.80
CA ASN C 76 -42.39 -38.95 -28.79
C ASN C 76 -41.75 -38.79 -30.17
N ALA C 77 -40.54 -38.25 -30.21
CA ALA C 77 -39.77 -38.09 -31.45
C ALA C 77 -39.50 -39.43 -32.15
N ARG C 78 -39.07 -40.42 -31.40
CA ARG C 78 -38.80 -41.75 -31.94
C ARG C 78 -40.05 -42.56 -32.23
N ASN C 79 -41.13 -42.27 -31.50
CA ASN C 79 -42.38 -43.00 -31.64
C ASN C 79 -43.56 -42.08 -31.29
N TYR C 80 -44.20 -41.55 -32.33
CA TYR C 80 -45.34 -40.64 -32.20
C TYR C 80 -46.49 -41.29 -31.44
N ASN C 81 -46.74 -42.56 -31.74
CA ASN C 81 -47.88 -43.28 -31.18
C ASN C 81 -47.76 -43.46 -29.66
N PHE C 82 -46.54 -43.68 -29.18
CA PHE C 82 -46.27 -43.75 -27.74
C PHE C 82 -46.58 -42.43 -27.04
N GLY C 83 -46.13 -41.32 -27.61
CA GLY C 83 -46.47 -39.99 -27.11
C GLY C 83 -47.96 -39.79 -26.97
N GLY C 84 -48.72 -40.27 -27.94
CA GLY C 84 -50.17 -40.13 -27.95
C GLY C 84 -50.86 -40.91 -26.87
N GLU C 85 -50.46 -42.15 -26.65
CA GLU C 85 -51.01 -42.97 -25.55
C GLU C 85 -50.69 -42.37 -24.17
N PHE C 86 -49.49 -41.79 -24.04
CA PHE C 86 -49.09 -41.12 -22.81
C PHE C 86 -49.99 -39.92 -22.54
N VAL C 87 -50.13 -39.05 -23.53
CA VAL C 87 -51.00 -37.88 -23.38
C VAL C 87 -52.46 -38.29 -23.08
N GLU C 88 -52.92 -39.43 -23.61
CA GLU C 88 -54.25 -39.96 -23.27
C GLU C 88 -54.30 -40.40 -21.82
N ALA C 89 -53.28 -41.16 -21.40
CA ALA C 89 -53.20 -41.67 -20.03
C ALA C 89 -53.13 -40.54 -19.00
N MET C 90 -52.38 -39.49 -19.31
CA MET C 90 -52.31 -38.31 -18.47
C MET C 90 -53.64 -37.61 -18.28
N ILE C 91 -54.44 -37.55 -19.34
CA ILE C 91 -55.76 -36.91 -19.25
C ILE C 91 -56.73 -37.80 -18.47
N ARG C 92 -56.65 -39.12 -18.64
CA ARG C 92 -57.43 -40.03 -17.79
C ARG C 92 -57.02 -39.86 -16.33
N GLN C 93 -55.72 -39.77 -16.09
CA GLN C 93 -55.20 -39.59 -14.73
C GLN C 93 -55.62 -38.25 -14.11
N LEU C 94 -55.62 -37.19 -14.91
CA LEU C 94 -56.05 -35.86 -14.45
C LEU C 94 -57.52 -35.85 -14.06
N LYS C 95 -58.38 -36.37 -14.94
CA LYS C 95 -59.82 -36.43 -14.69
C LYS C 95 -60.13 -37.28 -13.46
N GLU C 96 -59.44 -38.40 -13.36
CA GLU C 96 -59.60 -39.33 -12.24
C GLU C 96 -59.13 -38.73 -10.89
N SER C 97 -58.05 -37.95 -10.93
CA SER C 97 -57.58 -37.22 -9.75
C SER C 97 -58.56 -36.13 -9.29
N LEU C 98 -59.13 -35.38 -10.24
CA LEU C 98 -60.10 -34.35 -9.88
C LEU C 98 -61.39 -34.94 -9.31
N LYS C 99 -61.89 -36.00 -9.97
CA LYS C 99 -63.03 -36.77 -9.48
C LYS C 99 -62.85 -37.19 -8.02
N ALA C 100 -61.64 -37.64 -7.68
CA ALA C 100 -61.32 -38.12 -6.32
C ALA C 100 -60.82 -37.03 -5.35
N ASN C 101 -61.04 -35.76 -5.68
CA ASN C 101 -60.55 -34.63 -4.87
C ASN C 101 -59.05 -34.64 -4.52
N ASN C 102 -58.18 -35.14 -5.40
CA ASN C 102 -56.72 -35.01 -5.23
C ASN C 102 -56.28 -33.80 -6.02
N TYR C 103 -56.73 -32.63 -5.58
CA TYR C 103 -56.41 -31.39 -6.27
C TYR C 103 -54.93 -31.07 -6.23
N ASN C 104 -54.21 -31.50 -5.21
CA ASN C 104 -52.77 -31.19 -5.09
C ASN C 104 -51.94 -32.07 -6.04
N GLU C 105 -52.32 -33.33 -6.23
CA GLU C 105 -51.70 -34.15 -7.30
C GLU C 105 -52.04 -33.63 -8.69
N ALA C 106 -53.28 -33.21 -8.88
CA ALA C 106 -53.74 -32.67 -10.17
C ALA C 106 -52.92 -31.48 -10.68
N VAL C 107 -52.44 -30.61 -9.79
CA VAL C 107 -51.59 -29.48 -10.20
C VAL C 107 -50.34 -29.98 -10.91
N TYR C 108 -49.74 -31.04 -10.37
CA TYR C 108 -48.49 -31.56 -10.93
C TYR C 108 -48.75 -32.12 -12.30
N LEU C 109 -49.89 -32.79 -12.48
CA LEU C 109 -50.30 -33.28 -13.80
C LEU C 109 -50.52 -32.14 -14.80
N VAL C 110 -51.15 -31.06 -14.34
CA VAL C 110 -51.35 -29.90 -15.17
C VAL C 110 -50.02 -29.26 -15.55
N ARG C 111 -49.07 -29.16 -14.63
CA ARG C 111 -47.75 -28.61 -14.95
C ARG C 111 -46.97 -29.49 -15.90
N PHE C 112 -47.15 -30.81 -15.78
CA PHE C 112 -46.46 -31.75 -16.67
C PHE C 112 -46.93 -31.56 -18.11
N LEU C 113 -48.24 -31.52 -18.29
CA LEU C 113 -48.84 -31.24 -19.60
C LEU C 113 -48.36 -29.90 -20.14
N SER C 114 -48.36 -28.89 -19.28
CA SER C 114 -47.86 -27.58 -19.66
C SER C 114 -46.46 -27.64 -20.22
N ASP C 115 -45.53 -28.17 -19.43
CA ASP C 115 -44.11 -28.18 -19.85
C ASP C 115 -43.88 -29.11 -21.05
N LEU C 116 -44.77 -30.10 -21.26
CA LEU C 116 -44.75 -30.91 -22.50
C LEU C 116 -44.91 -30.08 -23.80
N VAL C 117 -45.47 -28.87 -23.71
CA VAL C 117 -45.54 -27.96 -24.84
C VAL C 117 -44.13 -27.51 -25.24
N ASN C 118 -43.29 -27.17 -24.25
CA ASN C 118 -41.90 -26.83 -24.51
C ASN C 118 -41.09 -28.00 -25.11
N CYS C 119 -41.57 -29.23 -24.96
CA CYS C 119 -40.95 -30.43 -25.56
C CYS C 119 -41.54 -30.88 -26.90
N HIS C 120 -42.39 -30.05 -27.51
CA HIS C 120 -43.08 -30.36 -28.78
C HIS C 120 -43.77 -31.72 -28.73
N VAL C 121 -44.48 -31.96 -27.62
CA VAL C 121 -45.35 -33.13 -27.48
C VAL C 121 -46.81 -32.70 -27.50
N ILE C 122 -47.11 -31.51 -26.97
CA ILE C 122 -48.44 -30.94 -26.97
C ILE C 122 -48.43 -29.60 -27.73
N ALA C 123 -49.46 -29.41 -28.55
CA ALA C 123 -49.62 -28.21 -29.34
C ALA C 123 -50.04 -27.06 -28.44
N ALA C 124 -49.33 -25.94 -28.53
CA ALA C 124 -49.64 -24.75 -27.71
C ALA C 124 -51.11 -24.30 -27.71
N PRO C 125 -51.80 -24.35 -28.87
CA PRO C 125 -53.25 -24.06 -28.89
C PRO C 125 -54.09 -24.87 -27.90
N SER C 126 -53.89 -26.19 -27.85
CA SER C 126 -54.58 -27.09 -26.89
C SER C 126 -54.45 -26.64 -25.44
N MET C 127 -53.23 -26.28 -25.05
CA MET C 127 -52.92 -25.88 -23.68
C MET C 127 -53.58 -24.55 -23.34
N VAL C 128 -53.63 -23.62 -24.30
CA VAL C 128 -54.33 -22.34 -24.11
C VAL C 128 -55.84 -22.57 -24.03
N ALA C 129 -56.37 -23.52 -24.81
CA ALA C 129 -57.79 -23.92 -24.74
C ALA C 129 -58.17 -24.49 -23.39
N MET C 130 -57.30 -25.36 -22.85
CA MET C 130 -57.49 -25.92 -21.52
C MET C 130 -57.50 -24.80 -20.48
N PHE C 131 -56.55 -23.88 -20.55
CA PHE C 131 -56.50 -22.78 -19.59
C PHE C 131 -57.66 -21.78 -19.74
N GLU C 132 -58.20 -21.63 -20.95
CA GLU C 132 -59.45 -20.87 -21.13
C GLU C 132 -60.57 -21.48 -20.31
N ASN C 133 -60.72 -22.82 -20.38
CA ASN C 133 -61.72 -23.55 -19.59
C ASN C 133 -61.47 -23.52 -18.08
N PHE C 134 -60.20 -23.49 -17.67
CA PHE C 134 -59.84 -23.40 -16.26
C PHE C 134 -60.30 -22.06 -15.71
N VAL C 135 -59.86 -20.98 -16.34
CA VAL C 135 -60.19 -19.63 -15.86
C VAL C 135 -61.67 -19.31 -15.98
N SER C 136 -62.36 -19.97 -16.91
CA SER C 136 -63.82 -19.83 -17.02
C SER C 136 -64.59 -20.39 -15.81
N VAL C 137 -63.93 -21.19 -14.97
CA VAL C 137 -64.52 -21.59 -13.70
C VAL C 137 -64.73 -20.37 -12.79
N THR C 138 -63.98 -19.28 -12.99
CA THR C 138 -64.22 -18.04 -12.24
C THR C 138 -65.60 -17.41 -12.50
N GLN C 139 -66.21 -17.70 -13.67
CA GLN C 139 -67.56 -17.20 -14.01
C GLN C 139 -68.71 -18.17 -13.67
N GLU C 140 -68.42 -19.40 -13.23
CA GLU C 140 -69.45 -20.26 -12.63
C GLU C 140 -70.14 -19.53 -11.47
N GLU C 141 -71.47 -19.66 -11.36
CA GLU C 141 -72.25 -18.99 -10.32
C GLU C 141 -72.61 -19.93 -9.18
N ASP C 142 -72.69 -19.37 -7.97
CA ASP C 142 -73.02 -20.12 -6.74
C ASP C 142 -72.16 -21.37 -6.56
N VAL C 143 -70.83 -21.13 -6.56
CA VAL C 143 -69.82 -22.14 -6.22
C VAL C 143 -68.79 -21.51 -5.25
N PRO C 144 -68.08 -22.34 -4.48
CA PRO C 144 -67.11 -21.78 -3.52
C PRO C 144 -65.91 -21.03 -4.14
N GLN C 145 -65.44 -19.99 -3.46
CA GLN C 145 -64.18 -19.31 -3.80
C GLN C 145 -63.01 -20.30 -3.93
N VAL C 146 -62.94 -21.27 -3.02
CA VAL C 146 -61.87 -22.28 -3.04
C VAL C 146 -61.86 -23.19 -4.27
N ARG C 147 -62.99 -23.33 -4.95
CA ARG C 147 -63.04 -24.03 -6.25
C ARG C 147 -62.45 -23.15 -7.32
N ARG C 148 -62.91 -21.92 -7.38
CA ARG C 148 -62.43 -20.95 -8.35
C ARG C 148 -60.93 -20.75 -8.19
N ASP C 149 -60.51 -20.53 -6.94
CA ASP C 149 -59.09 -20.39 -6.58
C ASP C 149 -58.21 -21.47 -7.18
N TRP C 150 -58.60 -22.74 -7.03
CA TRP C 150 -57.74 -23.84 -7.44
C TRP C 150 -57.47 -23.83 -8.94
N TYR C 151 -58.52 -23.62 -9.73
CA TYR C 151 -58.39 -23.58 -11.19
C TYR C 151 -57.49 -22.43 -11.65
N VAL C 152 -57.61 -21.28 -10.98
CA VAL C 152 -56.70 -20.16 -11.22
C VAL C 152 -55.25 -20.50 -10.85
N TYR C 153 -55.06 -21.14 -9.70
CA TYR C 153 -53.71 -21.51 -9.21
C TYR C 153 -53.07 -22.54 -10.14
N ALA C 154 -53.84 -23.52 -10.61
CA ALA C 154 -53.32 -24.52 -11.54
C ALA C 154 -52.79 -23.86 -12.82
N PHE C 155 -53.49 -22.80 -13.25
CA PHE C 155 -53.09 -22.01 -14.41
C PHE C 155 -51.84 -21.19 -14.08
N LEU C 156 -51.95 -20.27 -13.13
CA LEU C 156 -50.83 -19.37 -12.82
C LEU C 156 -49.54 -20.09 -12.44
N SER C 157 -49.64 -21.16 -11.65
CA SER C 157 -48.47 -21.92 -11.21
C SER C 157 -47.81 -22.75 -12.33
N SER C 158 -48.51 -22.95 -13.44
CA SER C 158 -47.92 -23.58 -14.63
C SER C 158 -47.09 -22.63 -15.47
N LEU C 159 -47.30 -21.32 -15.33
CA LEU C 159 -46.69 -20.35 -16.22
C LEU C 159 -45.16 -20.18 -16.11
N PRO C 160 -44.56 -20.42 -14.93
CA PRO C 160 -43.10 -20.35 -14.95
C PRO C 160 -42.45 -21.37 -15.92
N TRP C 161 -43.15 -22.45 -16.24
CA TRP C 161 -42.63 -23.44 -17.18
C TRP C 161 -43.02 -23.15 -18.63
N VAL C 162 -44.31 -22.90 -18.86
CA VAL C 162 -44.87 -22.82 -20.23
C VAL C 162 -45.28 -21.41 -20.64
N GLY C 163 -45.15 -20.44 -19.74
CA GLY C 163 -45.66 -19.09 -19.96
C GLY C 163 -45.10 -18.35 -21.15
N LYS C 164 -43.82 -18.56 -21.42
CA LYS C 164 -43.17 -17.92 -22.57
C LYS C 164 -43.72 -18.50 -23.88
N GLU C 165 -43.78 -19.82 -23.97
CA GLU C 165 -44.21 -20.47 -25.21
C GLU C 165 -45.65 -20.14 -25.57
N LEU C 166 -46.54 -20.09 -24.58
CA LEU C 166 -47.96 -19.77 -24.84
C LEU C 166 -48.15 -18.32 -25.25
N TYR C 167 -47.44 -17.41 -24.60
CA TYR C 167 -47.55 -15.99 -24.87
C TYR C 167 -46.87 -15.57 -26.19
N GLU C 168 -46.06 -16.45 -26.79
CA GLU C 168 -45.57 -16.25 -28.14
C GLU C 168 -46.59 -16.72 -29.15
N LYS C 169 -46.99 -17.98 -29.07
CA LYS C 169 -47.91 -18.57 -30.05
C LYS C 169 -49.35 -18.00 -30.07
N LYS C 170 -49.83 -17.47 -28.94
CA LYS C 170 -51.25 -17.06 -28.82
C LYS C 170 -51.42 -15.83 -27.93
N ASP C 171 -50.61 -14.80 -28.14
CA ASP C 171 -50.57 -13.64 -27.22
C ASP C 171 -51.90 -12.90 -27.02
N ALA C 172 -52.77 -12.93 -28.03
CA ALA C 172 -54.10 -12.31 -27.93
C ALA C 172 -54.99 -13.06 -26.94
N GLU C 173 -55.01 -14.39 -27.10
CA GLU C 173 -55.84 -15.27 -26.28
C GLU C 173 -55.40 -15.27 -24.80
N MET C 174 -54.10 -15.14 -24.57
CA MET C 174 -53.54 -15.10 -23.22
C MET C 174 -53.82 -13.78 -22.51
N ASP C 175 -53.78 -12.67 -23.25
CA ASP C 175 -54.18 -11.38 -22.68
C ASP C 175 -55.63 -11.39 -22.18
N ARG C 176 -56.46 -12.17 -22.83
CA ARG C 176 -57.85 -12.32 -22.45
C ARG C 176 -57.91 -13.08 -21.15
N ILE C 177 -57.28 -14.25 -21.13
CA ILE C 177 -57.23 -15.10 -19.94
C ILE C 177 -56.70 -14.29 -18.77
N PHE C 178 -55.58 -13.62 -18.97
CA PHE C 178 -55.02 -12.74 -17.95
C PHE C 178 -55.97 -11.65 -17.45
N ALA C 179 -56.77 -11.10 -18.36
CA ALA C 179 -57.75 -10.08 -17.99
C ALA C 179 -58.79 -10.63 -17.02
N ASN C 180 -59.38 -11.77 -17.39
CA ASN C 180 -60.38 -12.45 -16.56
C ASN C 180 -59.82 -12.93 -15.22
N THR C 181 -58.59 -13.44 -15.26
CA THR C 181 -57.86 -13.82 -14.05
C THR C 181 -57.68 -12.62 -13.12
N GLU C 182 -57.24 -11.48 -13.66
CA GLU C 182 -56.99 -10.28 -12.85
C GLU C 182 -58.25 -9.74 -12.19
N SER C 183 -59.35 -9.71 -12.95
CA SER C 183 -60.61 -9.19 -12.41
C SER C 183 -61.21 -10.17 -11.39
N TYR C 184 -60.93 -11.46 -11.54
CA TYR C 184 -61.31 -12.43 -10.50
C TYR C 184 -60.54 -12.21 -9.20
N LEU C 185 -59.22 -12.09 -9.30
CA LEU C 185 -58.38 -11.87 -8.12
C LEU C 185 -58.73 -10.56 -7.38
N LYS C 186 -59.16 -9.54 -8.12
CA LYS C 186 -59.56 -8.26 -7.54
C LYS C 186 -60.81 -8.38 -6.66
N ARG C 187 -61.76 -9.21 -7.06
CA ARG C 187 -63.01 -9.39 -6.30
C ARG C 187 -63.02 -10.58 -5.31
N ARG C 188 -61.85 -11.16 -5.03
CA ARG C 188 -61.74 -12.27 -4.07
C ARG C 188 -61.84 -11.78 -2.63
N GLN C 189 -62.54 -12.55 -1.79
CA GLN C 189 -62.64 -12.28 -0.36
C GLN C 189 -61.35 -12.72 0.32
N LYS C 190 -60.80 -11.85 1.19
CA LYS C 190 -59.55 -12.14 1.93
C LYS C 190 -59.76 -12.36 3.43
N THR C 191 -60.92 -12.91 3.81
CA THR C 191 -61.33 -12.98 5.23
C THR C 191 -60.46 -13.94 6.04
N HIS C 192 -60.02 -14.99 5.37
CA HIS C 192 -59.20 -16.06 5.95
C HIS C 192 -57.78 -15.66 6.37
N VAL C 193 -57.24 -14.58 5.81
CA VAL C 193 -55.81 -14.29 5.94
C VAL C 193 -55.30 -14.19 7.38
N PRO C 194 -55.96 -13.40 8.25
CA PRO C 194 -55.45 -13.29 9.62
C PRO C 194 -55.47 -14.61 10.42
N MET C 195 -56.25 -15.58 10.00
CA MET C 195 -56.26 -16.88 10.63
C MET C 195 -55.11 -17.78 10.24
N LEU C 196 -54.49 -17.49 9.10
CA LEU C 196 -53.44 -18.33 8.52
C LEU C 196 -52.03 -17.72 8.55
N GLN C 197 -51.92 -16.45 8.91
CA GLN C 197 -50.60 -15.81 9.01
C GLN C 197 -49.86 -16.30 10.23
N VAL C 198 -48.58 -16.60 10.06
CA VAL C 198 -47.72 -16.94 11.17
C VAL C 198 -47.42 -15.69 12.00
N TRP C 199 -47.29 -14.53 11.35
CA TRP C 199 -47.08 -13.24 12.02
C TRP C 199 -48.11 -12.22 11.50
N THR C 200 -48.73 -11.46 12.42
CA THR C 200 -49.66 -10.39 12.02
C THR C 200 -48.90 -9.14 11.54
N ALA C 201 -47.70 -8.91 12.09
CA ALA C 201 -46.85 -7.79 11.67
C ALA C 201 -46.44 -7.92 10.20
N ASP C 202 -46.49 -6.81 9.46
CA ASP C 202 -46.11 -6.82 8.04
C ASP C 202 -44.69 -6.30 7.80
N LYS C 203 -43.91 -6.24 8.88
CA LYS C 203 -42.50 -5.88 8.85
C LYS C 203 -41.76 -6.86 9.78
N PRO C 204 -40.63 -7.45 9.39
CA PRO C 204 -39.87 -7.16 8.17
C PRO C 204 -40.35 -7.83 6.87
N HIS C 205 -41.22 -8.82 6.95
CA HIS C 205 -41.76 -9.48 5.77
C HIS C 205 -43.25 -9.68 5.95
N PRO C 206 -44.07 -9.15 5.04
CA PRO C 206 -45.47 -9.51 5.14
C PRO C 206 -45.72 -10.99 4.78
N GLN C 207 -46.65 -11.60 5.51
CA GLN C 207 -47.11 -12.94 5.20
C GLN C 207 -48.29 -12.80 4.21
N GLU C 208 -47.98 -12.93 2.93
CA GLU C 208 -48.95 -12.67 1.86
C GLU C 208 -49.90 -13.82 1.59
N GLU C 209 -51.06 -13.49 1.07
CA GLU C 209 -52.05 -14.48 0.64
C GLU C 209 -51.51 -15.17 -0.64
N TYR C 210 -51.67 -16.48 -0.75
CA TYR C 210 -50.95 -17.24 -1.77
C TYR C 210 -51.22 -16.83 -3.22
N LEU C 211 -52.46 -16.46 -3.55
CA LEU C 211 -52.78 -16.05 -4.92
C LEU C 211 -52.36 -14.62 -5.22
N ASP C 212 -52.40 -13.74 -4.23
CA ASP C 212 -51.85 -12.39 -4.41
C ASP C 212 -50.36 -12.44 -4.72
N CYS C 213 -49.66 -13.30 -4.01
CA CYS C 213 -48.23 -13.46 -4.15
C CYS C 213 -47.89 -14.06 -5.51
N LEU C 214 -48.57 -15.15 -5.89
CA LEU C 214 -48.30 -15.81 -7.16
C LEU C 214 -48.57 -14.87 -8.31
N TRP C 215 -49.65 -14.09 -8.21
CA TRP C 215 -49.98 -13.11 -9.22
C TRP C 215 -48.82 -12.13 -9.41
N ALA C 216 -48.38 -11.51 -8.32
CA ALA C 216 -47.26 -10.57 -8.37
C ALA C 216 -46.00 -11.19 -8.99
N GLN C 217 -45.75 -12.47 -8.69
CA GLN C 217 -44.62 -13.21 -9.25
C GLN C 217 -44.75 -13.37 -10.75
N ILE C 218 -45.93 -13.81 -11.19
CA ILE C 218 -46.20 -13.96 -12.61
C ILE C 218 -46.18 -12.61 -13.33
N GLN C 219 -46.62 -11.54 -12.67
CA GLN C 219 -46.53 -10.19 -13.26
C GLN C 219 -45.08 -9.79 -13.52
N LYS C 220 -44.20 -10.00 -12.53
CA LYS C 220 -42.78 -9.70 -12.70
C LYS C 220 -42.18 -10.60 -13.78
N LEU C 221 -42.56 -11.87 -13.81
CA LEU C 221 -42.06 -12.77 -14.84
C LEU C 221 -42.43 -12.24 -16.22
N LYS C 222 -43.69 -11.82 -16.38
CA LYS C 222 -44.19 -11.29 -17.65
C LYS C 222 -43.45 -10.01 -18.05
N LYS C 223 -43.29 -9.10 -17.10
CA LYS C 223 -42.50 -7.89 -17.30
C LYS C 223 -41.08 -8.17 -17.79
N ASP C 224 -40.49 -9.31 -17.41
CA ASP C 224 -39.16 -9.73 -17.89
C ASP C 224 -39.22 -10.69 -19.11
N ARG C 225 -40.19 -10.47 -20.01
CA ARG C 225 -40.34 -11.26 -21.25
C ARG C 225 -40.34 -12.78 -21.02
N TRP C 226 -40.91 -13.21 -19.89
CA TRP C 226 -40.99 -14.63 -19.53
C TRP C 226 -39.63 -15.34 -19.42
N GLN C 227 -38.65 -14.64 -18.88
CA GLN C 227 -37.29 -15.16 -18.69
C GLN C 227 -37.08 -15.36 -17.20
N GLU C 228 -36.69 -16.55 -16.79
CA GLU C 228 -36.38 -16.85 -15.39
C GLU C 228 -35.05 -17.61 -15.28
N ARG C 229 -34.38 -17.43 -14.14
CA ARG C 229 -33.00 -17.85 -13.95
C ARG C 229 -32.82 -19.15 -13.14
N HIS C 230 -33.85 -20.00 -13.05
CA HIS C 230 -33.76 -21.21 -12.19
C HIS C 230 -34.12 -22.56 -12.79
N ILE C 231 -35.20 -22.63 -13.55
CA ILE C 231 -35.68 -23.93 -14.05
C ILE C 231 -34.69 -24.54 -15.02
N LEU C 232 -34.25 -25.76 -14.70
CA LEU C 232 -33.46 -26.58 -15.61
C LEU C 232 -34.35 -26.98 -16.76
N ARG C 233 -33.86 -26.80 -17.99
CA ARG C 233 -34.62 -27.14 -19.20
C ARG C 233 -33.77 -28.00 -20.12
N PRO C 234 -33.67 -29.31 -19.82
CA PRO C 234 -32.86 -30.23 -20.63
C PRO C 234 -33.26 -30.29 -22.11
N TYR C 235 -34.56 -30.16 -22.37
CA TYR C 235 -35.08 -30.15 -23.74
C TYR C 235 -34.46 -29.09 -24.69
N LEU C 236 -33.93 -27.98 -24.15
CA LEU C 236 -33.28 -26.96 -24.98
C LEU C 236 -32.04 -27.46 -25.74
N ALA C 237 -31.37 -28.48 -25.19
CA ALA C 237 -30.24 -29.09 -25.85
C ALA C 237 -30.64 -30.23 -26.82
N PHE C 238 -31.93 -30.43 -27.06
CA PHE C 238 -32.40 -31.39 -28.08
C PHE C 238 -33.31 -30.65 -29.04
N ASP C 239 -32.91 -29.44 -29.41
CA ASP C 239 -33.72 -28.59 -30.28
C ASP C 239 -33.92 -29.22 -31.68
N SER C 240 -32.83 -29.78 -32.23
CA SER C 240 -32.87 -30.53 -33.51
C SER C 240 -33.93 -31.62 -33.53
N ILE C 241 -33.86 -32.51 -32.55
CA ILE C 241 -34.65 -33.74 -32.53
C ILE C 241 -36.10 -33.46 -32.21
N LEU C 242 -36.35 -32.53 -31.28
CA LEU C 242 -37.72 -32.24 -30.83
C LEU C 242 -38.56 -31.44 -31.84
N CYS C 243 -37.92 -30.66 -32.70
CA CYS C 243 -38.66 -29.90 -33.74
C CYS C 243 -39.24 -30.77 -34.86
N GLU C 244 -38.52 -31.82 -35.26
CA GLU C 244 -39.03 -32.79 -36.25
C GLU C 244 -40.11 -33.74 -35.70
N ALA C 245 -40.27 -33.77 -34.37
CA ALA C 245 -41.32 -34.57 -33.74
C ALA C 245 -42.67 -33.90 -33.93
N LEU C 246 -43.68 -34.73 -34.17
CA LEU C 246 -45.03 -34.24 -34.40
C LEU C 246 -45.73 -34.09 -33.05
N GLN C 247 -46.62 -33.09 -32.98
CA GLN C 247 -47.30 -32.71 -31.74
C GLN C 247 -48.65 -33.43 -31.60
N HIS C 248 -49.21 -33.40 -30.40
CA HIS C 248 -50.53 -33.99 -30.12
C HIS C 248 -51.47 -32.90 -29.61
N ASN C 249 -52.76 -33.13 -29.82
CA ASN C 249 -53.81 -32.20 -29.37
C ASN C 249 -54.52 -32.83 -28.18
N LEU C 250 -54.76 -32.02 -27.16
CA LEU C 250 -55.53 -32.46 -26.01
C LEU C 250 -57.02 -32.37 -26.38
N PRO C 251 -57.85 -33.31 -25.90
CA PRO C 251 -59.30 -33.06 -26.04
C PRO C 251 -59.73 -31.76 -25.35
N PRO C 252 -60.90 -31.20 -25.71
CA PRO C 252 -61.43 -30.10 -24.91
C PRO C 252 -61.67 -30.56 -23.47
N PHE C 253 -61.43 -29.68 -22.52
CA PHE C 253 -61.56 -30.02 -21.11
C PHE C 253 -62.80 -29.37 -20.49
N THR C 254 -63.63 -30.20 -19.88
CA THR C 254 -64.77 -29.75 -19.08
C THR C 254 -64.43 -30.01 -17.62
N PRO C 255 -64.21 -28.95 -16.82
CA PRO C 255 -63.99 -29.19 -15.39
C PRO C 255 -65.14 -29.96 -14.74
N PRO C 256 -64.84 -31.06 -14.01
CA PRO C 256 -65.90 -31.79 -13.30
C PRO C 256 -66.73 -30.82 -12.47
N PRO C 257 -68.06 -30.82 -12.62
CA PRO C 257 -68.81 -29.71 -12.06
C PRO C 257 -68.96 -29.84 -10.53
N HIS C 258 -69.16 -28.70 -9.87
CA HIS C 258 -69.28 -28.65 -8.42
C HIS C 258 -70.46 -29.47 -7.88
N THR C 259 -70.17 -30.47 -7.06
CA THR C 259 -71.21 -31.23 -6.34
C THR C 259 -71.11 -30.84 -4.86
N GLU C 260 -71.94 -31.45 -4.01
CA GLU C 260 -71.79 -31.30 -2.56
C GLU C 260 -70.81 -32.30 -1.96
N ASP C 261 -70.42 -33.31 -2.75
CA ASP C 261 -69.27 -34.19 -2.41
C ASP C 261 -67.90 -33.61 -2.81
N SER C 262 -67.87 -32.44 -3.45
CA SER C 262 -66.59 -31.81 -3.83
C SER C 262 -65.89 -31.23 -2.61
N VAL C 263 -64.57 -31.41 -2.56
CA VAL C 263 -63.73 -30.92 -1.46
C VAL C 263 -62.48 -30.25 -2.06
N TYR C 264 -62.31 -28.97 -1.79
CA TYR C 264 -61.22 -28.19 -2.38
C TYR C 264 -60.13 -27.87 -1.34
N PRO C 265 -58.88 -27.63 -1.80
CA PRO C 265 -57.82 -27.18 -0.91
C PRO C 265 -58.15 -25.88 -0.20
N MET C 266 -57.76 -25.79 1.07
CA MET C 266 -57.87 -24.54 1.82
C MET C 266 -56.93 -23.51 1.27
N PRO C 267 -57.28 -22.23 1.36
CA PRO C 267 -56.31 -21.23 0.97
C PRO C 267 -55.08 -21.26 1.88
N ARG C 268 -54.02 -20.61 1.45
CA ARG C 268 -52.73 -20.63 2.12
C ARG C 268 -52.16 -19.23 2.21
N VAL C 269 -51.20 -19.07 3.10
CA VAL C 269 -50.48 -17.82 3.27
C VAL C 269 -48.99 -18.13 3.23
N ILE C 270 -48.24 -17.39 2.45
CA ILE C 270 -46.84 -17.74 2.17
C ILE C 270 -45.95 -17.36 3.32
N PHE C 271 -45.30 -18.38 3.90
CA PHE C 271 -44.31 -18.19 4.97
C PHE C 271 -43.10 -17.45 4.41
N ARG C 272 -42.60 -16.50 5.18
CA ARG C 272 -41.47 -15.70 4.74
C ARG C 272 -40.71 -15.14 5.94
N MET C 273 -39.45 -15.56 6.07
CA MET C 273 -38.56 -14.98 7.10
C MET C 273 -37.22 -14.42 6.57
N PHE C 274 -36.75 -14.87 5.41
CA PHE C 274 -35.46 -14.43 4.85
C PHE C 274 -35.56 -13.48 3.65
N ASP C 275 -34.56 -12.61 3.53
CA ASP C 275 -34.20 -12.03 2.23
C ASP C 275 -32.68 -12.07 2.05
N TYR C 276 -32.19 -11.53 0.93
CA TYR C 276 -30.74 -11.53 0.62
C TYR C 276 -29.86 -10.91 1.72
N THR C 277 -30.39 -9.97 2.51
CA THR C 277 -29.61 -9.33 3.57
C THR C 277 -29.25 -10.28 4.72
N ASP C 278 -29.95 -11.41 4.83
CA ASP C 278 -29.66 -12.41 5.84
C ASP C 278 -28.47 -13.33 5.46
N ASP C 279 -28.02 -13.27 4.20
CA ASP C 279 -26.83 -14.02 3.70
C ASP C 279 -26.04 -13.13 2.72
N PRO C 280 -25.22 -12.19 3.25
CA PRO C 280 -24.54 -11.27 2.35
C PRO C 280 -23.35 -11.91 1.59
N GLU C 281 -22.61 -12.81 2.24
CA GLU C 281 -21.50 -13.53 1.58
C GLU C 281 -21.96 -14.38 0.42
N GLY C 282 -22.99 -15.20 0.64
CA GLY C 282 -23.42 -16.19 -0.35
C GLY C 282 -24.12 -15.63 -1.57
N PRO C 283 -24.56 -16.52 -2.49
CA PRO C 283 -25.26 -16.11 -3.72
C PRO C 283 -26.52 -15.33 -3.40
N VAL C 284 -26.89 -14.37 -4.26
CA VAL C 284 -28.01 -13.49 -3.94
C VAL C 284 -29.34 -14.28 -4.00
N MET C 285 -30.06 -14.23 -2.89
CA MET C 285 -31.32 -14.93 -2.74
C MET C 285 -32.40 -14.30 -3.64
N PRO C 286 -33.11 -15.12 -4.45
CA PRO C 286 -34.24 -14.61 -5.20
C PRO C 286 -35.30 -13.98 -4.31
N GLY C 287 -35.86 -12.85 -4.72
CA GLY C 287 -36.80 -12.10 -3.86
C GLY C 287 -38.18 -12.75 -3.76
N SER C 288 -38.97 -12.25 -2.80
CA SER C 288 -40.30 -12.79 -2.52
C SER C 288 -41.18 -12.83 -3.74
N HIS C 289 -41.06 -11.80 -4.57
CA HIS C 289 -41.93 -11.61 -5.73
C HIS C 289 -41.33 -12.12 -7.03
N SER C 290 -40.30 -12.97 -6.95
CA SER C 290 -39.73 -13.61 -8.12
C SER C 290 -40.24 -15.04 -8.26
N VAL C 291 -40.56 -15.49 -9.48
CA VAL C 291 -40.95 -16.90 -9.69
C VAL C 291 -39.86 -17.90 -9.27
N GLU C 292 -38.62 -17.45 -9.26
CA GLU C 292 -37.51 -18.30 -8.83
C GLU C 292 -37.74 -18.74 -7.39
N ARG C 293 -38.17 -17.83 -6.52
CA ARG C 293 -38.45 -18.15 -5.11
C ARG C 293 -39.60 -19.14 -5.01
N PHE C 294 -40.69 -18.89 -5.75
CA PHE C 294 -41.80 -19.84 -5.84
C PHE C 294 -41.35 -21.23 -6.25
N VAL C 295 -40.57 -21.32 -7.32
CA VAL C 295 -40.20 -22.62 -7.88
C VAL C 295 -39.26 -23.40 -6.96
N ILE C 296 -38.28 -22.70 -6.36
CA ILE C 296 -37.36 -23.31 -5.40
C ILE C 296 -38.12 -23.94 -4.26
N GLU C 297 -38.99 -23.14 -3.64
CA GLU C 297 -39.74 -23.60 -2.47
C GLU C 297 -40.76 -24.69 -2.81
N GLU C 298 -41.40 -24.58 -3.97
CA GLU C 298 -42.32 -25.62 -4.42
C GLU C 298 -41.59 -26.95 -4.59
N ASN C 299 -40.41 -26.93 -5.23
CA ASN C 299 -39.64 -28.16 -5.41
C ASN C 299 -39.14 -28.71 -4.06
N LEU C 300 -38.57 -27.86 -3.21
CA LEU C 300 -38.10 -28.30 -1.89
C LEU C 300 -39.22 -28.93 -1.03
N HIS C 301 -40.39 -28.29 -1.00
CA HIS C 301 -41.59 -28.88 -0.36
C HIS C 301 -41.92 -30.25 -0.96
N CYS C 302 -41.87 -30.35 -2.29
CA CYS C 302 -42.17 -31.60 -2.99
C CYS C 302 -41.17 -32.72 -2.70
N ILE C 303 -39.91 -32.35 -2.49
CA ILE C 303 -38.87 -33.30 -2.11
C ILE C 303 -39.19 -33.89 -0.75
N ILE C 304 -39.56 -33.03 0.19
CA ILE C 304 -39.97 -33.50 1.52
C ILE C 304 -41.18 -34.42 1.42
N LYS C 305 -42.14 -34.08 0.56
CA LYS C 305 -43.33 -34.91 0.35
C LYS C 305 -42.95 -36.30 -0.14
N SER C 306 -41.95 -36.37 -1.00
CA SER C 306 -41.55 -37.64 -1.60
C SER C 306 -40.80 -38.53 -0.61
N HIS C 307 -39.92 -37.94 0.21
CA HIS C 307 -39.01 -38.69 1.07
C HIS C 307 -39.19 -38.50 2.59
N TRP C 308 -40.37 -38.11 3.05
CA TRP C 308 -40.57 -37.78 4.48
C TRP C 308 -40.26 -38.93 5.45
N LYS C 309 -40.49 -40.16 5.03
CA LYS C 309 -40.31 -41.35 5.87
C LYS C 309 -38.83 -41.74 6.11
N GLU C 310 -37.97 -41.31 5.17
CA GLU C 310 -36.55 -41.64 5.16
C GLU C 310 -35.70 -40.39 5.48
N ARG C 311 -35.50 -40.11 6.77
CA ARG C 311 -34.87 -38.84 7.17
C ARG C 311 -33.46 -38.57 6.59
N LYS C 312 -32.64 -39.61 6.43
CA LYS C 312 -31.30 -39.44 5.83
C LYS C 312 -31.40 -39.17 4.33
N THR C 313 -32.22 -39.95 3.63
CA THR C 313 -32.50 -39.73 2.21
C THR C 313 -33.05 -38.33 1.95
N CYS C 314 -34.01 -37.93 2.77
CA CYS C 314 -34.68 -36.65 2.62
C CYS C 314 -33.67 -35.51 2.71
N ALA C 315 -32.83 -35.56 3.75
CA ALA C 315 -31.80 -34.54 3.94
C ALA C 315 -30.84 -34.49 2.75
N ALA C 316 -30.42 -35.67 2.27
CA ALA C 316 -29.55 -35.77 1.10
C ALA C 316 -30.15 -35.08 -0.12
N GLN C 317 -31.38 -35.47 -0.45
CA GLN C 317 -32.08 -34.95 -1.63
C GLN C 317 -32.25 -33.44 -1.60
N LEU C 318 -32.48 -32.88 -0.42
CA LEU C 318 -32.58 -31.43 -0.26
C LEU C 318 -31.24 -30.76 -0.53
N VAL C 319 -30.18 -31.28 0.08
CA VAL C 319 -28.83 -30.70 -0.05
C VAL C 319 -28.33 -30.77 -1.51
N SER C 320 -28.68 -31.83 -2.23
CA SER C 320 -28.28 -31.99 -3.62
C SER C 320 -29.32 -31.47 -4.62
N TYR C 321 -30.10 -30.46 -4.23
CA TYR C 321 -31.15 -29.90 -5.11
C TYR C 321 -30.44 -29.06 -6.20
N PRO C 322 -30.67 -29.39 -7.49
CA PRO C 322 -30.04 -28.65 -8.58
C PRO C 322 -30.86 -27.48 -9.08
N GLY C 323 -30.16 -26.45 -9.59
CA GLY C 323 -30.80 -25.34 -10.30
C GLY C 323 -29.94 -24.84 -11.43
N LYS C 324 -30.53 -24.08 -12.35
CA LYS C 324 -29.77 -23.45 -13.45
C LYS C 324 -28.68 -22.53 -12.89
N ASN C 325 -28.97 -21.81 -11.81
CA ASN C 325 -28.02 -20.89 -11.18
C ASN C 325 -27.82 -21.13 -9.69
N LYS C 326 -26.72 -20.61 -9.18
CA LYS C 326 -26.35 -20.73 -7.77
C LYS C 326 -27.34 -19.97 -6.88
N ILE C 327 -27.80 -20.65 -5.83
CA ILE C 327 -28.75 -20.08 -4.85
C ILE C 327 -28.27 -20.39 -3.45
N PRO C 328 -28.68 -19.61 -2.44
CA PRO C 328 -28.29 -19.90 -1.05
C PRO C 328 -29.16 -21.02 -0.46
N LEU C 329 -28.86 -22.25 -0.87
CA LEU C 329 -29.70 -23.42 -0.64
C LEU C 329 -29.97 -23.71 0.82
N ASN C 330 -28.97 -23.58 1.67
CA ASN C 330 -29.14 -23.84 3.11
C ASN C 330 -30.21 -22.92 3.74
N TYR C 331 -30.32 -21.70 3.24
CA TYR C 331 -31.36 -20.78 3.71
C TYR C 331 -32.74 -21.19 3.22
N HIS C 332 -32.83 -21.55 1.95
CA HIS C 332 -34.08 -22.07 1.40
C HIS C 332 -34.55 -23.34 2.12
N ILE C 333 -33.63 -24.25 2.42
CA ILE C 333 -34.00 -25.48 3.10
C ILE C 333 -34.56 -25.20 4.49
N VAL C 334 -33.86 -24.36 5.25
CA VAL C 334 -34.30 -24.00 6.60
C VAL C 334 -35.63 -23.25 6.55
N GLU C 335 -35.78 -22.33 5.60
CA GLU C 335 -37.02 -21.55 5.49
C GLU C 335 -38.21 -22.45 5.13
N VAL C 336 -38.01 -23.37 4.19
CA VAL C 336 -39.05 -24.32 3.79
C VAL C 336 -39.45 -25.22 4.94
N ILE C 337 -38.49 -25.64 5.76
CA ILE C 337 -38.80 -26.52 6.88
C ILE C 337 -39.71 -25.81 7.89
N PHE C 338 -39.34 -24.62 8.31
CA PHE C 338 -40.19 -23.83 9.23
C PHE C 338 -41.52 -23.44 8.61
N ALA C 339 -41.55 -23.21 7.30
CA ALA C 339 -42.80 -22.97 6.58
C ALA C 339 -43.78 -24.12 6.77
N GLU C 340 -43.28 -25.35 6.66
CA GLU C 340 -44.09 -26.53 6.89
C GLU C 340 -44.47 -26.64 8.37
N LEU C 341 -43.51 -26.43 9.26
CA LEU C 341 -43.77 -26.63 10.68
C LEU C 341 -44.80 -25.64 11.19
N PHE C 342 -44.73 -24.40 10.72
CA PHE C 342 -45.64 -23.35 11.18
C PHE C 342 -46.87 -23.16 10.30
N GLN C 343 -47.08 -24.04 9.32
CA GLN C 343 -48.26 -23.94 8.45
C GLN C 343 -49.57 -24.05 9.23
N LEU C 344 -50.51 -23.15 8.92
CA LEU C 344 -51.85 -23.17 9.49
C LEU C 344 -52.86 -23.56 8.40
N PRO C 345 -53.78 -24.47 8.70
CA PRO C 345 -54.05 -25.00 10.04
C PRO C 345 -53.01 -25.99 10.59
N ALA C 346 -52.44 -26.85 9.75
CA ALA C 346 -51.50 -27.85 10.21
C ALA C 346 -50.37 -28.12 9.23
N PRO C 347 -49.24 -28.69 9.72
CA PRO C 347 -48.16 -29.06 8.83
C PRO C 347 -48.54 -30.21 7.92
N PRO C 348 -47.84 -30.36 6.78
CA PRO C 348 -48.06 -31.52 5.92
C PRO C 348 -47.69 -32.85 6.55
N HIS C 349 -46.76 -32.85 7.51
CA HIS C 349 -46.29 -34.09 8.11
C HIS C 349 -46.18 -33.92 9.61
N ILE C 350 -46.07 -35.05 10.31
CA ILE C 350 -45.96 -35.06 11.75
C ILE C 350 -44.84 -34.14 12.26
N ASP C 351 -45.16 -33.30 13.26
CA ASP C 351 -44.30 -32.22 13.71
C ASP C 351 -42.89 -32.70 14.05
N VAL C 352 -42.79 -33.88 14.65
CA VAL C 352 -41.52 -34.41 15.12
C VAL C 352 -40.52 -34.65 14.00
N MET C 353 -41.03 -34.95 12.80
CA MET C 353 -40.17 -35.23 11.65
C MET C 353 -39.23 -34.07 11.34
N TYR C 354 -39.73 -32.86 11.52
CA TYR C 354 -38.96 -31.65 11.18
C TYR C 354 -37.77 -31.46 12.11
N THR C 355 -37.93 -31.87 13.37
CA THR C 355 -36.85 -31.77 14.37
C THR C 355 -35.68 -32.63 13.94
N THR C 356 -36.00 -33.87 13.60
CA THR C 356 -35.05 -34.87 13.20
C THR C 356 -34.46 -34.60 11.83
N LEU C 357 -35.28 -34.11 10.88
CA LEU C 357 -34.75 -33.75 9.55
C LEU C 357 -33.67 -32.67 9.66
N LEU C 358 -33.89 -31.67 10.51
CA LEU C 358 -32.91 -30.60 10.72
C LEU C 358 -31.61 -31.12 11.36
N ILE C 359 -31.71 -32.10 12.26
CA ILE C 359 -30.52 -32.76 12.79
C ILE C 359 -29.74 -33.40 11.64
N GLU C 360 -30.41 -34.20 10.80
CA GLU C 360 -29.75 -34.92 9.71
C GLU C 360 -29.12 -33.99 8.69
N LEU C 361 -29.71 -32.81 8.51
CA LEU C 361 -29.15 -31.76 7.68
C LEU C 361 -27.89 -31.18 8.29
N CYS C 362 -27.91 -30.89 9.59
CA CYS C 362 -26.68 -30.49 10.30
C CYS C 362 -25.55 -31.51 10.15
N LYS C 363 -25.89 -32.80 10.13
CA LYS C 363 -24.89 -33.84 9.94
C LYS C 363 -24.24 -33.81 8.55
N LEU C 364 -25.05 -33.58 7.51
CA LEU C 364 -24.54 -33.48 6.12
C LEU C 364 -23.74 -32.21 5.82
N GLN C 365 -24.12 -31.10 6.47
CA GLN C 365 -23.57 -29.78 6.19
C GLN C 365 -23.09 -29.13 7.49
N PRO C 366 -22.20 -29.81 8.21
CA PRO C 366 -21.82 -29.37 9.55
C PRO C 366 -21.07 -28.06 9.60
N GLY C 367 -20.49 -27.66 8.47
CA GLY C 367 -19.75 -26.41 8.37
C GLY C 367 -20.58 -25.18 8.12
N SER C 368 -21.80 -25.34 7.58
CA SER C 368 -22.65 -24.21 7.18
C SER C 368 -24.05 -24.20 7.82
N LEU C 369 -24.73 -25.35 7.84
CA LEU C 369 -26.16 -25.42 8.18
C LEU C 369 -26.47 -25.03 9.64
N PRO C 370 -25.69 -25.53 10.63
CA PRO C 370 -25.94 -25.16 12.02
C PRO C 370 -25.96 -23.67 12.31
N GLN C 371 -25.16 -22.90 11.57
CA GLN C 371 -25.09 -21.45 11.75
C GLN C 371 -26.32 -20.81 11.17
N VAL C 372 -26.82 -21.34 10.05
CA VAL C 372 -28.07 -20.86 9.44
C VAL C 372 -29.24 -21.14 10.39
N LEU C 373 -29.28 -22.34 10.95
CA LEU C 373 -30.34 -22.73 11.86
C LEU C 373 -30.36 -21.86 13.12
N ALA C 374 -29.18 -21.57 13.66
CA ALA C 374 -29.08 -20.69 14.83
C ALA C 374 -29.45 -19.25 14.49
N GLN C 375 -29.11 -18.82 13.28
CA GLN C 375 -29.50 -17.49 12.79
C GLN C 375 -31.02 -17.42 12.67
N ALA C 376 -31.63 -18.49 12.15
CA ALA C 376 -33.10 -18.57 12.03
C ALA C 376 -33.75 -18.55 13.42
N THR C 377 -33.24 -19.39 14.32
CA THR C 377 -33.72 -19.44 15.69
C THR C 377 -33.69 -18.06 16.37
N GLU C 378 -32.61 -17.32 16.15
CA GLU C 378 -32.48 -15.94 16.64
C GLU C 378 -33.58 -15.06 16.07
N MET C 379 -33.82 -15.16 14.77
CA MET C 379 -34.81 -14.33 14.11
C MET C 379 -36.24 -14.66 14.54
N LEU C 380 -36.52 -15.95 14.75
CA LEU C 380 -37.86 -16.38 15.20
C LEU C 380 -38.19 -15.79 16.58
N TYR C 381 -37.21 -15.90 17.48
CA TYR C 381 -37.29 -15.31 18.80
C TYR C 381 -37.57 -13.80 18.73
N MET C 382 -36.80 -13.07 17.93
CA MET C 382 -36.91 -11.60 17.89
C MET C 382 -38.23 -11.13 17.31
N ARG C 383 -38.83 -11.96 16.46
CA ARG C 383 -40.13 -11.66 15.86
C ARG C 383 -41.32 -12.26 16.60
N LEU C 384 -41.09 -12.78 17.82
CA LEU C 384 -42.15 -13.41 18.63
C LEU C 384 -43.36 -12.54 18.94
N ASP C 385 -43.20 -11.22 18.95
CA ASP C 385 -44.24 -10.33 19.47
C ASP C 385 -45.58 -10.44 18.72
N THR C 386 -45.56 -10.83 17.45
CA THR C 386 -46.79 -11.03 16.67
C THR C 386 -47.00 -12.46 16.15
N MET C 387 -46.20 -13.43 16.61
CA MET C 387 -46.32 -14.82 16.15
C MET C 387 -47.61 -15.41 16.73
N ASN C 388 -48.40 -16.06 15.87
CA ASN C 388 -49.59 -16.79 16.27
C ASN C 388 -49.25 -17.84 17.32
N THR C 389 -50.09 -17.93 18.33
CA THR C 389 -49.90 -18.84 19.45
C THR C 389 -49.73 -20.30 19.03
N THR C 390 -50.53 -20.76 18.08
CA THR C 390 -50.43 -22.13 17.55
C THR C 390 -49.01 -22.41 17.06
N CYS C 391 -48.44 -21.47 16.31
CA CYS C 391 -47.07 -21.58 15.83
C CYS C 391 -46.02 -21.45 16.93
N VAL C 392 -46.28 -20.65 17.94
CA VAL C 392 -45.33 -20.52 19.06
C VAL C 392 -45.21 -21.84 19.82
N ASP C 393 -46.34 -22.52 20.04
CA ASP C 393 -46.32 -23.82 20.69
C ASP C 393 -45.37 -24.75 19.96
N ARG C 394 -45.44 -24.74 18.63
CA ARG C 394 -44.61 -25.59 17.80
C ARG C 394 -43.14 -25.20 17.87
N PHE C 395 -42.89 -23.90 17.82
CA PHE C 395 -41.56 -23.32 18.02
C PHE C 395 -40.96 -23.78 19.36
N ILE C 396 -41.74 -23.68 20.42
CA ILE C 396 -41.35 -24.13 21.77
C ILE C 396 -41.02 -25.63 21.80
N ASN C 397 -41.86 -26.44 21.17
CA ASN C 397 -41.65 -27.89 21.20
C ASN C 397 -40.48 -28.28 20.34
N TRP C 398 -40.26 -27.58 19.23
CA TRP C 398 -39.10 -27.88 18.37
C TRP C 398 -37.81 -27.51 19.08
N PHE C 399 -37.73 -26.25 19.53
CA PHE C 399 -36.50 -25.73 20.11
C PHE C 399 -36.07 -26.53 21.32
N SER C 400 -36.99 -26.81 22.22
CA SER C 400 -36.69 -27.63 23.39
C SER C 400 -36.17 -29.03 22.99
N HIS C 401 -36.85 -29.69 22.06
CA HIS C 401 -36.44 -31.03 21.64
C HIS C 401 -35.08 -31.01 20.93
N HIS C 402 -34.85 -29.96 20.16
CA HIS C 402 -33.58 -29.76 19.46
C HIS C 402 -32.45 -29.59 20.46
N LEU C 403 -32.65 -28.71 21.44
CA LEU C 403 -31.66 -28.51 22.49
C LEU C 403 -31.33 -29.83 23.22
N SER C 404 -32.32 -30.68 23.46
CA SER C 404 -32.05 -31.94 24.14
C SER C 404 -31.16 -32.88 23.31
N ASN C 405 -31.12 -32.69 21.99
CA ASN C 405 -30.19 -33.46 21.15
C ASN C 405 -28.78 -32.85 21.00
N PHE C 406 -28.56 -31.68 21.57
CA PHE C 406 -27.25 -31.02 21.55
C PHE C 406 -26.93 -30.43 22.92
N GLN C 407 -27.05 -31.31 23.93
CA GLN C 407 -26.57 -31.04 25.29
C GLN C 407 -27.11 -29.74 25.94
N PHE C 408 -28.29 -29.30 25.51
CA PHE C 408 -28.88 -28.04 25.96
C PHE C 408 -27.92 -26.85 25.88
N ARG C 409 -27.09 -26.84 24.85
CA ARG C 409 -26.12 -25.78 24.67
C ARG C 409 -26.79 -24.65 23.94
N TRP C 410 -26.85 -23.49 24.58
CA TRP C 410 -27.44 -22.31 23.94
C TRP C 410 -26.99 -21.04 24.66
N SER C 411 -26.66 -20.01 23.88
CA SER C 411 -26.18 -18.73 24.42
C SER C 411 -27.34 -17.87 24.96
N TRP C 412 -27.83 -18.23 26.15
CA TRP C 412 -29.05 -17.62 26.72
C TRP C 412 -28.98 -16.10 26.92
N GLU C 413 -27.79 -15.60 27.22
CA GLU C 413 -27.57 -14.16 27.42
C GLU C 413 -27.85 -13.29 26.19
N ASP C 414 -27.84 -13.89 24.99
CA ASP C 414 -28.31 -13.21 23.76
C ASP C 414 -29.77 -12.76 23.86
N TRP C 415 -30.55 -13.46 24.67
CA TRP C 415 -31.96 -13.15 24.90
C TRP C 415 -32.23 -12.46 26.25
N SER C 416 -31.23 -11.76 26.79
CA SER C 416 -31.38 -11.03 28.07
C SER C 416 -32.45 -9.95 28.06
N ASP C 417 -32.76 -9.41 26.88
CA ASP C 417 -33.86 -8.44 26.72
C ASP C 417 -35.24 -8.87 27.28
N CYS C 418 -35.47 -10.18 27.43
CA CYS C 418 -36.72 -10.67 28.02
C CYS C 418 -36.89 -10.37 29.52
N LEU C 419 -35.77 -10.25 30.24
CA LEU C 419 -35.77 -10.17 31.71
C LEU C 419 -36.39 -8.88 32.24
N SER C 420 -36.14 -7.76 31.57
CA SER C 420 -36.78 -6.49 31.92
C SER C 420 -38.26 -6.37 31.47
N GLN C 421 -38.71 -7.23 30.55
CA GLN C 421 -40.10 -7.17 30.02
C GLN C 421 -41.12 -7.79 30.97
N ASP C 422 -42.39 -7.48 30.72
CA ASP C 422 -43.53 -8.05 31.44
C ASP C 422 -43.47 -9.58 31.29
N PRO C 423 -43.53 -10.34 32.40
CA PRO C 423 -43.45 -11.81 32.33
C PRO C 423 -44.45 -12.48 31.38
N GLU C 424 -45.60 -11.86 31.13
CA GLU C 424 -46.60 -12.40 30.21
C GLU C 424 -46.38 -12.03 28.74
N SER C 425 -45.37 -11.22 28.44
CA SER C 425 -45.02 -10.90 27.05
C SER C 425 -44.45 -12.12 26.32
N PRO C 426 -44.53 -12.13 24.96
CA PRO C 426 -44.17 -13.33 24.21
C PRO C 426 -42.76 -13.90 24.44
N LYS C 427 -41.76 -13.04 24.55
CA LYS C 427 -40.36 -13.48 24.72
C LYS C 427 -40.08 -14.21 26.05
N PRO C 428 -40.35 -13.58 27.21
CA PRO C 428 -40.13 -14.31 28.46
C PRO C 428 -41.04 -15.54 28.65
N LYS C 429 -42.28 -15.42 28.16
CA LYS C 429 -43.22 -16.54 28.16
C LYS C 429 -42.60 -17.68 27.35
N PHE C 430 -42.12 -17.35 26.15
CA PHE C 430 -41.43 -18.32 25.30
C PHE C 430 -40.30 -19.02 26.06
N VAL C 431 -39.46 -18.23 26.73
CA VAL C 431 -38.30 -18.78 27.43
C VAL C 431 -38.77 -19.67 28.60
N ARG C 432 -39.74 -19.19 29.37
CA ARG C 432 -40.32 -19.99 30.47
C ARG C 432 -40.81 -21.35 29.99
N GLU C 433 -41.58 -21.34 28.92
CA GLU C 433 -42.18 -22.57 28.38
C GLU C 433 -41.12 -23.52 27.80
N VAL C 434 -40.10 -22.96 27.13
CA VAL C 434 -39.00 -23.77 26.59
C VAL C 434 -38.26 -24.49 27.71
N LEU C 435 -37.92 -23.74 28.77
CA LEU C 435 -37.19 -24.32 29.88
C LEU C 435 -37.99 -25.40 30.60
N GLU C 436 -39.31 -25.18 30.69
CA GLU C 436 -40.23 -26.17 31.27
C GLU C 436 -40.21 -27.45 30.42
N LYS C 437 -40.26 -27.28 29.11
CA LYS C 437 -40.23 -28.40 28.18
C LYS C 437 -38.88 -29.12 28.21
N CYS C 438 -37.82 -28.35 28.37
CA CYS C 438 -36.48 -28.90 28.55
C CYS C 438 -36.42 -29.76 29.81
N MET C 439 -36.95 -29.24 30.91
CA MET C 439 -36.98 -29.97 32.18
C MET C 439 -37.70 -31.30 32.04
N ARG C 440 -38.80 -31.34 31.30
CA ARG C 440 -39.54 -32.59 31.12
C ARG C 440 -38.74 -33.68 30.40
N LEU C 441 -37.82 -33.26 29.53
CA LEU C 441 -36.88 -34.16 28.83
C LEU C 441 -35.59 -34.43 29.63
N SER C 442 -35.36 -33.64 30.66
CA SER C 442 -34.17 -33.70 31.50
C SER C 442 -34.61 -33.87 32.97
N TYR C 443 -34.07 -33.07 33.88
CA TYR C 443 -34.54 -33.00 35.27
C TYR C 443 -34.31 -31.61 35.82
N HIS C 444 -35.02 -31.25 36.89
CA HIS C 444 -35.01 -29.88 37.44
C HIS C 444 -33.61 -29.26 37.63
N GLN C 445 -32.68 -30.03 38.18
CA GLN C 445 -31.33 -29.51 38.46
C GLN C 445 -30.54 -29.22 37.18
N ARG C 446 -30.64 -30.10 36.18
CA ARG C 446 -29.91 -29.95 34.90
C ARG C 446 -30.23 -28.62 34.24
N ILE C 447 -31.50 -28.24 34.29
CA ILE C 447 -31.98 -27.02 33.62
C ILE C 447 -31.57 -25.79 34.39
N LEU C 448 -31.55 -25.90 35.72
CA LEU C 448 -31.04 -24.83 36.58
C LEU C 448 -29.55 -24.55 36.26
N ASP C 449 -28.79 -25.63 36.03
CA ASP C 449 -27.35 -25.55 35.71
C ASP C 449 -27.06 -24.94 34.34
N ILE C 450 -27.81 -25.34 33.30
CA ILE C 450 -27.53 -24.89 31.92
C ILE C 450 -27.97 -23.45 31.57
N VAL C 451 -28.58 -22.71 32.51
CA VAL C 451 -28.88 -21.29 32.27
C VAL C 451 -28.05 -20.38 33.16
N PRO C 452 -27.80 -19.13 32.73
CA PRO C 452 -27.16 -18.14 33.62
C PRO C 452 -28.00 -17.79 34.88
N PRO C 453 -27.34 -17.27 35.94
CA PRO C 453 -28.10 -16.89 37.14
C PRO C 453 -29.15 -15.78 36.97
N THR C 454 -29.00 -14.91 35.96
CA THR C 454 -30.04 -13.91 35.62
C THR C 454 -31.36 -14.59 35.20
N PHE C 455 -31.23 -15.75 34.57
CA PHE C 455 -32.38 -16.51 34.03
C PHE C 455 -33.07 -17.46 35.01
N SER C 456 -32.58 -17.59 36.24
CA SER C 456 -33.21 -18.52 37.21
C SER C 456 -34.62 -18.09 37.68
N ALA C 457 -34.98 -16.83 37.49
CA ALA C 457 -36.36 -16.35 37.63
C ALA C 457 -37.36 -16.99 36.63
N LEU C 458 -36.85 -17.46 35.49
CA LEU C 458 -37.67 -18.04 34.41
C LEU C 458 -37.65 -19.59 34.39
N CYS C 459 -36.80 -20.21 35.19
CA CYS C 459 -36.75 -21.67 35.28
C CYS C 459 -38.06 -22.25 35.82
N PRO C 460 -38.40 -23.50 35.44
CA PRO C 460 -39.55 -24.13 36.02
C PRO C 460 -39.31 -24.47 37.48
N ALA C 461 -40.37 -24.50 38.27
CA ALA C 461 -40.23 -24.89 39.66
C ALA C 461 -40.12 -26.40 39.80
N ASN C 462 -39.66 -26.83 40.96
CA ASN C 462 -39.39 -28.23 41.23
C ASN C 462 -40.71 -29.00 41.19
N PRO C 463 -40.82 -30.07 40.37
CA PRO C 463 -42.09 -30.76 40.22
C PRO C 463 -42.45 -31.70 41.40
N THR C 464 -42.81 -31.11 42.53
CA THR C 464 -43.12 -31.88 43.74
C THR C 464 -44.58 -31.81 44.15
N CYS C 465 -44.97 -32.89 44.80
CA CYS C 465 -46.31 -33.10 45.32
C CYS C 465 -46.62 -32.11 46.46
N ILE C 466 -47.87 -31.68 46.57
CA ILE C 466 -48.34 -30.86 47.71
C ILE C 466 -49.45 -31.62 48.45
N TYR C 467 -49.10 -32.24 49.58
CA TYR C 467 -50.08 -32.95 50.39
C TYR C 467 -50.65 -32.02 51.45
N LYS C 468 -51.96 -31.85 51.45
CA LYS C 468 -52.66 -30.98 52.40
C LYS C 468 -52.57 -31.46 53.86
N TYR C 469 -52.52 -32.78 54.05
CA TYR C 469 -52.60 -33.45 55.36
C TYR C 469 -51.26 -34.06 55.79
N GLY C 470 -50.17 -33.31 55.59
CA GLY C 470 -48.81 -33.76 55.90
C GLY C 470 -48.36 -33.43 57.31
N ASP C 471 -47.05 -33.45 57.52
CA ASP C 471 -46.43 -33.19 58.84
C ASP C 471 -46.72 -31.78 59.36
N GLU C 472 -46.33 -30.78 58.57
CA GLU C 472 -46.46 -29.36 58.96
C GLU C 472 -47.92 -28.85 59.04
N SER C 473 -48.86 -29.55 58.39
CA SER C 473 -50.28 -29.21 58.44
C SER C 473 -50.85 -29.46 59.83
N SER C 474 -51.66 -28.51 60.33
CA SER C 474 -52.30 -28.67 61.63
C SER C 474 -53.40 -29.72 61.54
N ASN C 475 -53.61 -30.45 62.64
CA ASN C 475 -54.67 -31.47 62.73
C ASN C 475 -56.07 -30.89 63.05
N SER C 476 -56.20 -29.56 63.02
CA SER C 476 -57.50 -28.86 63.07
C SER C 476 -58.22 -28.78 61.70
N LEU C 477 -57.61 -29.28 60.63
CA LEU C 477 -58.25 -29.31 59.30
C LEU C 477 -59.43 -30.30 59.27
N PRO C 478 -60.50 -30.00 58.52
CA PRO C 478 -61.60 -30.95 58.44
C PRO C 478 -61.18 -32.28 57.82
N GLY C 479 -61.52 -33.38 58.50
CA GLY C 479 -61.17 -34.71 58.06
C GLY C 479 -59.70 -35.08 58.12
N HIS C 480 -58.92 -34.39 58.97
CA HIS C 480 -57.51 -34.71 59.15
C HIS C 480 -57.33 -36.13 59.68
N SER C 481 -58.09 -36.47 60.72
CA SER C 481 -58.09 -37.81 61.32
C SER C 481 -58.51 -38.91 60.33
N VAL C 482 -59.39 -38.58 59.39
CA VAL C 482 -59.83 -39.53 58.35
C VAL C 482 -58.70 -39.76 57.32
N ALA C 483 -57.98 -38.68 56.99
CA ALA C 483 -56.83 -38.76 56.08
C ALA C 483 -55.76 -39.71 56.59
N LEU C 484 -55.40 -39.57 57.86
CA LEU C 484 -54.38 -40.43 58.49
C LEU C 484 -54.78 -41.91 58.49
N CYS C 485 -56.08 -42.19 58.65
CA CYS C 485 -56.62 -43.56 58.57
C CYS C 485 -56.52 -44.13 57.16
N LEU C 486 -56.83 -43.28 56.17
CA LEU C 486 -56.66 -43.65 54.76
C LEU C 486 -55.20 -43.91 54.41
N ALA C 487 -54.29 -43.06 54.89
CA ALA C 487 -52.85 -43.24 54.71
C ALA C 487 -52.42 -44.62 55.19
N VAL C 488 -52.81 -44.94 56.42
CA VAL C 488 -52.52 -46.25 57.03
C VAL C 488 -53.12 -47.39 56.19
N ALA C 489 -54.37 -47.22 55.76
CA ALA C 489 -55.06 -48.26 54.98
C ALA C 489 -54.40 -48.52 53.62
N PHE C 490 -54.07 -47.44 52.92
CA PHE C 490 -53.43 -47.52 51.59
C PHE C 490 -52.07 -48.19 51.66
N LYS C 491 -51.23 -47.77 52.61
CA LYS C 491 -49.91 -48.38 52.84
C LYS C 491 -50.02 -49.88 53.11
N SER C 492 -51.10 -50.31 53.76
CA SER C 492 -51.33 -51.71 54.13
C SER C 492 -52.36 -52.42 53.21
N LYS C 493 -52.18 -52.25 51.89
CA LYS C 493 -52.93 -52.99 50.84
C LYS C 493 -54.45 -53.11 51.04
N ALA C 494 -55.09 -52.01 51.43
CA ALA C 494 -56.54 -52.01 51.72
C ALA C 494 -57.41 -52.27 50.48
N THR C 495 -58.63 -52.72 50.73
CA THR C 495 -59.62 -53.00 49.68
C THR C 495 -60.64 -51.86 49.52
N ASN C 496 -61.38 -51.87 48.41
CA ASN C 496 -62.35 -50.79 48.10
C ASN C 496 -63.35 -50.55 49.22
N ASP C 497 -63.89 -51.66 49.76
CA ASP C 497 -64.86 -51.59 50.86
C ASP C 497 -64.29 -51.00 52.15
N GLU C 498 -63.04 -51.33 52.46
CA GLU C 498 -62.37 -50.77 53.63
C GLU C 498 -62.14 -49.26 53.51
N ILE C 499 -61.86 -48.79 52.30
CA ILE C 499 -61.72 -47.35 52.05
C ILE C 499 -63.10 -46.69 52.21
N PHE C 500 -64.13 -47.25 51.60
CA PHE C 500 -65.52 -46.74 51.76
C PHE C 500 -65.93 -46.65 53.23
N SER C 501 -65.66 -47.74 53.96
CA SER C 501 -65.94 -47.84 55.39
C SER C 501 -65.28 -46.70 56.19
N ILE C 502 -64.02 -46.39 55.88
CA ILE C 502 -63.30 -45.27 56.52
C ILE C 502 -63.91 -43.90 56.15
N LEU C 503 -64.36 -43.77 54.91
CA LEU C 503 -64.97 -42.53 54.41
C LEU C 503 -66.36 -42.20 55.00
N LYS C 504 -67.04 -43.19 55.61
CA LYS C 504 -68.33 -42.95 56.31
C LYS C 504 -68.16 -41.88 57.39
N ASP C 505 -67.05 -41.93 58.13
CA ASP C 505 -66.78 -41.02 59.27
C ASP C 505 -66.37 -39.59 58.80
N VAL C 506 -67.18 -38.98 57.94
CA VAL C 506 -66.84 -37.69 57.31
C VAL C 506 -68.09 -36.78 57.30
N PRO C 507 -67.98 -35.55 57.84
CA PRO C 507 -69.15 -34.61 57.94
C PRO C 507 -69.71 -34.07 56.60
N PHE C 521 -73.08 -36.45 46.69
CA PHE C 521 -71.86 -35.71 46.43
C PHE C 521 -71.33 -35.06 47.70
N ASN C 522 -70.15 -35.50 48.14
CA ASN C 522 -69.53 -34.97 49.34
C ASN C 522 -68.17 -34.39 48.95
N PRO C 523 -68.03 -33.07 48.98
CA PRO C 523 -66.72 -32.52 48.56
C PRO C 523 -65.54 -32.85 49.47
N LEU C 524 -65.77 -33.09 50.76
CA LEU C 524 -64.67 -33.44 51.66
C LEU C 524 -64.26 -34.92 51.55
N LYS C 525 -65.22 -35.81 51.29
CA LYS C 525 -64.89 -37.23 51.03
C LYS C 525 -63.90 -37.33 49.88
N ILE C 526 -64.25 -36.69 48.77
CA ILE C 526 -63.40 -36.65 47.57
C ILE C 526 -62.04 -36.06 47.91
N GLU C 527 -62.03 -34.94 48.64
CA GLU C 527 -60.81 -34.23 48.94
C GLU C 527 -59.80 -35.05 49.73
N VAL C 528 -60.24 -35.71 50.80
CA VAL C 528 -59.32 -36.53 51.61
C VAL C 528 -58.94 -37.84 50.90
N PHE C 529 -59.84 -38.38 50.09
CA PHE C 529 -59.56 -39.57 49.30
C PHE C 529 -58.50 -39.31 48.23
N VAL C 530 -58.68 -38.23 47.48
CA VAL C 530 -57.79 -37.87 46.37
C VAL C 530 -56.41 -37.41 46.88
N GLN C 531 -56.40 -36.40 47.73
CA GLN C 531 -55.17 -35.89 48.36
C GLN C 531 -54.25 -36.99 48.83
N THR C 532 -54.85 -37.97 49.51
CA THR C 532 -54.10 -39.06 50.12
C THR C 532 -53.62 -40.10 49.11
N LEU C 533 -54.50 -40.53 48.22
CA LEU C 533 -54.16 -41.54 47.23
C LEU C 533 -53.05 -41.08 46.29
N LEU C 534 -53.17 -39.83 45.82
CA LEU C 534 -52.18 -39.24 44.91
C LEU C 534 -50.82 -39.05 45.58
N HIS C 535 -50.83 -38.66 46.85
CA HIS C 535 -49.62 -38.55 47.65
C HIS C 535 -48.83 -39.86 47.77
N LEU C 536 -49.52 -40.95 48.07
CA LEU C 536 -48.88 -42.25 48.24
C LEU C 536 -48.48 -42.95 46.95
N ALA C 537 -48.99 -42.48 45.82
CA ALA C 537 -48.57 -43.00 44.50
C ALA C 537 -47.80 -41.95 43.69
N ALA C 538 -47.24 -40.94 44.39
CA ALA C 538 -46.48 -39.86 43.77
C ALA C 538 -45.10 -40.26 43.24
N LYS C 539 -44.67 -41.48 43.56
CA LYS C 539 -43.35 -42.00 43.17
C LYS C 539 -43.11 -41.93 41.64
N SER C 540 -44.12 -42.28 40.84
CA SER C 540 -44.02 -42.27 39.38
C SER C 540 -45.39 -42.23 38.70
N PHE C 541 -45.41 -42.13 37.38
CA PHE C 541 -46.67 -42.24 36.62
C PHE C 541 -47.27 -43.63 36.76
N SER C 542 -46.43 -44.66 36.72
CA SER C 542 -46.92 -46.05 36.80
C SER C 542 -47.60 -46.34 38.14
N HIS C 543 -47.06 -45.77 39.20
CA HIS C 543 -47.63 -45.92 40.53
C HIS C 543 -48.97 -45.20 40.61
N SER C 544 -48.98 -43.93 40.19
CA SER C 544 -50.21 -43.14 40.14
C SER C 544 -51.29 -43.82 39.26
N PHE C 545 -50.93 -44.38 38.11
CA PHE C 545 -51.92 -45.11 37.29
C PHE C 545 -52.43 -46.35 38.00
N SER C 546 -51.52 -47.06 38.67
CA SER C 546 -51.90 -48.28 39.39
C SER C 546 -52.89 -47.94 40.50
N ALA C 547 -52.64 -46.86 41.23
CA ALA C 547 -53.56 -46.35 42.26
C ALA C 547 -54.96 -46.01 41.71
N LEU C 548 -55.04 -45.36 40.55
CA LEU C 548 -56.34 -45.08 39.93
C LEU C 548 -57.08 -46.35 39.51
N ALA C 549 -56.34 -47.36 39.04
CA ALA C 549 -56.93 -48.65 38.67
C ALA C 549 -57.46 -49.42 39.88
N LYS C 550 -56.64 -49.53 40.93
CA LYS C 550 -56.98 -50.32 42.13
C LYS C 550 -58.18 -49.76 42.87
N PHE C 551 -58.25 -48.44 43.03
CA PHE C 551 -59.39 -47.80 43.70
C PHE C 551 -60.35 -47.10 42.72
N HIS C 552 -60.57 -47.74 41.58
CA HIS C 552 -61.37 -47.21 40.48
C HIS C 552 -62.83 -47.12 40.88
N GLU C 553 -63.31 -48.14 41.57
CA GLU C 553 -64.71 -48.20 42.01
C GLU C 553 -65.03 -47.11 43.04
N VAL C 554 -64.06 -46.72 43.87
CA VAL C 554 -64.25 -45.60 44.80
C VAL C 554 -64.37 -44.28 44.05
N PHE C 555 -63.53 -44.11 43.01
CA PHE C 555 -63.60 -42.91 42.16
C PHE C 555 -64.95 -42.76 41.46
N LYS C 556 -65.41 -43.84 40.83
CA LYS C 556 -66.70 -43.84 40.12
C LYS C 556 -67.92 -43.58 41.02
N THR C 557 -67.85 -43.96 42.29
CA THR C 557 -68.93 -43.67 43.24
C THR C 557 -68.84 -42.23 43.75
N LEU C 558 -67.64 -41.80 44.16
CA LEU C 558 -67.44 -40.42 44.63
C LEU C 558 -67.69 -39.36 43.56
N ALA C 559 -67.45 -39.70 42.30
CA ALA C 559 -67.54 -38.77 41.19
C ALA C 559 -68.54 -39.23 40.14
N GLU C 560 -69.72 -39.68 40.59
CA GLU C 560 -70.82 -40.01 39.68
C GLU C 560 -71.49 -38.73 39.27
N SER C 561 -71.71 -37.88 40.26
CA SER C 561 -72.13 -36.49 40.08
C SER C 561 -71.21 -35.70 39.16
N ASP C 562 -71.79 -34.78 38.37
CA ASP C 562 -70.98 -33.84 37.58
C ASP C 562 -70.18 -32.85 38.41
N GLU C 563 -70.69 -32.46 39.57
CA GLU C 563 -69.91 -31.60 40.48
C GLU C 563 -68.83 -32.40 41.19
N GLY C 564 -69.04 -33.72 41.29
CA GLY C 564 -68.02 -34.63 41.79
C GLY C 564 -66.82 -34.74 40.87
N LYS C 565 -67.08 -34.93 39.57
CA LYS C 565 -66.03 -34.97 38.54
C LYS C 565 -65.20 -33.69 38.56
N LEU C 566 -65.88 -32.56 38.51
CA LEU C 566 -65.24 -31.26 38.66
C LEU C 566 -64.42 -31.09 39.93
N HIS C 567 -64.86 -31.70 41.04
CA HIS C 567 -64.12 -31.57 42.32
C HIS C 567 -62.89 -32.50 42.37
N VAL C 568 -62.98 -33.68 41.74
CA VAL C 568 -61.81 -34.56 41.61
C VAL C 568 -60.69 -33.80 40.90
N LEU C 569 -61.03 -33.14 39.79
CA LEU C 569 -60.07 -32.32 39.04
C LEU C 569 -59.60 -31.11 39.85
N ARG C 570 -60.47 -30.49 40.64
CA ARG C 570 -60.07 -29.36 41.51
C ARG C 570 -59.02 -29.76 42.55
N VAL C 571 -59.19 -30.93 43.15
CA VAL C 571 -58.29 -31.43 44.20
C VAL C 571 -56.99 -31.91 43.56
N MET C 572 -57.13 -32.72 42.53
CA MET C 572 -56.01 -33.23 41.74
C MET C 572 -55.06 -32.11 41.28
N PHE C 573 -55.64 -30.97 40.89
CA PHE C 573 -54.85 -29.77 40.55
C PHE C 573 -54.13 -29.17 41.75
N GLU C 574 -54.81 -29.04 42.88
CA GLU C 574 -54.19 -28.48 44.10
C GLU C 574 -53.02 -29.33 44.60
N VAL C 575 -53.07 -30.64 44.35
CA VAL C 575 -51.98 -31.56 44.68
C VAL C 575 -50.77 -31.34 43.75
N TRP C 576 -51.03 -31.35 42.44
CA TRP C 576 -49.97 -31.45 41.44
C TRP C 576 -49.72 -30.19 40.60
N ARG C 577 -50.03 -28.99 41.13
CA ARG C 577 -49.85 -27.76 40.36
C ARG C 577 -48.40 -27.42 39.99
N ASN C 578 -47.42 -28.01 40.67
CA ASN C 578 -46.01 -27.79 40.32
C ASN C 578 -45.49 -28.74 39.23
N HIS C 579 -46.30 -29.73 38.86
CA HIS C 579 -45.90 -30.81 37.95
C HIS C 579 -47.00 -30.96 36.87
N PRO C 580 -47.06 -30.00 35.91
CA PRO C 580 -48.08 -30.02 34.87
C PRO C 580 -48.11 -31.30 34.03
N GLN C 581 -46.95 -31.91 33.82
CA GLN C 581 -46.88 -33.15 33.07
C GLN C 581 -47.73 -34.24 33.74
N MET C 582 -47.68 -34.30 35.07
CA MET C 582 -48.45 -35.27 35.84
C MET C 582 -49.95 -35.03 35.67
N ILE C 583 -50.36 -33.77 35.79
CA ILE C 583 -51.76 -33.36 35.62
C ILE C 583 -52.28 -33.86 34.29
N ALA C 584 -51.55 -33.55 33.23
CA ALA C 584 -51.92 -33.98 31.88
C ALA C 584 -52.17 -35.48 31.76
N VAL C 585 -51.27 -36.29 32.31
CA VAL C 585 -51.40 -37.75 32.20
C VAL C 585 -52.48 -38.33 33.11
N LEU C 586 -52.74 -37.67 34.25
CA LEU C 586 -53.82 -38.09 35.17
C LEU C 586 -55.18 -37.81 34.54
N VAL C 587 -55.35 -36.58 34.04
CA VAL C 587 -56.56 -36.19 33.33
C VAL C 587 -56.81 -37.15 32.17
N ASP C 588 -55.77 -37.53 31.45
CA ASP C 588 -55.87 -38.49 30.36
C ASP C 588 -56.39 -39.84 30.84
N LYS C 589 -55.84 -40.34 31.95
CA LYS C 589 -56.23 -41.65 32.46
C LYS C 589 -57.63 -41.59 33.03
N MET C 590 -57.93 -40.53 33.76
CA MET C 590 -59.28 -40.31 34.30
C MET C 590 -60.35 -40.25 33.20
N ILE C 591 -60.04 -39.67 32.05
CA ILE C 591 -60.97 -39.67 30.92
C ILE C 591 -61.13 -41.08 30.35
N ARG C 592 -60.03 -41.80 30.19
CA ARG C 592 -60.07 -43.13 29.58
C ARG C 592 -60.76 -44.18 30.45
N THR C 593 -60.56 -44.09 31.77
CA THR C 593 -61.22 -44.96 32.75
C THR C 593 -62.60 -44.44 33.22
N GLN C 594 -62.99 -43.26 32.75
CA GLN C 594 -64.32 -42.67 32.97
C GLN C 594 -64.58 -42.16 34.38
N ILE C 595 -63.51 -41.92 35.16
CA ILE C 595 -63.61 -41.18 36.42
C ILE C 595 -64.24 -39.83 36.11
N VAL C 596 -63.73 -39.17 35.08
CA VAL C 596 -64.30 -37.92 34.59
C VAL C 596 -64.67 -38.07 33.11
N ASP C 597 -65.35 -37.06 32.58
CA ASP C 597 -65.72 -37.00 31.16
C ASP C 597 -65.18 -35.72 30.52
N CYS C 598 -65.22 -35.69 29.20
CA CYS C 598 -64.68 -34.57 28.43
C CYS C 598 -65.29 -33.25 28.88
N ALA C 599 -66.61 -33.26 29.06
CA ALA C 599 -67.34 -32.08 29.51
C ALA C 599 -66.81 -31.50 30.83
N ALA C 600 -66.44 -32.37 31.76
CA ALA C 600 -65.90 -31.94 33.06
C ALA C 600 -64.58 -31.21 32.89
N VAL C 601 -63.72 -31.77 32.03
CA VAL C 601 -62.38 -31.23 31.78
C VAL C 601 -62.48 -29.87 31.10
N ALA C 602 -63.42 -29.74 30.18
CA ALA C 602 -63.65 -28.46 29.52
C ALA C 602 -64.02 -27.37 30.53
N ASN C 603 -65.00 -27.63 31.39
CA ASN C 603 -65.40 -26.66 32.41
C ASN C 603 -64.28 -26.40 33.41
N TRP C 604 -63.53 -27.44 33.74
CA TRP C 604 -62.38 -27.30 34.64
C TRP C 604 -61.33 -26.33 34.08
N ILE C 605 -61.05 -26.42 32.78
CA ILE C 605 -60.06 -25.56 32.14
C ILE C 605 -60.42 -24.06 32.20
N PHE C 606 -61.70 -23.77 32.00
CA PHE C 606 -62.21 -22.42 32.09
C PHE C 606 -62.61 -21.99 33.52
N SER C 607 -62.37 -22.85 34.51
CA SER C 607 -62.69 -22.54 35.91
C SER C 607 -61.77 -21.48 36.48
N SER C 608 -62.20 -20.87 37.58
CA SER C 608 -61.45 -19.81 38.25
C SER C 608 -60.18 -20.33 38.92
N GLU C 609 -60.17 -21.59 39.35
CA GLU C 609 -58.97 -22.19 39.98
C GLU C 609 -57.77 -22.32 39.02
N LEU C 610 -58.04 -22.37 37.71
CA LEU C 610 -56.99 -22.37 36.66
C LEU C 610 -56.74 -20.99 36.04
N SER C 611 -57.52 -20.00 36.46
CA SER C 611 -57.43 -18.61 35.96
C SER C 611 -56.00 -18.08 35.77
N ARG C 612 -55.15 -18.31 36.77
CA ARG C 612 -53.79 -17.81 36.76
C ARG C 612 -52.87 -18.59 35.82
N ASP C 613 -53.16 -19.86 35.58
CA ASP C 613 -52.39 -20.71 34.64
C ASP C 613 -52.99 -20.81 33.20
N PHE C 614 -54.07 -20.09 32.93
CA PHE C 614 -54.87 -20.22 31.69
C PHE C 614 -54.07 -20.00 30.40
N THR C 615 -53.06 -19.13 30.44
CA THR C 615 -52.26 -18.83 29.26
C THR C 615 -51.05 -19.77 29.07
N ARG C 616 -50.90 -20.75 29.96
CA ARG C 616 -49.77 -21.69 29.90
C ARG C 616 -50.07 -22.87 28.96
N LEU C 617 -49.02 -23.36 28.31
CA LEU C 617 -49.17 -24.43 27.32
C LEU C 617 -49.95 -25.62 27.84
N PHE C 618 -49.61 -26.11 29.03
CA PHE C 618 -50.15 -27.39 29.49
C PHE C 618 -51.67 -27.44 29.51
N VAL C 619 -52.30 -26.30 29.82
CA VAL C 619 -53.76 -26.18 29.80
C VAL C 619 -54.30 -26.61 28.45
N TRP C 620 -53.72 -26.08 27.39
CA TRP C 620 -54.18 -26.32 26.02
C TRP C 620 -53.74 -27.68 25.46
N GLU C 621 -52.61 -28.18 25.93
CA GLU C 621 -52.22 -29.57 25.68
C GLU C 621 -53.30 -30.52 26.23
N ILE C 622 -53.81 -30.22 27.43
CA ILE C 622 -54.85 -31.03 28.03
C ILE C 622 -56.17 -30.90 27.26
N LEU C 623 -56.56 -29.68 26.93
CA LEU C 623 -57.84 -29.49 26.23
C LEU C 623 -57.84 -30.25 24.92
N HIS C 624 -56.80 -30.04 24.12
CA HIS C 624 -56.73 -30.65 22.79
C HIS C 624 -56.55 -32.15 22.84
N SER C 625 -55.81 -32.63 23.83
CA SER C 625 -55.70 -34.07 24.09
C SER C 625 -57.06 -34.66 24.42
N THR C 626 -57.83 -33.94 25.25
CA THR C 626 -59.18 -34.34 25.63
C THR C 626 -60.13 -34.39 24.44
N ILE C 627 -60.10 -33.33 23.63
CA ILE C 627 -60.88 -33.29 22.38
C ILE C 627 -60.51 -34.46 21.46
N ARG C 628 -59.22 -34.74 21.31
CA ARG C 628 -58.74 -35.82 20.45
C ARG C 628 -59.26 -37.20 20.89
N LYS C 629 -59.30 -37.46 22.19
CA LYS C 629 -59.84 -38.72 22.72
C LYS C 629 -61.32 -38.86 22.33
N MET C 630 -62.08 -37.77 22.52
CA MET C 630 -63.49 -37.70 22.10
C MET C 630 -63.67 -37.98 20.61
N ASN C 631 -62.86 -37.36 19.76
CA ASN C 631 -62.99 -37.55 18.31
C ASN C 631 -62.69 -38.99 17.94
N LYS C 632 -61.69 -39.58 18.57
CA LYS C 632 -61.31 -41.00 18.32
C LYS C 632 -62.35 -41.95 18.85
N HIS C 633 -62.98 -41.61 19.96
CA HIS C 633 -64.10 -42.39 20.52
C HIS C 633 -65.22 -42.52 19.49
N VAL C 634 -65.60 -41.41 18.88
CA VAL C 634 -66.65 -41.39 17.87
C VAL C 634 -66.24 -42.20 16.64
N LEU C 635 -65.01 -42.00 16.17
CA LEU C 635 -64.47 -42.77 15.04
C LEU C 635 -64.51 -44.27 15.29
N LYS C 636 -64.15 -44.68 16.50
CA LYS C 636 -64.10 -46.10 16.89
C LYS C 636 -65.49 -46.73 16.84
N ILE C 637 -66.47 -46.06 17.44
CA ILE C 637 -67.87 -46.50 17.44
C ILE C 637 -68.47 -46.46 16.01
N GLN C 638 -68.04 -45.49 15.19
CA GLN C 638 -68.43 -45.45 13.77
C GLN C 638 -67.85 -46.60 12.94
N LYS C 639 -66.68 -47.10 13.29
CA LYS C 639 -66.10 -48.26 12.60
C LYS C 639 -66.77 -49.57 13.00
N GLU C 640 -67.17 -49.72 14.27
CA GLU C 640 -67.96 -50.89 14.68
C GLU C 640 -69.30 -50.98 13.92
N LEU C 641 -69.91 -49.84 13.62
CA LEU C 641 -71.14 -49.77 12.82
C LEU C 641 -70.90 -50.19 11.37
N GLU C 642 -69.87 -49.61 10.74
CA GLU C 642 -69.45 -49.96 9.37
C GLU C 642 -69.13 -51.45 9.20
N GLU C 643 -68.42 -52.02 10.17
CA GLU C 643 -68.01 -53.43 10.12
C GLU C 643 -69.19 -54.39 10.26
N ALA C 644 -70.06 -54.14 11.24
CA ALA C 644 -71.29 -54.93 11.41
C ALA C 644 -72.28 -54.81 10.24
N LYS C 645 -72.26 -53.69 9.52
CA LYS C 645 -73.10 -53.53 8.30
C LYS C 645 -72.62 -54.37 7.12
N GLU C 646 -71.31 -54.39 6.91
CA GLU C 646 -70.70 -55.21 5.85
C GLU C 646 -70.90 -56.72 6.10
N GLU C 671 -78.78 -57.75 12.86
CA GLU C 671 -79.64 -56.60 12.60
C GLU C 671 -80.15 -55.91 13.88
N GLU C 672 -80.29 -56.68 14.96
CA GLU C 672 -80.62 -56.12 16.29
C GLU C 672 -79.40 -55.50 17.00
N GLN C 673 -78.20 -55.84 16.54
CA GLN C 673 -76.95 -55.26 17.04
C GLN C 673 -76.53 -53.98 16.30
N ILE C 674 -76.93 -53.82 15.03
CA ILE C 674 -76.74 -52.57 14.29
C ILE C 674 -77.62 -51.43 14.85
N GLU C 675 -78.83 -51.75 15.30
CA GLU C 675 -79.70 -50.76 15.93
C GLU C 675 -79.16 -50.24 17.27
N ARG C 676 -78.44 -51.10 18.01
CA ARG C 676 -77.78 -50.67 19.27
C ARG C 676 -76.54 -49.80 18.99
N LEU C 677 -75.76 -50.15 17.95
CA LEU C 677 -74.59 -49.36 17.57
C LEU C 677 -74.97 -47.98 16.99
N GLN C 678 -76.03 -47.93 16.18
CA GLN C 678 -76.55 -46.66 15.65
C GLN C 678 -76.98 -45.72 16.78
N GLU C 679 -77.59 -46.27 17.83
CA GLU C 679 -77.93 -45.51 19.04
C GLU C 679 -76.66 -44.95 19.70
N LYS C 680 -75.63 -45.80 19.83
CA LYS C 680 -74.34 -45.41 20.41
C LYS C 680 -73.60 -44.33 19.60
N VAL C 681 -73.65 -44.42 18.27
CA VAL C 681 -73.04 -43.39 17.41
C VAL C 681 -73.72 -42.04 17.63
N GLU C 682 -75.04 -42.03 17.63
CA GLU C 682 -75.82 -40.80 17.80
C GLU C 682 -75.55 -40.12 19.14
N SER C 683 -75.47 -40.92 20.21
CA SER C 683 -75.17 -40.37 21.54
C SER C 683 -73.69 -40.00 21.69
N ALA C 684 -72.79 -40.71 21.00
CA ALA C 684 -71.36 -40.33 20.99
C ALA C 684 -71.17 -39.03 20.23
N GLN C 685 -71.70 -38.95 19.02
CA GLN C 685 -71.67 -37.71 18.21
C GLN C 685 -72.28 -36.53 18.94
N SER C 686 -73.30 -36.81 19.75
CA SER C 686 -73.93 -35.80 20.57
C SER C 686 -73.01 -35.33 21.72
N GLU C 687 -72.29 -36.27 22.35
CA GLU C 687 -71.34 -35.94 23.44
C GLU C 687 -70.21 -35.04 22.89
N GLN C 688 -69.74 -35.40 21.69
CA GLN C 688 -68.72 -34.65 20.92
C GLN C 688 -69.17 -33.24 20.64
N LYS C 689 -70.36 -33.11 20.08
CA LYS C 689 -70.94 -31.80 19.78
C LYS C 689 -71.09 -30.95 21.03
N ASN C 690 -71.60 -31.54 22.13
CA ASN C 690 -71.77 -30.79 23.38
C ASN C 690 -70.42 -30.34 23.96
N LEU C 691 -69.38 -31.12 23.69
CA LEU C 691 -68.02 -30.75 24.09
C LEU C 691 -67.56 -29.46 23.40
N PHE C 692 -67.74 -29.41 22.08
CA PHE C 692 -67.41 -28.21 21.31
C PHE C 692 -68.28 -27.03 21.69
N LEU C 693 -69.59 -27.28 21.84
CA LEU C 693 -70.52 -26.22 22.25
C LEU C 693 -70.10 -25.63 23.59
N VAL C 694 -69.82 -26.49 24.57
CA VAL C 694 -69.33 -26.01 25.87
C VAL C 694 -68.09 -25.12 25.71
N ILE C 695 -67.10 -25.59 24.96
CA ILE C 695 -65.85 -24.85 24.79
C ILE C 695 -66.11 -23.47 24.17
N PHE C 696 -66.94 -23.42 23.13
CA PHE C 696 -67.24 -22.15 22.46
C PHE C 696 -68.03 -21.20 23.36
N GLN C 697 -68.96 -21.73 24.16
CA GLN C 697 -69.74 -20.90 25.08
C GLN C 697 -68.84 -20.22 26.09
N ARG C 698 -67.91 -21.00 26.65
CA ARG C 698 -67.02 -20.50 27.70
C ARG C 698 -66.06 -19.47 27.10
N PHE C 699 -65.60 -19.72 25.87
CA PHE C 699 -64.72 -18.76 25.17
C PHE C 699 -65.44 -17.43 24.90
N ILE C 700 -66.64 -17.54 24.34
CA ILE C 700 -67.48 -16.38 24.04
C ILE C 700 -67.77 -15.55 25.30
N MET C 701 -67.99 -16.25 26.42
CA MET C 701 -68.28 -15.58 27.68
C MET C 701 -67.09 -14.73 28.09
N ILE C 702 -65.94 -15.37 28.30
CA ILE C 702 -64.75 -14.67 28.83
C ILE C 702 -64.16 -13.64 27.86
N LEU C 703 -64.34 -13.85 26.56
CA LEU C 703 -63.91 -12.87 25.58
C LEU C 703 -64.81 -11.64 25.65
N THR C 704 -66.13 -11.86 25.75
CA THR C 704 -67.09 -10.77 25.91
C THR C 704 -66.83 -9.96 27.18
N GLU C 705 -66.63 -10.66 28.29
CA GLU C 705 -66.30 -10.06 29.58
C GLU C 705 -65.14 -9.06 29.44
N HIS C 706 -64.07 -9.50 28.77
CA HIS C 706 -62.89 -8.67 28.50
C HIS C 706 -63.21 -7.47 27.60
N LEU C 707 -63.91 -7.70 26.51
CA LEU C 707 -64.19 -6.63 25.54
C LEU C 707 -65.13 -5.56 26.09
N VAL C 708 -66.09 -5.95 26.92
CA VAL C 708 -67.00 -5.01 27.58
C VAL C 708 -66.24 -4.17 28.61
N ARG C 709 -65.41 -4.82 29.42
CA ARG C 709 -64.53 -4.13 30.37
C ARG C 709 -63.61 -3.09 29.69
N CYS C 710 -63.13 -3.40 28.50
CA CYS C 710 -62.18 -2.53 27.78
C CYS C 710 -62.85 -1.33 27.12
N GLU C 711 -64.11 -1.49 26.69
CA GLU C 711 -64.88 -0.38 26.16
C GLU C 711 -65.38 0.55 27.27
N THR C 712 -65.59 -0.01 28.47
CA THR C 712 -65.92 0.77 29.67
C THR C 712 -64.72 1.61 30.12
N ASP C 713 -63.58 0.95 30.34
CA ASP C 713 -62.37 1.62 30.86
C ASP C 713 -61.56 2.40 29.81
N GLY C 714 -61.90 2.25 28.52
CA GLY C 714 -61.10 2.85 27.44
C GLY C 714 -59.67 2.34 27.30
N THR C 715 -59.36 1.20 27.94
CA THR C 715 -58.01 0.61 27.92
C THR C 715 -57.81 -0.23 26.65
N SER C 716 -56.55 -0.67 26.42
CA SER C 716 -56.20 -1.51 25.27
C SER C 716 -56.92 -2.84 25.30
N VAL C 717 -57.52 -3.21 24.17
CA VAL C 717 -58.11 -4.54 24.01
C VAL C 717 -56.98 -5.56 23.94
N LEU C 718 -55.99 -5.29 23.09
CA LEU C 718 -54.88 -6.19 22.86
C LEU C 718 -53.91 -6.23 24.03
N THR C 719 -54.27 -6.99 25.05
CA THR C 719 -53.35 -7.36 26.14
C THR C 719 -52.71 -8.69 25.77
N PRO C 720 -51.65 -9.09 26.49
CA PRO C 720 -51.14 -10.45 26.33
C PRO C 720 -52.18 -11.54 26.62
N TRP C 721 -53.02 -11.36 27.64
CA TRP C 721 -54.07 -12.35 27.92
C TRP C 721 -55.04 -12.51 26.74
N TYR C 722 -55.45 -11.40 26.12
CA TYR C 722 -56.40 -11.43 24.99
C TYR C 722 -55.77 -12.08 23.78
N LYS C 723 -54.53 -11.72 23.47
CA LYS C 723 -53.79 -12.33 22.37
C LYS C 723 -53.85 -13.84 22.49
N ASN C 724 -53.53 -14.36 23.68
CA ASN C 724 -53.56 -15.79 23.92
C ASN C 724 -54.98 -16.33 23.78
N CYS C 725 -55.94 -15.73 24.46
CA CYS C 725 -57.30 -16.27 24.49
C CYS C 725 -57.97 -16.31 23.12
N ILE C 726 -57.91 -15.21 22.37
CA ILE C 726 -58.53 -15.16 21.04
C ILE C 726 -57.85 -16.16 20.11
N GLU C 727 -56.52 -16.30 20.23
CA GLU C 727 -55.74 -17.20 19.37
C GLU C 727 -55.92 -18.68 19.74
N ARG C 728 -56.26 -18.96 21.00
CA ARG C 728 -56.62 -20.32 21.43
C ARG C 728 -57.99 -20.77 20.93
N LEU C 729 -58.90 -19.82 20.79
CA LEU C 729 -60.21 -20.07 20.16
C LEU C 729 -60.00 -20.35 18.68
N GLN C 730 -59.28 -19.45 18.01
CA GLN C 730 -58.78 -19.67 16.64
C GLN C 730 -58.28 -21.10 16.41
N GLN C 731 -57.45 -21.57 17.35
CA GLN C 731 -56.84 -22.91 17.32
C GLN C 731 -57.84 -24.05 17.35
N ILE C 732 -58.93 -23.90 18.10
CA ILE C 732 -59.98 -24.93 18.16
C ILE C 732 -60.51 -25.14 16.74
N PHE C 733 -60.79 -24.04 16.05
CA PHE C 733 -61.28 -24.10 14.67
C PHE C 733 -60.24 -24.71 13.71
N LEU C 734 -59.00 -24.23 13.79
CA LEU C 734 -57.91 -24.75 12.94
C LEU C 734 -57.67 -26.22 13.14
N GLN C 735 -57.54 -26.63 14.38
CA GLN C 735 -57.17 -27.99 14.69
C GLN C 735 -58.29 -28.99 14.43
N HIS C 736 -59.54 -28.56 14.45
CA HIS C 736 -60.67 -29.47 14.33
C HIS C 736 -61.70 -29.03 13.29
N HIS C 737 -61.28 -28.24 12.30
CA HIS C 737 -62.20 -27.71 11.28
C HIS C 737 -63.12 -28.77 10.67
N GLN C 738 -62.63 -29.99 10.47
CA GLN C 738 -63.45 -30.99 9.78
C GLN C 738 -64.66 -31.46 10.57
N ILE C 739 -64.49 -31.59 11.89
CA ILE C 739 -65.57 -31.99 12.78
C ILE C 739 -66.53 -30.81 12.94
N ILE C 740 -65.98 -29.63 13.20
CA ILE C 740 -66.76 -28.41 13.43
C ILE C 740 -67.60 -28.01 12.22
N GLN C 741 -67.16 -28.35 11.00
CA GLN C 741 -67.96 -28.16 9.76
C GLN C 741 -69.35 -28.81 9.86
N GLN C 742 -69.45 -29.92 10.60
CA GLN C 742 -70.74 -30.57 10.81
C GLN C 742 -71.75 -29.73 11.61
N TYR C 743 -71.27 -28.81 12.43
CA TYR C 743 -72.12 -28.04 13.34
C TYR C 743 -72.41 -26.61 12.84
N MET C 744 -72.35 -26.39 11.53
CA MET C 744 -72.41 -25.01 10.99
C MET C 744 -73.73 -24.30 11.26
N VAL C 745 -74.82 -25.03 11.05
CA VAL C 745 -76.17 -24.48 11.24
C VAL C 745 -76.39 -24.08 12.69
N THR C 746 -76.06 -24.96 13.63
CA THR C 746 -76.17 -24.67 15.05
C THR C 746 -75.33 -23.47 15.49
N LEU C 747 -74.10 -23.37 14.97
CA LEU C 747 -73.18 -22.29 15.36
C LEU C 747 -73.59 -20.92 14.81
N GLU C 748 -74.03 -20.85 13.56
CA GLU C 748 -74.53 -19.61 12.96
C GLU C 748 -75.75 -19.07 13.69
N ASN C 749 -76.71 -19.97 13.91
CA ASN C 749 -78.00 -19.63 14.54
C ASN C 749 -77.89 -19.33 16.03
N LEU C 750 -77.18 -20.16 16.78
CA LEU C 750 -77.20 -20.09 18.25
C LEU C 750 -75.99 -19.51 19.00
N LEU C 751 -74.78 -19.62 18.46
CA LEU C 751 -73.59 -19.16 19.20
C LEU C 751 -72.91 -17.95 18.56
N PHE C 752 -72.46 -18.12 17.33
CA PHE C 752 -71.69 -17.09 16.63
C PHE C 752 -72.62 -16.25 15.73
N THR C 753 -73.41 -15.41 16.40
CA THR C 753 -74.48 -14.63 15.76
C THR C 753 -74.02 -13.19 15.58
N ALA C 754 -74.78 -12.43 14.78
CA ALA C 754 -74.52 -10.99 14.56
C ALA C 754 -74.55 -10.15 15.86
N GLU C 755 -75.22 -10.64 16.89
CA GLU C 755 -75.22 -10.02 18.21
C GLU C 755 -73.83 -9.96 18.89
N LEU C 756 -72.92 -10.87 18.53
CA LEU C 756 -71.59 -10.94 19.17
C LEU C 756 -70.68 -9.78 18.81
N ASP C 757 -69.72 -9.49 19.69
CA ASP C 757 -68.70 -8.49 19.41
C ASP C 757 -67.96 -8.88 18.13
N PRO C 758 -67.77 -7.95 17.17
CA PRO C 758 -67.11 -8.34 15.90
C PRO C 758 -65.70 -8.94 16.04
N HIS C 759 -64.99 -8.63 17.12
CA HIS C 759 -63.72 -9.29 17.49
C HIS C 759 -63.83 -10.83 17.61
N ILE C 760 -64.91 -11.30 18.22
CA ILE C 760 -65.15 -12.73 18.41
C ILE C 760 -65.77 -13.33 17.16
N LEU C 761 -66.72 -12.62 16.56
CA LEU C 761 -67.39 -13.10 15.34
C LEU C 761 -66.43 -13.24 14.15
N ALA C 762 -65.44 -12.35 14.08
CA ALA C 762 -64.35 -12.43 13.09
C ALA C 762 -63.73 -13.83 13.00
N VAL C 763 -63.45 -14.42 14.16
CA VAL C 763 -62.83 -15.73 14.22
C VAL C 763 -63.69 -16.77 13.52
N PHE C 764 -64.98 -16.76 13.81
CA PHE C 764 -65.90 -17.70 13.18
C PHE C 764 -66.01 -17.42 11.67
N GLN C 765 -65.99 -16.15 11.27
CA GLN C 765 -66.05 -15.80 9.85
C GLN C 765 -64.80 -16.24 9.10
N GLN C 766 -63.64 -16.06 9.74
CA GLN C 766 -62.37 -16.63 9.26
C GLN C 766 -62.47 -18.13 9.06
N PHE C 767 -62.94 -18.84 10.08
CA PHE C 767 -63.17 -20.29 9.98
C PHE C 767 -64.05 -20.67 8.79
N CYS C 768 -65.11 -19.91 8.56
CA CYS C 768 -66.00 -20.17 7.42
C CYS C 768 -65.33 -19.97 6.07
N ALA C 769 -64.39 -19.02 6.01
CA ALA C 769 -63.66 -18.75 4.78
C ALA C 769 -62.74 -19.91 4.29
N LEU C 770 -62.34 -20.78 5.19
CA LEU C 770 -61.48 -21.89 4.84
C LEU C 770 -62.07 -22.84 3.78
N GLN C 771 -63.39 -22.98 3.72
CA GLN C 771 -64.03 -23.78 2.66
C GLN C 771 -65.16 -23.05 1.92
N ALA C 772 -65.30 -21.75 2.16
CA ALA C 772 -66.22 -20.92 1.39
C ALA C 772 -65.57 -20.47 0.09
N GLY D 6 -50.66 -45.96 -9.35
CA GLY D 6 -49.32 -46.64 -9.29
C GLY D 6 -48.36 -46.00 -8.31
N LEU D 7 -47.35 -46.77 -7.89
CA LEU D 7 -46.37 -46.34 -6.87
C LEU D 7 -44.95 -46.68 -7.30
N LEU D 8 -43.99 -45.94 -6.77
CA LEU D 8 -42.57 -46.18 -7.04
C LEU D 8 -41.91 -46.84 -5.83
N LYS D 9 -41.12 -47.89 -6.08
CA LYS D 9 -40.47 -48.62 -4.99
C LYS D 9 -39.58 -47.69 -4.16
N ALA D 10 -38.80 -46.84 -4.83
CA ALA D 10 -37.93 -45.88 -4.16
C ALA D 10 -38.63 -44.97 -3.15
N LEU D 11 -39.88 -44.57 -3.43
CA LEU D 11 -40.67 -43.75 -2.50
C LEU D 11 -41.39 -44.56 -1.43
N ARG D 12 -41.83 -45.77 -1.76
CA ARG D 12 -42.40 -46.69 -0.75
C ARG D 12 -41.38 -47.08 0.34
N SER D 13 -40.09 -47.02 0.00
CA SER D 13 -39.00 -47.23 0.95
C SER D 13 -39.25 -46.62 2.32
N ASP D 14 -39.16 -47.46 3.35
CA ASP D 14 -39.45 -47.10 4.72
C ASP D 14 -38.59 -47.96 5.65
N SER D 15 -37.29 -47.66 5.61
CA SER D 15 -36.28 -48.55 6.18
C SER D 15 -36.23 -48.48 7.70
N TYR D 16 -36.65 -47.36 8.30
CA TYR D 16 -36.63 -47.23 9.76
C TYR D 16 -37.71 -48.11 10.44
N VAL D 17 -38.66 -48.62 9.67
CA VAL D 17 -39.79 -49.43 10.15
C VAL D 17 -39.59 -50.94 9.89
N GLU D 18 -38.51 -51.32 9.20
CA GLU D 18 -38.19 -52.73 8.99
C GLU D 18 -37.86 -53.45 10.30
N LEU D 19 -38.00 -54.77 10.30
CA LEU D 19 -37.69 -55.60 11.47
C LEU D 19 -36.20 -55.64 11.67
N SER D 20 -35.75 -55.73 12.92
CA SER D 20 -34.32 -55.88 13.22
C SER D 20 -33.92 -57.35 13.17
N GLN D 21 -32.64 -57.62 13.44
CA GLN D 21 -32.12 -59.00 13.53
C GLN D 21 -32.67 -59.75 14.75
N TYR D 22 -32.93 -59.02 15.84
CA TYR D 22 -33.36 -59.57 17.12
C TYR D 22 -34.64 -60.41 17.09
N ARG D 23 -34.62 -61.52 17.82
CA ARG D 23 -35.84 -62.22 18.25
C ARG D 23 -35.79 -62.58 19.73
N ASP D 24 -36.98 -62.68 20.34
CA ASP D 24 -37.12 -63.06 21.74
C ASP D 24 -36.97 -64.56 21.84
N GLN D 25 -35.95 -64.99 22.59
CA GLN D 25 -35.62 -66.42 22.69
C GLN D 25 -36.60 -67.16 23.63
N HIS D 26 -37.14 -66.47 24.63
CA HIS D 26 -38.17 -67.06 25.53
C HIS D 26 -39.61 -66.89 25.00
N PHE D 27 -39.78 -66.72 23.68
CA PHE D 27 -41.10 -66.53 23.08
C PHE D 27 -41.77 -67.88 22.81
N ARG D 28 -42.87 -68.16 23.52
CA ARG D 28 -43.72 -69.35 23.28
C ARG D 28 -44.26 -69.37 21.84
N GLY D 29 -43.43 -69.79 20.90
CA GLY D 29 -43.88 -69.90 19.54
C GLY D 29 -42.81 -69.98 18.47
N ASP D 30 -43.32 -70.31 17.28
CA ASP D 30 -42.57 -70.39 16.01
C ASP D 30 -41.92 -69.01 15.69
N ASN D 31 -40.96 -68.97 14.76
CA ASN D 31 -40.41 -67.68 14.28
C ASN D 31 -41.42 -66.95 13.37
N GLU D 32 -42.05 -67.66 12.45
CA GLU D 32 -43.10 -67.07 11.58
C GLU D 32 -44.26 -66.49 12.39
N GLU D 33 -44.59 -67.11 13.52
CA GLU D 33 -45.62 -66.60 14.43
C GLU D 33 -45.15 -65.34 15.19
N GLN D 34 -43.86 -65.23 15.47
CA GLN D 34 -43.27 -64.02 16.11
C GLN D 34 -43.22 -62.80 15.16
N GLU D 35 -42.84 -63.04 13.91
CA GLU D 35 -42.78 -61.99 12.88
C GLU D 35 -44.17 -61.46 12.56
N LYS D 36 -45.14 -62.35 12.50
CA LYS D 36 -46.55 -62.02 12.30
C LYS D 36 -47.06 -61.02 13.36
N LEU D 37 -46.60 -61.18 14.61
CA LEU D 37 -46.95 -60.25 15.70
C LEU D 37 -46.17 -58.93 15.62
N LEU D 38 -44.88 -59.01 15.29
CA LEU D 38 -44.03 -57.84 15.12
C LEU D 38 -44.49 -56.88 14.01
N LYS D 39 -45.04 -57.42 12.94
CA LYS D 39 -45.53 -56.63 11.82
C LYS D 39 -46.85 -55.92 12.11
N LYS D 40 -47.57 -56.39 13.14
CA LYS D 40 -48.81 -55.77 13.63
C LYS D 40 -48.66 -55.04 14.97
N SER D 41 -47.47 -55.09 15.57
CA SER D 41 -47.27 -54.57 16.94
C SER D 41 -47.45 -53.08 17.02
N CYS D 42 -47.83 -52.61 18.21
CA CYS D 42 -47.80 -51.19 18.55
C CYS D 42 -46.88 -50.97 19.75
N THR D 43 -45.99 -51.93 20.00
CA THR D 43 -45.15 -51.91 21.18
C THR D 43 -43.70 -51.87 20.72
N LEU D 44 -42.91 -51.02 21.35
CA LEU D 44 -41.50 -50.86 21.02
C LEU D 44 -40.61 -51.18 22.22
N TYR D 45 -39.61 -52.02 22.01
CA TYR D 45 -38.47 -52.10 22.94
C TYR D 45 -37.65 -50.82 22.73
N VAL D 46 -37.12 -50.28 23.83
CA VAL D 46 -36.29 -49.07 23.77
C VAL D 46 -34.98 -49.35 24.49
N GLY D 47 -33.88 -49.40 23.72
CA GLY D 47 -32.54 -49.72 24.26
C GLY D 47 -31.63 -48.54 24.56
N ASN D 48 -30.57 -48.83 25.32
CA ASN D 48 -29.48 -47.91 25.64
C ASN D 48 -29.88 -46.67 26.45
N LEU D 49 -30.92 -46.79 27.28
CA LEU D 49 -31.31 -45.71 28.20
C LEU D 49 -30.30 -45.63 29.35
N SER D 50 -30.20 -44.44 29.94
CA SER D 50 -29.54 -44.28 31.23
C SER D 50 -30.36 -44.98 32.31
N PHE D 51 -29.67 -45.50 33.31
CA PHE D 51 -30.29 -46.06 34.51
C PHE D 51 -31.03 -44.96 35.26
N TYR D 52 -30.54 -43.73 35.18
CA TYR D 52 -31.16 -42.59 35.86
C TYR D 52 -32.30 -41.91 35.07
N THR D 53 -32.57 -42.37 33.83
CA THR D 53 -33.64 -41.81 33.01
C THR D 53 -34.99 -42.28 33.58
N THR D 54 -35.87 -41.30 33.82
CA THR D 54 -37.19 -41.51 34.38
C THR D 54 -38.20 -42.04 33.37
N GLU D 55 -39.24 -42.66 33.89
CA GLU D 55 -40.47 -42.98 33.15
C GLU D 55 -41.11 -41.72 32.56
N GLU D 56 -41.05 -40.62 33.30
CA GLU D 56 -41.64 -39.35 32.91
C GLU D 56 -40.93 -38.67 31.75
N GLN D 57 -39.64 -38.95 31.59
CA GLN D 57 -38.87 -38.46 30.46
C GLN D 57 -39.20 -39.25 29.21
N ILE D 58 -39.27 -40.58 29.33
CA ILE D 58 -39.65 -41.42 28.20
C ILE D 58 -41.05 -41.07 27.70
N TYR D 59 -41.97 -40.75 28.62
CA TYR D 59 -43.33 -40.36 28.24
C TYR D 59 -43.31 -39.08 27.40
N GLU D 60 -42.58 -38.07 27.86
CA GLU D 60 -42.50 -36.78 27.15
C GLU D 60 -41.95 -36.93 25.74
N LEU D 61 -40.87 -37.68 25.58
CA LEU D 61 -40.23 -37.86 24.27
C LEU D 61 -41.12 -38.69 23.35
N PHE D 62 -41.47 -39.90 23.79
CA PHE D 62 -42.22 -40.83 22.94
C PHE D 62 -43.66 -40.38 22.61
N SER D 63 -44.18 -39.43 23.41
CA SER D 63 -45.46 -38.78 23.10
C SER D 63 -45.45 -37.93 21.83
N LYS D 64 -44.27 -37.52 21.37
CA LYS D 64 -44.16 -36.72 20.15
C LYS D 64 -44.52 -37.46 18.86
N SER D 65 -44.57 -38.80 18.90
CA SER D 65 -45.00 -39.55 17.73
C SER D 65 -46.46 -39.91 17.82
N GLY D 66 -47.09 -39.67 18.97
CA GLY D 66 -48.49 -40.03 19.20
C GLY D 66 -48.88 -40.29 20.64
N ASP D 67 -50.10 -40.80 20.86
CA ASP D 67 -50.63 -41.05 22.21
C ASP D 67 -50.23 -42.44 22.71
N ILE D 68 -49.60 -42.43 23.89
CA ILE D 68 -49.04 -43.62 24.54
C ILE D 68 -50.08 -44.28 25.43
N LYS D 69 -50.19 -45.59 25.30
CA LYS D 69 -51.07 -46.40 26.13
C LYS D 69 -50.38 -46.81 27.43
N LYS D 70 -49.16 -47.33 27.35
CA LYS D 70 -48.46 -47.85 28.52
C LYS D 70 -46.94 -47.77 28.36
N ILE D 71 -46.25 -47.38 29.44
CA ILE D 71 -44.80 -47.52 29.53
C ILE D 71 -44.45 -48.52 30.63
N ILE D 72 -43.76 -49.59 30.24
CA ILE D 72 -43.28 -50.62 31.17
C ILE D 72 -41.77 -50.52 31.28
N MET D 73 -41.26 -49.93 32.37
CA MET D 73 -39.82 -49.77 32.60
C MET D 73 -39.10 -51.11 32.73
N GLY D 74 -37.89 -51.18 32.18
CA GLY D 74 -37.03 -52.34 32.31
C GLY D 74 -36.35 -52.29 33.66
N LEU D 75 -36.54 -53.35 34.44
CA LEU D 75 -36.12 -53.37 35.83
C LEU D 75 -35.09 -54.46 36.09
N ASP D 76 -34.21 -54.19 37.07
CA ASP D 76 -33.27 -55.21 37.57
C ASP D 76 -34.08 -56.28 38.31
N LYS D 77 -33.87 -57.54 37.95
CA LYS D 77 -34.68 -58.64 38.51
C LYS D 77 -34.58 -58.74 40.02
N MET D 78 -33.37 -58.51 40.53
CA MET D 78 -33.07 -58.56 41.96
C MET D 78 -33.54 -57.25 42.63
N LYS D 79 -32.93 -56.12 42.25
CA LYS D 79 -33.07 -54.83 42.95
C LYS D 79 -34.37 -54.05 42.62
N LYS D 80 -35.01 -54.39 41.51
CA LYS D 80 -36.21 -53.69 40.99
C LYS D 80 -36.05 -52.16 40.84
N THR D 81 -34.87 -51.78 40.33
CA THR D 81 -34.57 -50.44 39.86
C THR D 81 -34.34 -50.52 38.36
N ALA D 82 -34.41 -49.36 37.69
CA ALA D 82 -34.24 -49.24 36.25
C ALA D 82 -32.87 -49.71 35.79
N CYS D 83 -32.85 -50.71 34.90
CA CYS D 83 -31.61 -51.23 34.32
C CYS D 83 -31.44 -50.96 32.79
N GLY D 84 -32.01 -49.85 32.31
CA GLY D 84 -31.64 -49.26 31.03
C GLY D 84 -32.39 -49.67 29.77
N PHE D 85 -33.52 -50.35 29.89
CA PHE D 85 -34.45 -50.46 28.77
C PHE D 85 -35.85 -50.14 29.23
N CYS D 86 -36.77 -50.12 28.26
CA CYS D 86 -38.20 -50.05 28.55
C CYS D 86 -39.03 -50.50 27.36
N PHE D 87 -40.34 -50.58 27.56
CA PHE D 87 -41.30 -50.80 26.48
C PHE D 87 -42.25 -49.61 26.40
N VAL D 88 -42.65 -49.26 25.18
CA VAL D 88 -43.62 -48.20 24.94
C VAL D 88 -44.68 -48.80 24.04
N GLU D 89 -45.92 -48.84 24.52
CA GLU D 89 -47.06 -49.34 23.75
C GLU D 89 -47.89 -48.15 23.32
N TYR D 90 -48.20 -48.08 22.04
CA TYR D 90 -49.08 -47.03 21.49
C TYR D 90 -50.48 -47.61 21.24
N TYR D 91 -51.47 -46.72 21.19
CA TYR D 91 -52.82 -47.12 20.81
C TYR D 91 -52.88 -47.51 19.34
N SER D 92 -52.19 -46.79 18.46
CA SER D 92 -52.17 -47.14 17.01
C SER D 92 -50.77 -47.50 16.46
N ARG D 93 -50.77 -48.35 15.45
CA ARG D 93 -49.56 -48.76 14.72
C ARG D 93 -48.82 -47.55 14.12
N ALA D 94 -49.59 -46.63 13.52
CA ALA D 94 -49.04 -45.47 12.82
C ALA D 94 -48.17 -44.61 13.72
N ASP D 95 -48.57 -44.46 14.97
CA ASP D 95 -47.84 -43.67 15.95
C ASP D 95 -46.55 -44.35 16.37
N ALA D 96 -46.57 -45.68 16.43
CA ALA D 96 -45.38 -46.47 16.74
C ALA D 96 -44.40 -46.43 15.56
N GLU D 97 -44.92 -46.52 14.34
CA GLU D 97 -44.09 -46.36 13.13
C GLU D 97 -43.36 -45.02 13.14
N ASN D 98 -44.06 -43.95 13.49
CA ASN D 98 -43.44 -42.64 13.55
C ASN D 98 -42.35 -42.53 14.61
N ALA D 99 -42.51 -43.22 15.73
CA ALA D 99 -41.45 -43.25 16.74
C ALA D 99 -40.19 -43.92 16.17
N MET D 100 -40.40 -45.05 15.50
CA MET D 100 -39.33 -45.79 14.83
C MET D 100 -38.64 -44.98 13.73
N ARG D 101 -39.39 -44.10 13.08
CA ARG D 101 -38.85 -43.22 12.05
C ARG D 101 -38.08 -42.02 12.55
N TYR D 102 -38.54 -41.37 13.63
CA TYR D 102 -38.03 -40.05 14.05
C TYR D 102 -37.49 -39.92 15.48
N ILE D 103 -37.86 -40.83 16.38
CA ILE D 103 -37.32 -40.82 17.74
C ILE D 103 -36.15 -41.78 17.86
N ASN D 104 -36.31 -42.97 17.28
CA ASN D 104 -35.20 -43.93 17.03
C ASN D 104 -33.90 -43.24 16.62
N GLY D 105 -32.82 -43.52 17.32
CA GLY D 105 -31.53 -42.94 17.00
C GLY D 105 -31.32 -41.48 17.34
N THR D 106 -32.18 -40.92 18.18
CA THR D 106 -31.98 -39.56 18.72
C THR D 106 -31.74 -39.67 20.22
N ARG D 107 -31.58 -38.53 20.89
CA ARG D 107 -31.07 -38.48 22.26
C ARG D 107 -32.11 -38.39 23.37
N LEU D 108 -31.85 -39.11 24.46
CA LEU D 108 -32.59 -39.00 25.70
C LEU D 108 -31.63 -39.13 26.89
N ASP D 109 -31.50 -38.04 27.65
CA ASP D 109 -30.40 -37.85 28.64
C ASP D 109 -29.04 -37.99 27.96
N ASP D 110 -28.91 -37.26 26.87
CA ASP D 110 -27.73 -37.26 26.03
C ASP D 110 -27.19 -38.62 25.59
N ARG D 111 -28.05 -39.62 25.43
CA ARG D 111 -27.63 -40.93 24.90
C ARG D 111 -28.45 -41.29 23.67
N ILE D 112 -27.80 -41.87 22.66
CA ILE D 112 -28.49 -42.29 21.46
C ILE D 112 -29.25 -43.56 21.77
N ILE D 113 -30.55 -43.41 21.99
CA ILE D 113 -31.46 -44.54 22.22
C ILE D 113 -31.76 -45.24 20.92
N ARG D 114 -32.14 -46.51 21.02
CA ARG D 114 -32.32 -47.37 19.87
C ARG D 114 -33.63 -48.10 20.10
N THR D 115 -34.55 -48.01 19.14
CA THR D 115 -35.88 -48.63 19.28
C THR D 115 -36.02 -49.80 18.32
N ASP D 116 -36.78 -50.82 18.74
CA ASP D 116 -37.11 -51.98 17.91
C ASP D 116 -38.54 -52.42 18.18
N TRP D 117 -39.19 -52.99 17.17
CA TRP D 117 -40.50 -53.60 17.31
C TRP D 117 -40.43 -54.72 18.33
N ASP D 118 -41.42 -54.80 19.21
CA ASP D 118 -41.55 -55.89 20.17
C ASP D 118 -42.80 -56.69 19.86
N ALA D 119 -42.79 -57.98 20.20
CA ALA D 119 -43.91 -58.88 19.89
C ALA D 119 -45.11 -58.68 20.81
N GLY D 120 -44.90 -57.99 21.93
CA GLY D 120 -45.94 -57.77 22.93
C GLY D 120 -45.40 -58.02 24.32
N PHE D 121 -45.86 -57.23 25.27
CA PHE D 121 -45.50 -57.44 26.68
C PHE D 121 -46.27 -58.64 27.25
N LYS D 122 -45.57 -59.43 28.05
CA LYS D 122 -46.16 -60.45 28.95
C LYS D 122 -45.44 -60.27 30.29
N GLU D 123 -45.97 -60.85 31.35
CA GLU D 123 -45.28 -60.81 32.65
C GLU D 123 -43.90 -61.43 32.55
N GLY D 124 -42.94 -60.84 33.28
CA GLY D 124 -41.56 -61.32 33.33
C GLY D 124 -40.63 -60.68 32.32
N ARG D 125 -41.19 -60.12 31.24
CA ARG D 125 -40.41 -59.46 30.20
C ARG D 125 -39.83 -58.11 30.58
N GLN D 126 -40.33 -57.50 31.65
CA GLN D 126 -39.75 -56.28 32.20
C GLN D 126 -38.40 -56.46 32.89
N TYR D 127 -37.99 -57.70 33.13
CA TYR D 127 -36.82 -57.99 33.95
C TYR D 127 -35.61 -58.32 33.07
N GLY D 128 -34.47 -57.73 33.43
CA GLY D 128 -33.20 -58.06 32.81
C GLY D 128 -32.89 -59.54 32.94
N ARG D 129 -32.44 -60.16 31.84
CA ARG D 129 -32.24 -61.60 31.77
C ARG D 129 -30.78 -62.03 32.01
N GLY D 130 -29.92 -61.09 32.40
CA GLY D 130 -28.56 -61.44 32.75
C GLY D 130 -28.45 -62.04 34.16
N ARG D 131 -27.41 -62.86 34.35
CA ARG D 131 -27.09 -63.49 35.63
C ARG D 131 -27.29 -62.57 36.83
N SER D 132 -26.62 -61.43 36.80
CA SER D 132 -26.57 -60.52 37.95
C SER D 132 -27.85 -59.72 38.20
N GLY D 133 -28.82 -59.77 37.28
CA GLY D 133 -30.11 -59.10 37.45
C GLY D 133 -30.43 -58.08 36.37
N GLY D 134 -29.41 -57.33 35.93
CA GLY D 134 -29.54 -56.39 34.82
C GLY D 134 -29.62 -57.03 33.45
N GLN D 135 -29.42 -56.22 32.41
CA GLN D 135 -29.50 -56.71 31.03
C GLN D 135 -28.28 -57.59 30.68
N VAL D 136 -28.50 -58.55 29.77
CA VAL D 136 -27.44 -59.42 29.26
C VAL D 136 -26.26 -58.62 28.71
N ARG D 137 -26.57 -57.63 27.89
CA ARG D 137 -25.53 -56.74 27.32
C ARG D 137 -24.61 -56.09 28.37
N ASP D 138 -25.14 -55.83 29.56
CA ASP D 138 -24.35 -55.20 30.65
C ASP D 138 -23.37 -56.10 31.43
N GLU D 139 -23.40 -57.42 31.22
CA GLU D 139 -22.48 -58.32 31.95
C GLU D 139 -21.09 -58.41 31.29
N TYR D 140 -21.05 -58.75 30.01
CA TYR D 140 -19.71 -59.02 29.39
C TYR D 140 -18.99 -57.81 28.85
N ARG D 141 -19.60 -56.63 28.89
CA ARG D 141 -18.97 -55.41 28.39
C ARG D 141 -17.81 -54.96 29.27
N GLN D 142 -16.75 -54.46 28.63
CA GLN D 142 -15.51 -54.03 29.29
C GLN D 142 -15.55 -52.54 29.68
N ASP D 143 -16.07 -51.71 28.75
CA ASP D 143 -16.08 -50.24 28.88
C ASP D 143 -16.68 -49.64 30.16
N TYR D 144 -16.34 -48.38 30.44
CA TYR D 144 -16.92 -47.63 31.55
C TYR D 144 -18.06 -46.76 31.03
N ASP D 145 -19.22 -46.90 31.66
CA ASP D 145 -20.45 -46.25 31.25
C ASP D 145 -21.17 -45.69 32.50
N ALA D 146 -20.86 -44.44 32.85
CA ALA D 146 -21.46 -43.76 34.01
C ALA D 146 -22.98 -43.98 34.14
N GLY D 147 -23.69 -43.89 33.00
CA GLY D 147 -25.13 -44.07 32.95
C GLY D 147 -25.64 -45.50 33.06
N ARG D 148 -24.78 -46.50 33.01
CA ARG D 148 -25.21 -47.90 33.17
C ARG D 148 -24.50 -48.65 34.32
N GLY D 149 -24.31 -47.97 35.45
CA GLY D 149 -23.75 -48.58 36.67
C GLY D 149 -22.28 -48.31 36.87
N GLY D 150 -21.48 -48.65 35.86
CA GLY D 150 -20.04 -48.36 35.86
C GLY D 150 -19.35 -49.27 34.84
N TYR D 151 -18.52 -50.18 35.33
CA TYR D 151 -17.94 -51.22 34.48
C TYR D 151 -18.96 -52.35 34.38
N GLY D 152 -18.76 -53.26 33.43
CA GLY D 152 -19.60 -54.46 33.35
C GLY D 152 -19.45 -55.31 34.59
N LYS D 153 -20.31 -56.30 34.75
CA LYS D 153 -20.29 -57.15 35.96
C LYS D 153 -19.10 -58.13 36.08
N LEU D 154 -18.47 -58.48 34.94
CA LEU D 154 -17.16 -59.17 34.97
C LEU D 154 -16.07 -58.24 35.52
N ALA D 155 -15.87 -57.09 34.89
CA ALA D 155 -14.76 -56.15 35.23
C ALA D 155 -14.89 -55.37 36.56
N GLN D 156 -15.99 -55.57 37.27
CA GLN D 156 -16.21 -55.05 38.62
C GLN D 156 -16.17 -56.21 39.63
N LYS E 2 -26.01 -38.68 38.85
CA LYS E 2 -26.19 -37.76 40.04
C LYS E 2 -27.49 -38.00 40.84
N ARG E 3 -28.58 -38.42 40.17
CA ARG E 3 -29.93 -38.51 40.81
C ARG E 3 -30.24 -39.87 41.41
N THR E 4 -31.31 -39.90 42.21
CA THR E 4 -31.76 -41.09 42.93
C THR E 4 -32.75 -41.90 42.08
N GLN E 5 -32.47 -43.19 41.89
CA GLN E 5 -33.43 -44.09 41.26
C GLN E 5 -34.54 -44.43 42.23
N ILE E 6 -35.75 -44.61 41.71
CA ILE E 6 -36.85 -45.14 42.51
C ILE E 6 -36.84 -46.66 42.39
N VAL E 7 -37.51 -47.32 43.35
CA VAL E 7 -37.74 -48.77 43.32
C VAL E 7 -39.18 -49.04 42.86
N TYR E 8 -39.33 -50.04 42.00
CA TYR E 8 -40.65 -50.40 41.43
C TYR E 8 -41.27 -51.60 42.17
N SER E 9 -42.55 -51.46 42.53
CA SER E 9 -43.28 -52.42 43.34
C SER E 9 -43.56 -53.75 42.61
N ASP E 10 -44.14 -54.70 43.35
CA ASP E 10 -44.55 -55.99 42.80
C ASP E 10 -45.89 -55.90 42.05
N ASP E 11 -46.74 -54.96 42.47
CA ASP E 11 -48.11 -54.82 41.92
C ASP E 11 -48.29 -53.68 40.89
N VAL E 12 -47.20 -53.00 40.51
CA VAL E 12 -47.29 -51.77 39.68
C VAL E 12 -47.66 -52.07 38.19
N TYR E 13 -47.32 -53.27 37.69
CA TYR E 13 -47.73 -53.72 36.35
C TYR E 13 -48.69 -54.91 36.44
N LYS E 14 -49.92 -54.65 36.90
CA LYS E 14 -51.00 -55.64 36.97
C LYS E 14 -52.34 -55.05 36.51
N GLU E 15 -53.27 -55.95 36.17
CA GLU E 15 -54.67 -55.62 35.85
C GLU E 15 -54.92 -54.86 34.52
N ASN E 16 -54.12 -53.84 34.19
CA ASN E 16 -54.39 -52.93 33.05
C ASN E 16 -55.68 -52.14 33.25
N ASP E 19 -58.19 -47.45 29.17
CA ASP E 19 -59.14 -48.25 28.38
C ASP E 19 -60.53 -48.29 29.04
N GLY E 20 -61.56 -48.13 28.19
CA GLY E 20 -62.95 -48.02 28.64
C GLY E 20 -63.71 -46.89 27.93
N PHE E 21 -63.00 -45.82 27.55
CA PHE E 21 -63.50 -44.73 26.69
C PHE E 21 -62.64 -44.65 25.42
N ALA F 6 42.23 62.60 15.21
CA ALA F 6 43.40 62.22 14.38
C ALA F 6 43.02 61.17 13.33
N ASN F 7 42.59 59.99 13.80
CA ASN F 7 42.26 58.84 12.93
C ASN F 7 41.10 59.10 11.96
N GLU F 8 40.13 59.90 12.39
CA GLU F 8 38.83 59.96 11.70
C GLU F 8 38.87 60.71 10.37
N THR F 9 39.37 61.94 10.36
CA THR F 9 39.50 62.76 9.14
C THR F 9 40.54 62.16 8.19
N GLU F 10 41.62 61.59 8.75
CA GLU F 10 42.64 60.84 8.01
C GLU F 10 41.98 59.73 7.16
N ASP F 11 41.24 58.82 7.83
CA ASP F 11 40.42 57.78 7.15
C ASP F 11 39.31 58.33 6.25
N HIS F 12 38.70 59.46 6.63
CA HIS F 12 37.67 60.11 5.80
C HIS F 12 38.26 60.52 4.46
N LEU F 13 39.44 61.18 4.52
CA LEU F 13 40.10 61.70 3.32
C LEU F 13 40.45 60.58 2.32
N GLU F 14 40.99 59.49 2.84
CA GLU F 14 41.29 58.33 2.00
C GLU F 14 40.01 57.83 1.31
N SER F 15 38.95 57.63 2.10
CA SER F 15 37.70 57.11 1.56
C SER F 15 37.05 58.03 0.54
N LEU F 16 37.15 59.34 0.72
CA LEU F 16 36.62 60.31 -0.26
C LEU F 16 37.40 60.29 -1.58
N ILE F 17 38.73 60.28 -1.47
CA ILE F 17 39.59 60.22 -2.63
C ILE F 17 39.32 58.92 -3.41
N CYS F 18 39.28 57.79 -2.72
CA CYS F 18 38.97 56.53 -3.38
C CYS F 18 37.57 56.49 -4.02
N LYS F 19 36.58 57.07 -3.34
CA LYS F 19 35.19 56.95 -3.82
C LYS F 19 34.81 57.89 -4.95
N VAL F 20 35.55 58.98 -5.18
CA VAL F 20 35.29 59.82 -6.36
C VAL F 20 35.50 58.98 -7.62
N GLY F 21 34.62 59.15 -8.60
CA GLY F 21 34.69 58.36 -9.81
C GLY F 21 33.81 57.12 -9.84
N GLU F 22 33.41 56.61 -8.69
CA GLU F 22 32.47 55.50 -8.63
C GLU F 22 31.05 55.98 -8.96
N LYS F 23 30.15 55.02 -9.21
CA LYS F 23 28.69 55.26 -9.38
C LYS F 23 28.11 56.25 -8.36
N SER F 24 27.41 57.26 -8.85
CA SER F 24 26.92 58.36 -8.03
C SER F 24 25.67 58.98 -8.66
N ALA F 25 24.80 59.54 -7.80
CA ALA F 25 23.62 60.29 -8.27
C ALA F 25 24.02 61.56 -9.02
N CYS F 26 25.06 62.25 -8.54
CA CYS F 26 25.58 63.47 -9.16
C CYS F 26 26.55 63.16 -10.28
N SER F 27 26.91 64.19 -11.04
CA SER F 27 27.86 64.06 -12.14
C SER F 27 29.28 63.92 -11.61
N LEU F 28 30.15 63.35 -12.45
CA LEU F 28 31.57 63.24 -12.15
C LEU F 28 32.20 64.61 -11.93
N GLU F 29 31.80 65.57 -12.77
CA GLU F 29 32.30 66.94 -12.71
C GLU F 29 31.99 67.58 -11.35
N SER F 30 30.74 67.42 -10.93
CA SER F 30 30.29 67.96 -9.65
C SER F 30 31.09 67.41 -8.47
N ASN F 31 31.21 66.08 -8.43
CA ASN F 31 31.95 65.37 -7.37
C ASN F 31 33.42 65.77 -7.30
N LEU F 32 34.05 65.97 -8.46
CA LEU F 32 35.46 66.40 -8.52
C LEU F 32 35.62 67.81 -7.99
N GLU F 33 34.77 68.72 -8.46
CA GLU F 33 34.73 70.10 -7.97
C GLU F 33 34.53 70.12 -6.45
N GLY F 34 33.56 69.33 -5.99
CA GLY F 34 33.25 69.23 -4.56
C GLY F 34 34.43 68.76 -3.72
N LEU F 35 35.01 67.62 -4.12
CA LEU F 35 36.17 67.04 -3.44
C LEU F 35 37.36 68.00 -3.44
N ALA F 36 37.61 68.65 -4.58
CA ALA F 36 38.70 69.63 -4.69
C ALA F 36 38.57 70.73 -3.64
N GLY F 37 37.33 71.15 -3.39
CA GLY F 37 37.02 72.10 -2.32
C GLY F 37 37.33 71.55 -0.94
N VAL F 38 36.85 70.35 -0.67
CA VAL F 38 37.04 69.70 0.63
C VAL F 38 38.54 69.50 0.94
N LEU F 39 39.33 69.14 -0.06
CA LEU F 39 40.77 68.93 0.11
C LEU F 39 41.56 70.24 0.29
N GLU F 40 41.19 71.29 -0.45
CA GLU F 40 41.82 72.61 -0.28
C GLU F 40 41.64 73.12 1.16
N ALA F 41 40.41 72.99 1.69
CA ALA F 41 40.08 73.34 3.07
C ALA F 41 40.97 72.67 4.13
N ASP F 42 41.35 71.42 3.87
CA ASP F 42 42.18 70.63 4.80
C ASP F 42 43.69 70.72 4.54
N LEU F 43 44.11 71.48 3.52
CA LEU F 43 45.55 71.72 3.27
C LEU F 43 46.36 72.32 4.42
N PRO F 44 45.80 73.31 5.17
CA PRO F 44 46.54 73.81 6.33
C PRO F 44 47.20 72.73 7.18
N ASN F 45 46.46 71.67 7.51
CA ASN F 45 46.95 70.61 8.42
C ASN F 45 46.72 69.14 7.97
N TYR F 46 46.56 68.92 6.65
CA TYR F 46 46.62 67.58 6.04
C TYR F 46 47.33 67.53 4.66
N LYS F 47 48.17 68.53 4.36
CA LYS F 47 48.92 68.60 3.10
C LYS F 47 49.79 67.35 2.97
N SER F 48 50.55 67.08 4.02
CA SER F 48 51.36 65.88 4.15
C SER F 48 50.60 64.62 3.69
N LYS F 49 49.41 64.42 4.24
CA LYS F 49 48.63 63.22 4.01
C LYS F 49 48.05 63.17 2.60
N ILE F 50 47.50 64.30 2.16
CA ILE F 50 46.85 64.40 0.84
C ILE F 50 47.84 64.16 -0.31
N LEU F 51 49.08 64.61 -0.15
CA LEU F 51 50.13 64.31 -1.14
C LEU F 51 50.38 62.81 -1.22
N ARG F 52 50.58 62.18 -0.07
CA ARG F 52 50.83 60.75 -0.01
C ARG F 52 49.67 59.98 -0.63
N LEU F 53 48.44 60.36 -0.30
CA LEU F 53 47.27 59.68 -0.85
C LEU F 53 47.15 59.81 -2.36
N LEU F 54 47.37 61.00 -2.90
CA LEU F 54 47.28 61.17 -4.34
C LEU F 54 48.46 60.50 -5.05
N CYS F 55 49.63 60.46 -4.44
CA CYS F 55 50.74 59.66 -4.96
C CYS F 55 50.44 58.15 -4.97
N THR F 56 49.70 57.71 -3.96
CA THR F 56 49.28 56.31 -3.84
C THR F 56 48.28 55.95 -4.94
N VAL F 57 47.25 56.77 -5.14
CA VAL F 57 46.25 56.44 -6.18
C VAL F 57 46.80 56.57 -7.61
N ALA F 58 47.87 57.35 -7.77
CA ALA F 58 48.56 57.43 -9.05
C ALA F 58 49.24 56.10 -9.37
N ARG F 59 49.73 55.43 -8.33
CA ARG F 59 50.47 54.18 -8.39
C ARG F 59 49.58 52.92 -8.39
N LEU F 60 48.51 52.93 -7.58
CA LEU F 60 47.63 51.77 -7.41
C LEU F 60 46.30 51.79 -8.16
N LEU F 61 45.87 52.95 -8.66
CA LEU F 61 44.60 53.05 -9.40
C LEU F 61 44.78 53.71 -10.77
N PRO F 62 45.64 53.13 -11.62
CA PRO F 62 45.81 53.66 -12.97
C PRO F 62 44.57 53.49 -13.80
N GLU F 63 43.74 52.52 -13.46
CA GLU F 63 42.44 52.35 -14.12
C GLU F 63 41.55 53.62 -14.03
N LYS F 64 41.76 54.46 -13.02
CA LYS F 64 41.03 55.74 -12.85
C LYS F 64 41.99 56.93 -12.97
N LEU F 65 42.97 56.82 -13.87
CA LEU F 65 44.02 57.82 -14.08
C LEU F 65 43.48 59.23 -14.29
N THR F 66 42.63 59.39 -15.31
CA THR F 66 42.19 60.73 -15.71
C THR F 66 41.23 61.38 -14.71
N ILE F 67 40.60 60.59 -13.85
CA ILE F 67 39.87 61.14 -12.71
C ILE F 67 40.82 61.87 -11.75
N TYR F 68 41.93 61.23 -11.40
CA TYR F 68 42.83 61.81 -10.39
C TYR F 68 43.76 62.89 -10.92
N THR F 69 44.14 62.83 -12.20
CA THR F 69 44.90 63.93 -12.81
C THR F 69 44.06 65.20 -12.84
N THR F 70 42.81 65.07 -13.28
CA THR F 70 41.84 66.17 -13.23
C THR F 70 41.76 66.73 -11.80
N LEU F 71 41.63 65.86 -10.81
CA LEU F 71 41.55 66.31 -9.41
C LEU F 71 42.77 67.14 -9.01
N VAL F 72 43.96 66.67 -9.37
CA VAL F 72 45.20 67.37 -9.06
C VAL F 72 45.24 68.70 -9.80
N GLY F 73 44.73 68.71 -11.03
CA GLY F 73 44.63 69.93 -11.83
C GLY F 73 43.76 71.02 -11.22
N LEU F 74 42.62 70.62 -10.67
CA LEU F 74 41.73 71.51 -9.95
C LEU F 74 42.38 72.07 -8.68
N LEU F 75 43.16 71.22 -7.99
CA LEU F 75 43.88 71.65 -6.78
C LEU F 75 45.04 72.58 -7.11
N ASN F 76 45.70 72.33 -8.25
CA ASN F 76 46.76 73.20 -8.74
C ASN F 76 46.23 74.60 -9.05
N ALA F 77 45.04 74.68 -9.65
CA ALA F 77 44.39 75.96 -9.95
C ALA F 77 44.12 76.80 -8.70
N ARG F 78 43.59 76.17 -7.66
CA ARG F 78 43.31 76.87 -6.40
C ARG F 78 44.57 77.14 -5.57
N ASN F 79 45.59 76.30 -5.74
CA ASN F 79 46.83 76.43 -4.98
C ASN F 79 48.01 75.92 -5.81
N TYR F 80 48.72 76.86 -6.40
CA TYR F 80 49.89 76.58 -7.25
C TYR F 80 50.97 75.83 -6.49
N ASN F 81 51.21 76.23 -5.26
CA ASN F 81 52.29 75.64 -4.45
C ASN F 81 52.06 74.16 -4.14
N PHE F 82 50.80 73.79 -3.92
CA PHE F 82 50.43 72.38 -3.73
C PHE F 82 50.73 71.54 -4.97
N GLY F 83 50.35 72.05 -6.15
CA GLY F 83 50.69 71.40 -7.41
C GLY F 83 52.17 71.13 -7.56
N GLY F 84 52.99 72.09 -7.12
CA GLY F 84 54.44 71.98 -7.22
C GLY F 84 55.01 70.90 -6.33
N GLU F 85 54.57 70.85 -5.08
CA GLU F 85 55.00 69.80 -4.16
C GLU F 85 54.55 68.40 -4.60
N PHE F 86 53.37 68.31 -5.22
CA PHE F 86 52.88 67.06 -5.77
C PHE F 86 53.78 66.57 -6.88
N VAL F 87 54.05 67.43 -7.85
CA VAL F 87 54.95 67.08 -8.95
C VAL F 87 56.36 66.68 -8.43
N GLU F 88 56.81 67.31 -7.35
CA GLU F 88 58.09 66.91 -6.69
C GLU F 88 57.97 65.53 -6.07
N ALA F 89 56.89 65.30 -5.35
CA ALA F 89 56.62 64.00 -4.69
C ALA F 89 56.51 62.85 -5.68
N MET F 90 55.85 63.12 -6.81
CA MET F 90 55.75 62.14 -7.90
C MET F 90 57.12 61.76 -8.48
N ILE F 91 58.02 62.73 -8.60
CA ILE F 91 59.36 62.46 -9.13
C ILE F 91 60.19 61.70 -8.09
N ARG F 92 60.05 62.03 -6.80
CA ARG F 92 60.68 61.22 -5.74
C ARG F 92 60.14 59.79 -5.79
N GLN F 93 58.82 59.65 -5.95
CA GLN F 93 58.18 58.33 -6.02
C GLN F 93 58.62 57.54 -7.26
N LEU F 94 58.78 58.22 -8.39
CA LEU F 94 59.24 57.57 -9.62
C LEU F 94 60.67 57.07 -9.50
N LYS F 95 61.57 57.91 -9.00
CA LYS F 95 62.98 57.53 -8.81
C LYS F 95 63.10 56.39 -7.81
N GLU F 96 62.32 56.47 -6.74
CA GLU F 96 62.31 55.44 -5.70
C GLU F 96 61.75 54.09 -6.20
N SER F 97 60.74 54.13 -7.07
CA SER F 97 60.19 52.93 -7.72
C SER F 97 61.20 52.28 -8.67
N LEU F 98 61.91 53.08 -9.44
CA LEU F 98 62.92 52.54 -10.36
C LEU F 98 64.11 51.92 -9.61
N LYS F 99 64.59 52.62 -8.58
CA LYS F 99 65.63 52.13 -7.67
C LYS F 99 65.26 50.75 -7.11
N ALA F 100 63.99 50.57 -6.73
CA ALA F 100 63.50 49.30 -6.16
C ALA F 100 63.01 48.27 -7.21
N ASN F 101 63.35 48.44 -8.48
CA ASN F 101 62.88 47.57 -9.56
C ASN F 101 61.36 47.36 -9.67
N ASN F 102 60.54 48.34 -9.31
CA ASN F 102 59.08 48.29 -9.55
C ASN F 102 58.79 49.01 -10.84
N TYR F 103 59.29 48.43 -11.94
CA TYR F 103 59.13 49.04 -13.26
C TYR F 103 57.68 49.08 -13.70
N ASN F 104 56.84 48.15 -13.23
CA ASN F 104 55.44 48.12 -13.64
C ASN F 104 54.61 49.21 -12.94
N GLU F 105 54.91 49.49 -11.67
CA GLU F 105 54.33 50.66 -11.00
C GLU F 105 54.83 51.97 -11.60
N ALA F 106 56.11 52.03 -11.93
CA ALA F 106 56.71 53.22 -12.52
C ALA F 106 56.03 53.69 -13.82
N VAL F 107 55.54 52.76 -14.65
CA VAL F 107 54.81 53.13 -15.87
C VAL F 107 53.60 53.98 -15.54
N TYR F 108 52.87 53.59 -14.50
CA TYR F 108 51.64 54.29 -14.12
C TYR F 108 51.99 55.70 -13.67
N LEU F 109 53.08 55.84 -12.93
CA LEU F 109 53.57 57.15 -12.52
C LEU F 109 53.97 58.03 -13.73
N VAL F 110 54.62 57.42 -14.70
CA VAL F 110 54.99 58.13 -15.93
C VAL F 110 53.74 58.56 -16.69
N ARG F 111 52.72 57.70 -16.78
CA ARG F 111 51.48 58.10 -17.46
C ARG F 111 50.72 59.17 -16.71
N PHE F 112 50.80 59.17 -15.38
CA PHE F 112 50.14 60.19 -14.56
C PHE F 112 50.75 61.57 -14.85
N LEU F 113 52.08 61.64 -14.82
CA LEU F 113 52.80 62.87 -15.17
C LEU F 113 52.45 63.31 -16.58
N SER F 114 52.42 62.37 -17.52
CA SER F 114 52.05 62.66 -18.89
C SER F 114 50.69 63.33 -18.96
N ASP F 115 49.66 62.68 -18.43
CA ASP F 115 48.30 63.20 -18.53
C ASP F 115 48.11 64.49 -17.73
N LEU F 116 48.95 64.72 -16.71
CA LEU F 116 48.99 66.03 -16.02
C LEU F 116 49.32 67.23 -16.94
N VAL F 117 49.94 66.99 -18.10
CA VAL F 117 50.14 68.04 -19.11
C VAL F 117 48.80 68.51 -19.67
N ASN F 118 47.91 67.57 -19.96
CA ASN F 118 46.56 67.89 -20.42
C ASN F 118 45.72 68.63 -19.36
N CYS F 119 46.13 68.55 -18.08
CA CYS F 119 45.48 69.29 -16.98
C CYS F 119 46.14 70.63 -16.61
N HIS F 120 47.07 71.10 -17.45
CA HIS F 120 47.82 72.34 -17.22
C HIS F 120 48.45 72.37 -15.83
N VAL F 121 49.06 71.25 -15.45
CA VAL F 121 49.88 71.15 -14.24
C VAL F 121 51.36 71.03 -14.60
N ILE F 122 51.66 70.38 -15.72
CA ILE F 122 53.04 70.23 -16.20
C ILE F 122 53.16 70.86 -17.60
N ALA F 123 54.27 71.57 -17.79
CA ALA F 123 54.56 72.25 -19.05
C ALA F 123 55.00 71.20 -20.06
N ALA F 124 54.38 71.21 -21.24
CA ALA F 124 54.69 70.25 -22.30
C ALA F 124 56.19 70.10 -22.66
N PRO F 125 56.96 71.21 -22.68
CA PRO F 125 58.43 71.11 -22.84
C PRO F 125 59.13 70.13 -21.89
N SER F 126 58.83 70.23 -20.59
CA SER F 126 59.38 69.32 -19.56
C SER F 126 59.16 67.85 -19.85
N MET F 127 57.94 67.52 -20.28
CA MET F 127 57.56 66.14 -20.55
C MET F 127 58.28 65.61 -21.80
N VAL F 128 58.47 66.47 -22.80
CA VAL F 128 59.24 66.11 -23.99
C VAL F 128 60.74 65.93 -23.63
N ALA F 129 61.24 66.76 -22.71
CA ALA F 129 62.63 66.63 -22.20
C ALA F 129 62.85 65.31 -21.48
N MET F 130 61.88 64.93 -20.64
CA MET F 130 61.91 63.65 -19.95
C MET F 130 61.92 62.51 -20.95
N PHE F 131 61.05 62.57 -21.95
CA PHE F 131 61.00 61.51 -22.97
C PHE F 131 62.25 61.46 -23.86
N GLU F 132 62.90 62.60 -24.08
CA GLU F 132 64.22 62.62 -24.74
C GLU F 132 65.22 61.76 -23.95
N ASN F 133 65.26 61.95 -22.63
CA ASN F 133 66.11 61.16 -21.74
C ASN F 133 65.75 59.68 -21.64
N PHE F 134 64.44 59.37 -21.75
CA PHE F 134 63.98 57.99 -21.75
C PHE F 134 64.50 57.28 -22.99
N VAL F 135 64.22 57.83 -24.16
CA VAL F 135 64.62 57.21 -25.43
C VAL F 135 66.14 57.18 -25.60
N SER F 136 66.84 58.11 -24.97
CA SER F 136 68.31 58.10 -24.98
C SER F 136 68.92 56.88 -24.24
N VAL F 137 68.12 56.18 -23.44
CA VAL F 137 68.57 54.90 -22.88
C VAL F 137 68.79 53.86 -24.00
N THR F 138 68.15 54.03 -25.16
CA THR F 138 68.44 53.15 -26.30
C THR F 138 69.89 53.24 -26.83
N GLN F 139 70.57 54.36 -26.57
CA GLN F 139 71.96 54.56 -26.98
C GLN F 139 72.99 54.23 -25.90
N GLU F 140 72.57 53.91 -24.66
CA GLU F 140 73.48 53.33 -23.66
C GLU F 140 74.12 52.06 -24.23
N GLU F 141 75.41 51.87 -23.96
CA GLU F 141 76.17 50.71 -24.47
C GLU F 141 76.34 49.64 -23.40
N ASP F 142 76.35 48.38 -23.85
CA ASP F 142 76.51 47.20 -22.99
C ASP F 142 75.53 47.19 -21.82
N VAL F 143 74.24 47.26 -22.16
CA VAL F 143 73.12 47.10 -21.24
C VAL F 143 72.07 46.16 -21.87
N PRO F 144 71.22 45.53 -21.05
CA PRO F 144 70.22 44.60 -21.59
C PRO F 144 69.15 45.23 -22.50
N GLN F 145 68.71 44.49 -23.51
CA GLN F 145 67.55 44.88 -24.33
C GLN F 145 66.32 45.19 -23.47
N VAL F 146 66.07 44.39 -22.44
CA VAL F 146 64.93 44.59 -21.54
C VAL F 146 64.96 45.90 -20.74
N ARG F 147 66.14 46.48 -20.54
CA ARG F 147 66.24 47.82 -19.96
C ARG F 147 65.82 48.87 -20.98
N ARG F 148 66.39 48.77 -22.17
CA ARG F 148 66.09 49.69 -23.25
C ARG F 148 64.59 49.64 -23.57
N ASP F 149 64.08 48.42 -23.72
CA ASP F 149 62.66 48.16 -23.96
C ASP F 149 61.74 48.92 -23.01
N TRP F 150 62.01 48.86 -21.71
CA TRP F 150 61.10 49.43 -20.73
C TRP F 150 60.97 50.94 -20.88
N TYR F 151 62.10 51.63 -21.07
CA TYR F 151 62.09 53.09 -21.24
C TYR F 151 61.34 53.50 -22.50
N VAL F 152 61.47 52.73 -23.58
CA VAL F 152 60.69 52.93 -24.78
C VAL F 152 59.19 52.70 -24.54
N TYR F 153 58.85 51.63 -23.82
CA TYR F 153 57.45 51.28 -23.52
C TYR F 153 56.80 52.36 -22.64
N ALA F 154 57.53 52.86 -21.65
CA ALA F 154 57.01 53.92 -20.77
C ALA F 154 56.66 55.15 -21.58
N PHE F 155 57.47 55.44 -22.60
CA PHE F 155 57.24 56.54 -23.53
C PHE F 155 56.04 56.25 -24.41
N LEU F 156 56.12 55.22 -25.24
CA LEU F 156 55.06 54.94 -26.21
C LEU F 156 53.69 54.73 -25.56
N SER F 157 53.63 54.03 -24.43
CA SER F 157 52.37 53.75 -23.74
C SER F 157 51.75 54.97 -23.05
N SER F 158 52.53 56.04 -22.88
CA SER F 158 52.01 57.32 -22.38
C SER F 158 51.33 58.16 -23.47
N LEU F 159 51.63 57.90 -24.73
CA LEU F 159 51.16 58.77 -25.83
C LEU F 159 49.65 58.76 -26.10
N PRO F 160 48.93 57.66 -25.82
CA PRO F 160 47.48 57.80 -26.00
C PRO F 160 46.83 58.87 -25.10
N TRP F 161 47.49 59.23 -24.00
CA TRP F 161 46.99 60.28 -23.12
C TRP F 161 47.50 61.66 -23.51
N VAL F 162 48.82 61.79 -23.68
CA VAL F 162 49.48 63.09 -23.84
C VAL F 162 50.02 63.35 -25.25
N GLY F 163 49.87 62.39 -26.16
CA GLY F 163 50.56 62.45 -27.46
C GLY F 163 50.16 63.62 -28.35
N LYS F 164 48.90 64.02 -28.27
CA LYS F 164 48.42 65.16 -29.05
C LYS F 164 49.03 66.45 -28.54
N GLU F 165 48.99 66.66 -27.23
CA GLU F 165 49.48 67.91 -26.65
C GLU F 165 50.97 68.12 -26.89
N LEU F 166 51.76 67.06 -26.80
CA LEU F 166 53.21 67.14 -27.04
C LEU F 166 53.55 67.44 -28.50
N TYR F 167 52.85 66.78 -29.41
CA TYR F 167 53.08 66.92 -30.84
C TYR F 167 52.52 68.25 -31.39
N GLU F 168 51.72 68.98 -30.62
CA GLU F 168 51.35 70.36 -30.97
C GLU F 168 52.45 71.30 -30.53
N LYS F 169 52.77 71.28 -29.24
CA LYS F 169 53.74 72.24 -28.68
C LYS F 169 55.19 72.08 -29.16
N LYS F 170 55.61 70.88 -29.55
CA LYS F 170 57.03 70.60 -29.83
C LYS F 170 57.22 69.57 -30.95
N ASP F 171 56.51 69.72 -32.06
CA ASP F 171 56.46 68.68 -33.11
C ASP F 171 57.84 68.32 -33.74
N ALA F 172 58.77 69.26 -33.74
CA ALA F 172 60.12 69.01 -34.25
C ALA F 172 60.89 68.04 -33.33
N GLU F 173 60.83 68.32 -32.03
CA GLU F 173 61.52 67.52 -31.00
C GLU F 173 60.97 66.10 -30.91
N MET F 174 59.66 65.95 -31.11
CA MET F 174 59.01 64.64 -31.08
C MET F 174 59.34 63.79 -32.31
N ASP F 175 59.44 64.42 -33.49
CA ASP F 175 59.88 63.70 -34.69
C ASP F 175 61.28 63.11 -34.53
N ARG F 176 62.15 63.80 -33.77
CA ARG F 176 63.50 63.30 -33.46
C ARG F 176 63.44 62.09 -32.53
N ILE F 177 62.67 62.22 -31.45
CA ILE F 177 62.46 61.13 -30.50
C ILE F 177 61.86 59.92 -31.22
N PHE F 178 60.83 60.15 -32.04
CA PHE F 178 60.26 59.08 -32.87
C PHE F 178 61.24 58.42 -33.83
N ALA F 179 62.16 59.21 -34.39
CA ALA F 179 63.19 58.68 -35.29
C ALA F 179 64.10 57.69 -34.57
N ASN F 180 64.63 58.11 -33.42
CA ASN F 180 65.49 57.27 -32.58
C ASN F 180 64.76 56.03 -32.05
N THR F 181 63.51 56.21 -31.65
CA THR F 181 62.67 55.09 -31.23
C THR F 181 62.49 54.09 -32.36
N GLU F 182 62.20 54.55 -33.58
CA GLU F 182 61.96 53.66 -34.72
C GLU F 182 63.21 52.85 -35.08
N SER F 183 64.36 53.51 -35.09
CA SER F 183 65.62 52.83 -35.44
C SER F 183 66.05 51.86 -34.34
N TYR F 184 65.68 52.14 -33.08
CA TYR F 184 65.88 51.17 -31.99
C TYR F 184 65.01 49.93 -32.18
N LEU F 185 63.72 50.12 -32.43
CA LEU F 185 62.81 49.00 -32.64
C LEU F 185 63.18 48.12 -33.83
N LYS F 186 63.77 48.73 -34.87
CA LYS F 186 64.22 48.02 -36.06
C LYS F 186 65.36 47.05 -35.75
N ARG F 187 66.29 47.43 -34.87
CA ARG F 187 67.45 46.59 -34.54
C ARG F 187 67.27 45.71 -33.27
N ARG F 188 66.04 45.59 -32.77
CA ARG F 188 65.75 44.75 -31.59
C ARG F 188 65.77 43.27 -31.95
N GLN F 189 66.32 42.46 -31.05
CA GLN F 189 66.32 41.00 -31.19
C GLN F 189 64.95 40.48 -30.80
N LYS F 190 64.39 39.58 -31.63
CA LYS F 190 63.08 38.97 -31.38
C LYS F 190 63.19 37.46 -31.06
N THR F 191 64.24 37.07 -30.34
CA THR F 191 64.53 35.65 -30.08
C THR F 191 63.50 35.01 -29.16
N HIS F 192 63.02 35.82 -28.23
CA HIS F 192 62.05 35.41 -27.22
C HIS F 192 60.65 35.08 -27.73
N VAL F 193 60.28 35.57 -28.90
CA VAL F 193 58.87 35.54 -29.35
C VAL F 193 58.25 34.15 -29.39
N PRO F 194 58.90 33.17 -30.04
CA PRO F 194 58.26 31.84 -30.10
C PRO F 194 58.09 31.15 -28.74
N MET F 195 58.81 31.60 -27.71
CA MET F 195 58.65 31.06 -26.37
C MET F 195 57.42 31.64 -25.63
N LEU F 196 56.95 32.80 -26.06
CA LEU F 196 55.89 33.53 -25.39
C LEU F 196 54.55 33.59 -26.14
N GLN F 197 54.52 33.17 -27.39
CA GLN F 197 53.28 33.14 -28.16
C GLN F 197 52.37 32.05 -27.66
N VAL F 198 51.09 32.36 -27.52
CA VAL F 198 50.09 31.35 -27.22
C VAL F 198 49.85 30.48 -28.45
N TRP F 199 49.90 31.07 -29.65
CA TRP F 199 49.77 30.34 -30.92
C TRP F 199 50.92 30.71 -31.87
N THR F 200 51.52 29.72 -32.52
CA THR F 200 52.55 29.95 -33.55
C THR F 200 51.95 30.43 -34.88
N ALA F 201 50.74 29.96 -35.18
CA ALA F 201 50.00 30.36 -36.40
C ALA F 201 49.71 31.85 -36.41
N ASP F 202 49.93 32.50 -37.55
CA ASP F 202 49.69 33.95 -37.69
C ASP F 202 48.35 34.26 -38.35
N LYS F 203 47.48 33.28 -38.41
CA LYS F 203 46.13 33.42 -38.93
C LYS F 203 45.21 32.62 -37.97
N PRO F 204 44.06 33.15 -37.53
CA PRO F 204 43.45 34.42 -37.97
C PRO F 204 43.97 35.71 -37.32
N HIS F 205 44.75 35.61 -36.24
CA HIS F 205 45.34 36.77 -35.59
C HIS F 205 46.78 36.45 -35.24
N PRO F 206 47.73 37.25 -35.73
CA PRO F 206 49.09 37.04 -35.23
C PRO F 206 49.23 37.45 -33.77
N GLN F 207 50.01 36.67 -33.03
CA GLN F 207 50.38 37.02 -31.67
C GLN F 207 51.65 37.86 -31.73
N GLU F 208 51.45 39.18 -31.71
CA GLU F 208 52.53 40.12 -31.95
C GLU F 208 53.36 40.37 -30.71
N GLU F 209 54.61 40.76 -30.95
CA GLU F 209 55.52 41.14 -29.88
C GLU F 209 55.05 42.49 -29.33
N TYR F 210 55.11 42.69 -28.03
CA TYR F 210 54.43 43.84 -27.42
C TYR F 210 54.86 45.21 -27.91
N LEU F 211 56.14 45.41 -28.19
CA LEU F 211 56.61 46.71 -28.68
C LEU F 211 56.33 46.93 -30.16
N ASP F 212 56.36 45.86 -30.96
CA ASP F 212 55.96 45.97 -32.36
C ASP F 212 54.49 46.40 -32.47
N CYS F 213 53.66 45.83 -31.61
CA CYS F 213 52.25 46.11 -31.60
C CYS F 213 51.98 47.54 -31.14
N LEU F 214 52.60 47.95 -30.03
CA LEU F 214 52.40 49.29 -29.50
C LEU F 214 52.84 50.34 -30.50
N TRP F 215 53.96 50.07 -31.16
CA TRP F 215 54.46 50.97 -32.19
C TRP F 215 53.39 51.18 -33.26
N ALA F 216 52.91 50.08 -33.84
CA ALA F 216 51.88 50.15 -34.88
C ALA F 216 50.64 50.91 -34.42
N GLN F 217 50.27 50.74 -33.14
CA GLN F 217 49.14 51.45 -32.54
C GLN F 217 49.38 52.94 -32.50
N ILE F 218 50.55 53.32 -32.00
CA ILE F 218 50.94 54.73 -31.94
C ILE F 218 51.08 55.33 -33.35
N GLN F 219 51.54 54.54 -34.32
CA GLN F 219 51.60 55.00 -35.72
C GLN F 219 50.20 55.35 -36.24
N LYS F 220 49.24 54.46 -36.04
CA LYS F 220 47.86 54.72 -36.44
C LYS F 220 47.29 55.92 -35.70
N LEU F 221 47.57 56.03 -34.41
CA LEU F 221 47.10 57.17 -33.63
C LEU F 221 47.62 58.46 -34.24
N LYS F 222 48.92 58.49 -34.58
CA LYS F 222 49.56 59.66 -35.19
C LYS F 222 48.93 60.01 -36.53
N LYS F 223 48.76 58.99 -37.38
CA LYS F 223 48.07 59.16 -38.66
C LYS F 223 46.68 59.77 -38.52
N ASP F 224 45.99 59.54 -37.39
CA ASP F 224 44.68 60.15 -37.11
C ASP F 224 44.76 61.43 -36.26
N ARG F 225 45.81 62.25 -36.48
CA ARG F 225 45.98 63.54 -35.79
C ARG F 225 45.87 63.43 -34.25
N TRP F 226 46.31 62.30 -33.69
CA TRP F 226 46.26 62.05 -32.25
C TRP F 226 44.84 62.12 -31.63
N GLN F 227 43.87 61.60 -32.37
CA GLN F 227 42.47 61.56 -31.94
C GLN F 227 42.11 60.12 -31.63
N GLU F 228 41.60 59.88 -30.42
CA GLU F 228 41.15 58.54 -30.04
C GLU F 228 39.75 58.62 -29.41
N ARG F 229 39.00 57.53 -29.57
CA ARG F 229 37.58 57.49 -29.25
C ARG F 229 37.22 56.80 -27.93
N HIS F 230 38.15 56.69 -26.98
CA HIS F 230 37.88 55.94 -25.73
C HIS F 230 38.18 56.62 -24.40
N ILE F 231 39.32 57.29 -24.28
CA ILE F 231 39.75 57.79 -22.97
C ILE F 231 38.79 58.87 -22.46
N LEU F 232 38.24 58.64 -21.27
CA LEU F 232 37.51 59.66 -20.54
C LEU F 232 38.46 60.75 -20.11
N ARG F 233 38.10 61.99 -20.38
CA ARG F 233 38.92 63.16 -20.06
C ARG F 233 38.05 64.19 -19.33
N PRO F 234 37.84 64.00 -18.01
CA PRO F 234 37.03 64.91 -17.20
C PRO F 234 37.52 66.35 -17.22
N TYR F 235 38.83 66.54 -17.30
CA TYR F 235 39.45 67.87 -17.39
C TYR F 235 38.94 68.76 -18.54
N LEU F 236 38.43 68.18 -19.62
CA LEU F 236 37.85 68.99 -20.73
C LEU F 236 36.62 69.82 -20.32
N ALA F 237 35.89 69.39 -19.32
CA ALA F 237 34.77 70.14 -18.77
C ALA F 237 35.19 71.18 -17.71
N PHE F 238 36.48 71.36 -17.46
CA PHE F 238 36.98 72.42 -16.58
C PHE F 238 37.96 73.28 -17.34
N ASP F 239 37.63 73.57 -18.59
CA ASP F 239 38.54 74.29 -19.49
C ASP F 239 38.83 75.72 -18.98
N SER F 240 37.78 76.40 -18.52
CA SER F 240 37.89 77.73 -17.88
C SER F 240 38.92 77.78 -16.77
N ILE F 241 38.74 76.90 -15.80
CA ILE F 241 39.50 76.93 -14.54
C ILE F 241 40.94 76.48 -14.75
N LEU F 242 41.14 75.46 -15.58
CA LEU F 242 42.47 74.89 -15.78
C LEU F 242 43.41 75.75 -16.63
N CYS F 243 42.87 76.57 -17.52
CA CYS F 243 43.71 77.46 -18.36
C CYS F 243 44.34 78.62 -17.59
N GLU F 244 43.62 79.18 -16.63
CA GLU F 244 44.17 80.23 -15.73
C GLU F 244 45.18 79.70 -14.70
N ALA F 245 45.25 78.38 -14.51
CA ALA F 245 46.22 77.77 -13.63
C ALA F 245 47.60 77.78 -14.26
N LEU F 246 48.60 78.06 -13.44
CA LEU F 246 49.98 78.14 -13.90
C LEU F 246 50.59 76.73 -13.86
N GLN F 247 51.50 76.48 -14.78
CA GLN F 247 52.13 75.19 -15.00
C GLN F 247 53.44 75.05 -14.21
N HIS F 248 53.94 73.82 -14.11
CA HIS F 248 55.19 73.51 -13.42
C HIS F 248 56.17 72.82 -14.34
N ASN F 249 57.44 72.88 -13.97
CA ASN F 249 58.51 72.26 -14.75
C ASN F 249 59.03 71.05 -13.98
N LEU F 250 59.25 69.95 -14.69
CA LEU F 250 59.90 68.79 -14.12
C LEU F 250 61.38 69.02 -14.10
N PRO F 251 62.09 68.54 -13.06
CA PRO F 251 63.56 68.57 -13.17
C PRO F 251 64.05 67.73 -14.37
N PRO F 252 65.29 67.96 -14.83
CA PRO F 252 65.87 66.99 -15.79
C PRO F 252 65.94 65.61 -15.16
N PHE F 253 65.67 64.59 -15.95
CA PHE F 253 65.63 63.22 -15.47
C PHE F 253 66.86 62.44 -15.97
N THR F 254 67.57 61.85 -15.01
CA THR F 254 68.66 60.93 -15.28
C THR F 254 68.17 59.53 -14.90
N PRO F 255 67.95 58.64 -15.91
CA PRO F 255 67.59 57.26 -15.56
C PRO F 255 68.60 56.61 -14.62
N PRO F 256 68.13 56.02 -13.48
CA PRO F 256 69.04 55.27 -12.61
C PRO F 256 69.86 54.28 -13.40
N PRO F 257 71.20 54.32 -13.26
CA PRO F 257 72.00 53.60 -14.24
C PRO F 257 72.00 52.09 -13.99
N HIS F 258 72.24 51.32 -15.05
CA HIS F 258 72.24 49.86 -14.98
C HIS F 258 73.30 49.32 -14.02
N THR F 259 72.86 48.60 -12.98
CA THR F 259 73.77 47.85 -12.10
C THR F 259 73.59 46.36 -12.39
N GLU F 260 74.30 45.50 -11.66
CA GLU F 260 74.07 44.07 -11.74
C GLU F 260 72.95 43.60 -10.80
N ASP F 261 72.54 44.47 -9.88
CA ASP F 261 71.30 44.28 -9.10
C ASP F 261 70.01 44.74 -9.80
N SER F 262 70.12 45.30 -11.00
CA SER F 262 68.96 45.74 -11.78
C SER F 262 68.17 44.55 -12.32
N VAL F 263 66.85 44.64 -12.23
CA VAL F 263 65.93 43.59 -12.69
C VAL F 263 64.81 44.25 -13.49
N TYR F 264 64.69 43.89 -14.77
CA TYR F 264 63.72 44.50 -15.67
C TYR F 264 62.56 43.55 -15.99
N PRO F 265 61.40 44.10 -16.39
CA PRO F 265 60.29 43.28 -16.86
C PRO F 265 60.66 42.41 -18.06
N MET F 266 60.15 41.18 -18.08
CA MET F 266 60.28 40.30 -19.23
C MET F 266 59.50 40.86 -20.39
N PRO F 267 59.95 40.62 -21.62
CA PRO F 267 59.13 41.00 -22.75
C PRO F 267 57.83 40.18 -22.76
N ARG F 268 56.88 40.65 -23.56
CA ARG F 268 55.54 40.07 -23.61
C ARG F 268 55.11 39.93 -25.05
N VAL F 269 54.10 39.11 -25.27
CA VAL F 269 53.46 38.94 -26.56
C VAL F 269 51.96 39.15 -26.36
N ILE F 270 51.36 39.98 -27.21
CA ILE F 270 49.97 40.39 -27.00
C ILE F 270 49.02 39.28 -27.42
N PHE F 271 48.23 38.82 -26.46
CA PHE F 271 47.17 37.86 -26.69
C PHE F 271 46.09 38.47 -27.58
N ARG F 272 45.60 37.70 -28.53
CA ARG F 272 44.59 38.18 -29.47
C ARG F 272 43.78 37.03 -30.04
N MET F 273 42.48 37.03 -29.74
CA MET F 273 41.54 36.07 -30.35
C MET F 273 40.34 36.69 -31.08
N PHE F 274 39.93 37.91 -30.71
CA PHE F 274 38.75 38.56 -31.30
C PHE F 274 39.04 39.71 -32.31
N ASP F 275 38.15 39.88 -33.27
CA ASP F 275 37.98 41.19 -33.95
C ASP F 275 36.48 41.50 -34.06
N TYR F 276 36.14 42.64 -34.71
CA TYR F 276 34.73 43.07 -34.85
C TYR F 276 33.81 42.02 -35.49
N THR F 277 34.36 41.15 -36.36
CA THR F 277 33.54 40.12 -37.02
C THR F 277 33.00 39.05 -36.06
N ASP F 278 33.58 38.93 -34.88
CA ASP F 278 33.09 38.01 -33.85
C ASP F 278 31.86 38.53 -33.07
N ASP F 279 31.53 39.82 -33.23
CA ASP F 279 30.31 40.44 -32.64
C ASP F 279 29.69 41.43 -33.64
N PRO F 280 28.93 40.91 -34.64
CA PRO F 280 28.37 41.82 -35.65
C PRO F 280 27.19 42.67 -35.15
N GLU F 281 26.34 42.12 -34.28
CA GLU F 281 25.21 42.88 -33.69
C GLU F 281 25.70 44.09 -32.88
N GLY F 282 26.64 43.84 -31.96
CA GLY F 282 27.04 44.84 -30.98
C GLY F 282 27.88 45.98 -31.52
N PRO F 283 28.32 46.89 -30.61
CA PRO F 283 29.14 48.05 -31.00
C PRO F 283 30.44 47.60 -31.65
N VAL F 284 30.96 48.39 -32.57
CA VAL F 284 32.14 47.96 -33.33
C VAL F 284 33.39 47.91 -32.44
N MET F 285 34.01 46.73 -32.39
CA MET F 285 35.19 46.48 -31.58
C MET F 285 36.39 47.25 -32.16
N PRO F 286 37.11 48.03 -31.32
CA PRO F 286 38.36 48.62 -31.77
C PRO F 286 39.36 47.57 -32.24
N GLY F 287 40.06 47.83 -33.35
CA GLY F 287 40.96 46.85 -33.94
C GLY F 287 42.25 46.65 -33.17
N SER F 288 42.97 45.58 -33.52
CA SER F 288 44.23 45.20 -32.85
C SER F 288 45.22 46.32 -32.82
N HIS F 289 45.28 47.07 -33.91
CA HIS F 289 46.27 48.13 -34.09
C HIS F 289 45.75 49.51 -33.72
N SER F 290 44.67 49.60 -32.95
CA SER F 290 44.16 50.87 -32.45
C SER F 290 44.57 51.06 -30.99
N VAL F 291 44.97 52.27 -30.60
CA VAL F 291 45.25 52.55 -29.17
C VAL F 291 44.06 52.32 -28.25
N GLU F 292 42.85 52.40 -28.81
CA GLU F 292 41.65 52.14 -28.03
C GLU F 292 41.69 50.70 -27.46
N ARG F 293 42.11 49.74 -28.29
CA ARG F 293 42.24 48.34 -27.84
C ARG F 293 43.29 48.21 -26.74
N PHE F 294 44.44 48.83 -26.95
CA PHE F 294 45.48 48.88 -25.92
C PHE F 294 44.94 49.45 -24.59
N VAL F 295 44.26 50.58 -24.65
CA VAL F 295 43.84 51.26 -23.43
C VAL F 295 42.75 50.48 -22.68
N ILE F 296 41.80 49.93 -23.43
CA ILE F 296 40.72 49.09 -22.86
C ILE F 296 41.33 47.93 -22.08
N GLU F 297 42.21 47.19 -22.75
CA GLU F 297 42.82 46.01 -22.15
C GLU F 297 43.75 46.34 -20.98
N GLU F 298 44.50 47.42 -21.11
CA GLU F 298 45.36 47.88 -20.02
C GLU F 298 44.54 48.22 -18.78
N ASN F 299 43.43 48.94 -18.94
CA ASN F 299 42.56 49.27 -17.82
C ASN F 299 41.91 48.02 -17.22
N LEU F 300 41.35 47.16 -18.07
CA LEU F 300 40.72 45.92 -17.59
C LEU F 300 41.70 45.04 -16.80
N HIS F 301 42.92 44.84 -17.32
CA HIS F 301 43.99 44.14 -16.59
C HIS F 301 44.26 44.82 -15.23
N CYS F 302 44.33 46.14 -15.23
CA CYS F 302 44.60 46.90 -14.00
C CYS F 302 43.49 46.78 -12.96
N ILE F 303 42.25 46.68 -13.42
CA ILE F 303 41.10 46.46 -12.53
C ILE F 303 41.25 45.11 -11.84
N ILE F 304 41.59 44.08 -12.61
CA ILE F 304 41.81 42.75 -12.05
C ILE F 304 42.95 42.79 -11.03
N LYS F 305 44.02 43.53 -11.34
CA LYS F 305 45.15 43.68 -10.42
C LYS F 305 44.73 44.29 -9.10
N SER F 306 43.80 45.25 -9.15
CA SER F 306 43.37 45.95 -7.95
C SER F 306 42.45 45.09 -7.09
N HIS F 307 41.54 44.33 -7.72
CA HIS F 307 40.48 43.61 -6.99
C HIS F 307 40.52 42.07 -7.08
N TRP F 308 41.67 41.48 -7.35
CA TRP F 308 41.76 40.01 -7.58
C TRP F 308 41.26 39.15 -6.41
N LYS F 309 41.43 39.64 -5.18
CA LYS F 309 41.06 38.91 -3.97
C LYS F 309 39.55 38.82 -3.71
N GLU F 310 38.81 39.78 -4.26
CA GLU F 310 37.38 39.94 -4.07
C GLU F 310 36.62 39.61 -5.37
N ARG F 311 36.34 38.32 -5.62
CA ARG F 311 35.76 37.92 -6.91
C ARG F 311 34.45 38.61 -7.32
N LYS F 312 33.56 38.92 -6.37
CA LYS F 312 32.31 39.63 -6.69
C LYS F 312 32.58 41.10 -7.05
N THR F 313 33.39 41.76 -6.23
CA THR F 313 33.82 43.13 -6.52
C THR F 313 34.52 43.25 -7.88
N CYS F 314 35.43 42.31 -8.14
CA CYS F 314 36.21 42.32 -9.35
C CYS F 314 35.30 42.23 -10.58
N ALA F 315 34.36 41.29 -10.54
CA ALA F 315 33.41 41.13 -11.63
C ALA F 315 32.57 42.39 -11.83
N ALA F 316 32.10 42.97 -10.74
CA ALA F 316 31.33 44.22 -10.78
C ALA F 316 32.09 45.34 -11.48
N GLN F 317 33.31 45.60 -11.00
CA GLN F 317 34.16 46.66 -11.52
C GLN F 317 34.44 46.52 -13.02
N LEU F 318 34.62 45.29 -13.47
CA LEU F 318 34.82 45.01 -14.89
C LEU F 318 33.57 45.34 -15.71
N VAL F 319 32.42 44.85 -15.26
CA VAL F 319 31.14 45.06 -15.95
C VAL F 319 30.76 46.55 -16.01
N SER F 320 31.07 47.30 -14.97
CA SER F 320 30.79 48.73 -14.96
C SER F 320 31.96 49.62 -15.43
N TYR F 321 32.78 49.09 -16.33
CA TYR F 321 33.93 49.83 -16.87
C TYR F 321 33.40 50.91 -17.82
N PRO F 322 33.71 52.20 -17.58
CA PRO F 322 33.23 53.28 -18.44
C PRO F 322 34.18 53.61 -19.58
N GLY F 323 33.63 54.09 -20.69
CA GLY F 323 34.41 54.65 -21.79
C GLY F 323 33.70 55.84 -22.43
N LYS F 324 34.44 56.63 -23.21
CA LYS F 324 33.85 57.75 -23.96
C LYS F 324 32.78 57.26 -24.92
N ASN F 325 33.00 56.10 -25.55
CA ASN F 325 32.07 55.52 -26.52
C ASN F 325 31.74 54.06 -26.20
N LYS F 326 30.65 53.58 -26.78
CA LYS F 326 30.18 52.23 -26.60
C LYS F 326 31.16 51.21 -27.18
N ILE F 327 31.48 50.19 -26.40
CA ILE F 327 32.39 49.10 -26.82
C ILE F 327 31.75 47.77 -26.46
N PRO F 328 32.14 46.68 -27.16
CA PRO F 328 31.62 45.36 -26.82
C PRO F 328 32.34 44.77 -25.59
N LEU F 329 31.97 45.29 -24.41
CA LEU F 329 32.68 45.07 -23.18
C LEU F 329 32.82 43.61 -22.78
N ASN F 330 31.77 42.84 -22.95
CA ASN F 330 31.79 41.40 -22.61
C ASN F 330 32.86 40.64 -23.38
N TYR F 331 33.12 41.04 -24.63
CA TYR F 331 34.20 40.44 -25.43
C TYR F 331 35.57 40.84 -24.91
N HIS F 332 35.75 42.11 -24.60
CA HIS F 332 36.98 42.60 -24.01
C HIS F 332 37.28 41.92 -22.67
N ILE F 333 36.26 41.75 -21.82
CA ILE F 333 36.45 41.13 -20.52
C ILE F 333 36.89 39.66 -20.67
N VAL F 334 36.20 38.92 -21.52
CA VAL F 334 36.55 37.52 -21.77
C VAL F 334 37.95 37.40 -22.39
N GLU F 335 38.27 38.27 -23.35
CA GLU F 335 39.58 38.24 -23.99
C GLU F 335 40.71 38.54 -23.01
N VAL F 336 40.52 39.55 -22.18
CA VAL F 336 41.50 39.92 -21.15
C VAL F 336 41.70 38.80 -20.14
N ILE F 337 40.63 38.10 -19.78
CA ILE F 337 40.76 37.01 -18.81
C ILE F 337 41.63 35.89 -19.36
N PHE F 338 41.34 35.41 -20.57
CA PHE F 338 42.17 34.39 -21.22
C PHE F 338 43.59 34.86 -21.52
N ALA F 339 43.75 36.15 -21.82
CA ALA F 339 45.08 36.72 -21.98
C ALA F 339 45.94 36.53 -20.72
N GLU F 340 45.33 36.76 -19.55
CA GLU F 340 46.00 36.53 -18.28
C GLU F 340 46.22 35.05 -18.05
N LEU F 341 45.22 34.23 -18.30
CA LEU F 341 45.33 32.81 -18.01
C LEU F 341 46.38 32.14 -18.86
N PHE F 342 46.48 32.54 -20.13
CA PHE F 342 47.44 31.93 -21.05
C PHE F 342 48.75 32.71 -21.17
N GLN F 343 48.96 33.71 -20.33
CA GLN F 343 50.22 34.47 -20.36
C GLN F 343 51.43 33.59 -20.08
N LEU F 344 52.47 33.77 -20.90
CA LEU F 344 53.75 33.10 -20.70
C LEU F 344 54.81 34.12 -20.28
N PRO F 345 55.59 33.84 -19.24
CA PRO F 345 55.69 32.52 -18.60
C PRO F 345 54.54 32.09 -17.73
N ALA F 346 53.96 33.01 -16.98
CA ALA F 346 52.89 32.66 -16.04
C ALA F 346 51.83 33.76 -15.94
N PRO F 347 50.62 33.40 -15.45
CA PRO F 347 49.59 34.40 -15.26
C PRO F 347 49.94 35.34 -14.11
N PRO F 348 49.35 36.55 -14.10
CA PRO F 348 49.55 37.46 -12.97
C PRO F 348 49.00 36.94 -11.65
N HIS F 349 47.99 36.09 -11.68
CA HIS F 349 47.34 35.61 -10.46
C HIS F 349 47.08 34.13 -10.55
N ILE F 350 46.79 33.53 -9.40
CA ILE F 350 46.54 32.09 -9.33
C ILE F 350 45.48 31.61 -10.34
N ASP F 351 45.80 30.54 -11.07
CA ASP F 351 45.01 30.11 -12.23
C ASP F 351 43.54 29.91 -11.89
N VAL F 352 43.26 29.39 -10.69
CA VAL F 352 41.91 29.06 -10.28
C VAL F 352 40.99 30.30 -10.19
N MET F 353 41.57 31.45 -9.90
CA MET F 353 40.81 32.69 -9.77
C MET F 353 40.03 33.01 -11.03
N TYR F 354 40.62 32.72 -12.19
CA TYR F 354 40.02 33.05 -13.47
C TYR F 354 38.76 32.23 -13.74
N THR F 355 38.75 31.00 -13.26
CA THR F 355 37.60 30.09 -13.43
C THR F 355 36.39 30.67 -12.69
N THR F 356 36.64 31.05 -11.44
CA THR F 356 35.65 31.61 -10.56
C THR F 356 35.24 33.02 -10.95
N LEU F 357 36.18 33.85 -11.40
CA LEU F 357 35.84 35.20 -11.88
C LEU F 357 34.84 35.14 -13.05
N LEU F 358 35.08 34.22 -13.99
CA LEU F 358 34.17 34.03 -15.12
C LEU F 358 32.77 33.56 -14.70
N ILE F 359 32.68 32.72 -13.67
CA ILE F 359 31.39 32.35 -13.08
C ILE F 359 30.68 33.62 -12.58
N GLU F 360 31.37 34.42 -11.78
CA GLU F 360 30.76 35.63 -11.19
C GLU F 360 30.33 36.64 -12.23
N LEU F 361 31.04 36.68 -13.36
CA LEU F 361 30.66 37.49 -14.51
C LEU F 361 29.40 36.96 -15.18
N CYS F 362 29.31 35.65 -15.37
CA CYS F 362 28.07 35.03 -15.86
C CYS F 362 26.87 35.36 -14.97
N LYS F 363 27.09 35.44 -13.66
CA LYS F 363 26.02 35.80 -12.74
C LYS F 363 25.51 37.23 -12.94
N LEU F 364 26.43 38.17 -13.16
CA LEU F 364 26.08 39.60 -13.38
C LEU F 364 25.46 39.88 -14.76
N GLN F 365 25.86 39.11 -15.77
CA GLN F 365 25.49 39.35 -17.16
C GLN F 365 24.94 38.06 -17.78
N PRO F 366 23.91 37.46 -17.14
CA PRO F 366 23.45 36.12 -17.54
C PRO F 366 22.83 36.06 -18.91
N GLY F 367 22.41 37.20 -19.44
CA GLY F 367 21.81 37.27 -20.77
C GLY F 367 22.78 37.36 -21.92
N SER F 368 24.01 37.79 -21.66
CA SER F 368 25.01 38.03 -22.72
C SER F 368 26.33 37.26 -22.56
N LEU F 369 26.88 37.25 -21.35
CA LEU F 369 28.26 36.78 -21.11
C LEU F 369 28.48 35.28 -21.40
N PRO F 370 27.55 34.40 -20.93
CA PRO F 370 27.70 32.96 -21.19
C PRO F 370 27.83 32.60 -22.66
N GLN F 371 27.18 33.36 -23.55
CA GLN F 371 27.23 33.08 -24.97
C GLN F 371 28.56 33.52 -25.54
N VAL F 372 29.11 34.61 -25.02
CA VAL F 372 30.44 35.07 -25.42
C VAL F 372 31.50 34.04 -24.98
N LEU F 373 31.36 33.55 -23.75
CA LEU F 373 32.30 32.56 -23.22
C LEU F 373 32.28 31.27 -24.01
N ALA F 374 31.09 30.82 -24.40
CA ALA F 374 30.96 29.61 -25.22
C ALA F 374 31.50 29.84 -26.64
N GLN F 375 31.31 31.04 -27.16
CA GLN F 375 31.88 31.41 -28.46
C GLN F 375 33.41 31.40 -28.39
N ALA F 376 33.95 31.93 -27.30
CA ALA F 376 35.40 31.93 -27.07
C ALA F 376 35.92 30.48 -26.95
N THR F 377 35.26 29.68 -26.13
CA THR F 377 35.60 28.26 -25.97
C THR F 377 35.64 27.51 -27.30
N GLU F 378 34.67 27.80 -28.17
CA GLU F 378 34.63 27.24 -29.53
C GLU F 378 35.87 27.65 -30.32
N MET F 379 36.22 28.94 -30.24
CA MET F 379 37.35 29.46 -31.00
C MET F 379 38.69 28.93 -30.50
N LEU F 380 38.82 28.75 -29.18
CA LEU F 380 40.05 28.22 -28.59
C LEU F 380 40.31 26.80 -29.07
N TYR F 381 39.25 25.99 -29.02
CA TYR F 381 39.28 24.63 -29.55
C TYR F 381 39.71 24.59 -31.01
N MET F 382 39.09 25.41 -31.85
CA MET F 382 39.36 25.35 -33.30
C MET F 382 40.77 25.79 -33.66
N ARG F 383 41.37 26.63 -32.81
CA ARG F 383 42.74 27.09 -33.01
C ARG F 383 43.78 26.25 -32.24
N LEU F 384 43.38 25.11 -31.68
CA LEU F 384 44.30 24.24 -30.91
C LEU F 384 45.55 23.76 -31.64
N ASP F 385 45.52 23.68 -32.97
CA ASP F 385 46.60 23.00 -33.69
C ASP F 385 47.98 23.63 -33.49
N THR F 386 48.04 24.92 -33.17
CA THR F 386 49.30 25.61 -32.89
C THR F 386 49.42 26.20 -31.48
N MET F 387 48.51 25.85 -30.58
CA MET F 387 48.53 26.38 -29.21
C MET F 387 49.69 25.74 -28.46
N ASN F 388 50.48 26.58 -27.78
CA ASN F 388 51.56 26.13 -26.91
C ASN F 388 51.01 25.18 -25.84
N THR F 389 51.75 24.11 -25.59
CA THR F 389 51.36 23.07 -24.65
C THR F 389 51.07 23.60 -23.25
N THR F 390 51.91 24.53 -22.76
CA THR F 390 51.71 25.13 -21.44
C THR F 390 50.32 25.76 -21.33
N CYS F 391 49.93 26.50 -22.38
CA CYS F 391 48.59 27.09 -22.44
C CYS F 391 47.47 26.08 -22.61
N VAL F 392 47.71 24.99 -23.33
CA VAL F 392 46.69 23.97 -23.48
C VAL F 392 46.37 23.29 -22.15
N ASP F 393 47.39 23.03 -21.36
CA ASP F 393 47.18 22.47 -20.02
C ASP F 393 46.21 23.32 -19.22
N ARG F 394 46.41 24.64 -19.31
CA ARG F 394 45.57 25.59 -18.59
C ARG F 394 44.16 25.63 -19.12
N PHE F 395 44.04 25.61 -20.45
CA PHE F 395 42.76 25.49 -21.15
C PHE F 395 42.00 24.26 -20.69
N ILE F 396 42.69 23.11 -20.67
CA ILE F 396 42.13 21.84 -20.20
C ILE F 396 41.65 21.93 -18.74
N ASN F 397 42.45 22.52 -17.86
CA ASN F 397 42.09 22.59 -16.45
C ASN F 397 40.96 23.58 -16.22
N TRP F 398 40.93 24.68 -17.00
CA TRP F 398 39.84 25.65 -16.87
C TRP F 398 38.53 25.03 -17.35
N PHE F 399 38.54 24.52 -18.58
CA PHE F 399 37.31 24.04 -19.21
C PHE F 399 36.69 22.91 -18.40
N SER F 400 37.49 21.95 -17.98
CA SER F 400 36.99 20.86 -17.14
C SER F 400 36.38 21.39 -15.83
N HIS F 401 37.06 22.29 -15.15
CA HIS F 401 36.56 22.84 -13.88
C HIS F 401 35.28 23.65 -14.07
N HIS F 402 35.23 24.38 -15.19
CA HIS F 402 34.07 25.18 -15.57
C HIS F 402 32.88 24.27 -15.79
N LEU F 403 33.06 23.23 -16.60
CA LEU F 403 32.01 22.24 -16.86
C LEU F 403 31.48 21.65 -15.55
N SER F 404 32.35 21.36 -14.58
CA SER F 404 31.89 20.79 -13.32
C SER F 404 30.99 21.76 -12.53
N ASN F 405 31.09 23.05 -12.79
CA ASN F 405 30.18 24.05 -12.18
C ASN F 405 28.86 24.29 -12.95
N PHE F 406 28.71 23.66 -14.11
CA PHE F 406 27.49 23.76 -14.92
C PHE F 406 27.09 22.38 -15.45
N GLN F 407 27.01 21.42 -14.53
CA GLN F 407 26.43 20.09 -14.77
C GLN F 407 27.04 19.33 -15.95
N PHE F 408 28.30 19.62 -16.29
CA PHE F 408 28.97 19.02 -17.45
C PHE F 408 28.14 19.11 -18.74
N ARG F 409 27.43 20.21 -18.90
CA ARG F 409 26.60 20.42 -20.06
C ARG F 409 27.46 21.01 -21.16
N TRP F 410 27.58 20.30 -22.27
CA TRP F 410 28.34 20.81 -23.41
C TRP F 410 27.95 20.06 -24.68
N SER F 411 27.81 20.79 -25.78
CA SER F 411 27.41 20.21 -27.06
C SER F 411 28.59 19.51 -27.78
N TRP F 412 28.94 18.32 -27.30
CA TRP F 412 30.15 17.60 -27.73
C TRP F 412 30.22 17.31 -29.24
N GLU F 413 29.06 17.10 -29.85
CA GLU F 413 28.98 16.82 -31.30
C GLU F 413 29.46 17.97 -32.20
N ASP F 414 29.50 19.19 -31.66
CA ASP F 414 30.15 20.33 -32.36
C ASP F 414 31.63 20.10 -32.63
N TRP F 415 32.26 19.25 -31.81
CA TRP F 415 33.67 18.90 -31.96
C TRP F 415 33.89 17.50 -32.55
N SER F 416 32.92 16.99 -33.32
CA SER F 416 33.02 15.66 -33.95
C SER F 416 34.20 15.52 -34.91
N ASP F 417 34.67 16.64 -35.48
CA ASP F 417 35.87 16.65 -36.34
C ASP F 417 37.14 16.00 -35.73
N CYS F 418 37.23 15.90 -34.41
CA CYS F 418 38.37 15.23 -33.75
C CYS F 418 38.42 13.71 -33.95
N LEU F 419 37.26 13.08 -34.17
CA LEU F 419 37.14 11.61 -34.18
C LEU F 419 37.84 10.96 -35.37
N SER F 420 37.76 11.58 -36.54
CA SER F 420 38.49 11.11 -37.72
C SER F 420 40.01 11.42 -37.69
N GLN F 421 40.46 12.35 -36.84
CA GLN F 421 41.88 12.74 -36.77
C GLN F 421 42.74 11.75 -35.99
N ASP F 422 44.06 11.85 -36.18
CA ASP F 422 45.05 11.09 -35.43
C ASP F 422 44.85 11.33 -33.94
N PRO F 423 44.72 10.27 -33.12
CA PRO F 423 44.53 10.44 -31.66
C PRO F 423 45.55 11.34 -30.95
N GLU F 424 46.78 11.44 -31.47
CA GLU F 424 47.78 12.31 -30.87
C GLU F 424 47.75 13.77 -31.37
N SER F 425 46.84 14.09 -32.29
CA SER F 425 46.63 15.49 -32.72
C SER F 425 46.04 16.33 -31.57
N PRO F 426 46.21 17.66 -31.62
CA PRO F 426 45.83 18.52 -30.49
C PRO F 426 44.36 18.45 -30.07
N LYS F 427 43.43 18.37 -31.05
CA LYS F 427 41.99 18.35 -30.74
C LYS F 427 41.51 17.11 -29.97
N PRO F 428 41.74 15.90 -30.50
CA PRO F 428 41.34 14.71 -29.73
C PRO F 428 42.10 14.52 -28.42
N LYS F 429 43.38 14.89 -28.42
CA LYS F 429 44.20 14.88 -27.21
C LYS F 429 43.54 15.81 -26.19
N PHE F 430 43.21 17.02 -26.63
CA PHE F 430 42.50 17.98 -25.78
C PHE F 430 41.24 17.38 -25.17
N VAL F 431 40.43 16.73 -26.02
CA VAL F 431 39.16 16.17 -25.54
C VAL F 431 39.42 15.02 -24.56
N ARG F 432 40.37 14.13 -24.89
CA ARG F 432 40.76 13.04 -23.98
C ARG F 432 41.14 13.55 -22.61
N GLU F 433 42.01 14.55 -22.57
CA GLU F 433 42.51 15.12 -21.32
C GLU F 433 41.41 15.84 -20.53
N VAL F 434 40.53 16.56 -21.22
CA VAL F 434 39.40 17.23 -20.57
C VAL F 434 38.48 16.23 -19.89
N LEU F 435 38.13 15.16 -20.61
CA LEU F 435 37.23 14.15 -20.07
C LEU F 435 37.85 13.44 -18.87
N GLU F 436 39.16 13.21 -18.93
CA GLU F 436 39.91 12.63 -17.81
C GLU F 436 39.84 13.54 -16.59
N LYS F 437 40.03 14.83 -16.82
CA LYS F 437 39.96 15.84 -15.76
C LYS F 437 38.56 15.96 -15.20
N CYS F 438 37.56 15.85 -16.07
CA CYS F 438 36.16 15.82 -15.67
C CYS F 438 35.90 14.63 -14.75
N MET F 439 36.38 13.45 -15.16
CA MET F 439 36.22 12.23 -14.36
C MET F 439 36.79 12.39 -12.97
N ARG F 440 37.95 13.03 -12.86
CA ARG F 440 38.57 13.24 -11.54
C ARG F 440 37.72 14.09 -10.59
N LEU F 441 36.94 15.00 -11.15
CA LEU F 441 35.99 15.83 -10.40
C LEU F 441 34.61 15.17 -10.21
N SER F 442 34.37 14.11 -10.98
CA SER F 442 33.12 13.38 -10.99
C SER F 442 33.39 11.89 -10.69
N TYR F 443 32.85 10.98 -11.51
CA TYR F 443 33.22 9.56 -11.46
C TYR F 443 33.06 8.94 -12.84
N HIS F 444 33.70 7.80 -13.07
CA HIS F 444 33.77 7.18 -14.41
C HIS F 444 32.44 7.07 -15.15
N GLN F 445 31.38 6.64 -14.46
CA GLN F 445 30.07 6.45 -15.10
C GLN F 445 29.43 7.79 -15.54
N ARG F 446 29.54 8.82 -14.71
CA ARG F 446 28.94 10.14 -15.00
C ARG F 446 29.46 10.71 -16.31
N ILE F 447 30.75 10.53 -16.56
CA ILE F 447 31.41 11.06 -17.74
C ILE F 447 31.07 10.25 -18.98
N LEU F 448 30.91 8.95 -18.81
CA LEU F 448 30.42 8.07 -19.88
C LEU F 448 29.01 8.50 -20.33
N ASP F 449 28.18 8.87 -19.35
CA ASP F 449 26.79 9.30 -19.60
C ASP F 449 26.68 10.65 -20.31
N ILE F 450 27.49 11.64 -19.90
CA ILE F 450 27.39 13.01 -20.45
C ILE F 450 28.01 13.23 -21.83
N VAL F 451 28.60 12.21 -22.46
CA VAL F 451 29.08 12.32 -23.84
C VAL F 451 28.26 11.45 -24.79
N PRO F 452 28.20 11.81 -26.08
CA PRO F 452 27.62 10.93 -27.10
C PRO F 452 28.36 9.59 -27.28
N PRO F 453 27.67 8.56 -27.81
CA PRO F 453 28.36 7.28 -28.04
C PRO F 453 29.53 7.30 -29.05
N THR F 454 29.56 8.27 -29.97
CA THR F 454 30.73 8.47 -30.86
C THR F 454 32.00 8.80 -30.07
N PHE F 455 31.82 9.51 -28.96
CA PHE F 455 32.91 10.00 -28.10
C PHE F 455 33.42 9.01 -27.03
N SER F 456 32.80 7.84 -26.90
CA SER F 456 33.25 6.86 -25.89
C SER F 456 34.65 6.26 -26.14
N ALA F 457 35.15 6.36 -27.36
CA ALA F 457 36.57 6.07 -27.68
C ALA F 457 37.57 7.02 -26.99
N LEU F 458 37.13 8.23 -26.63
CA LEU F 458 37.97 9.26 -26.00
C LEU F 458 37.79 9.37 -24.47
N CYS F 459 36.80 8.68 -23.91
CA CYS F 459 36.60 8.69 -22.46
C CYS F 459 37.77 8.07 -21.72
N PRO F 460 38.00 8.49 -20.46
CA PRO F 460 39.03 7.83 -19.66
C PRO F 460 38.60 6.43 -19.29
N ALA F 461 39.57 5.55 -19.10
CA ALA F 461 39.26 4.19 -18.68
C ALA F 461 38.97 4.15 -17.19
N ASN F 462 38.36 3.05 -16.76
CA ASN F 462 37.91 2.90 -15.39
C ASN F 462 39.15 2.85 -14.48
N PRO F 463 39.21 3.72 -13.44
CA PRO F 463 40.40 3.81 -12.62
C PRO F 463 40.54 2.66 -11.59
N THR F 464 40.88 1.47 -12.08
CA THR F 464 40.99 0.28 -11.23
C THR F 464 42.42 -0.23 -11.08
N CYS F 465 42.62 -0.85 -9.93
CA CYS F 465 43.89 -1.45 -9.55
C CYS F 465 44.21 -2.67 -10.43
N ILE F 466 45.49 -2.91 -10.70
CA ILE F 466 45.95 -4.12 -11.41
C ILE F 466 46.87 -4.91 -10.48
N HIS F 480 54.81 -15.92 -5.87
CA HIS F 480 53.37 -15.99 -5.65
C HIS F 480 53.03 -16.43 -4.23
N SER F 481 53.68 -17.50 -3.76
CA SER F 481 53.48 -18.01 -2.40
C SER F 481 53.85 -17.01 -1.31
N VAL F 482 54.85 -16.16 -1.60
CA VAL F 482 55.28 -15.10 -0.67
C VAL F 482 54.24 -13.97 -0.62
N ALA F 483 53.66 -13.65 -1.79
CA ALA F 483 52.60 -12.65 -1.88
C ALA F 483 51.39 -12.99 -1.01
N LEU F 484 50.93 -14.25 -1.11
CA LEU F 484 49.79 -14.73 -0.33
C LEU F 484 50.04 -14.66 1.18
N CYS F 485 51.29 -14.92 1.60
CA CYS F 485 51.70 -14.78 3.02
C CYS F 485 51.68 -13.33 3.49
N LEU F 486 52.15 -12.43 2.62
CA LEU F 486 52.09 -10.99 2.88
C LEU F 486 50.64 -10.51 2.99
N ALA F 487 49.79 -10.96 2.07
CA ALA F 487 48.36 -10.63 2.10
C ALA F 487 47.77 -10.99 3.47
N VAL F 488 47.99 -12.23 3.89
CA VAL F 488 47.53 -12.72 5.19
C VAL F 488 48.10 -11.88 6.35
N ALA F 489 49.39 -11.57 6.29
CA ALA F 489 50.04 -10.79 7.34
C ALA F 489 49.50 -9.36 7.45
N PHE F 490 49.33 -8.71 6.31
CA PHE F 490 48.81 -7.33 6.26
C PHE F 490 47.39 -7.24 6.81
N LYS F 491 46.51 -8.14 6.35
CA LYS F 491 45.12 -8.23 6.84
C LYS F 491 45.06 -8.40 8.36
N SER F 492 46.02 -9.12 8.93
CA SER F 492 46.09 -9.41 10.36
C SER F 492 47.10 -8.54 11.13
N LYS F 493 47.07 -7.23 10.88
CA LYS F 493 47.86 -6.21 11.60
C LYS F 493 49.33 -6.55 11.92
N ALA F 494 50.03 -7.08 10.92
CA ALA F 494 51.44 -7.47 11.08
C ALA F 494 52.36 -6.27 11.32
N THR F 495 53.52 -6.56 11.90
CA THR F 495 54.55 -5.54 12.21
C THR F 495 55.67 -5.54 11.15
N ASN F 496 56.48 -4.48 11.15
CA ASN F 496 57.56 -4.31 10.15
C ASN F 496 58.50 -5.52 10.07
N ASP F 497 58.89 -6.02 11.25
CA ASP F 497 59.79 -7.18 11.36
C ASP F 497 59.19 -8.46 10.77
N GLU F 498 57.89 -8.67 11.01
CA GLU F 498 57.17 -9.83 10.47
C GLU F 498 57.08 -9.80 8.94
N ILE F 499 56.92 -8.59 8.38
CA ILE F 499 56.93 -8.43 6.92
C ILE F 499 58.34 -8.74 6.39
N PHE F 500 59.37 -8.15 7.01
CA PHE F 500 60.77 -8.44 6.63
C PHE F 500 61.08 -9.94 6.66
N SER F 501 60.67 -10.57 7.76
CA SER F 501 60.83 -12.02 7.97
C SER F 501 60.23 -12.84 6.82
N ILE F 502 59.02 -12.47 6.38
CA ILE F 502 58.35 -13.14 5.25
C ILE F 502 59.11 -12.90 3.93
N LEU F 503 59.65 -11.70 3.75
CA LEU F 503 60.39 -11.33 2.54
C LEU F 503 61.75 -12.04 2.38
N LYS F 504 62.31 -12.60 3.46
CA LYS F 504 63.56 -13.40 3.37
C LYS F 504 63.42 -14.53 2.36
N ASP F 505 62.27 -15.21 2.36
CA ASP F 505 62.00 -16.38 1.50
C ASP F 505 61.74 -15.99 0.04
N VAL F 506 62.65 -15.23 -0.59
CA VAL F 506 62.46 -14.67 -1.93
C VAL F 506 63.75 -14.85 -2.75
N PRO F 507 63.66 -15.43 -3.97
CA PRO F 507 64.85 -15.67 -4.84
C PRO F 507 65.57 -14.42 -5.39
N ASN F 522 67.15 -5.91 -4.37
CA ASN F 522 66.44 -7.11 -4.83
C ASN F 522 65.13 -6.68 -5.52
N PRO F 523 65.04 -6.81 -6.87
CA PRO F 523 63.85 -6.31 -7.57
C PRO F 523 62.54 -7.08 -7.29
N LEU F 524 62.63 -8.37 -6.97
CA LEU F 524 61.43 -9.15 -6.69
C LEU F 524 60.89 -8.92 -5.27
N LYS F 525 61.76 -8.67 -4.30
CA LYS F 525 61.33 -8.31 -2.94
C LYS F 525 60.42 -7.08 -2.99
N ILE F 526 60.93 -6.04 -3.65
CA ILE F 526 60.19 -4.79 -3.84
C ILE F 526 58.87 -5.07 -4.55
N GLU F 527 58.92 -5.85 -5.62
CA GLU F 527 57.76 -6.10 -6.46
C GLU F 527 56.61 -6.77 -5.71
N VAL F 528 56.88 -7.82 -4.96
CA VAL F 528 55.81 -8.51 -4.20
C VAL F 528 55.34 -7.70 -2.99
N PHE F 529 56.25 -6.93 -2.39
CA PHE F 529 55.90 -6.06 -1.27
C PHE F 529 54.97 -4.92 -1.70
N VAL F 530 55.33 -4.25 -2.80
CA VAL F 530 54.58 -3.10 -3.31
C VAL F 530 53.23 -3.53 -3.89
N GLN F 531 53.25 -4.43 -4.87
CA GLN F 531 52.02 -5.00 -5.46
C GLN F 531 50.95 -5.34 -4.43
N THR F 532 51.37 -5.99 -3.35
CA THR F 532 50.47 -6.49 -2.33
C THR F 532 49.97 -5.37 -1.41
N LEU F 533 50.89 -4.53 -0.93
CA LEU F 533 50.53 -3.44 -0.02
C LEU F 533 49.56 -2.46 -0.66
N LEU F 534 49.84 -2.07 -1.91
CA LEU F 534 49.00 -1.15 -2.68
C LEU F 534 47.62 -1.73 -2.96
N HIS F 535 47.57 -3.02 -3.27
CA HIS F 535 46.29 -3.72 -3.50
C HIS F 535 45.37 -3.69 -2.27
N LEU F 536 45.91 -3.96 -1.09
CA LEU F 536 45.11 -4.01 0.13
C LEU F 536 44.74 -2.64 0.71
N ALA F 537 45.39 -1.58 0.23
CA ALA F 537 45.03 -0.21 0.60
C ALA F 537 44.46 0.59 -0.59
N ALA F 538 43.97 -0.13 -1.60
CA ALA F 538 43.42 0.49 -2.83
C ALA F 538 42.04 1.12 -2.64
N LYS F 539 41.43 0.92 -1.47
CA LYS F 539 40.11 1.46 -1.13
C LYS F 539 40.01 2.98 -1.34
N SER F 540 41.03 3.72 -0.90
CA SER F 540 41.07 5.18 -0.99
C SER F 540 42.49 5.73 -0.90
N PHE F 541 42.63 7.04 -1.06
CA PHE F 541 43.92 7.71 -0.84
C PHE F 541 44.34 7.61 0.62
N SER F 542 43.39 7.79 1.55
CA SER F 542 43.69 7.76 2.99
C SER F 542 44.23 6.40 3.43
N HIS F 543 43.66 5.35 2.86
CA HIS F 543 44.10 3.98 3.14
C HIS F 543 45.50 3.76 2.61
N SER F 544 45.70 4.09 1.33
CA SER F 544 47.02 4.00 0.70
C SER F 544 48.09 4.82 1.45
N PHE F 545 47.75 6.03 1.90
CA PHE F 545 48.71 6.83 2.69
C PHE F 545 49.01 6.17 4.02
N SER F 546 47.98 5.62 4.66
CA SER F 546 48.15 4.96 5.95
C SER F 546 49.08 3.75 5.81
N ALA F 547 48.89 2.97 4.75
CA ALA F 547 49.79 1.85 4.42
C ALA F 547 51.25 2.25 4.22
N LEU F 548 51.50 3.35 3.51
CA LEU F 548 52.87 3.85 3.34
C LEU F 548 53.49 4.30 4.65
N ALA F 549 52.69 4.90 5.54
CA ALA F 549 53.17 5.32 6.86
C ALA F 549 53.51 4.13 7.76
N LYS F 550 52.60 3.16 7.85
CA LYS F 550 52.75 1.99 8.74
C LYS F 550 53.95 1.13 8.38
N PHE F 551 54.15 0.88 7.08
CA PHE F 551 55.28 0.07 6.60
C PHE F 551 56.38 0.90 5.95
N HIS F 552 56.62 2.08 6.54
CA HIS F 552 57.58 3.07 6.04
C HIS F 552 59.00 2.55 6.13
N GLU F 553 59.30 1.89 7.25
CA GLU F 553 60.64 1.35 7.48
C GLU F 553 61.00 0.22 6.50
N VAL F 554 60.01 -0.55 6.05
CA VAL F 554 60.24 -1.56 5.02
C VAL F 554 60.58 -0.91 3.68
N PHE F 555 59.86 0.18 3.35
CA PHE F 555 60.12 0.94 2.12
C PHE F 555 61.54 1.52 2.10
N LYS F 556 61.93 2.18 3.18
CA LYS F 556 63.27 2.78 3.28
C LYS F 556 64.42 1.78 3.22
N THR F 557 64.20 0.54 3.67
CA THR F 557 65.22 -0.52 3.56
C THR F 557 65.25 -1.11 2.15
N LEU F 558 64.08 -1.44 1.61
CA LEU F 558 63.99 -1.98 0.23
C LEU F 558 64.45 -1.00 -0.85
N ALA F 559 64.28 0.29 -0.61
CA ALA F 559 64.58 1.32 -1.59
C ALA F 559 65.63 2.31 -1.07
N GLU F 560 66.70 1.79 -0.46
CA GLU F 560 67.84 2.61 -0.05
C GLU F 560 68.69 2.89 -1.27
N SER F 561 68.90 1.84 -2.04
CA SER F 561 69.50 1.90 -3.37
C SER F 561 68.76 2.87 -4.30
N ASP F 562 69.50 3.55 -5.18
CA ASP F 562 68.88 4.38 -6.23
C ASP F 562 68.13 3.58 -7.28
N GLU F 563 68.57 2.36 -7.57
CA GLU F 563 67.80 1.49 -8.46
C GLU F 563 66.61 0.89 -7.76
N GLY F 564 66.65 0.83 -6.44
CA GLY F 564 65.50 0.46 -5.60
C GLY F 564 64.38 1.48 -5.68
N LYS F 565 64.73 2.75 -5.52
CA LYS F 565 63.77 3.87 -5.65
C LYS F 565 63.09 3.84 -7.02
N LEU F 566 63.90 3.79 -8.08
CA LEU F 566 63.40 3.60 -9.44
C LEU F 566 62.49 2.38 -9.64
N HIS F 567 62.75 1.28 -8.93
CA HIS F 567 61.94 0.07 -9.08
C HIS F 567 60.62 0.16 -8.30
N VAL F 568 60.62 0.85 -7.15
CA VAL F 568 59.37 1.13 -6.43
C VAL F 568 58.40 1.87 -7.34
N LEU F 569 58.92 2.91 -8.01
CA LEU F 569 58.12 3.68 -8.98
C LEU F 569 57.71 2.85 -10.20
N ARG F 570 58.59 1.95 -10.67
CA ARG F 570 58.25 1.06 -11.79
C ARG F 570 57.07 0.12 -11.47
N VAL F 571 57.06 -0.43 -10.25
CA VAL F 571 56.03 -1.37 -9.84
C VAL F 571 54.73 -0.62 -9.54
N MET F 572 54.87 0.46 -8.76
CA MET F 572 53.76 1.34 -8.42
C MET F 572 52.99 1.82 -9.67
N PHE F 573 53.73 2.11 -10.76
CA PHE F 573 53.11 2.45 -12.05
C PHE F 573 52.36 1.28 -12.68
N GLU F 574 52.96 0.08 -12.67
CA GLU F 574 52.31 -1.10 -13.26
C GLU F 574 51.02 -1.48 -12.54
N VAL F 575 50.95 -1.17 -11.24
CA VAL F 575 49.72 -1.37 -10.46
C VAL F 575 48.64 -0.36 -10.85
N TRP F 576 49.00 0.93 -10.87
CA TRP F 576 48.00 2.00 -10.94
C TRP F 576 47.97 2.79 -12.28
N ARG F 577 48.37 2.17 -13.38
CA ARG F 577 48.41 2.90 -14.67
C ARG F 577 47.05 3.37 -15.21
N ASN F 578 45.95 2.80 -14.71
CA ASN F 578 44.61 3.25 -15.11
C ASN F 578 44.08 4.41 -14.28
N HIS F 579 44.80 4.77 -13.22
CA HIS F 579 44.36 5.79 -12.25
C HIS F 579 45.53 6.77 -12.02
N PRO F 580 45.78 7.66 -13.02
CA PRO F 580 46.89 8.61 -12.92
C PRO F 580 46.84 9.50 -11.68
N GLN F 581 45.64 9.85 -11.23
CA GLN F 581 45.51 10.67 -10.04
C GLN F 581 46.15 10.00 -8.83
N MET F 582 45.98 8.68 -8.72
CA MET F 582 46.56 7.89 -7.62
C MET F 582 48.10 7.93 -7.69
N ILE F 583 48.63 7.70 -8.89
CA ILE F 583 50.07 7.74 -9.14
C ILE F 583 50.65 9.05 -8.64
N ALA F 584 50.05 10.15 -9.09
CA ALA F 584 50.50 11.49 -8.69
C ALA F 584 50.57 11.67 -7.16
N VAL F 585 49.54 11.24 -6.44
CA VAL F 585 49.51 11.44 -4.99
C VAL F 585 50.44 10.47 -4.24
N LEU F 586 50.67 9.29 -4.80
CA LEU F 586 51.61 8.32 -4.21
C LEU F 586 53.05 8.81 -4.36
N VAL F 587 53.40 9.22 -5.59
CA VAL F 587 54.71 9.81 -5.87
C VAL F 587 54.96 11.00 -4.94
N ASP F 588 53.93 11.82 -4.74
CA ASP F 588 54.02 12.96 -3.82
C ASP F 588 54.32 12.53 -2.39
N LYS F 589 53.63 11.50 -1.92
CA LYS F 589 53.82 11.03 -0.54
C LYS F 589 55.17 10.36 -0.38
N MET F 590 55.53 9.54 -1.37
CA MET F 590 56.85 8.90 -1.38
C MET F 590 58.01 9.90 -1.37
N ILE F 591 57.85 11.04 -2.05
CA ILE F 591 58.88 12.10 -1.99
C ILE F 591 58.91 12.73 -0.61
N ARG F 592 57.75 13.03 -0.06
CA ARG F 592 57.67 13.72 1.24
C ARG F 592 58.16 12.87 2.42
N THR F 593 57.87 11.56 2.37
CA THR F 593 58.34 10.60 3.38
C THR F 593 59.73 10.00 3.05
N GLN F 594 60.30 10.37 1.91
CA GLN F 594 61.67 10.00 1.50
C GLN F 594 61.87 8.54 1.10
N ILE F 595 60.78 7.84 0.77
CA ILE F 595 60.86 6.53 0.11
C ILE F 595 61.67 6.70 -1.16
N VAL F 596 61.32 7.72 -1.94
CA VAL F 596 62.07 8.10 -3.13
C VAL F 596 62.54 9.55 -3.01
N ASP F 597 63.37 9.96 -3.96
CA ASP F 597 63.86 11.34 -4.05
C ASP F 597 63.54 11.95 -5.41
N CYS F 598 63.70 13.26 -5.50
CA CYS F 598 63.38 14.00 -6.70
C CYS F 598 64.09 13.44 -7.92
N ALA F 599 65.38 13.14 -7.75
CA ALA F 599 66.20 12.58 -8.81
C ALA F 599 65.63 11.26 -9.38
N ALA F 600 65.08 10.42 -8.51
CA ALA F 600 64.48 9.15 -8.94
C ALA F 600 63.27 9.37 -9.83
N VAL F 601 62.43 10.32 -9.42
CA VAL F 601 61.19 10.65 -10.15
C VAL F 601 61.51 11.23 -11.51
N ALA F 602 62.53 12.08 -11.57
CA ALA F 602 62.97 12.62 -12.85
C ALA F 602 63.38 11.52 -13.83
N ASN F 603 64.24 10.60 -13.40
CA ASN F 603 64.68 9.49 -14.26
C ASN F 603 63.51 8.57 -14.61
N TRP F 604 62.60 8.36 -13.66
CA TRP F 604 61.41 7.56 -13.89
C TRP F 604 60.54 8.13 -15.01
N ILE F 605 60.36 9.45 -15.02
CA ILE F 605 59.53 10.12 -16.04
C ILE F 605 60.07 9.93 -17.46
N PHE F 606 61.39 10.00 -17.60
CA PHE F 606 62.05 9.79 -18.89
C PHE F 606 62.37 8.32 -19.18
N SER F 607 61.94 7.39 -18.31
CA SER F 607 62.17 5.96 -18.51
C SER F 607 61.33 5.41 -19.65
N SER F 608 61.73 4.25 -20.15
CA SER F 608 61.06 3.58 -21.26
C SER F 608 59.68 3.04 -20.87
N GLU F 609 59.48 2.69 -19.60
CA GLU F 609 58.17 2.21 -19.12
C GLU F 609 57.04 3.26 -19.19
N LEU F 610 57.42 4.55 -19.17
CA LEU F 610 56.48 5.68 -19.35
C LEU F 610 56.44 6.23 -20.78
N SER F 611 57.29 5.69 -21.66
CA SER F 611 57.42 6.12 -23.05
C SER F 611 56.10 6.38 -23.78
N ARG F 612 55.15 5.45 -23.61
CA ARG F 612 53.86 5.55 -24.29
C ARG F 612 52.92 6.61 -23.67
N ASP F 613 53.08 6.89 -22.38
CA ASP F 613 52.29 7.93 -21.69
C ASP F 613 52.99 9.32 -21.57
N PHE F 614 54.17 9.46 -22.17
CA PHE F 614 55.04 10.64 -22.00
C PHE F 614 54.39 11.98 -22.40
N THR F 615 53.49 11.95 -23.38
CA THR F 615 52.82 13.17 -23.84
C THR F 615 51.55 13.52 -23.05
N ARG F 616 51.21 12.72 -22.04
CA ARG F 616 50.01 12.93 -21.24
C ARG F 616 50.25 13.90 -20.09
N LEU F 617 49.22 14.68 -19.76
CA LEU F 617 49.33 15.71 -18.71
C LEU F 617 49.93 15.20 -17.42
N PHE F 618 49.43 14.06 -16.93
CA PHE F 618 49.77 13.64 -15.57
C PHE F 618 51.27 13.50 -15.33
N VAL F 619 51.99 13.07 -16.37
CA VAL F 619 53.46 12.96 -16.32
C VAL F 619 54.07 14.30 -15.88
N TRP F 620 53.65 15.36 -16.54
CA TRP F 620 54.20 16.70 -16.32
C TRP F 620 53.66 17.38 -15.06
N GLU F 621 52.43 17.03 -14.67
CA GLU F 621 51.92 17.41 -13.35
C GLU F 621 52.81 16.84 -12.26
N ILE F 622 53.24 15.59 -12.42
CA ILE F 622 54.12 14.95 -11.45
C ILE F 622 55.50 15.59 -11.45
N LEU F 623 56.07 15.81 -12.64
CA LEU F 623 57.41 16.40 -12.69
C LEU F 623 57.43 17.75 -12.00
N HIS F 624 56.50 18.63 -12.39
CA HIS F 624 56.47 20.00 -11.87
C HIS F 624 56.11 20.04 -10.40
N SER F 625 55.24 19.15 -9.96
CA SER F 625 54.94 18.99 -8.54
C SER F 625 56.18 18.58 -7.75
N THR F 626 56.95 17.65 -8.34
CA THR F 626 58.22 17.20 -7.75
C THR F 626 59.25 18.32 -7.65
N ILE F 627 59.42 19.07 -8.74
CA ILE F 627 60.28 20.25 -8.75
C ILE F 627 59.87 21.27 -7.68
N ARG F 628 58.56 21.52 -7.57
CA ARG F 628 58.04 22.48 -6.59
C ARG F 628 58.34 22.09 -5.14
N LYS F 629 58.25 20.79 -4.82
CA LYS F 629 58.59 20.30 -3.47
C LYS F 629 60.07 20.60 -3.17
N MET F 630 60.94 20.30 -4.15
CA MET F 630 62.37 20.60 -4.07
C MET F 630 62.65 22.08 -3.84
N ASN F 631 61.99 22.95 -4.60
CA ASN F 631 62.20 24.40 -4.47
C ASN F 631 61.78 24.89 -3.09
N LYS F 632 60.66 24.36 -2.59
CA LYS F 632 60.15 24.72 -1.25
C LYS F 632 61.03 24.18 -0.14
N HIS F 633 61.58 22.99 -0.35
CA HIS F 633 62.54 22.41 0.59
C HIS F 633 63.74 23.33 0.80
N VAL F 634 64.29 23.85 -0.29
CA VAL F 634 65.43 24.76 -0.23
C VAL F 634 65.05 26.05 0.47
N LEU F 635 63.89 26.63 0.10
CA LEU F 635 63.38 27.85 0.76
C LEU F 635 63.24 27.68 2.26
N LYS F 636 62.72 26.53 2.68
CA LYS F 636 62.48 26.24 4.10
C LYS F 636 63.79 26.20 4.89
N ILE F 637 64.78 25.47 4.36
CA ILE F 637 66.11 25.36 4.96
C ILE F 637 66.84 26.72 4.93
N GLN F 638 66.60 27.52 3.89
CA GLN F 638 67.14 28.89 3.81
C GLN F 638 66.55 29.83 4.86
N LYS F 639 65.28 29.63 5.23
CA LYS F 639 64.66 30.44 6.30
C LYS F 639 65.15 30.05 7.69
N GLU F 640 65.40 28.76 7.94
CA GLU F 640 66.01 28.34 9.21
C GLU F 640 67.40 28.97 9.43
N LEU F 641 68.17 29.14 8.34
CA LEU F 641 69.47 29.80 8.39
C LEU F 641 69.33 31.31 8.71
N GLU F 642 68.46 31.99 7.98
CA GLU F 642 68.15 33.42 8.21
C GLU F 642 67.69 33.71 9.64
N GLU F 643 66.82 32.85 10.17
CA GLU F 643 66.26 33.02 11.52
C GLU F 643 67.30 32.84 12.62
N ALA F 644 68.09 31.76 12.51
CA ALA F 644 69.20 31.51 13.45
C ALA F 644 70.31 32.57 13.40
N LYS F 645 70.49 33.23 12.25
CA LYS F 645 71.47 34.33 12.13
C LYS F 645 71.03 35.60 12.83
N GLU F 646 69.75 35.95 12.69
CA GLU F 646 69.18 37.10 13.40
C GLU F 646 69.19 36.92 14.93
N LYS F 647 69.07 35.67 15.39
CA LYS F 647 69.19 35.32 16.83
C LYS F 647 70.34 34.35 17.06
N LEU F 670 75.14 28.05 19.62
CA LEU F 670 74.32 28.55 18.52
C LEU F 670 75.14 28.95 17.29
N GLU F 671 76.42 29.28 17.48
CA GLU F 671 77.38 29.48 16.38
C GLU F 671 77.76 28.14 15.70
N GLU F 672 77.72 27.05 16.47
CA GLU F 672 77.93 25.69 15.96
C GLU F 672 76.69 25.11 15.26
N GLN F 673 75.52 25.72 15.47
CA GLN F 673 74.29 25.35 14.76
C GLN F 673 74.08 26.08 13.43
N ILE F 674 74.64 27.28 13.30
CA ILE F 674 74.65 28.00 12.00
C ILE F 674 75.56 27.30 10.97
N GLU F 675 76.69 26.74 11.44
CA GLU F 675 77.58 25.98 10.56
C GLU F 675 76.95 24.68 10.04
N ARG F 676 76.08 24.04 10.83
CA ARG F 676 75.34 22.86 10.39
C ARG F 676 74.23 23.21 9.38
N LEU F 677 73.53 24.32 9.59
CA LEU F 677 72.50 24.78 8.67
C LEU F 677 73.08 25.26 7.33
N GLN F 678 74.22 25.96 7.37
CA GLN F 678 74.92 26.37 6.15
C GLN F 678 75.33 25.16 5.29
N GLU F 679 75.77 24.09 5.94
CA GLU F 679 76.05 22.81 5.28
C GLU F 679 74.79 22.26 4.60
N LYS F 680 73.68 22.27 5.34
CA LYS F 680 72.37 21.79 4.83
C LYS F 680 71.84 22.61 3.65
N VAL F 681 72.01 23.92 3.69
CA VAL F 681 71.60 24.79 2.57
C VAL F 681 72.39 24.44 1.31
N GLU F 682 73.71 24.32 1.45
CA GLU F 682 74.59 24.03 0.32
C GLU F 682 74.28 22.68 -0.32
N SER F 683 74.00 21.67 0.49
CA SER F 683 73.65 20.34 -0.03
C SER F 683 72.20 20.31 -0.57
N ALA F 684 71.31 21.11 0.01
CA ALA F 684 69.94 21.24 -0.53
C ALA F 684 69.97 21.93 -1.88
N GLN F 685 70.61 23.10 -1.94
CA GLN F 685 70.80 23.84 -3.20
C GLN F 685 71.47 23.00 -4.29
N SER F 686 72.37 22.12 -3.86
CA SER F 686 73.04 21.20 -4.74
C SER F 686 72.10 20.11 -5.26
N GLU F 687 71.22 19.59 -4.39
CA GLU F 687 70.22 18.57 -4.80
C GLU F 687 69.26 19.15 -5.83
N GLN F 688 68.84 20.41 -5.59
CA GLN F 688 68.00 21.21 -6.49
C GLN F 688 68.64 21.38 -7.86
N LYS F 689 69.88 21.83 -7.87
CA LYS F 689 70.64 22.00 -9.09
C LYS F 689 70.79 20.68 -9.87
N ASN F 690 71.12 19.60 -9.17
CA ASN F 690 71.27 18.29 -9.83
C ASN F 690 69.94 17.79 -10.39
N LEU F 691 68.84 18.19 -9.77
CA LEU F 691 67.50 17.88 -10.28
C LEU F 691 67.26 18.52 -11.65
N PHE F 692 67.55 19.81 -11.75
CA PHE F 692 67.44 20.52 -13.03
C PHE F 692 68.41 19.98 -14.07
N LEU F 693 69.66 19.75 -13.64
CA LEU F 693 70.67 19.20 -14.54
C LEU F 693 70.21 17.86 -15.11
N VAL F 694 69.75 16.96 -14.23
CA VAL F 694 69.21 15.67 -14.69
C VAL F 694 68.10 15.86 -15.74
N ILE F 695 67.14 16.73 -15.45
CA ILE F 695 66.00 16.93 -16.35
C ILE F 695 66.47 17.43 -17.73
N PHE F 696 67.40 18.39 -17.72
CA PHE F 696 67.92 18.95 -18.98
C PHE F 696 68.73 17.91 -19.78
N GLN F 697 69.52 17.10 -19.08
CA GLN F 697 70.31 16.05 -19.75
C GLN F 697 69.40 15.06 -20.47
N ARG F 698 68.34 14.64 -19.78
CA ARG F 698 67.42 13.65 -20.33
C ARG F 698 66.64 14.23 -21.48
N PHE F 699 66.27 15.50 -21.39
CA PHE F 699 65.59 16.20 -22.49
C PHE F 699 66.48 16.29 -23.73
N ILE F 700 67.71 16.77 -23.51
CA ILE F 700 68.71 16.89 -24.57
C ILE F 700 68.98 15.54 -25.27
N MET F 701 69.00 14.48 -24.47
CA MET F 701 69.27 13.14 -25.00
C MET F 701 68.15 12.75 -25.96
N ILE F 702 66.91 12.69 -25.47
CA ILE F 702 65.79 12.20 -26.27
C ILE F 702 65.41 13.13 -27.43
N LEU F 703 65.69 14.42 -27.29
CA LEU F 703 65.46 15.35 -28.40
C LEU F 703 66.49 15.10 -29.48
N THR F 704 67.77 14.92 -29.10
CA THR F 704 68.85 14.60 -30.04
C THR F 704 68.57 13.29 -30.77
N GLU F 705 68.19 12.26 -30.02
CA GLU F 705 67.81 10.95 -30.58
C GLU F 705 66.80 11.10 -31.71
N HIS F 706 65.75 11.88 -31.46
CA HIS F 706 64.71 12.18 -32.45
C HIS F 706 65.26 12.93 -33.67
N LEU F 707 66.02 13.99 -33.44
CA LEU F 707 66.51 14.84 -34.53
C LEU F 707 67.52 14.11 -35.44
N VAL F 708 68.35 13.25 -34.86
CA VAL F 708 69.32 12.44 -35.60
C VAL F 708 68.60 11.38 -36.43
N ARG F 709 67.62 10.70 -35.83
CA ARG F 709 66.76 9.74 -36.53
C ARG F 709 66.03 10.36 -37.73
N CYS F 710 65.61 11.62 -37.60
CA CYS F 710 64.84 12.29 -38.65
C CYS F 710 65.72 12.77 -39.82
N GLU F 711 66.96 13.13 -39.54
CA GLU F 711 67.91 13.47 -40.60
C GLU F 711 68.44 12.24 -41.33
N THR F 712 68.48 11.11 -40.63
CA THR F 712 68.80 9.79 -41.23
C THR F 712 67.69 9.33 -42.17
N ASP F 713 66.45 9.28 -41.65
CA ASP F 713 65.30 8.78 -42.41
C ASP F 713 64.69 9.79 -43.40
N GLY F 714 65.11 11.05 -43.34
CA GLY F 714 64.49 12.12 -44.14
C GLY F 714 63.03 12.44 -43.83
N THR F 715 62.52 11.95 -42.69
CA THR F 715 61.13 12.16 -42.26
C THR F 715 60.96 13.54 -41.59
N SER F 716 59.70 13.93 -41.34
CA SER F 716 59.38 15.21 -40.68
C SER F 716 59.91 15.26 -39.27
N VAL F 717 60.57 16.36 -38.91
CA VAL F 717 60.96 16.61 -37.53
C VAL F 717 59.71 16.89 -36.70
N LEU F 718 58.86 17.79 -37.21
CA LEU F 718 57.72 18.27 -36.43
C LEU F 718 56.59 17.26 -36.41
N THR F 719 56.72 16.25 -35.55
CA THR F 719 55.64 15.31 -35.25
C THR F 719 54.88 15.84 -34.04
N PRO F 720 53.70 15.26 -33.74
CA PRO F 720 53.05 15.56 -32.47
C PRO F 720 53.89 15.27 -31.23
N TRP F 721 54.66 14.18 -31.23
CA TRP F 721 55.53 13.86 -30.10
C TRP F 721 56.58 14.96 -29.88
N TYR F 722 57.19 15.46 -30.96
CA TYR F 722 58.23 16.49 -30.87
C TYR F 722 57.64 17.82 -30.39
N LYS F 723 56.50 18.20 -30.95
CA LYS F 723 55.79 19.41 -30.51
C LYS F 723 55.64 19.39 -28.99
N ASN F 724 55.15 18.28 -28.45
CA ASN F 724 54.98 18.14 -27.01
C ASN F 724 56.34 18.20 -26.29
N CYS F 725 57.29 17.40 -26.71
CA CYS F 725 58.57 17.27 -26.00
C CYS F 725 59.37 18.59 -25.96
N ILE F 726 59.52 19.24 -27.10
CA ILE F 726 60.23 20.52 -27.14
C ILE F 726 59.53 21.59 -26.30
N GLU F 727 58.19 21.58 -26.33
CA GLU F 727 57.39 22.56 -25.58
C GLU F 727 57.36 22.28 -24.06
N ARG F 728 57.55 21.02 -23.67
CA ARG F 728 57.70 20.65 -22.25
C ARG F 728 59.04 21.05 -21.66
N LEU F 729 60.08 21.06 -22.50
CA LEU F 729 61.38 21.60 -22.12
C LEU F 729 61.27 23.10 -21.93
N GLN F 730 60.72 23.77 -22.95
CA GLN F 730 60.33 25.18 -22.87
C GLN F 730 59.68 25.55 -21.53
N GLN F 731 58.72 24.71 -21.11
CA GLN F 731 57.96 24.87 -19.87
C GLN F 731 58.81 24.85 -18.59
N ILE F 732 59.84 24.01 -18.56
CA ILE F 732 60.73 23.94 -17.41
C ILE F 732 61.37 25.32 -17.21
N PHE F 733 61.85 25.91 -18.32
CA PHE F 733 62.43 27.25 -18.28
C PHE F 733 61.42 28.33 -17.87
N LEU F 734 60.25 28.31 -18.49
CA LEU F 734 59.19 29.28 -18.17
C LEU F 734 58.75 29.21 -16.72
N GLN F 735 58.47 28.01 -16.26
CA GLN F 735 57.91 27.83 -14.94
C GLN F 735 58.90 28.08 -13.82
N HIS F 736 60.20 27.93 -14.09
CA HIS F 736 61.21 28.04 -13.04
C HIS F 736 62.37 28.96 -13.42
N HIS F 737 62.13 29.92 -14.32
CA HIS F 737 63.20 30.82 -14.79
C HIS F 737 64.03 31.44 -13.68
N GLN F 738 63.43 31.77 -12.54
CA GLN F 738 64.17 32.47 -11.49
C GLN F 738 65.24 31.61 -10.81
N ILE F 739 64.95 30.33 -10.63
CA ILE F 739 65.88 29.39 -10.02
C ILE F 739 66.96 29.07 -11.06
N ILE F 740 66.53 28.75 -12.29
CA ILE F 740 67.44 28.38 -13.37
C ILE F 740 68.43 29.50 -13.75
N GLN F 741 68.04 30.77 -13.55
CA GLN F 741 68.96 31.92 -13.72
C GLN F 741 70.25 31.78 -12.89
N GLN F 742 70.16 31.12 -11.74
CA GLN F 742 71.34 30.87 -10.91
C GLN F 742 72.37 29.94 -11.56
N TYR F 743 71.94 29.08 -12.47
CA TYR F 743 72.78 28.06 -13.06
C TYR F 743 73.31 28.41 -14.46
N MET F 744 73.38 29.70 -14.79
CA MET F 744 73.67 30.13 -16.18
C MET F 744 75.04 29.72 -16.68
N VAL F 745 76.04 29.90 -15.82
CA VAL F 745 77.42 29.57 -16.17
C VAL F 745 77.58 28.07 -16.44
N THR F 746 77.06 27.24 -15.56
CA THR F 746 77.09 25.79 -15.76
C THR F 746 76.36 25.35 -17.02
N LEU F 747 75.21 25.94 -17.32
CA LEU F 747 74.41 25.53 -18.48
C LEU F 747 75.02 25.95 -19.83
N GLU F 748 75.57 27.16 -19.90
CA GLU F 748 76.27 27.64 -21.11
C GLU F 748 77.49 26.78 -21.44
N ASN F 749 78.31 26.55 -20.41
CA ASN F 749 79.56 25.80 -20.55
C ASN F 749 79.36 24.31 -20.76
N LEU F 750 78.49 23.68 -19.97
CA LEU F 750 78.41 22.20 -19.93
C LEU F 750 77.22 21.51 -20.62
N LEU F 751 76.04 22.15 -20.70
CA LEU F 751 74.87 21.46 -21.28
C LEU F 751 74.41 22.05 -22.59
N PHE F 752 74.03 23.32 -22.57
CA PHE F 752 73.45 23.99 -23.75
C PHE F 752 74.55 24.75 -24.51
N THR F 753 75.38 23.97 -25.20
CA THR F 753 76.58 24.46 -25.87
C THR F 753 76.31 24.52 -27.36
N ALA F 754 77.21 25.20 -28.09
CA ALA F 754 77.13 25.32 -29.56
C ALA F 754 77.16 23.94 -30.28
N GLU F 755 77.69 22.92 -29.62
CA GLU F 755 77.65 21.55 -30.14
C GLU F 755 76.24 20.96 -30.32
N LEU F 756 75.26 21.46 -29.57
CA LEU F 756 73.86 20.95 -29.65
C LEU F 756 73.16 21.29 -30.94
N ASP F 757 72.16 20.46 -31.30
CA ASP F 757 71.31 20.74 -32.46
C ASP F 757 70.64 22.09 -32.26
N PRO F 758 70.66 22.99 -33.27
CA PRO F 758 70.08 24.34 -33.06
C PRO F 758 68.59 24.37 -32.64
N HIS F 759 67.84 23.32 -32.98
CA HIS F 759 66.46 23.11 -32.48
C HIS F 759 66.36 23.10 -30.95
N ILE F 760 67.31 22.44 -30.28
CA ILE F 760 67.33 22.34 -28.82
C ILE F 760 67.99 23.57 -28.21
N LEU F 761 69.07 24.04 -28.83
CA LEU F 761 69.77 25.24 -28.35
C LEU F 761 68.90 26.50 -28.42
N ALA F 762 68.04 26.58 -29.44
CA ALA F 762 67.04 27.66 -29.56
C ALA F 762 66.26 27.89 -28.28
N VAL F 763 65.82 26.81 -27.64
CA VAL F 763 65.03 26.90 -26.42
C VAL F 763 65.81 27.61 -25.34
N PHE F 764 67.07 27.22 -25.15
CA PHE F 764 67.91 27.87 -24.17
C PHE F 764 68.17 29.33 -24.52
N GLN F 765 68.34 29.62 -25.81
CA GLN F 765 68.57 31.00 -26.26
C GLN F 765 67.33 31.87 -26.04
N GLN F 766 66.15 31.31 -26.31
CA GLN F 766 64.86 31.92 -25.96
C GLN F 766 64.80 32.23 -24.47
N PHE F 767 65.10 31.24 -23.63
CA PHE F 767 65.17 31.45 -22.18
C PHE F 767 66.09 32.60 -21.79
N CYS F 768 67.24 32.69 -22.42
CA CYS F 768 68.20 33.78 -22.16
C CYS F 768 67.67 35.14 -22.56
N ALA F 769 66.86 35.18 -23.60
CA ALA F 769 66.26 36.45 -24.10
C ALA F 769 65.28 37.10 -23.12
N LEU F 770 64.71 36.30 -22.21
CA LEU F 770 63.79 36.82 -21.21
C LEU F 770 64.40 37.90 -20.32
N GLN F 771 65.70 37.86 -20.05
CA GLN F 771 66.38 38.92 -19.29
C GLN F 771 67.62 39.51 -19.96
N ALA F 772 67.86 39.15 -21.22
CA ALA F 772 68.94 39.75 -22.01
C ALA F 772 68.46 41.02 -22.67
N GLY G 6 52.75 53.60 0.29
CA GLY G 6 51.51 53.34 1.05
C GLY G 6 50.58 52.31 0.41
N LEU G 7 49.48 52.03 1.11
CA LEU G 7 48.45 51.08 0.67
C LEU G 7 47.05 51.64 0.87
N LEU G 8 46.09 51.14 0.10
CA LEU G 8 44.71 51.60 0.20
C LEU G 8 43.87 50.53 0.90
N LYS G 9 43.05 50.97 1.87
CA LYS G 9 42.21 50.05 2.62
C LYS G 9 41.27 49.28 1.66
N ALA G 10 40.67 49.99 0.71
CA ALA G 10 39.77 49.38 -0.27
C ALA G 10 40.38 48.21 -1.05
N LEU G 11 41.68 48.28 -1.36
CA LEU G 11 42.36 47.18 -2.06
C LEU G 11 42.86 46.08 -1.13
N ARG G 12 43.25 46.42 0.09
CA ARG G 12 43.59 45.41 1.11
C ARG G 12 42.37 44.52 1.48
N SER G 13 41.16 45.04 1.30
CA SER G 13 39.94 44.28 1.49
C SER G 13 40.00 42.84 0.96
N ASP G 14 39.70 41.89 1.83
CA ASP G 14 39.83 40.46 1.55
C ASP G 14 38.77 39.69 2.34
N SER G 15 37.52 39.87 1.92
CA SER G 15 36.37 39.46 2.69
C SER G 15 36.14 37.95 2.70
N TYR G 16 36.58 37.24 1.66
CA TYR G 16 36.39 35.79 1.63
C TYR G 16 37.28 35.03 2.65
N VAL G 17 38.27 35.74 3.21
CA VAL G 17 39.24 35.18 4.17
C VAL G 17 38.92 35.57 5.64
N GLU G 18 37.91 36.41 5.85
CA GLU G 18 37.48 36.75 7.22
C GLU G 18 36.89 35.55 7.94
N LEU G 19 36.88 35.62 9.27
CA LEU G 19 36.34 34.56 10.11
C LEU G 19 34.83 34.53 9.98
N SER G 20 34.23 33.33 10.07
CA SER G 20 32.77 33.24 10.04
C SER G 20 32.19 33.42 11.46
N GLN G 21 30.88 33.33 11.58
CA GLN G 21 30.20 33.40 12.88
C GLN G 21 30.50 32.17 13.76
N TYR G 22 30.71 31.01 13.12
CA TYR G 22 30.90 29.72 13.80
C TYR G 22 32.08 29.68 14.80
N ARG G 23 31.84 29.02 15.94
CA ARG G 23 32.92 28.51 16.80
C ARG G 23 32.66 27.07 17.22
N ASP G 24 33.75 26.36 17.50
CA ASP G 24 33.68 24.96 17.96
C ASP G 24 33.35 24.99 19.45
N GLN G 25 32.21 24.40 19.79
CA GLN G 25 31.73 24.42 21.18
C GLN G 25 32.49 23.43 22.07
N HIS G 26 32.97 22.33 21.49
CA HIS G 26 33.81 21.35 22.23
C HIS G 26 35.33 21.70 22.21
N PHE G 27 35.67 22.98 22.01
CA PHE G 27 37.07 23.42 21.94
C PHE G 27 37.60 23.71 23.35
N ARG G 28 38.57 22.91 23.80
CA ARG G 28 39.27 23.14 25.08
C ARG G 28 39.98 24.49 25.10
N GLY G 29 39.23 25.55 25.35
CA GLY G 29 39.82 26.86 25.43
C GLY G 29 38.89 28.05 25.33
N ASP G 30 39.48 29.19 25.66
CA ASP G 30 38.90 30.53 25.56
C ASP G 30 38.45 30.83 24.11
N ASN G 31 37.61 31.86 23.90
CA ASN G 31 37.28 32.30 22.53
C ASN G 31 38.46 33.05 21.87
N GLU G 32 39.12 33.95 22.60
CA GLU G 32 40.32 34.65 22.10
C GLU G 32 41.44 33.67 21.69
N GLU G 33 41.56 32.57 22.41
CA GLU G 33 42.53 31.51 22.09
C GLU G 33 42.13 30.72 20.82
N GLN G 34 40.81 30.58 20.57
CA GLN G 34 40.31 29.93 19.34
C GLN G 34 40.52 30.78 18.08
N GLU G 35 40.24 32.08 18.20
CA GLU G 35 40.42 33.03 17.08
C GLU G 35 41.89 33.15 16.69
N LYS G 36 42.76 33.18 17.70
CA LYS G 36 44.21 33.19 17.51
C LYS G 36 44.69 32.01 16.66
N LEU G 37 44.09 30.83 16.86
CA LEU G 37 44.41 29.64 16.03
C LEU G 37 43.80 29.69 14.63
N LEU G 38 42.55 30.18 14.53
CA LEU G 38 41.86 30.34 13.24
C LEU G 38 42.57 31.31 12.28
N LYS G 39 43.16 32.36 12.84
CA LYS G 39 43.89 33.35 12.04
C LYS G 39 45.24 32.85 11.52
N LYS G 40 45.77 31.79 12.13
CA LYS G 40 47.01 31.12 11.69
C LYS G 40 46.77 29.75 11.03
N SER G 41 45.51 29.30 10.97
CA SER G 41 45.21 27.94 10.51
C SER G 41 45.54 27.73 9.05
N CYS G 42 45.83 26.48 8.68
CA CYS G 42 45.91 26.05 7.30
C CYS G 42 44.89 24.96 7.03
N THR G 43 43.87 24.86 7.89
CA THR G 43 42.91 23.79 7.84
C THR G 43 41.54 24.40 7.61
N LEU G 44 40.77 23.81 6.70
CA LEU G 44 39.44 24.28 6.36
C LEU G 44 38.39 23.22 6.64
N TYR G 45 37.32 23.59 7.35
CA TYR G 45 36.07 22.81 7.34
C TYR G 45 35.44 22.99 5.97
N VAL G 46 34.86 21.94 5.41
CA VAL G 46 34.18 22.00 4.11
C VAL G 46 32.77 21.44 4.28
N GLY G 47 31.77 22.32 4.15
CA GLY G 47 30.34 21.95 4.34
C GLY G 47 29.54 21.64 3.07
N ASN G 48 28.39 21.00 3.28
CA ASN G 48 27.38 20.74 2.24
C ASN G 48 27.82 19.81 1.10
N LEU G 49 28.75 18.91 1.39
CA LEU G 49 29.14 17.88 0.42
C LEU G 49 28.03 16.83 0.28
N SER G 50 28.01 16.17 -0.87
CA SER G 50 27.24 14.95 -1.05
C SER G 50 27.85 13.84 -0.18
N PHE G 51 26.99 12.95 0.29
CA PHE G 51 27.40 11.74 1.01
C PHE G 51 28.19 10.84 0.07
N TYR G 52 27.85 10.88 -1.23
CA TYR G 52 28.53 10.06 -2.24
C TYR G 52 29.80 10.70 -2.84
N THR G 53 30.15 11.92 -2.41
CA THR G 53 31.38 12.58 -2.89
C THR G 53 32.58 11.91 -2.23
N THR G 54 33.53 11.50 -3.08
CA THR G 54 34.76 10.82 -2.68
C THR G 54 35.80 11.76 -2.09
N GLU G 55 36.70 11.18 -1.31
CA GLU G 55 37.97 11.82 -0.92
C GLU G 55 38.82 12.26 -2.13
N GLU G 56 38.78 11.43 -3.18
CA GLU G 56 39.56 11.68 -4.40
C GLU G 56 39.05 12.85 -5.22
N GLN G 57 37.76 13.15 -5.10
CA GLN G 57 37.17 14.33 -5.75
C GLN G 57 37.56 15.60 -4.99
N ILE G 58 37.46 15.55 -3.66
CA ILE G 58 37.87 16.69 -2.84
C ILE G 58 39.35 17.03 -3.06
N TYR G 59 40.18 16.01 -3.23
CA TYR G 59 41.61 16.22 -3.46
C TYR G 59 41.83 16.96 -4.79
N GLU G 60 41.17 16.51 -5.85
CA GLU G 60 41.30 17.14 -7.17
C GLU G 60 40.91 18.61 -7.18
N LEU G 61 39.77 18.92 -6.56
CA LEU G 61 39.26 20.31 -6.53
C LEU G 61 40.15 21.17 -5.66
N PHE G 62 40.32 20.79 -4.39
CA PHE G 62 41.06 21.60 -3.43
C PHE G 62 42.57 21.76 -3.73
N SER G 63 43.10 20.86 -4.56
CA SER G 63 44.46 20.99 -5.08
C SER G 63 44.69 22.19 -6.00
N LYS G 64 43.62 22.75 -6.57
CA LYS G 64 43.71 23.92 -7.43
C LYS G 64 44.13 25.21 -6.72
N SER G 65 44.05 25.25 -5.39
CA SER G 65 44.52 26.41 -4.65
C SER G 65 45.92 26.20 -4.13
N GLY G 66 46.43 24.97 -4.24
CA GLY G 66 47.77 24.62 -3.71
C GLY G 66 47.94 23.16 -3.30
N ASP G 67 49.05 22.87 -2.63
CA ASP G 67 49.39 21.47 -2.25
C ASP G 67 48.79 21.11 -0.89
N ILE G 68 48.03 20.02 -0.91
CA ILE G 68 47.26 19.52 0.24
C ILE G 68 48.11 18.55 1.06
N LYS G 69 48.10 18.74 2.37
CA LYS G 69 48.77 17.86 3.31
C LYS G 69 47.90 16.67 3.70
N LYS G 70 46.65 16.92 4.07
CA LYS G 70 45.76 15.87 4.58
C LYS G 70 44.29 16.19 4.32
N ILE G 71 43.53 15.16 3.93
CA ILE G 71 42.07 15.24 3.91
C ILE G 71 41.47 14.27 4.92
N ILE G 72 40.73 14.80 5.88
CA ILE G 72 40.04 14.00 6.90
C ILE G 72 38.53 14.05 6.64
N MET G 73 37.98 12.97 6.06
CA MET G 73 36.55 12.91 5.74
C MET G 73 35.67 12.94 6.99
N GLY G 74 34.53 13.61 6.87
CA GLY G 74 33.54 13.68 7.94
C GLY G 74 32.71 12.42 7.89
N LEU G 75 32.67 11.70 9.01
CA LEU G 75 32.09 10.36 9.08
C LEU G 75 30.92 10.31 10.06
N ASP G 76 29.96 9.43 9.77
CA ASP G 76 28.86 9.11 10.69
C ASP G 76 29.45 8.39 11.91
N LYS G 77 29.14 8.87 13.11
CA LYS G 77 29.75 8.32 14.34
C LYS G 77 29.46 6.84 14.53
N MET G 78 28.23 6.44 14.19
CA MET G 78 27.79 5.06 14.29
C MET G 78 28.31 4.24 13.10
N LYS G 79 27.88 4.59 11.89
CA LYS G 79 28.10 3.77 10.68
C LYS G 79 29.50 3.89 10.04
N LYS G 80 30.22 4.97 10.38
CA LYS G 80 31.52 5.29 9.78
C LYS G 80 31.56 5.32 8.24
N THR G 81 30.49 5.92 7.69
CA THR G 81 30.39 6.30 6.28
C THR G 81 30.35 7.82 6.23
N ALA G 82 30.64 8.36 5.04
CA ALA G 82 30.70 9.81 4.81
C ALA G 82 29.36 10.47 5.06
N CYS G 83 29.30 11.43 5.98
CA CYS G 83 28.08 12.18 6.30
C CYS G 83 28.14 13.69 5.92
N GLY G 84 28.89 14.01 4.87
CA GLY G 84 28.74 15.28 4.15
C GLY G 84 29.55 16.49 4.57
N PHE G 85 30.58 16.30 5.39
CA PHE G 85 31.61 17.32 5.54
C PHE G 85 32.98 16.70 5.42
N CYS G 86 34.00 17.55 5.46
CA CYS G 86 35.40 17.11 5.58
C CYS G 86 36.29 18.24 6.06
N PHE G 87 37.55 17.90 6.30
CA PHE G 87 38.60 18.88 6.57
C PHE G 87 39.68 18.78 5.50
N VAL G 88 40.26 19.92 5.13
CA VAL G 88 41.36 19.97 4.19
C VAL G 88 42.45 20.80 4.85
N GLU G 89 43.62 20.19 5.04
CA GLU G 89 44.77 20.85 5.64
C GLU G 89 45.77 21.11 4.53
N TYR G 90 46.24 22.36 4.43
CA TYR G 90 47.28 22.74 3.47
C TYR G 90 48.63 22.86 4.18
N TYR G 91 49.71 22.75 3.42
CA TYR G 91 51.04 23.00 3.95
C TYR G 91 51.23 24.48 4.29
N SER G 92 50.73 25.38 3.42
CA SER G 92 50.85 26.83 3.66
C SER G 92 49.51 27.57 3.83
N ARG G 93 49.53 28.63 4.63
CA ARG G 93 48.37 29.52 4.84
C ARG G 93 47.85 30.10 3.52
N ALA G 94 48.77 30.56 2.67
CA ALA G 94 48.44 31.23 1.42
C ALA G 94 47.56 30.38 0.52
N ASP G 95 47.84 29.08 0.49
CA ASP G 95 47.09 28.15 -0.35
C ASP G 95 45.69 27.91 0.21
N ALA G 96 45.56 27.94 1.53
CA ALA G 96 44.26 27.82 2.20
C ALA G 96 43.43 29.08 2.00
N GLU G 97 44.08 30.25 2.07
CA GLU G 97 43.42 31.51 1.76
C GLU G 97 42.84 31.49 0.35
N ASN G 98 43.61 31.01 -0.62
CA ASN G 98 43.12 30.94 -2.00
C ASN G 98 41.94 29.99 -2.16
N ALA G 99 41.90 28.91 -1.40
CA ALA G 99 40.73 28.02 -1.44
C ALA G 99 39.47 28.77 -0.94
N MET G 100 39.64 29.48 0.18
CA MET G 100 38.58 30.31 0.76
C MET G 100 38.11 31.43 -0.17
N ARG G 101 39.02 31.92 -1.01
CA ARG G 101 38.68 32.94 -1.99
C ARG G 101 37.99 32.45 -3.25
N TYR G 102 38.40 31.30 -3.77
CA TYR G 102 37.98 30.84 -5.14
C TYR G 102 37.33 29.46 -5.26
N ILE G 103 37.49 28.59 -4.26
CA ILE G 103 36.82 27.29 -4.25
C ILE G 103 35.54 27.36 -3.43
N ASN G 104 35.62 28.01 -2.27
CA ASN G 104 34.45 28.42 -1.46
C ASN G 104 33.29 28.91 -2.32
N GLY G 105 32.11 28.33 -2.11
CA GLY G 105 30.93 28.76 -2.86
C GLY G 105 30.86 28.33 -4.32
N THR G 106 31.68 27.36 -4.73
CA THR G 106 31.57 26.76 -6.06
C THR G 106 31.13 25.31 -5.92
N ARG G 107 31.03 24.60 -7.05
CA ARG G 107 30.36 23.29 -7.08
C ARG G 107 31.29 22.07 -7.01
N LEU G 108 30.84 21.06 -6.27
CA LEU G 108 31.47 19.74 -6.22
C LEU G 108 30.37 18.68 -6.14
N ASP G 109 30.27 17.85 -7.18
CA ASP G 109 29.10 16.97 -7.44
C ASP G 109 27.81 17.79 -7.50
N ASP G 110 27.88 18.84 -8.30
CA ASP G 110 26.80 19.80 -8.48
C ASP G 110 26.17 20.38 -7.22
N ARG G 111 26.92 20.51 -6.12
CA ARG G 111 26.42 21.17 -4.92
C ARG G 111 27.33 22.33 -4.53
N ILE G 112 26.73 23.43 -4.08
CA ILE G 112 27.50 24.59 -3.65
C ILE G 112 28.08 24.29 -2.28
N ILE G 113 29.36 23.92 -2.26
CA ILE G 113 30.08 23.68 -1.01
C ILE G 113 30.47 25.00 -0.37
N ARG G 114 30.68 24.96 0.94
CA ARG G 114 30.90 26.16 1.75
C ARG G 114 32.09 25.85 2.65
N THR G 115 33.12 26.69 2.62
CA THR G 115 34.35 26.47 3.40
C THR G 115 34.45 27.47 4.52
N ASP G 116 35.05 27.06 5.64
CA ASP G 116 35.35 27.93 6.79
C ASP G 116 36.69 27.53 7.39
N TRP G 117 37.39 28.51 7.98
CA TRP G 117 38.60 28.27 8.74
C TRP G 117 38.29 27.35 9.91
N ASP G 118 39.15 26.37 10.15
CA ASP G 118 39.04 25.48 11.31
C ASP G 118 40.22 25.71 12.24
N ALA G 119 40.00 25.47 13.54
CA ALA G 119 41.01 25.71 14.56
C ALA G 119 42.11 24.66 14.59
N GLY G 120 41.88 23.52 13.93
CA GLY G 120 42.82 22.42 13.88
C GLY G 120 42.09 21.11 14.12
N PHE G 121 42.53 20.05 13.44
CA PHE G 121 42.01 18.72 13.67
C PHE G 121 42.52 18.15 15.00
N LYS G 122 41.63 17.49 15.73
CA LYS G 122 41.96 16.64 16.88
C LYS G 122 41.13 15.38 16.69
N GLU G 123 41.48 14.30 17.39
CA GLU G 123 40.66 13.08 17.34
C GLU G 123 39.23 13.35 17.79
N GLY G 124 38.28 12.70 17.12
CA GLY G 124 36.85 12.85 17.45
C GLY G 124 36.12 13.91 16.65
N ARG G 125 36.86 14.87 16.09
CA ARG G 125 36.27 15.95 15.29
C ARG G 125 35.80 15.53 13.91
N GLN G 126 36.26 14.37 13.42
CA GLN G 126 35.76 13.82 12.16
C GLN G 126 34.32 13.28 12.23
N TYR G 127 33.75 13.18 13.44
CA TYR G 127 32.46 12.51 13.62
C TYR G 127 31.34 13.52 13.77
N GLY G 128 30.24 13.26 13.06
CA GLY G 128 29.02 14.05 13.18
C GLY G 128 28.53 14.08 14.62
N ARG G 129 28.14 15.27 15.08
CA ARG G 129 27.77 15.49 16.47
C ARG G 129 26.26 15.44 16.73
N GLY G 130 25.47 15.07 15.74
CA GLY G 130 24.04 14.89 15.92
C GLY G 130 23.70 13.57 16.60
N ARG G 131 22.56 13.55 17.30
CA ARG G 131 22.01 12.37 17.97
C ARG G 131 22.17 11.09 17.17
N SER G 132 21.65 11.09 15.94
CA SER G 132 21.57 9.87 15.13
C SER G 132 22.90 9.42 14.52
N GLY G 133 23.96 10.24 14.61
CA GLY G 133 25.30 9.87 14.14
C GLY G 133 25.86 10.83 13.11
N GLY G 134 25.00 11.31 12.20
CA GLY G 134 25.38 12.32 11.20
C GLY G 134 25.53 13.73 11.75
N GLN G 135 25.56 14.71 10.86
CA GLN G 135 25.73 16.11 11.26
C GLN G 135 24.47 16.65 11.95
N VAL G 136 24.66 17.61 12.86
CA VAL G 136 23.57 18.30 13.55
C VAL G 136 22.56 18.91 12.56
N ARG G 137 23.08 19.58 11.55
CA ARG G 137 22.26 20.19 10.49
C ARG G 137 21.30 19.19 9.81
N ASP G 138 21.70 17.91 9.72
CA ASP G 138 20.88 16.87 9.06
C ASP G 138 19.73 16.27 9.90
N GLU G 139 19.61 16.59 11.18
CA GLU G 139 18.50 16.05 12.01
C GLU G 139 17.21 16.85 11.88
N TYR G 140 17.30 18.16 12.11
CA TYR G 140 16.14 19.05 12.18
C TYR G 140 15.48 19.38 10.83
N ARG G 141 16.21 19.17 9.73
CA ARG G 141 15.75 19.60 8.41
C ARG G 141 14.57 18.76 7.91
N GLN G 142 13.63 19.43 7.25
CA GLN G 142 12.39 18.81 6.74
C GLN G 142 12.55 18.32 5.30
N ASP G 143 13.24 19.13 4.47
CA ASP G 143 13.39 18.90 3.02
C ASP G 143 13.96 17.52 2.61
N TYR G 144 13.74 17.16 1.34
CA TYR G 144 14.31 15.97 0.74
C TYR G 144 15.58 16.34 -0.02
N ASP G 145 16.66 15.63 0.29
CA ASP G 145 18.00 15.91 -0.23
C ASP G 145 18.66 14.58 -0.62
N ALA G 146 18.47 14.17 -1.88
CA ALA G 146 19.03 12.91 -2.41
C ALA G 146 20.50 12.67 -2.00
N GLY G 147 21.30 13.72 -2.06
CA GLY G 147 22.72 13.65 -1.71
C GLY G 147 23.05 13.60 -0.22
N ARG G 148 22.07 13.80 0.66
CA ARG G 148 22.32 13.71 2.10
C ARG G 148 21.43 12.69 2.82
N GLY G 149 21.21 11.53 2.19
CA GLY G 149 20.49 10.40 2.81
C GLY G 149 19.04 10.31 2.38
N GLY G 150 18.30 11.40 2.55
CA GLY G 150 16.92 11.52 2.13
C GLY G 150 16.24 12.64 2.88
N TYR G 151 15.28 12.30 3.72
CA TYR G 151 14.67 13.26 4.65
C TYR G 151 15.57 13.37 5.86
N GLY G 152 15.35 14.39 6.67
CA GLY G 152 16.05 14.52 7.96
C GLY G 152 15.77 13.34 8.89
N LYS G 153 16.59 13.16 9.91
CA LYS G 153 16.45 11.99 10.79
C LYS G 153 15.24 12.02 11.75
N LEU G 154 14.77 13.20 12.16
CA LEU G 154 13.66 13.30 13.11
C LEU G 154 12.31 13.24 12.39
N GLU H 10 29.39 -20.38 44.71
CA GLU H 10 28.71 -19.45 43.78
C GLU H 10 28.39 -20.19 42.42
N ASP H 11 28.87 -19.71 41.27
CA ASP H 11 29.05 -20.51 40.05
C ASP H 11 29.89 -21.79 40.19
N HIS H 12 30.92 -21.73 41.05
CA HIS H 12 31.72 -22.88 41.46
C HIS H 12 30.83 -24.06 41.93
N LEU H 13 29.89 -23.80 42.84
CA LEU H 13 29.02 -24.80 43.42
C LEU H 13 28.21 -25.58 42.39
N GLU H 14 27.60 -24.84 41.47
CA GLU H 14 26.83 -25.46 40.37
C GLU H 14 27.76 -26.37 39.56
N SER H 15 28.91 -25.84 39.16
CA SER H 15 29.85 -26.60 38.33
C SER H 15 30.39 -27.87 39.01
N LEU H 16 30.62 -27.80 40.32
CA LEU H 16 31.08 -28.97 41.09
C LEU H 16 30.02 -30.04 41.21
N ILE H 17 28.79 -29.62 41.52
CA ILE H 17 27.66 -30.54 41.62
C ILE H 17 27.43 -31.23 40.28
N CYS H 18 27.40 -30.45 39.20
CA CYS H 18 27.23 -31.07 37.87
C CYS H 18 28.37 -32.02 37.49
N LYS H 19 29.61 -31.65 37.82
CA LYS H 19 30.76 -32.43 37.36
C LYS H 19 31.06 -33.70 38.14
N VAL H 20 30.53 -33.86 39.36
CA VAL H 20 30.68 -35.14 40.07
C VAL H 20 30.01 -36.23 39.25
N GLY H 21 30.65 -37.39 39.19
CA GLY H 21 30.13 -38.50 38.40
C GLY H 21 30.74 -38.63 37.01
N GLU H 22 31.30 -37.55 36.47
CA GLU H 22 31.99 -37.62 35.19
C GLU H 22 33.34 -38.33 35.32
N LYS H 23 33.91 -38.72 34.18
CA LYS H 23 35.28 -39.31 34.10
C LYS H 23 36.32 -38.55 34.94
N SER H 24 37.06 -39.29 35.76
CA SER H 24 37.99 -38.68 36.73
C SER H 24 39.15 -39.61 37.05
N ALA H 25 40.28 -39.03 37.44
CA ALA H 25 41.44 -39.80 37.92
C ALA H 25 41.13 -40.56 39.22
N CYS H 26 40.40 -39.90 40.13
CA CYS H 26 39.96 -40.49 41.40
C CYS H 26 38.70 -41.31 41.24
N SER H 27 38.38 -42.06 42.29
CA SER H 27 37.17 -42.89 42.32
C SER H 27 35.93 -42.03 42.50
N LEU H 28 34.79 -42.59 42.11
CA LEU H 28 33.48 -41.95 42.32
C LEU H 28 33.23 -41.72 43.82
N GLU H 29 33.59 -42.71 44.62
CA GLU H 29 33.43 -42.68 46.07
C GLU H 29 34.20 -41.50 46.68
N SER H 30 35.46 -41.37 46.26
CA SER H 30 36.31 -40.28 46.73
C SER H 30 35.73 -38.91 46.42
N ASN H 31 35.36 -38.71 45.16
CA ASN H 31 34.76 -37.45 44.67
C ASN H 31 33.48 -37.06 45.40
N LEU H 32 32.63 -38.06 45.68
CA LEU H 32 31.39 -37.83 46.43
C LEU H 32 31.67 -37.40 47.87
N GLU H 33 32.55 -38.13 48.53
CA GLU H 33 33.01 -37.79 49.88
C GLU H 33 33.59 -36.37 49.90
N GLY H 34 34.45 -36.07 48.92
CA GLY H 34 35.06 -34.76 48.79
C GLY H 34 34.06 -33.64 48.64
N LEU H 35 33.17 -33.79 47.66
CA LEU H 35 32.12 -32.80 47.39
C LEU H 35 31.20 -32.61 48.60
N ALA H 36 30.83 -33.71 49.26
CA ALA H 36 29.98 -33.64 50.45
C ALA H 36 30.61 -32.74 51.52
N GLY H 37 31.94 -32.83 51.65
CA GLY H 37 32.70 -31.93 52.52
C GLY H 37 32.63 -30.47 52.09
N VAL H 38 32.89 -30.24 50.81
CA VAL H 38 32.89 -28.88 50.23
C VAL H 38 31.52 -28.20 50.41
N LEU H 39 30.43 -28.95 50.23
CA LEU H 39 29.07 -28.42 50.37
C LEU H 39 28.68 -28.16 51.83
N GLU H 40 29.07 -29.05 52.75
CA GLU H 40 28.82 -28.82 54.19
C GLU H 40 29.48 -27.51 54.66
N ALA H 41 30.72 -27.29 54.25
CA ALA H 41 31.47 -26.06 54.53
C ALA H 41 30.75 -24.77 54.12
N ASP H 42 30.03 -24.83 52.98
CA ASP H 42 29.30 -23.67 52.45
C ASP H 42 27.84 -23.54 52.91
N LEU H 43 27.37 -24.49 53.71
CA LEU H 43 26.02 -24.41 54.29
C LEU H 43 25.70 -23.16 55.12
N PRO H 44 26.63 -22.67 55.96
CA PRO H 44 26.35 -21.43 56.68
C PRO H 44 25.65 -20.35 55.85
N ASN H 45 26.17 -20.07 54.65
CA ASN H 45 25.66 -18.98 53.80
C ASN H 45 25.42 -19.34 52.31
N TYR H 46 25.24 -20.63 51.99
CA TYR H 46 24.74 -21.09 50.69
C TYR H 46 23.76 -22.27 50.74
N LYS H 47 23.13 -22.47 51.89
CA LYS H 47 22.12 -23.53 52.08
C LYS H 47 20.98 -23.33 51.09
N SER H 48 20.47 -22.11 51.04
CA SER H 48 19.48 -21.67 50.05
C SER H 48 19.81 -22.18 48.65
N LYS H 49 21.02 -21.90 48.19
CA LYS H 49 21.46 -22.20 46.81
C LYS H 49 21.64 -23.70 46.61
N ILE H 50 22.29 -24.35 47.56
CA ILE H 50 22.61 -25.78 47.45
C ILE H 50 21.35 -26.65 47.44
N LEU H 51 20.31 -26.25 48.16
CA LEU H 51 19.01 -26.93 48.09
C LEU H 51 18.43 -26.82 46.69
N ARG H 52 18.35 -25.59 46.18
CA ARG H 52 17.86 -25.33 44.82
C ARG H 52 18.63 -26.14 43.78
N LEU H 53 19.95 -26.18 43.89
CA LEU H 53 20.77 -26.93 42.94
C LEU H 53 20.54 -28.44 43.00
N LEU H 54 20.46 -29.00 44.18
CA LEU H 54 20.20 -30.44 44.29
C LEU H 54 18.77 -30.80 43.89
N CYS H 55 17.83 -29.90 44.15
CA CYS H 55 16.45 -30.07 43.62
C CYS H 55 16.41 -30.02 42.09
N THR H 56 17.25 -29.19 41.51
CA THR H 56 17.36 -29.07 40.07
C THR H 56 17.95 -30.32 39.44
N VAL H 57 19.06 -30.85 39.98
CA VAL H 57 19.65 -32.07 39.41
C VAL H 57 18.78 -33.32 39.62
N ALA H 58 17.93 -33.29 40.63
CA ALA H 58 16.95 -34.36 40.84
C ALA H 58 15.93 -34.38 39.69
N ARG H 59 15.60 -33.20 39.20
CA ARG H 59 14.60 -32.96 38.16
C ARG H 59 15.16 -33.05 36.72
N LEU H 60 16.37 -32.55 36.49
CA LEU H 60 16.98 -32.50 35.16
C LEU H 60 18.05 -33.55 34.85
N LEU H 61 18.57 -34.25 35.87
CA LEU H 61 19.59 -35.29 35.65
C LEU H 61 19.21 -36.62 36.29
N PRO H 62 18.05 -37.18 35.90
CA PRO H 62 17.67 -38.50 36.40
C PRO H 62 18.59 -39.59 35.91
N GLU H 63 19.24 -39.36 34.78
CA GLU H 63 20.25 -40.29 34.27
C GLU H 63 21.41 -40.52 35.27
N LYS H 64 21.65 -39.57 36.18
CA LYS H 64 22.67 -39.71 37.26
C LYS H 64 22.00 -39.70 38.64
N LEU H 65 20.84 -40.34 38.72
CA LEU H 65 20.00 -40.38 39.93
C LEU H 65 20.77 -40.84 41.17
N THR H 66 21.34 -42.05 41.10
CA THR H 66 21.94 -42.68 42.27
C THR H 66 23.24 -42.01 42.69
N ILE H 67 23.89 -41.25 41.81
CA ILE H 67 25.01 -40.39 42.22
C ILE H 67 24.52 -39.29 43.17
N TYR H 68 23.42 -38.62 42.84
CA TYR H 68 22.97 -37.48 43.64
C TYR H 68 22.19 -37.87 44.91
N THR H 69 21.50 -39.00 44.89
CA THR H 69 20.87 -39.50 46.11
C THR H 69 21.93 -39.88 47.14
N THR H 70 22.97 -40.59 46.70
CA THR H 70 24.14 -40.88 47.53
C THR H 70 24.71 -39.57 48.11
N LEU H 71 24.90 -38.56 47.27
CA LEU H 71 25.44 -37.28 47.72
C LEU H 71 24.59 -36.68 48.84
N VAL H 72 23.27 -36.68 48.65
CA VAL H 72 22.34 -36.14 49.65
C VAL H 72 22.40 -36.98 50.92
N GLY H 73 22.56 -38.29 50.77
CA GLY H 73 22.72 -39.20 51.90
C GLY H 73 23.94 -38.92 52.76
N LEU H 74 25.07 -38.63 52.12
CA LEU H 74 26.29 -38.24 52.81
C LEU H 74 26.14 -36.90 53.53
N LEU H 75 25.40 -35.97 52.92
CA LEU H 75 25.13 -34.67 53.54
C LEU H 75 24.17 -34.79 54.72
N ASN H 76 23.21 -35.71 54.60
CA ASN H 76 22.27 -36.00 55.69
C ASN H 76 23.00 -36.57 56.91
N ALA H 77 23.98 -37.45 56.68
CA ALA H 77 24.81 -38.02 57.75
C ALA H 77 25.56 -36.95 58.55
N ARG H 78 26.19 -36.01 57.85
CA ARG H 78 26.93 -34.94 58.51
C ARG H 78 26.02 -33.86 59.10
N ASN H 79 24.85 -33.68 58.51
CA ASN H 79 23.92 -32.65 58.94
C ASN H 79 22.48 -33.11 58.70
N TYR H 80 21.86 -33.60 59.77
CA TYR H 80 20.48 -34.10 59.75
C TYR H 80 19.51 -33.03 59.31
N ASN H 81 19.69 -31.81 59.79
CA ASN H 81 18.76 -30.70 59.51
C ASN H 81 18.72 -30.35 58.02
N PHE H 82 19.88 -30.42 57.35
CA PHE H 82 19.96 -30.20 55.91
C PHE H 82 19.16 -31.25 55.13
N GLY H 83 19.33 -32.52 55.50
CA GLY H 83 18.53 -33.60 54.91
C GLY H 83 17.03 -33.34 55.01
N GLY H 84 16.60 -32.81 56.15
CA GLY H 84 15.19 -32.54 56.40
C GLY H 84 14.64 -31.44 55.52
N GLU H 85 15.37 -30.34 55.41
CA GLU H 85 14.97 -29.24 54.52
C GLU H 85 14.96 -29.64 53.05
N PHE H 86 15.89 -30.51 52.65
CA PHE H 86 15.91 -31.04 51.28
C PHE H 86 14.68 -31.83 50.99
N VAL H 87 14.36 -32.78 51.86
CA VAL H 87 13.14 -33.59 51.70
C VAL H 87 11.87 -32.70 51.67
N GLU H 88 11.87 -31.62 52.43
CA GLU H 88 10.77 -30.62 52.38
C GLU H 88 10.73 -29.91 51.04
N ALA H 89 11.88 -29.46 50.58
CA ALA H 89 12.02 -28.74 49.28
C ALA H 89 11.61 -29.62 48.11
N MET H 90 11.98 -30.89 48.16
CA MET H 90 11.57 -31.86 47.14
C MET H 90 10.07 -32.05 47.09
N ILE H 91 9.40 -32.04 48.24
CA ILE H 91 7.95 -32.18 48.26
C ILE H 91 7.27 -30.91 47.78
N ARG H 92 7.82 -29.73 48.10
CA ARG H 92 7.33 -28.48 47.51
C ARG H 92 7.51 -28.52 46.01
N GLN H 93 8.68 -28.98 45.55
CA GLN H 93 8.96 -29.08 44.10
C GLN H 93 8.05 -30.08 43.40
N LEU H 94 7.75 -31.21 44.05
CA LEU H 94 6.84 -32.22 43.49
C LEU H 94 5.43 -31.67 43.35
N LYS H 95 4.90 -31.06 44.41
CA LYS H 95 3.54 -30.49 44.39
C LYS H 95 3.45 -29.37 43.35
N GLU H 96 4.48 -28.55 43.27
CA GLU H 96 4.54 -27.44 42.31
C GLU H 96 4.63 -27.93 40.85
N SER H 97 5.35 -29.02 40.61
CA SER H 97 5.42 -29.68 39.29
C SER H 97 4.08 -30.28 38.88
N LEU H 98 3.39 -30.93 39.81
CA LEU H 98 2.07 -31.51 39.51
C LEU H 98 1.03 -30.42 39.22
N LYS H 99 1.02 -29.37 40.04
CA LYS H 99 0.18 -28.18 39.85
C LYS H 99 0.35 -27.61 38.44
N ALA H 100 1.59 -27.55 37.97
CA ALA H 100 1.92 -27.02 36.63
C ALA H 100 1.87 -28.05 35.48
N ASN H 101 1.25 -29.20 35.70
CA ASN H 101 1.20 -30.29 34.72
C ASN H 101 2.55 -30.77 34.13
N ASN H 102 3.64 -30.72 34.91
CA ASN H 102 4.92 -31.31 34.49
C ASN H 102 5.01 -32.71 35.08
N TYR H 103 4.12 -33.58 34.62
CA TYR H 103 4.06 -34.94 35.14
C TYR H 103 5.31 -35.75 34.80
N ASN H 104 6.00 -35.42 33.72
CA ASN H 104 7.20 -36.18 33.33
C ASN H 104 8.40 -35.82 34.22
N GLU H 105 8.53 -34.55 34.60
CA GLU H 105 9.52 -34.16 35.62
C GLU H 105 9.19 -34.72 36.99
N ALA H 106 7.91 -34.73 37.34
CA ALA H 106 7.46 -35.26 38.63
C ALA H 106 7.86 -36.72 38.88
N VAL H 107 7.88 -37.56 37.84
CA VAL H 107 8.32 -38.96 38.00
C VAL H 107 9.74 -39.02 38.53
N TYR H 108 10.61 -38.16 38.00
CA TYR H 108 12.01 -38.18 38.39
C TYR H 108 12.14 -37.78 39.85
N LEU H 109 11.35 -36.81 40.27
CA LEU H 109 11.29 -36.41 41.69
C LEU H 109 10.80 -37.56 42.59
N VAL H 110 9.79 -38.28 42.13
CA VAL H 110 9.29 -39.43 42.86
C VAL H 110 10.36 -40.53 42.95
N ARG H 111 11.09 -40.79 41.87
CA ARG H 111 12.16 -41.79 41.91
C ARG H 111 13.31 -41.37 42.81
N PHE H 112 13.58 -40.06 42.86
CA PHE H 112 14.66 -39.54 43.72
C PHE H 112 14.32 -39.80 45.19
N LEU H 113 13.11 -39.44 45.59
CA LEU H 113 12.62 -39.71 46.95
C LEU H 113 12.67 -41.21 47.24
N SER H 114 12.23 -42.02 46.29
CA SER H 114 12.28 -43.47 46.44
C SER H 114 13.69 -43.94 46.75
N ASP H 115 14.65 -43.63 45.88
CA ASP H 115 16.02 -44.11 46.05
C ASP H 115 16.70 -43.51 47.27
N LEU H 116 16.23 -42.34 47.74
CA LEU H 116 16.67 -41.80 49.05
C LEU H 116 16.40 -42.72 50.26
N VAL H 117 15.46 -43.65 50.13
CA VAL H 117 15.25 -44.68 51.16
C VAL H 117 16.46 -45.61 51.26
N ASN H 118 17.00 -46.01 50.12
CA ASN H 118 18.22 -46.82 50.08
C ASN H 118 19.45 -46.07 50.63
N CYS H 119 19.39 -44.73 50.72
CA CYS H 119 20.44 -43.89 51.30
C CYS H 119 20.22 -43.51 52.77
N HIS H 120 19.23 -44.14 53.42
CA HIS H 120 18.87 -43.86 54.82
C HIS H 120 18.65 -42.36 55.06
N VAL H 121 17.92 -41.73 54.14
CA VAL H 121 17.45 -40.36 54.27
C VAL H 121 15.95 -40.32 54.52
N ILE H 122 15.22 -41.27 53.92
CA ILE H 122 13.77 -41.38 54.09
C ILE H 122 13.45 -42.75 54.68
N ALA H 123 12.52 -42.74 55.65
CA ALA H 123 12.07 -43.95 56.35
C ALA H 123 11.17 -44.71 55.41
N ALA H 124 11.44 -46.01 55.23
CA ALA H 124 10.65 -46.85 54.34
C ALA H 124 9.11 -46.80 54.55
N PRO H 125 8.63 -46.73 55.80
CA PRO H 125 7.19 -46.51 56.06
C PRO H 125 6.57 -45.31 55.31
N SER H 126 7.21 -44.15 55.38
CA SER H 126 6.78 -42.93 54.66
C SER H 126 6.56 -43.14 53.17
N MET H 127 7.52 -43.81 52.55
CA MET H 127 7.49 -44.05 51.10
C MET H 127 6.36 -45.01 50.73
N VAL H 128 6.11 -46.00 51.58
CA VAL H 128 4.98 -46.92 51.37
C VAL H 128 3.65 -46.19 51.58
N ALA H 129 3.60 -45.27 52.54
CA ALA H 129 2.42 -44.41 52.77
C ALA H 129 2.10 -43.53 51.58
N MET H 130 3.14 -42.92 51.01
CA MET H 130 3.01 -42.13 49.80
C MET H 130 2.47 -42.99 48.66
N PHE H 131 3.04 -44.17 48.46
CA PHE H 131 2.57 -45.05 47.39
C PHE H 131 1.16 -45.60 47.62
N GLU H 132 0.75 -45.75 48.88
CA GLU H 132 -0.66 -46.08 49.21
C GLU H 132 -1.58 -44.97 48.66
N ASN H 133 -1.22 -43.71 48.89
CA ASN H 133 -1.97 -42.56 48.37
C ASN H 133 -1.93 -42.41 46.85
N PHE H 134 -0.83 -42.81 46.23
CA PHE H 134 -0.70 -42.78 44.77
C PHE H 134 -1.68 -43.77 44.16
N VAL H 135 -1.60 -45.04 44.58
CA VAL H 135 -2.45 -46.10 44.03
C VAL H 135 -3.93 -45.88 44.38
N SER H 136 -4.20 -45.20 45.48
CA SER H 136 -5.58 -44.83 45.84
C SER H 136 -6.23 -43.85 44.84
N VAL H 137 -5.44 -43.21 43.98
CA VAL H 137 -5.99 -42.44 42.87
C VAL H 137 -6.74 -43.35 41.90
N THR H 138 -6.41 -44.65 41.85
CA THR H 138 -7.19 -45.60 41.04
C THR H 138 -8.65 -45.75 41.48
N GLN H 139 -8.96 -45.43 42.73
CA GLN H 139 -10.33 -45.52 43.27
C GLN H 139 -11.09 -44.17 43.25
N GLU H 140 -10.44 -43.07 42.88
CA GLU H 140 -11.16 -41.82 42.56
C GLU H 140 -12.21 -42.08 41.49
N GLU H 141 -13.39 -41.48 41.63
CA GLU H 141 -14.50 -41.68 40.68
C GLU H 141 -14.62 -40.51 39.71
N ASP H 142 -15.02 -40.83 38.48
CA ASP H 142 -15.20 -39.83 37.39
C ASP H 142 -13.99 -38.95 37.20
N VAL H 143 -12.85 -39.61 36.96
CA VAL H 143 -11.58 -38.98 36.55
C VAL H 143 -11.00 -39.76 35.36
N PRO H 144 -10.14 -39.11 34.55
CA PRO H 144 -9.57 -39.80 33.38
C PRO H 144 -8.65 -41.00 33.69
N GLN H 145 -8.68 -42.01 32.84
CA GLN H 145 -7.71 -43.12 32.90
C GLN H 145 -6.26 -42.63 32.92
N VAL H 146 -5.96 -41.63 32.12
CA VAL H 146 -4.61 -41.06 32.05
C VAL H 146 -4.12 -40.40 33.36
N ARG H 147 -5.02 -39.98 34.22
CA ARG H 147 -4.66 -39.53 35.57
C ARG H 147 -4.28 -40.71 36.44
N ARG H 148 -5.16 -41.70 36.45
CA ARG H 148 -4.94 -42.91 37.22
C ARG H 148 -3.64 -43.59 36.78
N ASP H 149 -3.49 -43.74 35.46
CA ASP H 149 -2.28 -44.29 34.85
C ASP H 149 -0.99 -43.67 35.38
N TRP H 150 -0.92 -42.35 35.43
CA TRP H 150 0.32 -41.68 35.80
C TRP H 150 0.76 -42.01 37.22
N TYR H 151 -0.19 -41.98 38.16
CA TYR H 151 0.12 -42.28 39.56
C TYR H 151 0.58 -43.74 39.74
N VAL H 152 -0.01 -44.65 38.98
CA VAL H 152 0.45 -46.04 38.94
C VAL H 152 1.86 -46.15 38.36
N TYR H 153 2.13 -45.45 37.25
CA TYR H 153 3.45 -45.46 36.59
C TYR H 153 4.53 -44.87 37.51
N ALA H 154 4.22 -43.79 38.20
CA ALA H 154 5.19 -43.18 39.13
C ALA H 154 5.58 -44.17 40.22
N PHE H 155 4.61 -44.98 40.65
CA PHE H 155 4.83 -46.04 41.64
C PHE H 155 5.66 -47.17 41.02
N LEU H 156 5.12 -47.84 40.01
CA LEU H 156 5.79 -49.01 39.44
C LEU H 156 7.20 -48.71 38.92
N SER H 157 7.38 -47.57 38.27
CA SER H 157 8.70 -47.21 37.71
C SER H 157 9.74 -46.82 38.77
N SER H 158 9.30 -46.57 40.01
CA SER H 158 10.22 -46.35 41.12
C SER H 158 10.76 -47.65 41.72
N LEU H 159 10.08 -48.77 41.49
CA LEU H 159 10.42 -50.02 42.16
C LEU H 159 11.76 -50.67 41.78
N PRO H 160 12.27 -50.47 40.55
CA PRO H 160 13.61 -51.03 40.33
C PRO H 160 14.70 -50.42 41.24
N TRP H 161 14.46 -49.24 41.79
CA TRP H 161 15.39 -48.61 42.72
C TRP H 161 15.12 -48.98 44.17
N VAL H 162 13.86 -48.83 44.60
CA VAL H 162 13.49 -48.94 46.03
C VAL H 162 12.67 -50.19 46.35
N GLY H 163 12.35 -51.00 45.36
CA GLY H 163 11.38 -52.10 45.52
C GLY H 163 11.79 -53.16 46.51
N LYS H 164 13.09 -53.45 46.60
CA LYS H 164 13.59 -54.43 47.56
C LYS H 164 13.45 -53.91 48.98
N GLU H 165 13.88 -52.69 49.21
CA GLU H 165 13.87 -52.13 50.57
C GLU H 165 12.47 -52.01 51.13
N LEU H 166 11.50 -51.61 50.30
CA LEU H 166 10.10 -51.48 50.75
C LEU H 166 9.47 -52.83 51.06
N TYR H 167 9.73 -53.82 50.21
CA TYR H 167 9.16 -55.15 50.36
C TYR H 167 9.83 -55.96 51.47
N GLU H 168 10.96 -55.49 52.01
CA GLU H 168 11.53 -56.07 53.23
C GLU H 168 10.86 -55.47 54.44
N LYS H 169 10.91 -54.15 54.56
CA LYS H 169 10.37 -53.47 55.74
C LYS H 169 8.84 -53.55 55.95
N LYS H 170 8.07 -53.70 54.87
CA LYS H 170 6.61 -53.57 54.94
C LYS H 170 5.89 -54.49 53.94
N ASP H 171 6.30 -55.76 53.87
CA ASP H 171 5.81 -56.68 52.82
C ASP H 171 4.28 -56.91 52.79
N ALA H 172 3.62 -56.77 53.94
CA ALA H 172 2.18 -56.89 54.01
C ALA H 172 1.48 -55.73 53.30
N GLU H 173 1.94 -54.51 53.61
CA GLU H 173 1.37 -53.28 53.05
C GLU H 173 1.59 -53.17 51.54
N MET H 174 2.72 -53.68 51.06
CA MET H 174 3.05 -53.69 49.63
C MET H 174 2.22 -54.69 48.85
N ASP H 175 1.96 -55.86 49.42
CA ASP H 175 1.05 -56.85 48.80
C ASP H 175 -0.35 -56.27 48.59
N ARG H 176 -0.75 -55.36 49.48
CA ARG H 176 -2.04 -54.72 49.38
C ARG H 176 -2.02 -53.75 48.22
N ILE H 177 -1.00 -52.91 48.17
CA ILE H 177 -0.85 -51.94 47.10
C ILE H 177 -0.83 -52.70 45.79
N PHE H 178 0.05 -53.69 45.71
CA PHE H 178 0.12 -54.54 44.50
C PHE H 178 -1.20 -55.16 44.09
N ALA H 179 -2.03 -55.54 45.05
CA ALA H 179 -3.36 -56.10 44.78
C ALA H 179 -4.24 -55.08 44.06
N ASN H 180 -4.34 -53.88 44.64
CA ASN H 180 -5.12 -52.78 44.07
C ASN H 180 -4.59 -52.33 42.71
N THR H 181 -3.26 -52.28 42.58
CA THR H 181 -2.62 -51.98 41.31
C THR H 181 -2.99 -53.02 40.25
N GLU H 182 -2.93 -54.30 40.59
CA GLU H 182 -3.22 -55.37 39.63
C GLU H 182 -4.67 -55.34 39.14
N SER H 183 -5.59 -55.13 40.07
CA SER H 183 -7.01 -55.08 39.71
C SER H 183 -7.36 -53.82 38.91
N TYR H 184 -6.61 -52.73 39.14
CA TYR H 184 -6.73 -51.54 38.28
C TYR H 184 -6.26 -51.80 36.86
N LEU H 185 -5.08 -52.39 36.72
CA LEU H 185 -4.53 -52.70 35.39
C LEU H 185 -5.39 -53.67 34.61
N LYS H 186 -6.08 -54.58 35.31
CA LYS H 186 -6.99 -55.54 34.67
C LYS H 186 -8.20 -54.87 34.03
N ARG H 187 -8.74 -53.83 34.67
CA ARG H 187 -9.93 -53.12 34.16
C ARG H 187 -9.62 -51.86 33.32
N ARG H 188 -8.36 -51.68 32.92
CA ARG H 188 -7.97 -50.53 32.06
C ARG H 188 -8.42 -50.76 30.62
N GLN H 189 -8.88 -49.68 29.99
CA GLN H 189 -9.25 -49.67 28.57
C GLN H 189 -7.98 -49.59 27.74
N LYS H 190 -7.88 -50.45 26.72
CA LYS H 190 -6.73 -50.48 25.79
C LYS H 190 -7.08 -49.98 24.37
N THR H 191 -7.98 -49.00 24.28
CA THR H 191 -8.51 -48.56 22.97
C THR H 191 -7.45 -47.87 22.12
N HIS H 192 -6.57 -47.15 22.80
CA HIS H 192 -5.50 -46.37 22.20
C HIS H 192 -4.39 -47.17 21.51
N VAL H 193 -4.23 -48.44 21.86
CA VAL H 193 -3.04 -49.20 21.47
C VAL H 193 -2.78 -49.27 19.96
N PRO H 194 -3.79 -49.63 19.16
CA PRO H 194 -3.52 -49.71 17.70
C PRO H 194 -3.15 -48.37 17.04
N MET H 195 -3.46 -47.26 17.70
CA MET H 195 -3.07 -45.95 17.19
C MET H 195 -1.61 -45.59 17.47
N LEU H 196 -1.01 -46.24 18.46
CA LEU H 196 0.33 -45.91 18.93
C LEU H 196 1.40 -46.95 18.63
N GLN H 197 1.01 -48.13 18.16
CA GLN H 197 1.98 -49.16 17.79
C GLN H 197 2.70 -48.78 16.52
N VAL H 198 4.01 -48.99 16.50
CA VAL H 198 4.79 -48.82 15.29
C VAL H 198 4.49 -49.96 14.31
N TRP H 199 4.27 -51.17 14.83
CA TRP H 199 3.89 -52.34 14.03
C TRP H 199 2.64 -53.01 14.62
N THR H 200 1.68 -53.38 13.77
CA THR H 200 0.49 -54.12 14.22
C THR H 200 0.81 -55.61 14.45
N ALA H 201 1.75 -56.15 13.68
CA ALA H 201 2.20 -57.55 13.84
C ALA H 201 2.80 -57.79 15.22
N ASP H 202 2.45 -58.91 15.84
CA ASP H 202 2.97 -59.24 17.18
C ASP H 202 4.13 -60.25 17.13
N LYS H 203 4.70 -60.42 15.94
CA LYS H 203 5.87 -61.25 15.71
C LYS H 203 6.79 -60.46 14.75
N PRO H 204 8.10 -60.37 15.00
CA PRO H 204 8.86 -61.07 16.05
C PRO H 204 8.83 -60.46 17.47
N HIS H 205 8.35 -59.23 17.62
CA HIS H 205 8.23 -58.60 18.93
C HIS H 205 6.92 -57.87 19.00
N PRO H 206 6.07 -58.20 19.99
CA PRO H 206 4.89 -57.37 20.16
C PRO H 206 5.23 -55.97 20.67
N GLN H 207 4.53 -54.97 20.17
CA GLN H 207 4.62 -53.62 20.67
C GLN H 207 3.61 -53.47 21.80
N GLU H 208 4.10 -53.64 23.03
CA GLU H 208 3.25 -53.70 24.22
C GLU H 208 2.84 -52.33 24.73
N GLU H 209 1.70 -52.29 25.39
CA GLU H 209 1.21 -51.08 26.04
C GLU H 209 2.10 -50.82 27.27
N TYR H 210 2.46 -49.56 27.52
CA TYR H 210 3.53 -49.26 28.49
C TYR H 210 3.32 -49.76 29.90
N LEU H 211 2.07 -49.73 30.40
CA LEU H 211 1.80 -50.21 31.76
C LEU H 211 1.73 -51.72 31.86
N ASP H 212 1.25 -52.39 30.81
CA ASP H 212 1.28 -53.84 30.77
C ASP H 212 2.72 -54.35 30.82
N CYS H 213 3.58 -53.68 30.07
CA CYS H 213 4.98 -54.06 30.00
C CYS H 213 5.70 -53.82 31.33
N LEU H 214 5.50 -52.64 31.91
CA LEU H 214 6.14 -52.31 33.19
C LEU H 214 5.69 -53.26 34.27
N TRP H 215 4.41 -53.59 34.28
CA TRP H 215 3.87 -54.56 35.23
C TRP H 215 4.62 -55.88 35.12
N ALA H 216 4.66 -56.44 33.93
CA ALA H 216 5.37 -57.70 33.68
C ALA H 216 6.84 -57.65 34.14
N GLN H 217 7.48 -56.50 33.93
CA GLN H 217 8.87 -56.28 34.35
C GLN H 217 8.99 -56.32 35.86
N ILE H 218 8.12 -55.58 36.52
CA ILE H 218 8.09 -55.57 37.99
C ILE H 218 7.70 -56.95 38.55
N GLN H 219 6.84 -57.69 37.87
CA GLN H 219 6.52 -59.06 38.29
C GLN H 219 7.76 -59.97 38.25
N LYS H 220 8.51 -59.92 37.16
CA LYS H 220 9.75 -60.69 37.05
C LYS H 220 10.77 -60.23 38.09
N LEU H 221 10.87 -58.93 38.32
CA LEU H 221 11.77 -58.41 39.34
C LEU H 221 11.42 -59.00 40.70
N LYS H 222 10.13 -59.01 41.02
CA LYS H 222 9.63 -59.56 42.29
C LYS H 222 9.94 -61.05 42.41
N LYS H 223 9.64 -61.79 41.36
CA LYS H 223 9.99 -63.22 41.29
C LYS H 223 11.48 -63.49 41.54
N ASP H 224 12.36 -62.56 41.18
CA ASP H 224 13.81 -62.66 41.47
C ASP H 224 14.23 -61.97 42.77
N ARG H 225 13.38 -61.99 43.80
CA ARG H 225 13.67 -61.41 45.12
C ARG H 225 14.17 -59.95 45.07
N TRP H 226 13.66 -59.18 44.10
CA TRP H 226 14.04 -57.78 43.91
C TRP H 226 15.55 -57.55 43.66
N GLN H 227 16.16 -58.45 42.88
CA GLN H 227 17.57 -58.38 42.53
C GLN H 227 17.67 -58.02 41.07
N GLU H 228 18.41 -56.94 40.75
CA GLU H 228 18.64 -56.54 39.38
C GLU H 228 20.12 -56.30 39.12
N ARG H 229 20.54 -56.55 37.88
CA ARG H 229 21.94 -56.60 37.50
C ARG H 229 22.48 -55.34 36.79
N HIS H 230 21.84 -54.18 36.94
CA HIS H 230 22.24 -52.98 36.18
C HIS H 230 22.48 -51.68 36.95
N ILE H 231 21.59 -51.32 37.88
CA ILE H 231 21.66 -50.02 38.52
C ILE H 231 22.93 -49.86 39.36
N LEU H 232 23.71 -48.83 39.04
CA LEU H 232 24.83 -48.41 39.87
C LEU H 232 24.28 -47.83 41.17
N ARG H 233 24.84 -48.31 42.28
CA ARG H 233 24.42 -47.90 43.62
C ARG H 233 25.66 -47.50 44.43
N PRO H 234 26.16 -46.28 44.23
CA PRO H 234 27.33 -45.77 44.96
C PRO H 234 27.19 -45.80 46.48
N TYR H 235 25.97 -45.58 46.97
CA TYR H 235 25.68 -45.65 48.41
C TYR H 235 26.06 -46.96 49.12
N LEU H 236 26.13 -48.08 48.39
CA LEU H 236 26.56 -49.36 48.98
C LEU H 236 28.01 -49.36 49.50
N ALA H 237 28.85 -48.51 48.93
CA ALA H 237 30.22 -48.34 49.42
C ALA H 237 30.35 -47.32 50.57
N PHE H 238 29.23 -46.79 51.08
CA PHE H 238 29.23 -45.92 52.26
C PHE H 238 28.30 -46.49 53.30
N ASP H 239 28.37 -47.81 53.46
CA ASP H 239 27.46 -48.53 54.34
C ASP H 239 27.65 -48.10 55.81
N SER H 240 28.90 -47.96 56.24
CA SER H 240 29.25 -47.45 57.58
C SER H 240 28.58 -46.12 57.89
N ILE H 241 28.80 -45.14 57.02
CA ILE H 241 28.42 -43.76 57.29
C ILE H 241 26.90 -43.57 57.20
N LEU H 242 26.27 -44.23 56.23
CA LEU H 242 24.84 -44.04 56.00
C LEU H 242 23.93 -44.71 57.03
N CYS H 243 24.39 -45.79 57.66
CA CYS H 243 23.57 -46.49 58.67
C CYS H 243 23.43 -45.72 60.00
N GLU H 244 24.50 -45.01 60.39
CA GLU H 244 24.46 -44.14 61.58
C GLU H 244 23.67 -42.84 61.38
N ALA H 245 23.35 -42.50 60.13
CA ALA H 245 22.55 -41.32 59.81
C ALA H 245 21.09 -41.59 60.15
N LEU H 246 20.45 -40.56 60.69
CA LEU H 246 19.06 -40.65 61.10
C LEU H 246 18.17 -40.34 59.88
N GLN H 247 17.01 -40.99 59.85
CA GLN H 247 16.08 -40.92 58.73
C GLN H 247 15.02 -39.83 58.94
N HIS H 248 14.31 -39.49 57.88
CA HIS H 248 13.25 -38.48 57.91
C HIS H 248 11.93 -39.09 57.47
N ASN H 249 10.84 -38.46 57.90
CA ASN H 249 9.49 -38.86 57.48
C ASN H 249 8.98 -37.83 56.46
N LEU H 250 8.36 -38.33 55.39
CA LEU H 250 7.67 -37.48 54.45
C LEU H 250 6.32 -37.08 55.06
N PRO H 251 5.85 -35.84 54.81
CA PRO H 251 4.46 -35.56 55.19
C PRO H 251 3.47 -36.50 54.49
N PRO H 252 2.23 -36.63 55.01
CA PRO H 252 1.22 -37.34 54.23
C PRO H 252 1.00 -36.64 52.90
N PHE H 253 0.79 -37.41 51.83
CA PHE H 253 0.64 -36.84 50.50
C PHE H 253 -0.81 -36.94 50.04
N THR H 254 -1.38 -35.78 49.67
CA THR H 254 -2.69 -35.70 49.06
C THR H 254 -2.44 -35.32 47.59
N PRO H 255 -2.72 -36.24 46.65
CA PRO H 255 -2.60 -35.87 45.23
C PRO H 255 -3.44 -34.63 44.88
N PRO H 256 -2.84 -33.60 44.24
CA PRO H 256 -3.63 -32.46 43.79
C PRO H 256 -4.84 -32.93 42.99
N PRO H 257 -6.05 -32.47 43.37
CA PRO H 257 -7.22 -33.16 42.83
C PRO H 257 -7.50 -32.76 41.37
N HIS H 258 -8.18 -33.65 40.65
CA HIS H 258 -8.49 -33.44 39.24
C HIS H 258 -9.35 -32.19 39.01
N THR H 259 -8.83 -31.24 38.24
CA THR H 259 -9.63 -30.07 37.78
C THR H 259 -9.89 -30.26 36.29
N GLU H 260 -10.56 -29.28 35.67
CA GLU H 260 -10.69 -29.27 34.21
C GLU H 260 -9.50 -28.59 33.52
N ASP H 261 -8.66 -27.89 34.29
CA ASP H 261 -7.35 -27.43 33.82
C ASP H 261 -6.22 -28.49 33.91
N SER H 262 -6.52 -29.68 34.44
CA SER H 262 -5.53 -30.75 34.53
C SER H 262 -5.24 -31.36 33.16
N VAL H 263 -3.95 -31.61 32.90
CA VAL H 263 -3.49 -32.19 31.63
C VAL H 263 -2.48 -33.29 31.95
N TYR H 264 -2.79 -34.53 31.53
CA TYR H 264 -1.98 -35.70 31.86
C TYR H 264 -1.21 -36.21 30.63
N PRO H 265 -0.08 -36.92 30.86
CA PRO H 265 0.64 -37.56 29.76
C PRO H 265 -0.21 -38.57 28.99
N MET H 266 -0.04 -38.58 27.68
CA MET H 266 -0.68 -39.59 26.83
C MET H 266 -0.10 -40.95 27.13
N PRO H 267 -0.89 -42.01 26.98
CA PRO H 267 -0.32 -43.32 27.07
C PRO H 267 0.71 -43.56 25.97
N ARG H 268 1.52 -44.61 26.15
CA ARG H 268 2.62 -44.93 25.27
C ARG H 268 2.62 -46.41 24.96
N VAL H 269 3.34 -46.78 23.92
CA VAL H 269 3.53 -48.17 23.53
C VAL H 269 5.03 -48.38 23.37
N ILE H 270 5.56 -49.44 23.97
CA ILE H 270 7.00 -49.63 24.04
C ILE H 270 7.56 -50.15 22.72
N PHE H 271 8.45 -49.35 22.14
CA PHE H 271 9.16 -49.72 20.91
C PHE H 271 10.07 -50.91 21.19
N ARG H 272 10.09 -51.85 20.28
CA ARG H 272 10.91 -53.04 20.45
C ARG H 272 11.25 -53.67 19.09
N MET H 273 12.54 -53.70 18.77
CA MET H 273 13.03 -54.39 17.57
C MET H 273 14.12 -55.45 17.81
N PHE H 274 14.87 -55.35 18.92
CA PHE H 274 15.98 -56.28 19.20
C PHE H 274 15.69 -57.29 20.33
N ASP H 275 16.30 -58.46 20.23
CA ASP H 275 16.58 -59.31 21.41
C ASP H 275 18.03 -59.83 21.34
N TYR H 276 18.43 -60.65 22.30
CA TYR H 276 19.80 -61.21 22.36
C TYR H 276 20.24 -61.93 21.08
N THR H 277 19.31 -62.52 20.34
CA THR H 277 19.65 -63.24 19.10
C THR H 277 20.18 -62.33 17.98
N ASP H 278 19.92 -61.03 18.08
CA ASP H 278 20.44 -60.05 17.11
C ASP H 278 21.91 -59.67 17.35
N ASP H 279 22.48 -60.06 18.51
CA ASP H 279 23.91 -59.85 18.84
C ASP H 279 24.45 -61.09 19.59
N PRO H 280 24.78 -62.16 18.86
CA PRO H 280 25.23 -63.39 19.56
C PRO H 280 26.65 -63.31 20.12
N GLU H 281 27.56 -62.63 19.42
CA GLU H 281 28.94 -62.43 19.90
C GLU H 281 28.99 -61.65 21.22
N GLY H 282 28.31 -60.51 21.27
CA GLY H 282 28.42 -59.57 22.38
C GLY H 282 27.74 -60.02 23.67
N PRO H 283 27.79 -59.19 24.72
CA PRO H 283 27.15 -59.49 26.02
C PRO H 283 25.67 -59.74 25.85
N VAL H 284 25.10 -60.60 26.68
CA VAL H 284 23.69 -60.98 26.50
C VAL H 284 22.77 -59.80 26.85
N MET H 285 21.94 -59.44 25.87
CA MET H 285 21.00 -58.34 25.98
C MET H 285 19.89 -58.67 27.00
N PRO H 286 19.65 -57.78 27.99
CA PRO H 286 18.50 -57.97 28.88
C PRO H 286 17.20 -58.06 28.10
N GLY H 287 16.31 -58.97 28.49
CA GLY H 287 15.07 -59.22 27.74
C GLY H 287 14.02 -58.13 27.91
N SER H 288 13.00 -58.18 27.04
CA SER H 288 11.92 -57.17 27.03
C SER H 288 11.27 -57.00 28.38
N HIS H 289 11.10 -58.12 29.07
CA HIS H 289 10.37 -58.14 30.34
C HIS H 289 11.26 -58.07 31.57
N SER H 290 12.51 -57.63 31.40
CA SER H 290 13.42 -57.42 32.52
C SER H 290 13.48 -55.93 32.86
N VAL H 291 13.49 -55.58 34.16
CA VAL H 291 13.68 -54.16 34.56
C VAL H 291 15.00 -53.55 34.07
N GLU H 292 15.98 -54.39 33.81
CA GLU H 292 17.25 -53.93 33.28
C GLU H 292 17.04 -53.22 31.94
N ARG H 293 16.20 -53.81 31.07
CA ARG H 293 15.88 -53.21 29.77
C ARG H 293 15.17 -51.87 29.95
N PHE H 294 14.17 -51.83 30.83
CA PHE H 294 13.50 -50.58 31.19
C PHE H 294 14.48 -49.50 31.65
N VAL H 295 15.37 -49.85 32.58
CA VAL H 295 16.25 -48.86 33.18
C VAL H 295 17.29 -48.33 32.18
N ILE H 296 17.86 -49.22 31.38
CA ILE H 296 18.82 -48.85 30.33
C ILE H 296 18.19 -47.83 29.39
N GLU H 297 17.02 -48.17 28.87
CA GLU H 297 16.34 -47.33 27.90
C GLU H 297 15.86 -46.01 28.51
N GLU H 298 15.36 -46.05 29.74
CA GLU H 298 14.97 -44.84 30.44
C GLU H 298 16.14 -43.88 30.61
N ASN H 299 17.30 -44.39 31.02
CA ASN H 299 18.48 -43.54 31.17
C ASN H 299 18.96 -43.00 29.81
N LEU H 300 19.07 -43.86 28.81
CA LEU H 300 19.49 -43.42 27.48
C LEU H 300 18.58 -42.33 26.89
N HIS H 301 17.25 -42.52 26.99
CA HIS H 301 16.28 -41.47 26.62
C HIS H 301 16.54 -40.18 27.38
N CYS H 302 16.80 -40.29 28.69
CA CYS H 302 17.04 -39.12 29.54
C CYS H 302 18.32 -38.37 29.19
N ILE H 303 19.33 -39.11 28.75
CA ILE H 303 20.59 -38.51 28.31
C ILE H 303 20.32 -37.67 27.05
N ILE H 304 19.55 -38.22 26.11
CA ILE H 304 19.18 -37.47 24.92
C ILE H 304 18.39 -36.22 25.29
N LYS H 305 17.49 -36.33 26.26
CA LYS H 305 16.71 -35.18 26.73
C LYS H 305 17.60 -34.09 27.26
N SER H 306 18.67 -34.47 27.95
CA SER H 306 19.56 -33.50 28.57
C SER H 306 20.45 -32.79 27.54
N HIS H 307 20.95 -33.53 26.57
CA HIS H 307 21.97 -33.03 25.62
C HIS H 307 21.55 -32.96 24.15
N TRP H 308 20.26 -32.86 23.85
CA TRP H 308 19.77 -32.90 22.45
C TRP H 308 20.36 -31.80 21.55
N LYS H 309 20.63 -30.63 22.12
CA LYS H 309 21.13 -29.47 21.38
C LYS H 309 22.61 -29.59 20.93
N GLU H 310 23.36 -30.41 21.66
CA GLU H 310 24.80 -30.58 21.48
C GLU H 310 25.10 -32.00 20.92
N ARG H 311 25.00 -32.16 19.60
CA ARG H 311 25.08 -33.49 19.00
C ARG H 311 26.37 -34.30 19.31
N LYS H 312 27.52 -33.63 19.42
CA LYS H 312 28.77 -34.33 19.77
C LYS H 312 28.77 -34.75 21.24
N THR H 313 28.38 -33.84 22.13
CA THR H 313 28.22 -34.16 23.55
C THR H 313 27.23 -35.32 23.78
N CYS H 314 26.10 -35.24 23.09
CA CYS H 314 25.04 -36.23 23.24
C CYS H 314 25.56 -37.62 22.87
N ALA H 315 26.22 -37.71 21.71
CA ALA H 315 26.79 -38.97 21.26
C ALA H 315 27.81 -39.52 22.25
N ALA H 316 28.68 -38.64 22.75
CA ALA H 316 29.68 -39.01 23.77
C ALA H 316 29.03 -39.63 24.99
N GLN H 317 28.08 -38.89 25.59
CA GLN H 317 27.39 -39.30 26.80
C GLN H 317 26.69 -40.66 26.66
N LEU H 318 26.12 -40.93 25.48
CA LEU H 318 25.49 -42.21 25.21
C LEU H 318 26.53 -43.34 25.17
N VAL H 319 27.62 -43.13 24.43
CA VAL H 319 28.68 -44.13 24.28
C VAL H 319 29.36 -44.46 25.61
N SER H 320 29.51 -43.46 26.48
CA SER H 320 30.12 -43.66 27.78
C SER H 320 29.11 -43.94 28.92
N TYR H 321 27.97 -44.56 28.57
CA TYR H 321 26.93 -44.87 29.55
C TYR H 321 27.43 -46.03 30.42
N PRO H 322 27.49 -45.85 31.76
CA PRO H 322 27.96 -46.92 32.64
C PRO H 322 26.83 -47.81 33.16
N GLY H 323 27.17 -49.06 33.45
CA GLY H 323 26.25 -49.97 34.17
C GLY H 323 27.01 -50.87 35.12
N LYS H 324 26.30 -51.50 36.05
CA LYS H 324 26.89 -52.51 36.95
C LYS H 324 27.50 -53.66 36.13
N ASN H 325 26.84 -54.05 35.03
CA ASN H 325 27.30 -55.15 34.17
C ASN H 325 27.39 -54.76 32.70
N LYS H 326 28.16 -55.56 31.97
CA LYS H 326 28.34 -55.36 30.54
C LYS H 326 27.05 -55.61 29.76
N ILE H 327 26.71 -54.68 28.87
CA ILE H 327 25.51 -54.73 28.03
C ILE H 327 25.90 -54.43 26.60
N PRO H 328 25.10 -54.88 25.61
CA PRO H 328 25.37 -54.54 24.21
C PRO H 328 24.90 -53.10 23.89
N LEU H 329 25.68 -52.13 24.35
CA LEU H 329 25.30 -50.73 24.36
C LEU H 329 24.96 -50.16 23.00
N ASN H 330 25.73 -50.52 21.98
CA ASN H 330 25.48 -50.01 20.62
C ASN H 330 24.08 -50.38 20.12
N TYR H 331 23.59 -51.56 20.51
CA TYR H 331 22.23 -51.98 20.15
C TYR H 331 21.17 -51.18 20.92
N HIS H 332 21.38 -51.01 22.22
CA HIS H 332 20.50 -50.17 23.01
C HIS H 332 20.44 -48.73 22.50
N ILE H 333 21.58 -48.15 22.13
CA ILE H 333 21.60 -46.78 21.62
C ILE H 333 20.80 -46.65 20.33
N VAL H 334 21.04 -47.57 19.39
CA VAL H 334 20.32 -47.56 18.11
C VAL H 334 18.83 -47.81 18.33
N GLU H 335 18.47 -48.74 19.20
CA GLU H 335 17.06 -49.04 19.47
C GLU H 335 16.34 -47.84 20.09
N VAL H 336 16.97 -47.20 21.07
CA VAL H 336 16.42 -46.02 21.72
C VAL H 336 16.24 -44.87 20.73
N ILE H 337 17.17 -44.70 19.80
CA ILE H 337 17.05 -43.62 18.82
C ILE H 337 15.82 -43.82 17.93
N PHE H 338 15.67 -45.00 17.34
CA PHE H 338 14.48 -45.30 16.53
C PHE H 338 13.19 -45.29 17.32
N ALA H 339 13.26 -45.69 18.60
CA ALA H 339 12.11 -45.58 19.50
C ALA H 339 11.59 -44.14 19.57
N GLU H 340 12.52 -43.20 19.72
CA GLU H 340 12.17 -41.78 19.72
C GLU H 340 11.67 -41.34 18.35
N LEU H 341 12.35 -41.74 17.29
CA LEU H 341 12.00 -41.27 15.97
C LEU H 341 10.63 -41.76 15.55
N PHE H 342 10.30 -42.99 15.89
CA PHE H 342 9.01 -43.58 15.49
C PHE H 342 7.93 -43.46 16.57
N GLN H 343 8.18 -42.72 17.64
CA GLN H 343 7.17 -42.52 18.69
C GLN H 343 5.89 -41.86 18.15
N LEU H 344 4.74 -42.42 18.53
CA LEU H 344 3.44 -41.85 18.20
C LEU H 344 2.78 -41.29 19.47
N PRO H 345 2.25 -40.07 19.42
CA PRO H 345 2.02 -39.30 18.20
C PRO H 345 3.25 -38.67 17.56
N ALA H 346 4.19 -38.18 18.36
CA ALA H 346 5.38 -37.52 17.82
C ALA H 346 6.64 -37.81 18.62
N PRO H 347 7.82 -37.61 18.00
CA PRO H 347 9.07 -37.77 18.72
C PRO H 347 9.26 -36.70 19.78
N PRO H 348 10.10 -36.95 20.79
CA PRO H 348 10.43 -35.92 21.77
C PRO H 348 11.16 -34.73 21.19
N HIS H 349 11.90 -34.91 20.11
CA HIS H 349 12.70 -33.83 19.53
C HIS H 349 12.57 -33.83 18.03
N ILE H 350 12.97 -32.72 17.41
CA ILE H 350 12.90 -32.55 15.97
C ILE H 350 13.54 -33.72 15.21
N ASP H 351 12.83 -34.24 14.23
CA ASP H 351 13.18 -35.50 13.53
C ASP H 351 14.61 -35.49 13.00
N VAL H 352 15.03 -34.35 12.50
CA VAL H 352 16.35 -34.22 11.86
C VAL H 352 17.50 -34.48 12.83
N MET H 353 17.30 -34.20 14.12
CA MET H 353 18.33 -34.39 15.13
C MET H 353 18.81 -35.83 15.17
N TYR H 354 17.91 -36.77 14.99
CA TYR H 354 18.21 -38.20 15.08
C TYR H 354 19.12 -38.66 13.96
N THR H 355 18.98 -38.05 12.78
CA THR H 355 19.80 -38.37 11.62
C THR H 355 21.25 -38.04 11.90
N THR H 356 21.43 -36.82 12.41
CA THR H 356 22.74 -36.27 12.73
C THR H 356 23.34 -36.92 13.96
N LEU H 357 22.54 -37.22 14.99
CA LEU H 357 23.06 -37.93 16.17
C LEU H 357 23.65 -39.28 15.78
N LEU H 358 22.97 -40.02 14.91
CA LEU H 358 23.48 -41.31 14.43
C LEU H 358 24.78 -41.18 13.64
N ILE H 359 24.93 -40.11 12.85
CA ILE H 359 26.21 -39.82 12.20
C ILE H 359 27.30 -39.66 13.25
N GLU H 360 27.07 -38.81 14.25
CA GLU H 360 28.07 -38.52 15.29
C GLU H 360 28.45 -39.75 16.10
N LEU H 361 27.49 -40.66 16.26
CA LEU H 361 27.75 -41.95 16.90
C LEU H 361 28.62 -42.84 16.02
N CYS H 362 28.35 -42.91 14.72
CA CYS H 362 29.23 -43.60 13.77
C CYS H 362 30.67 -43.05 13.81
N LYS H 363 30.82 -41.75 14.01
CA LYS H 363 32.14 -41.14 14.11
C LYS H 363 32.90 -41.60 15.36
N LEU H 364 32.22 -41.70 16.49
CA LEU H 364 32.84 -42.15 17.77
C LEU H 364 33.15 -43.65 17.80
N GLN H 365 32.33 -44.45 17.13
CA GLN H 365 32.39 -45.91 17.20
C GLN H 365 32.42 -46.50 15.78
N PRO H 366 33.39 -46.06 14.98
CA PRO H 366 33.39 -46.42 13.56
C PRO H 366 33.61 -47.89 13.28
N GLY H 367 34.15 -48.61 14.26
CA GLY H 367 34.39 -50.04 14.13
C GLY H 367 33.21 -50.94 14.41
N SER H 368 32.22 -50.44 15.15
CA SER H 368 31.08 -51.26 15.60
C SER H 368 29.69 -50.71 15.21
N LEU H 369 29.48 -49.40 15.40
CA LEU H 369 28.14 -48.80 15.32
C LEU H 369 27.52 -48.86 13.91
N PRO H 370 28.28 -48.52 12.85
CA PRO H 370 27.74 -48.59 11.49
C PRO H 370 27.15 -49.93 11.09
N GLN H 371 27.71 -51.02 11.61
CA GLN H 371 27.23 -52.36 11.29
C GLN H 371 25.92 -52.64 12.02
N VAL H 372 25.82 -52.13 13.25
CA VAL H 372 24.56 -52.24 14.00
C VAL H 372 23.44 -51.44 13.31
N LEU H 373 23.78 -50.23 12.86
CA LEU H 373 22.82 -49.38 12.18
C LEU H 373 22.34 -50.00 10.88
N ALA H 374 23.24 -50.61 10.13
CA ALA H 374 22.86 -51.29 8.90
C ALA H 374 22.04 -52.55 9.17
N GLN H 375 22.35 -53.24 10.26
CA GLN H 375 21.56 -54.40 10.69
C GLN H 375 20.15 -53.95 11.06
N ALA H 376 20.05 -52.82 11.77
CA ALA H 376 18.74 -52.26 12.13
C ALA H 376 17.96 -51.85 10.88
N THR H 377 18.62 -51.13 9.98
CA THR H 377 18.02 -50.73 8.70
C THR H 377 17.45 -51.91 7.92
N GLU H 378 18.20 -53.01 7.90
CA GLU H 378 17.75 -54.26 7.28
C GLU H 378 16.49 -54.78 7.94
N MET H 379 16.47 -54.77 9.27
CA MET H 379 15.33 -55.29 10.01
C MET H 379 14.08 -54.43 9.86
N LEU H 380 14.27 -53.11 9.81
CA LEU H 380 13.15 -52.18 9.64
C LEU H 380 12.46 -52.41 8.30
N TYR H 381 13.28 -52.52 7.26
CA TYR H 381 12.81 -52.85 5.92
C TYR H 381 12.02 -54.15 5.90
N MET H 382 12.56 -55.21 6.49
CA MET H 382 11.92 -56.54 6.42
C MET H 382 10.60 -56.61 7.18
N ARG H 383 10.45 -55.74 8.18
CA ARG H 383 9.22 -55.66 8.96
C ARG H 383 8.26 -54.58 8.48
N LEU H 384 8.51 -54.00 7.30
CA LEU H 384 7.66 -52.94 6.73
C LEU H 384 6.18 -53.28 6.55
N ASP H 385 5.85 -54.56 6.39
CA ASP H 385 4.50 -54.93 5.96
C ASP H 385 3.40 -54.49 6.94
N THR H 386 3.72 -54.32 8.22
CA THR H 386 2.75 -53.83 9.22
C THR H 386 3.14 -52.50 9.89
N MET H 387 4.17 -51.83 9.39
CA MET H 387 4.62 -50.56 9.98
C MET H 387 3.58 -49.47 9.68
N ASN H 388 3.21 -48.72 10.72
CA ASN H 388 2.30 -47.58 10.59
C ASN H 388 2.89 -46.58 9.58
N THR H 389 2.01 -46.04 8.74
CA THR H 389 2.41 -45.11 7.69
C THR H 389 3.15 -43.89 8.21
N THR H 390 2.69 -43.32 9.33
CA THR H 390 3.36 -42.16 9.95
C THR H 390 4.83 -42.47 10.22
N CYS H 391 5.10 -43.65 10.77
CA CYS H 391 6.47 -44.09 11.03
C CYS H 391 7.26 -44.40 9.76
N VAL H 392 6.60 -44.92 8.73
CA VAL H 392 7.28 -45.20 7.47
C VAL H 392 7.78 -43.90 6.81
N ASP H 393 6.96 -42.85 6.86
CA ASP H 393 7.37 -41.55 6.34
C ASP H 393 8.69 -41.12 6.97
N ARG H 394 8.78 -41.31 8.28
CA ARG H 394 9.97 -40.91 9.03
C ARG H 394 11.17 -41.78 8.67
N PHE H 395 10.93 -43.08 8.56
CA PHE H 395 11.92 -44.05 8.09
C PHE H 395 12.48 -43.63 6.72
N ILE H 396 11.57 -43.31 5.79
CA ILE H 396 11.93 -42.83 4.45
C ILE H 396 12.78 -41.56 4.49
N ASN H 397 12.39 -40.59 5.32
CA ASN H 397 13.11 -39.32 5.38
C ASN H 397 14.46 -39.50 6.06
N TRP H 398 14.54 -40.38 7.06
CA TRP H 398 15.82 -40.64 7.73
C TRP H 398 16.79 -41.33 6.77
N PHE H 399 16.35 -42.46 6.22
CA PHE H 399 17.21 -43.29 5.40
C PHE H 399 17.75 -42.52 4.21
N SER H 400 16.89 -41.81 3.50
CA SER H 400 17.33 -41.00 2.38
C SER H 400 18.37 -39.94 2.78
N HIS H 401 18.11 -39.23 3.87
CA HIS H 401 19.02 -38.18 4.34
C HIS H 401 20.35 -38.77 4.80
N HIS H 402 20.29 -39.95 5.44
CA HIS H 402 21.47 -40.66 5.89
C HIS H 402 22.32 -41.06 4.69
N LEU H 403 21.70 -41.68 3.69
CA LEU H 403 22.40 -42.05 2.46
C LEU H 403 23.08 -40.84 1.81
N SER H 404 22.46 -39.68 1.82
CA SER H 404 23.07 -38.49 1.22
C SER H 404 24.34 -38.06 1.94
N ASN H 405 24.49 -38.43 3.21
CA ASN H 405 25.73 -38.17 3.95
C ASN H 405 26.82 -39.23 3.79
N PHE H 406 26.54 -40.32 3.09
CA PHE H 406 27.52 -41.40 2.83
C PHE H 406 27.41 -41.85 1.38
N GLN H 407 27.48 -40.86 0.47
CA GLN H 407 27.63 -41.09 -0.96
C GLN H 407 26.58 -42.03 -1.60
N PHE H 408 25.39 -42.08 -1.01
CA PHE H 408 24.32 -42.97 -1.46
C PHE H 408 24.75 -44.42 -1.62
N ARG H 409 25.65 -44.87 -0.75
CA ARG H 409 26.18 -46.21 -0.85
C ARG H 409 25.24 -47.15 -0.11
N TRP H 410 24.67 -48.10 -0.82
CA TRP H 410 23.77 -49.08 -0.22
C TRP H 410 23.63 -50.31 -1.11
N SER H 411 23.67 -51.49 -0.50
CA SER H 411 23.57 -52.76 -1.23
C SER H 411 22.12 -53.08 -1.64
N TRP H 412 21.64 -52.40 -2.67
CA TRP H 412 20.22 -52.46 -3.08
C TRP H 412 19.70 -53.85 -3.42
N GLU H 413 20.58 -54.69 -3.97
CA GLU H 413 20.21 -56.08 -4.33
C GLU H 413 19.80 -56.96 -3.14
N ASP H 414 20.18 -56.58 -1.91
CA ASP H 414 19.66 -57.22 -0.69
C ASP H 414 18.13 -57.12 -0.57
N TRP H 415 17.57 -56.07 -1.17
CA TRP H 415 16.12 -55.83 -1.16
C TRP H 415 15.44 -56.19 -2.50
N SER H 416 16.03 -57.10 -3.28
CA SER H 416 15.46 -57.53 -4.57
C SER H 416 14.08 -58.15 -4.46
N ASP H 417 13.73 -58.71 -3.30
CA ASP H 417 12.38 -59.24 -3.03
C ASP H 417 11.22 -58.27 -3.31
N CYS H 418 11.46 -56.96 -3.32
CA CYS H 418 10.43 -55.97 -3.64
C CYS H 418 9.98 -55.98 -5.12
N LEU H 419 10.86 -56.39 -6.02
CA LEU H 419 10.64 -56.26 -7.47
C LEU H 419 9.54 -57.17 -8.00
N SER H 420 9.44 -58.38 -7.46
CA SER H 420 8.34 -59.29 -7.80
C SER H 420 6.99 -58.94 -7.12
N GLN H 421 7.01 -58.12 -6.07
CA GLN H 421 5.77 -57.75 -5.34
C GLN H 421 4.94 -56.69 -6.05
N ASP H 422 3.69 -56.56 -5.63
CA ASP H 422 2.78 -55.51 -6.09
C ASP H 422 3.42 -54.15 -5.82
N PRO H 423 3.53 -53.27 -6.84
CA PRO H 423 4.14 -51.93 -6.63
C PRO H 423 3.58 -51.10 -5.48
N GLU H 424 2.32 -51.31 -5.12
CA GLU H 424 1.72 -50.60 -3.99
C GLU H 424 1.95 -51.22 -2.61
N SER H 425 2.63 -52.38 -2.55
CA SER H 425 3.00 -53.00 -1.27
C SER H 425 4.07 -52.16 -0.53
N PRO H 426 4.18 -52.33 0.79
CA PRO H 426 5.04 -51.45 1.59
C PRO H 426 6.52 -51.38 1.18
N LYS H 427 7.11 -52.53 0.82
CA LYS H 427 8.54 -52.59 0.45
C LYS H 427 8.90 -51.81 -0.82
N PRO H 428 8.27 -52.13 -1.97
CA PRO H 428 8.59 -51.34 -3.18
C PRO H 428 8.18 -49.87 -3.09
N LYS H 429 7.06 -49.60 -2.41
CA LYS H 429 6.62 -48.23 -2.16
C LYS H 429 7.72 -47.53 -1.37
N PHE H 430 8.19 -48.17 -0.30
CA PHE H 430 9.29 -47.65 0.50
C PHE H 430 10.49 -47.29 -0.37
N VAL H 431 10.89 -48.22 -1.24
CA VAL H 431 12.07 -48.01 -2.07
C VAL H 431 11.84 -46.86 -3.05
N ARG H 432 10.66 -46.85 -3.71
CA ARG H 432 10.28 -45.75 -4.62
C ARG H 432 10.41 -44.40 -3.95
N GLU H 433 9.82 -44.27 -2.76
CA GLU H 433 9.81 -43.01 -2.02
C GLU H 433 11.21 -42.59 -1.56
N VAL H 434 12.01 -43.55 -1.11
CA VAL H 434 13.39 -43.27 -0.70
C VAL H 434 14.20 -42.71 -1.87
N LEU H 435 14.11 -43.37 -3.02
CA LEU H 435 14.86 -42.95 -4.20
C LEU H 435 14.44 -41.56 -4.68
N GLU H 436 13.13 -41.27 -4.56
CA GLU H 436 12.59 -39.96 -4.89
C GLU H 436 13.17 -38.89 -3.96
N LYS H 437 13.22 -39.22 -2.67
CA LYS H 437 13.78 -38.32 -1.66
C LYS H 437 15.27 -38.13 -1.85
N CYS H 438 15.96 -39.20 -2.26
CA CYS H 438 17.38 -39.13 -2.61
C CYS H 438 17.59 -38.17 -3.77
N MET H 439 16.78 -38.32 -4.82
CA MET H 439 16.86 -37.44 -5.99
C MET H 439 16.71 -35.98 -5.62
N ARG H 440 15.79 -35.67 -4.71
CA ARG H 440 15.61 -34.28 -4.29
C ARG H 440 16.82 -33.65 -3.62
N LEU H 441 17.62 -34.49 -2.95
CA LEU H 441 18.90 -34.07 -2.35
C LEU H 441 20.09 -34.15 -3.31
N SER H 442 19.88 -34.82 -4.44
CA SER H 442 20.91 -35.05 -5.44
C SER H 442 20.39 -34.52 -6.81
N TYR H 443 20.48 -35.32 -7.86
CA TYR H 443 19.87 -35.03 -9.15
C TYR H 443 19.52 -36.33 -9.85
N HIS H 444 18.61 -36.27 -10.83
CA HIS H 444 18.06 -37.46 -11.48
C HIS H 444 19.10 -38.49 -11.96
N GLN H 445 20.18 -38.02 -12.59
CA GLN H 445 21.20 -38.94 -13.12
C GLN H 445 21.96 -39.68 -12.01
N ARG H 446 22.31 -38.98 -10.93
CA ARG H 446 23.07 -39.57 -9.82
C ARG H 446 22.36 -40.78 -9.23
N ILE H 447 21.04 -40.68 -9.11
CA ILE H 447 20.22 -41.73 -8.50
C ILE H 447 20.04 -42.90 -9.45
N LEU H 448 19.95 -42.61 -10.74
CA LEU H 448 19.94 -43.66 -11.78
C LEU H 448 21.23 -44.48 -11.73
N ASP H 449 22.36 -43.79 -11.52
CA ASP H 449 23.69 -44.42 -11.45
C ASP H 449 23.89 -45.29 -10.21
N ILE H 450 23.46 -44.82 -9.04
CA ILE H 450 23.70 -45.55 -7.77
C ILE H 450 22.80 -46.77 -7.50
N VAL H 451 21.86 -47.09 -8.39
CA VAL H 451 21.07 -48.33 -8.25
C VAL H 451 21.40 -49.33 -9.35
N PRO H 452 21.20 -50.64 -9.10
CA PRO H 452 21.30 -51.64 -10.17
C PRO H 452 20.25 -51.48 -11.28
N PRO H 453 20.51 -52.02 -12.49
CA PRO H 453 19.51 -51.95 -13.56
C PRO H 453 18.17 -52.67 -13.28
N THR H 454 18.14 -53.66 -12.38
CA THR H 454 16.85 -54.27 -11.95
C THR H 454 15.94 -53.24 -11.26
N PHE H 455 16.57 -52.29 -10.56
CA PHE H 455 15.87 -51.26 -9.77
C PHE H 455 15.44 -50.00 -10.53
N SER H 456 15.77 -49.88 -11.82
CA SER H 456 15.43 -48.67 -12.60
C SER H 456 13.91 -48.47 -12.83
N ALA H 457 13.12 -49.54 -12.68
CA ALA H 457 11.65 -49.44 -12.63
C ALA H 457 11.12 -48.64 -11.41
N LEU H 458 11.92 -48.55 -10.34
CA LEU H 458 11.53 -47.87 -9.08
C LEU H 458 12.13 -46.46 -8.94
N CYS H 459 13.05 -46.08 -9.84
CA CYS H 459 13.62 -44.73 -9.81
C CYS H 459 12.58 -43.66 -10.08
N PRO H 460 12.79 -42.45 -9.55
CA PRO H 460 11.89 -41.34 -9.89
C PRO H 460 12.08 -40.93 -11.33
N ALA H 461 11.03 -40.40 -11.95
CA ALA H 461 11.14 -39.87 -13.30
C ALA H 461 11.79 -38.50 -13.29
N ASN H 462 12.24 -38.07 -14.46
CA ASN H 462 13.01 -36.85 -14.60
C ASN H 462 12.12 -35.66 -14.25
N PRO H 463 12.55 -34.80 -13.32
CA PRO H 463 11.69 -33.69 -12.87
C PRO H 463 11.64 -32.51 -13.86
N THR H 464 10.95 -32.72 -14.98
CA THR H 464 10.84 -31.70 -16.03
C THR H 464 9.43 -31.17 -16.18
N CYS H 465 9.39 -29.93 -16.65
CA CYS H 465 8.18 -29.19 -16.92
C CYS H 465 7.41 -29.82 -18.07
N ILE H 466 6.07 -29.76 -18.02
CA ILE H 466 5.21 -30.18 -19.14
C ILE H 466 4.41 -28.95 -19.60
N TYR H 467 4.86 -28.32 -20.68
CA TYR H 467 4.20 -27.17 -21.25
C TYR H 467 3.26 -27.68 -22.34
N LYS H 468 1.98 -27.37 -22.19
CA LYS H 468 0.94 -27.84 -23.10
C LYS H 468 1.04 -27.20 -24.50
N TYR H 469 1.54 -25.96 -24.54
CA TYR H 469 1.58 -25.12 -25.76
C TYR H 469 3.01 -24.94 -26.31
N GLY H 470 3.78 -26.03 -26.34
CA GLY H 470 5.19 -26.02 -26.76
C GLY H 470 5.36 -26.26 -28.25
N ASP H 471 6.58 -26.63 -28.63
CA ASP H 471 6.94 -26.85 -30.06
C ASP H 471 6.15 -28.01 -30.69
N GLU H 472 6.27 -29.19 -30.07
CA GLU H 472 5.65 -30.41 -30.60
C GLU H 472 4.09 -30.41 -30.52
N SER H 473 3.52 -29.58 -29.66
CA SER H 473 2.05 -29.44 -29.54
C SER H 473 1.46 -28.81 -30.81
N SER H 474 0.33 -29.35 -31.28
CA SER H 474 -0.37 -28.80 -32.43
C SER H 474 -1.02 -27.46 -32.05
N ASN H 475 -1.10 -26.54 -33.02
CA ASN H 475 -1.74 -25.23 -32.82
C ASN H 475 -3.29 -25.26 -32.97
N SER H 476 -3.85 -26.48 -33.05
CA SER H 476 -5.30 -26.70 -32.93
C SER H 476 -5.85 -26.72 -31.50
N LEU H 477 -4.98 -26.58 -30.49
CA LEU H 477 -5.40 -26.52 -29.08
C LEU H 477 -6.13 -25.23 -28.77
N PRO H 478 -7.14 -25.27 -27.87
CA PRO H 478 -7.88 -24.04 -27.60
C PRO H 478 -6.99 -22.98 -26.92
N GLY H 479 -7.01 -21.77 -27.46
CA GLY H 479 -6.16 -20.68 -26.98
C GLY H 479 -4.67 -20.82 -27.23
N HIS H 480 -4.27 -21.60 -28.22
CA HIS H 480 -2.86 -21.75 -28.58
C HIS H 480 -2.25 -20.42 -29.00
N SER H 481 -2.95 -19.71 -29.89
CA SER H 481 -2.52 -18.39 -30.37
C SER H 481 -2.42 -17.35 -29.25
N VAL H 482 -3.27 -17.48 -28.22
CA VAL H 482 -3.24 -16.60 -27.05
C VAL H 482 -2.02 -16.91 -26.16
N ALA H 483 -1.69 -18.19 -26.03
CA ALA H 483 -0.51 -18.63 -25.28
C ALA H 483 0.78 -18.03 -25.84
N LEU H 484 0.94 -18.10 -27.17
CA LEU H 484 2.11 -17.55 -27.85
C LEU H 484 2.25 -16.04 -27.65
N CYS H 485 1.13 -15.33 -27.61
CA CYS H 485 1.09 -13.88 -27.31
C CYS H 485 1.51 -13.57 -25.88
N LEU H 486 1.04 -14.39 -24.94
CA LEU H 486 1.45 -14.30 -23.54
C LEU H 486 2.96 -14.56 -23.38
N ALA H 487 3.45 -15.61 -24.05
CA ALA H 487 4.88 -15.92 -24.06
C ALA H 487 5.71 -14.69 -24.47
N VAL H 488 5.33 -14.11 -25.60
CA VAL H 488 5.97 -12.90 -26.12
C VAL H 488 5.88 -11.74 -25.12
N ALA H 489 4.71 -11.55 -24.53
CA ALA H 489 4.49 -10.45 -23.57
C ALA H 489 5.34 -10.61 -22.31
N PHE H 490 5.35 -11.82 -21.75
CA PHE H 490 6.12 -12.12 -20.53
C PHE H 490 7.62 -11.91 -20.75
N LYS H 491 8.15 -12.45 -21.85
CA LYS H 491 9.58 -12.27 -22.21
C LYS H 491 9.96 -10.79 -22.34
N SER H 492 9.03 -9.96 -22.79
CA SER H 492 9.24 -8.52 -22.99
C SER H 492 8.64 -7.64 -21.87
N LYS H 493 8.90 -8.04 -20.61
CA LYS H 493 8.55 -7.26 -19.41
C LYS H 493 7.14 -6.61 -19.37
N ALA H 494 6.13 -7.37 -19.78
CA ALA H 494 4.75 -6.89 -19.81
C ALA H 494 4.19 -6.59 -18.42
N THR H 495 3.16 -5.75 -18.40
CA THR H 495 2.48 -5.36 -17.16
C THR H 495 1.17 -6.15 -16.96
N ASN H 496 0.63 -6.10 -15.74
CA ASN H 496 -0.59 -6.86 -15.37
C ASN H 496 -1.75 -6.59 -16.33
N ASP H 497 -1.96 -5.32 -16.66
CA ASP H 497 -3.03 -4.86 -17.56
C ASP H 497 -2.87 -5.43 -18.98
N GLU H 498 -1.63 -5.46 -19.48
CA GLU H 498 -1.34 -6.00 -20.81
C GLU H 498 -1.60 -7.49 -20.88
N ILE H 499 -1.32 -8.22 -19.79
CA ILE H 499 -1.63 -9.65 -19.72
C ILE H 499 -3.16 -9.83 -19.73
N PHE H 500 -3.88 -9.08 -18.87
CA PHE H 500 -5.35 -9.12 -18.86
C PHE H 500 -5.95 -8.85 -20.24
N SER H 501 -5.45 -7.79 -20.87
CA SER H 501 -5.86 -7.38 -22.21
C SER H 501 -5.72 -8.52 -23.23
N ILE H 502 -4.60 -9.24 -23.19
CA ILE H 502 -4.37 -10.40 -24.07
C ILE H 502 -5.35 -11.56 -23.75
N LEU H 503 -5.64 -11.75 -22.47
CA LEU H 503 -6.55 -12.81 -22.03
C LEU H 503 -8.04 -12.59 -22.40
N LYS H 504 -8.43 -11.38 -22.75
CA LYS H 504 -9.82 -11.09 -23.23
C LYS H 504 -10.16 -11.98 -24.43
N ASP H 505 -9.21 -12.11 -25.37
CA ASP H 505 -9.40 -12.85 -26.63
C ASP H 505 -9.36 -14.38 -26.42
N VAL H 506 -10.21 -14.90 -25.53
CA VAL H 506 -10.19 -16.31 -25.12
C VAL H 506 -11.64 -16.85 -25.08
N PRO H 507 -11.90 -18.00 -25.77
CA PRO H 507 -13.26 -18.60 -25.81
C PRO H 507 -13.81 -19.18 -24.47
N ASN H 508 -14.73 -20.16 -24.52
CA ASN H 508 -15.18 -20.88 -23.31
C ASN H 508 -15.84 -22.19 -23.67
N ASN H 522 -13.59 -18.59 -15.80
CA ASN H 522 -13.24 -19.07 -17.13
C ASN H 522 -12.06 -20.07 -17.02
N PRO H 523 -12.31 -21.38 -17.24
CA PRO H 523 -11.24 -22.36 -17.04
C PRO H 523 -10.07 -22.29 -18.04
N LEU H 524 -10.32 -21.83 -19.26
CA LEU H 524 -9.25 -21.73 -20.26
C LEU H 524 -8.37 -20.50 -20.07
N LYS H 525 -8.93 -19.40 -19.57
CA LYS H 525 -8.11 -18.21 -19.23
C LYS H 525 -7.03 -18.59 -18.23
N ILE H 526 -7.46 -19.23 -17.14
CA ILE H 526 -6.57 -19.71 -16.10
C ILE H 526 -5.53 -20.67 -16.69
N GLU H 527 -6.00 -21.61 -17.51
CA GLU H 527 -5.13 -22.64 -18.07
C GLU H 527 -3.99 -22.09 -18.92
N VAL H 528 -4.28 -21.19 -19.85
CA VAL H 528 -3.21 -20.61 -20.70
C VAL H 528 -2.33 -19.62 -19.93
N PHE H 529 -2.90 -18.93 -18.95
CA PHE H 529 -2.12 -18.02 -18.10
C PHE H 529 -1.12 -18.79 -17.23
N VAL H 530 -1.59 -19.84 -16.56
CA VAL H 530 -0.76 -20.63 -15.63
C VAL H 530 0.30 -21.43 -16.40
N GLN H 531 -0.14 -22.28 -17.34
CA GLN H 531 0.77 -23.06 -18.20
C GLN H 531 1.96 -22.25 -18.70
N THR H 532 1.68 -21.05 -19.17
CA THR H 532 2.69 -20.20 -19.79
C THR H 532 3.61 -19.54 -18.77
N LEU H 533 3.03 -18.97 -17.72
CA LEU H 533 3.81 -18.28 -16.69
C LEU H 533 4.77 -19.24 -15.98
N LEU H 534 4.27 -20.42 -15.62
CA LEU H 534 5.09 -21.45 -14.96
C LEU H 534 6.20 -21.98 -15.85
N HIS H 535 5.92 -22.13 -17.13
CA HIS H 535 6.93 -22.56 -18.12
C HIS H 535 8.10 -21.57 -18.23
N LEU H 536 7.81 -20.28 -18.30
CA LEU H 536 8.86 -19.25 -18.45
C LEU H 536 9.64 -18.95 -17.17
N ALA H 537 9.12 -19.39 -16.01
CA ALA H 537 9.83 -19.29 -14.75
C ALA H 537 10.26 -20.67 -14.21
N ALA H 538 10.32 -21.67 -15.06
CA ALA H 538 10.65 -23.06 -14.67
C ALA H 538 12.14 -23.27 -14.36
N LYS H 539 12.96 -22.26 -14.64
CA LYS H 539 14.40 -22.29 -14.41
C LYS H 539 14.77 -22.66 -12.96
N SER H 540 14.05 -22.10 -11.98
CA SER H 540 14.30 -22.37 -10.56
C SER H 540 13.07 -22.05 -9.68
N PHE H 541 13.16 -22.34 -8.39
CA PHE H 541 12.13 -21.93 -7.44
C PHE H 541 12.06 -20.40 -7.32
N SER H 542 13.22 -19.75 -7.30
CA SER H 542 13.28 -18.28 -7.15
C SER H 542 12.61 -17.57 -8.32
N HIS H 543 12.79 -18.11 -9.52
CA HIS H 543 12.17 -17.56 -10.72
C HIS H 543 10.67 -17.74 -10.66
N SER H 544 10.24 -18.98 -10.39
CA SER H 544 8.82 -19.29 -10.22
C SER H 544 8.15 -18.42 -9.14
N PHE H 545 8.82 -18.21 -8.00
CA PHE H 545 8.26 -17.34 -6.95
C PHE H 545 8.17 -15.89 -7.43
N SER H 546 9.19 -15.45 -8.16
CA SER H 546 9.22 -14.08 -8.67
C SER H 546 8.05 -13.85 -9.64
N ALA H 547 7.83 -14.82 -10.52
CA ALA H 547 6.68 -14.81 -11.45
C ALA H 547 5.32 -14.72 -10.74
N LEU H 548 5.12 -15.49 -9.66
CA LEU H 548 3.87 -15.41 -8.89
C LEU H 548 3.69 -14.05 -8.23
N ALA H 549 4.78 -13.45 -7.76
CA ALA H 549 4.74 -12.11 -7.14
C ALA H 549 4.40 -11.02 -8.17
N LYS H 550 5.09 -11.03 -9.31
CA LYS H 550 4.94 -9.98 -10.34
C LYS H 550 3.53 -9.97 -10.95
N PHE H 551 2.99 -11.15 -11.24
CA PHE H 551 1.63 -11.26 -11.81
C PHE H 551 0.58 -11.74 -10.79
N HIS H 552 0.74 -11.25 -9.56
CA HIS H 552 -0.08 -11.64 -8.42
C HIS H 552 -1.52 -11.16 -8.60
N GLU H 553 -1.67 -9.93 -9.09
CA GLU H 553 -2.98 -9.33 -9.31
C GLU H 553 -3.80 -10.08 -10.38
N VAL H 554 -3.13 -10.65 -11.38
CA VAL H 554 -3.81 -11.49 -12.39
C VAL H 554 -4.32 -12.78 -11.75
N PHE H 555 -3.49 -13.37 -10.88
CA PHE H 555 -3.88 -14.59 -10.15
C PHE H 555 -5.12 -14.37 -9.28
N LYS H 556 -5.09 -13.30 -8.48
CA LYS H 556 -6.21 -12.97 -7.58
C LYS H 556 -7.53 -12.66 -8.31
N THR H 557 -7.46 -12.13 -9.53
CA THR H 557 -8.66 -11.90 -10.34
C THR H 557 -9.15 -13.19 -10.99
N LEU H 558 -8.25 -13.94 -11.61
CA LEU H 558 -8.61 -15.24 -12.23
C LEU H 558 -9.11 -16.29 -11.24
N ALA H 559 -8.61 -16.23 -10.01
CA ALA H 559 -8.94 -17.22 -8.99
C ALA H 559 -9.59 -16.59 -7.76
N GLU H 560 -10.55 -15.71 -7.99
CA GLU H 560 -11.37 -15.13 -6.90
C GLU H 560 -12.41 -16.16 -6.51
N SER H 561 -13.02 -16.75 -7.54
CA SER H 561 -13.90 -17.90 -7.43
C SER H 561 -13.23 -19.08 -6.73
N ASP H 562 -14.01 -19.84 -5.94
CA ASP H 562 -13.52 -21.10 -5.36
C ASP H 562 -13.24 -22.19 -6.39
N GLU H 563 -13.97 -22.22 -7.49
CA GLU H 563 -13.66 -23.15 -8.58
C GLU H 563 -12.45 -22.67 -9.38
N GLY H 564 -12.18 -21.37 -9.32
CA GLY H 564 -10.96 -20.80 -9.88
C GLY H 564 -9.71 -21.24 -9.15
N LYS H 565 -9.74 -21.16 -7.82
CA LYS H 565 -8.65 -21.64 -6.96
C LYS H 565 -8.34 -23.11 -7.23
N LEU H 566 -9.38 -23.93 -7.19
CA LEU H 566 -9.27 -25.34 -7.57
C LEU H 566 -8.72 -25.60 -8.96
N HIS H 567 -9.01 -24.72 -9.92
CA HIS H 567 -8.52 -24.90 -11.30
C HIS H 567 -7.05 -24.46 -11.45
N VAL H 568 -6.63 -23.43 -10.70
CA VAL H 568 -5.22 -23.04 -10.65
C VAL H 568 -4.38 -24.25 -10.20
N LEU H 569 -4.82 -24.90 -9.13
CA LEU H 569 -4.16 -26.11 -8.62
C LEU H 569 -4.24 -27.28 -9.60
N ARG H 570 -5.35 -27.43 -10.32
CA ARG H 570 -5.49 -28.48 -11.35
C ARG H 570 -4.49 -28.32 -12.50
N VAL H 571 -4.28 -27.08 -12.94
CA VAL H 571 -3.37 -26.78 -14.06
C VAL H 571 -1.94 -26.87 -13.60
N MET H 572 -1.66 -26.23 -12.47
CA MET H 572 -0.34 -26.26 -11.83
C MET H 572 0.16 -27.71 -11.64
N PHE H 573 -0.73 -28.62 -11.27
CA PHE H 573 -0.40 -30.05 -11.18
C PHE H 573 -0.10 -30.68 -12.55
N GLU H 574 -0.90 -30.38 -13.57
CA GLU H 574 -0.67 -30.94 -14.92
C GLU H 574 0.67 -30.49 -15.51
N VAL H 575 1.13 -29.29 -15.13
CA VAL H 575 2.44 -28.78 -15.53
C VAL H 575 3.56 -29.54 -14.84
N TRP H 576 3.47 -29.64 -13.51
CA TRP H 576 4.61 -30.07 -12.69
C TRP H 576 4.46 -31.46 -12.03
N ARG H 577 3.68 -32.37 -12.63
CA ARG H 577 3.45 -33.69 -12.02
C ARG H 577 4.70 -34.57 -11.92
N ASN H 578 5.75 -34.27 -12.67
CA ASN H 578 7.00 -35.02 -12.58
C ASN H 578 7.95 -34.51 -11.49
N HIS H 579 7.61 -33.35 -10.90
CA HIS H 579 8.48 -32.64 -9.97
C HIS H 579 7.64 -32.27 -8.72
N PRO H 580 7.34 -33.28 -7.87
CA PRO H 580 6.50 -33.02 -6.69
C PRO H 580 7.06 -31.98 -5.73
N GLN H 581 8.38 -31.86 -5.65
CA GLN H 581 8.98 -30.84 -4.81
C GLN H 581 8.52 -29.44 -5.23
N MET H 582 8.44 -29.21 -6.54
CA MET H 582 8.00 -27.92 -7.09
C MET H 582 6.54 -27.65 -6.70
N ILE H 583 5.69 -28.66 -6.89
CA ILE H 583 4.27 -28.59 -6.53
C ILE H 583 4.12 -28.13 -5.09
N ALA H 584 4.79 -28.83 -4.19
CA ALA H 584 4.75 -28.50 -2.76
C ALA H 584 5.09 -27.04 -2.48
N VAL H 585 6.15 -26.52 -3.08
CA VAL H 585 6.59 -25.15 -2.81
C VAL H 585 5.70 -24.09 -3.48
N LEU H 586 5.09 -24.45 -4.61
CA LEU H 586 4.14 -23.55 -5.29
C LEU H 586 2.84 -23.43 -4.51
N VAL H 587 2.30 -24.59 -4.11
CA VAL H 587 1.11 -24.63 -3.24
C VAL H 587 1.37 -23.81 -1.98
N ASP H 588 2.56 -23.95 -1.40
CA ASP H 588 2.94 -23.17 -0.23
C ASP H 588 2.91 -21.67 -0.48
N LYS H 589 3.47 -21.24 -1.61
CA LYS H 589 3.54 -19.81 -1.93
C LYS H 589 2.16 -19.29 -2.26
N MET H 590 1.40 -20.06 -3.04
CA MET H 590 0.02 -19.71 -3.37
C MET H 590 -0.88 -19.55 -2.12
N ILE H 591 -0.66 -20.37 -1.11
CA ILE H 591 -1.40 -20.21 0.16
C ILE H 591 -0.96 -18.94 0.88
N ARG H 592 0.34 -18.69 0.95
CA ARG H 592 0.87 -17.53 1.68
C ARG H 592 0.52 -16.19 1.03
N THR H 593 0.52 -16.14 -0.31
CA THR H 593 0.12 -14.95 -1.08
C THR H 593 -1.40 -14.89 -1.36
N GLN H 594 -2.14 -15.92 -0.96
CA GLN H 594 -3.62 -15.96 -1.02
C GLN H 594 -4.21 -16.12 -2.43
N ILE H 595 -3.39 -16.61 -3.37
CA ILE H 595 -3.91 -17.07 -4.67
C ILE H 595 -4.95 -18.13 -4.39
N VAL H 596 -4.60 -19.08 -3.53
CA VAL H 596 -5.54 -20.10 -3.07
C VAL H 596 -5.64 -20.06 -1.55
N ASP H 597 -6.60 -20.82 -1.02
CA ASP H 597 -6.80 -20.96 0.43
C ASP H 597 -6.69 -22.42 0.86
N CYS H 598 -6.60 -22.63 2.17
CA CYS H 598 -6.43 -23.96 2.74
C CYS H 598 -7.53 -24.90 2.29
N ALA H 599 -8.76 -24.38 2.31
CA ALA H 599 -9.94 -25.16 1.88
C ALA H 599 -9.81 -25.70 0.45
N ALA H 600 -9.25 -24.89 -0.45
CA ALA H 600 -9.07 -25.30 -1.85
C ALA H 600 -8.09 -26.46 -1.96
N VAL H 601 -6.99 -26.36 -1.20
CA VAL H 601 -5.93 -27.38 -1.23
C VAL H 601 -6.44 -28.69 -0.66
N ALA H 602 -7.25 -28.62 0.38
CA ALA H 602 -7.86 -29.82 0.94
C ALA H 602 -8.71 -30.55 -0.09
N ASN H 603 -9.63 -29.84 -0.74
CA ASN H 603 -10.48 -30.44 -1.78
C ASN H 603 -9.67 -30.94 -2.96
N TRP H 604 -8.61 -30.20 -3.32
CA TRP H 604 -7.71 -30.59 -4.40
C TRP H 604 -7.05 -31.94 -4.11
N ILE H 605 -6.61 -32.14 -2.88
CA ILE H 605 -5.93 -33.40 -2.49
C ILE H 605 -6.84 -34.63 -2.63
N PHE H 606 -8.10 -34.47 -2.25
CA PHE H 606 -9.08 -35.54 -2.38
C PHE H 606 -9.77 -35.58 -3.75
N SER H 607 -9.36 -34.73 -4.69
CA SER H 607 -9.94 -34.69 -6.04
C SER H 607 -9.55 -35.92 -6.85
N SER H 608 -10.30 -36.16 -7.92
CA SER H 608 -10.07 -37.29 -8.81
C SER H 608 -8.80 -37.17 -9.63
N GLU H 609 -8.37 -35.96 -9.93
CA GLU H 609 -7.11 -35.74 -10.70
C GLU H 609 -5.83 -36.18 -9.93
N LEU H 610 -5.91 -36.23 -8.59
CA LEU H 610 -4.84 -36.74 -7.74
C LEU H 610 -5.06 -38.18 -7.28
N SER H 611 -6.19 -38.78 -7.67
CA SER H 611 -6.57 -40.16 -7.31
C SER H 611 -5.44 -41.18 -7.41
N ARG H 612 -4.70 -41.12 -8.49
CA ARG H 612 -3.62 -42.07 -8.77
C ARG H 612 -2.37 -41.80 -7.93
N ASP H 613 -2.14 -40.57 -7.52
CA ASP H 613 -1.00 -40.19 -6.64
C ASP H 613 -1.36 -40.09 -5.13
N PHE H 614 -2.58 -40.43 -4.75
CA PHE H 614 -3.12 -40.22 -3.39
C PHE H 614 -2.32 -40.89 -2.27
N THR H 615 -1.73 -42.05 -2.56
CA THR H 615 -0.95 -42.79 -1.56
C THR H 615 0.53 -42.37 -1.50
N ARG H 616 0.93 -41.38 -2.29
CA ARG H 616 2.32 -40.91 -2.32
C ARG H 616 2.59 -39.86 -1.24
N LEU H 617 3.81 -39.86 -0.71
CA LEU H 617 4.18 -38.97 0.37
C LEU H 617 3.85 -37.52 0.09
N PHE H 618 4.21 -37.03 -1.09
CA PHE H 618 4.15 -35.57 -1.33
C PHE H 618 2.76 -34.98 -1.08
N VAL H 619 1.72 -35.77 -1.41
CA VAL H 619 0.33 -35.37 -1.16
C VAL H 619 0.14 -34.97 0.31
N TRP H 620 0.61 -35.83 1.20
CA TRP H 620 0.43 -35.66 2.65
C TRP H 620 1.41 -34.64 3.25
N GLU H 621 2.60 -34.52 2.65
CA GLU H 621 3.49 -33.40 2.98
C GLU H 621 2.80 -32.06 2.71
N ILE H 622 2.09 -31.97 1.59
CA ILE H 622 1.36 -30.76 1.24
C ILE H 622 0.18 -30.53 2.19
N LEU H 623 -0.59 -31.56 2.46
CA LEU H 623 -1.76 -31.38 3.34
C LEU H 623 -1.32 -30.87 4.70
N HIS H 624 -0.35 -31.56 5.30
CA HIS H 624 0.08 -31.23 6.66
C HIS H 624 0.79 -29.89 6.73
N SER H 625 1.55 -29.56 5.67
CA SER H 625 2.17 -28.24 5.55
C SER H 625 1.09 -27.15 5.48
N THR H 626 0.03 -27.42 4.72
CA THR H 626 -1.11 -26.52 4.59
C THR H 626 -1.84 -26.32 5.92
N ILE H 627 -2.11 -27.41 6.62
CA ILE H 627 -2.69 -27.35 7.97
C ILE H 627 -1.82 -26.53 8.92
N ARG H 628 -0.50 -26.75 8.88
CA ARG H 628 0.43 -26.03 9.76
C ARG H 628 0.41 -24.51 9.53
N LYS H 629 0.31 -24.08 8.27
CA LYS H 629 0.22 -22.65 7.94
C LYS H 629 -1.04 -22.05 8.57
N MET H 630 -2.16 -22.77 8.41
CA MET H 630 -3.45 -22.40 9.04
C MET H 630 -3.34 -22.27 10.54
N ASN H 631 -2.72 -23.25 11.20
CA ASN H 631 -2.60 -23.22 12.66
C ASN H 631 -1.78 -22.02 13.12
N LYS H 632 -0.70 -21.73 12.38
CA LYS H 632 0.19 -20.59 12.69
C LYS H 632 -0.49 -19.26 12.41
N HIS H 633 -1.31 -19.22 11.36
CA HIS H 633 -2.12 -18.03 11.05
C HIS H 633 -3.00 -17.65 12.21
N VAL H 634 -3.69 -18.64 12.80
CA VAL H 634 -4.58 -18.41 13.94
C VAL H 634 -3.76 -17.95 15.15
N LEU H 635 -2.64 -18.61 15.43
CA LEU H 635 -1.76 -18.22 16.54
C LEU H 635 -1.29 -16.77 16.40
N LYS H 636 -0.92 -16.37 15.19
CA LYS H 636 -0.42 -15.02 14.91
C LYS H 636 -1.48 -13.95 15.20
N ILE H 637 -2.69 -14.18 14.69
CA ILE H 637 -3.85 -13.28 14.92
C ILE H 637 -4.27 -13.29 16.40
N GLN H 638 -4.13 -14.43 17.08
CA GLN H 638 -4.37 -14.51 18.53
C GLN H 638 -3.35 -13.73 19.37
N LYS H 639 -2.11 -13.62 18.90
CA LYS H 639 -1.10 -12.81 19.58
C LYS H 639 -1.30 -11.30 19.37
N GLU H 640 -1.74 -10.89 18.19
CA GLU H 640 -2.11 -9.47 17.98
C GLU H 640 -3.24 -9.01 18.92
N LEU H 641 -4.18 -9.91 19.21
CA LEU H 641 -5.27 -9.64 20.17
C LEU H 641 -4.74 -9.51 21.60
N GLU H 642 -3.93 -10.48 22.03
CA GLU H 642 -3.28 -10.45 23.36
C GLU H 642 -2.43 -9.21 23.60
N GLU H 643 -1.67 -8.80 22.58
CA GLU H 643 -0.77 -7.63 22.68
C GLU H 643 -1.55 -6.32 22.78
N ALA H 644 -2.55 -6.13 21.92
CA ALA H 644 -3.42 -4.96 21.98
C ALA H 644 -4.26 -4.87 23.27
N LYS H 645 -4.56 -6.01 23.91
CA LYS H 645 -5.27 -6.02 25.20
C LYS H 645 -4.41 -5.55 26.36
N GLU H 646 -3.16 -6.00 26.40
CA GLU H 646 -2.20 -5.56 27.41
C GLU H 646 -1.88 -4.06 27.29
N LYS H 647 -1.93 -3.51 26.07
CA LYS H 647 -1.76 -2.07 25.82
C LYS H 647 -2.98 -1.49 25.13
N VAL H 669 -10.50 4.69 20.43
CA VAL H 669 -9.63 4.41 19.30
C VAL H 669 -9.12 2.97 19.36
N LEU H 670 -8.43 2.64 20.46
CA LEU H 670 -7.76 1.33 20.63
C LEU H 670 -8.70 0.23 21.14
N GLU H 671 -9.76 0.61 21.82
CA GLU H 671 -10.86 -0.31 22.18
C GLU H 671 -11.72 -0.71 20.97
N GLU H 672 -11.79 0.17 19.96
CA GLU H 672 -12.44 -0.14 18.68
C GLU H 672 -11.57 -0.99 17.74
N GLN H 673 -10.27 -1.09 18.02
CA GLN H 673 -9.36 -1.99 17.30
C GLN H 673 -9.29 -3.42 17.88
N ILE H 674 -9.54 -3.57 19.18
CA ILE H 674 -9.69 -4.90 19.81
C ILE H 674 -10.96 -5.62 19.32
N GLU H 675 -12.04 -4.89 19.08
CA GLU H 675 -13.26 -5.47 18.52
C GLU H 675 -13.10 -5.96 17.08
N ARG H 676 -12.23 -5.31 16.30
CA ARG H 676 -11.89 -5.76 14.94
C ARG H 676 -10.99 -6.99 14.94
N LEU H 677 -10.03 -7.05 15.86
CA LEU H 677 -9.16 -8.22 16.02
C LEU H 677 -9.93 -9.45 16.54
N GLN H 678 -10.84 -9.25 17.49
CA GLN H 678 -11.70 -10.33 17.99
C GLN H 678 -12.55 -10.94 16.87
N GLU H 679 -13.04 -10.09 15.97
CA GLU H 679 -13.74 -10.54 14.75
C GLU H 679 -12.83 -11.39 13.88
N LYS H 680 -11.59 -10.92 13.67
CA LYS H 680 -10.57 -11.65 12.88
C LYS H 680 -10.18 -12.99 13.49
N VAL H 681 -10.06 -13.07 14.81
CA VAL H 681 -9.75 -14.34 15.49
C VAL H 681 -10.87 -15.34 15.27
N GLU H 682 -12.11 -14.91 15.46
CA GLU H 682 -13.28 -15.77 15.31
C GLU H 682 -13.42 -16.32 13.90
N SER H 683 -13.18 -15.49 12.90
CA SER H 683 -13.24 -15.93 11.51
C SER H 683 -12.01 -16.77 11.11
N ALA H 684 -10.86 -16.50 11.71
CA ALA H 684 -9.67 -17.33 11.51
C ALA H 684 -9.86 -18.71 12.11
N GLN H 685 -10.25 -18.74 13.40
CA GLN H 685 -10.58 -20.00 14.09
C GLN H 685 -11.64 -20.81 13.37
N SER H 686 -12.58 -20.10 12.74
CA SER H 686 -13.62 -20.73 11.95
C SER H 686 -13.08 -21.33 10.65
N GLU H 687 -12.14 -20.63 10.00
CA GLU H 687 -11.50 -21.13 8.76
C GLU H 687 -10.72 -22.42 9.06
N GLN H 688 -10.01 -22.41 10.20
CA GLN H 688 -9.26 -23.54 10.73
C GLN H 688 -10.16 -24.74 10.97
N LYS H 689 -11.24 -24.51 11.71
CA LYS H 689 -12.22 -25.55 11.99
C LYS H 689 -12.82 -26.14 10.71
N ASN H 690 -13.20 -25.28 9.76
CA ASN H 690 -13.78 -25.76 8.50
C ASN H 690 -12.77 -26.54 7.68
N LEU H 691 -11.48 -26.23 7.83
CA LEU H 691 -10.41 -26.99 7.21
C LEU H 691 -10.38 -28.43 7.70
N PHE H 692 -10.40 -28.61 9.01
CA PHE H 692 -10.46 -29.94 9.62
C PHE H 692 -11.76 -30.67 9.30
N LEU H 693 -12.88 -29.94 9.38
CA LEU H 693 -14.17 -30.53 9.03
C LEU H 693 -14.16 -31.04 7.60
N VAL H 694 -13.70 -30.22 6.66
CA VAL H 694 -13.58 -30.66 5.26
C VAL H 694 -12.76 -31.92 5.15
N ILE H 695 -11.58 -31.96 5.78
CA ILE H 695 -10.69 -33.12 5.68
C ILE H 695 -11.36 -34.37 6.21
N PHE H 696 -12.03 -34.28 7.36
CA PHE H 696 -12.71 -35.43 7.95
C PHE H 696 -13.89 -35.90 7.11
N GLN H 697 -14.65 -34.96 6.53
CA GLN H 697 -15.77 -35.33 5.67
C GLN H 697 -15.31 -36.11 4.47
N ARG H 698 -14.24 -35.64 3.83
CA ARG H 698 -13.73 -36.28 2.61
C ARG H 698 -13.16 -37.64 2.95
N PHE H 699 -12.50 -37.76 4.10
CA PHE H 699 -11.98 -39.06 4.56
C PHE H 699 -13.09 -40.07 4.82
N ILE H 700 -14.09 -39.63 5.58
CA ILE H 700 -15.26 -40.44 5.91
C ILE H 700 -15.99 -40.90 4.64
N MET H 701 -16.07 -40.03 3.65
CA MET H 701 -16.74 -40.34 2.40
C MET H 701 -16.01 -41.47 1.69
N ILE H 702 -14.74 -41.27 1.36
CA ILE H 702 -13.99 -42.25 0.57
C ILE H 702 -13.71 -43.56 1.32
N LEU H 703 -13.65 -43.50 2.65
CA LEU H 703 -13.50 -44.71 3.44
C LEU H 703 -14.80 -45.50 3.41
N THR H 704 -15.93 -44.82 3.56
CA THR H 704 -17.26 -45.45 3.47
C THR H 704 -17.48 -46.09 2.10
N GLU H 705 -17.17 -45.33 1.05
CA GLU H 705 -17.25 -45.82 -0.34
C GLU H 705 -16.54 -47.16 -0.51
N HIS H 706 -15.32 -47.24 0.00
CA HIS H 706 -14.51 -48.47 -0.01
C HIS H 706 -15.16 -49.60 0.80
N LEU H 707 -15.58 -49.31 2.01
CA LEU H 707 -16.13 -50.34 2.91
C LEU H 707 -17.47 -50.92 2.41
N VAL H 708 -18.29 -50.07 1.80
CA VAL H 708 -19.57 -50.49 1.21
C VAL H 708 -19.32 -51.37 -0.02
N ARG H 709 -18.41 -50.93 -0.89
CA ARG H 709 -18.00 -51.72 -2.06
C ARG H 709 -17.46 -53.10 -1.67
N CYS H 710 -16.74 -53.20 -0.56
CA CYS H 710 -16.12 -54.46 -0.12
C CYS H 710 -17.12 -55.44 0.51
N GLU H 711 -18.15 -54.91 1.16
CA GLU H 711 -19.23 -55.75 1.69
C GLU H 711 -20.17 -56.23 0.59
N THR H 712 -20.31 -55.43 -0.48
CA THR H 712 -21.04 -55.83 -1.69
C THR H 712 -20.32 -56.95 -2.44
N ASP H 713 -19.05 -56.72 -2.76
CA ASP H 713 -18.25 -57.68 -3.56
C ASP H 713 -17.68 -58.86 -2.76
N GLY H 714 -17.78 -58.83 -1.44
CA GLY H 714 -17.16 -59.85 -0.57
C GLY H 714 -15.64 -59.90 -0.60
N THR H 715 -14.98 -58.87 -1.15
CA THR H 715 -13.52 -58.81 -1.27
C THR H 715 -12.88 -58.32 0.04
N SER H 716 -11.55 -58.40 0.12
CA SER H 716 -10.78 -57.96 1.30
C SER H 716 -10.93 -56.47 1.52
N VAL H 717 -11.20 -56.07 2.76
CA VAL H 717 -11.19 -54.67 3.15
C VAL H 717 -9.75 -54.17 3.13
N LEU H 718 -8.86 -54.92 3.78
CA LEU H 718 -7.47 -54.50 3.96
C LEU H 718 -6.67 -54.64 2.67
N THR H 719 -6.82 -53.66 1.78
CA THR H 719 -5.96 -53.51 0.60
C THR H 719 -4.83 -52.56 0.97
N PRO H 720 -3.78 -52.47 0.13
CA PRO H 720 -2.78 -51.42 0.34
C PRO H 720 -3.35 -50.00 0.32
N TRP H 721 -4.32 -49.72 -0.55
CA TRP H 721 -4.93 -48.39 -0.57
C TRP H 721 -5.62 -48.06 0.77
N TYR H 722 -6.35 -49.02 1.33
CA TYR H 722 -7.05 -48.81 2.60
C TYR H 722 -6.08 -48.62 3.76
N LYS H 723 -5.05 -49.46 3.82
CA LYS H 723 -4.00 -49.32 4.84
C LYS H 723 -3.50 -47.88 4.85
N ASN H 724 -3.17 -47.34 3.68
CA ASN H 724 -2.68 -45.97 3.58
C ASN H 724 -3.75 -44.97 4.02
N CYS H 725 -4.94 -45.09 3.45
CA CYS H 725 -6.00 -44.10 3.70
C CYS H 725 -6.45 -44.03 5.16
N ILE H 726 -6.71 -45.18 5.78
CA ILE H 726 -7.13 -45.19 7.19
C ILE H 726 -6.01 -44.66 8.08
N GLU H 727 -4.76 -44.98 7.76
CA GLU H 727 -3.60 -44.56 8.54
C GLU H 727 -3.25 -43.07 8.35
N ARG H 728 -3.61 -42.51 7.21
CA ARG H 728 -3.48 -41.06 6.97
C ARG H 728 -4.51 -40.23 7.73
N LEU H 729 -5.70 -40.79 7.94
CA LEU H 729 -6.71 -40.20 8.79
C LEU H 729 -6.22 -40.22 10.24
N GLN H 730 -5.81 -41.41 10.69
CA GLN H 730 -5.11 -41.60 11.97
C GLN H 730 -4.09 -40.48 12.25
N GLN H 731 -3.27 -40.21 11.22
CA GLN H 731 -2.20 -39.19 11.27
C GLN H 731 -2.70 -37.77 11.52
N ILE H 732 -3.85 -37.41 10.95
CA ILE H 732 -4.44 -36.09 11.16
C ILE H 732 -4.66 -35.91 12.66
N PHE H 733 -5.26 -36.92 13.29
CA PHE H 733 -5.50 -36.90 14.73
C PHE H 733 -4.21 -36.85 15.55
N LEU H 734 -3.26 -37.71 15.23
CA LEU H 734 -1.96 -37.75 15.93
C LEU H 734 -1.21 -36.43 15.84
N GLN H 735 -1.10 -35.92 14.61
CA GLN H 735 -0.29 -34.75 14.36
C GLN H 735 -0.91 -33.48 14.90
N HIS H 736 -2.23 -33.42 15.04
CA HIS H 736 -2.90 -32.18 15.44
C HIS H 736 -3.88 -32.37 16.59
N HIS H 737 -3.67 -33.40 17.43
CA HIS H 737 -4.59 -33.69 18.53
C HIS H 737 -4.97 -32.46 19.38
N GLN H 738 -4.04 -31.54 19.59
CA GLN H 738 -4.32 -30.41 20.49
C GLN H 738 -5.37 -29.43 19.93
N ILE H 739 -5.32 -29.20 18.62
CA ILE H 739 -6.27 -28.32 17.94
C ILE H 739 -7.62 -29.04 17.86
N ILE H 740 -7.57 -30.29 17.41
CA ILE H 740 -8.78 -31.11 17.21
C ILE H 740 -9.55 -31.35 18.53
N GLN H 741 -8.87 -31.36 19.68
CA GLN H 741 -9.52 -31.41 21.01
C GLN H 741 -10.54 -30.29 21.21
N GLN H 742 -10.33 -29.13 20.58
CA GLN H 742 -11.29 -28.04 20.64
C GLN H 742 -12.63 -28.34 19.96
N TYR H 743 -12.64 -29.25 19.00
CA TYR H 743 -13.82 -29.53 18.18
C TYR H 743 -14.56 -30.82 18.61
N MET H 744 -14.42 -31.22 19.87
CA MET H 744 -14.93 -32.54 20.30
C MET H 744 -16.44 -32.66 20.22
N VAL H 745 -17.13 -31.61 20.65
CA VAL H 745 -18.58 -31.58 20.65
C VAL H 745 -19.14 -31.70 19.23
N THR H 746 -18.61 -30.89 18.32
CA THR H 746 -19.02 -30.94 16.91
C THR H 746 -18.74 -32.30 16.26
N LEU H 747 -17.60 -32.91 16.56
CA LEU H 747 -17.22 -34.19 15.94
C LEU H 747 -18.03 -35.38 16.44
N GLU H 748 -18.30 -35.42 17.75
CA GLU H 748 -19.16 -36.47 18.33
C GLU H 748 -20.58 -36.43 17.78
N ASN H 749 -21.15 -35.22 17.79
CA ASN H 749 -22.53 -34.98 17.36
C ASN H 749 -22.72 -35.13 15.85
N LEU H 750 -21.86 -34.51 15.06
CA LEU H 750 -22.10 -34.37 13.61
C LEU H 750 -21.30 -35.25 12.62
N LEU H 751 -20.07 -35.66 12.95
CA LEU H 751 -19.26 -36.43 11.99
C LEU H 751 -19.01 -37.85 12.42
N PHE H 752 -18.35 -38.02 13.57
CA PHE H 752 -17.94 -39.34 14.04
C PHE H 752 -18.99 -39.90 15.02
N THR H 753 -20.12 -40.31 14.43
CA THR H 753 -21.30 -40.73 15.17
C THR H 753 -21.39 -42.25 15.14
N ALA H 754 -22.25 -42.80 16.01
CA ALA H 754 -22.49 -44.26 16.06
C ALA H 754 -23.01 -44.85 14.73
N GLU H 755 -23.62 -44.00 13.89
CA GLU H 755 -24.03 -44.39 12.55
C GLU H 755 -22.90 -44.81 11.61
N LEU H 756 -21.67 -44.35 11.85
CA LEU H 756 -20.51 -44.67 10.98
C LEU H 756 -20.08 -46.12 11.06
N ASP H 757 -19.43 -46.59 10.00
CA ASP H 757 -18.82 -47.92 9.97
C ASP H 757 -17.82 -48.01 11.12
N PRO H 758 -17.86 -49.09 11.93
CA PRO H 758 -16.95 -49.14 13.09
C PRO H 758 -15.45 -49.08 12.76
N HIS H 759 -15.05 -49.47 11.54
CA HIS H 759 -13.70 -49.27 11.03
C HIS H 759 -13.23 -47.79 11.07
N ILE H 760 -14.11 -46.87 10.70
CA ILE H 760 -13.81 -45.45 10.69
C ILE H 760 -13.98 -44.85 12.07
N LEU H 761 -15.04 -45.25 12.76
CA LEU H 761 -15.31 -44.74 14.12
C LEU H 761 -14.23 -45.15 15.12
N ALA H 762 -13.64 -46.33 14.93
CA ALA H 762 -12.48 -46.80 15.72
C ALA H 762 -11.38 -45.74 15.85
N VAL H 763 -11.05 -45.11 14.72
CA VAL H 763 -9.98 -44.12 14.67
C VAL H 763 -10.30 -42.97 15.61
N PHE H 764 -11.53 -42.47 15.54
CA PHE H 764 -11.94 -41.39 16.42
C PHE H 764 -11.96 -41.82 17.89
N GLN H 765 -12.37 -43.06 18.15
CA GLN H 765 -12.39 -43.57 19.52
C GLN H 765 -10.97 -43.73 20.08
N GLN H 766 -10.05 -44.21 19.23
CA GLN H 766 -8.61 -44.22 19.53
C GLN H 766 -8.11 -42.82 19.89
N PHE H 767 -8.40 -41.84 19.04
CA PHE H 767 -8.06 -40.44 19.32
C PHE H 767 -8.58 -39.96 20.68
N CYS H 768 -9.81 -40.32 21.01
CA CYS H 768 -10.40 -39.94 22.30
C CYS H 768 -9.69 -40.57 23.49
N ALA H 769 -9.17 -41.79 23.29
CA ALA H 769 -8.46 -42.51 24.36
C ALA H 769 -7.14 -41.85 24.79
N LEU H 770 -6.55 -41.03 23.92
CA LEU H 770 -5.31 -40.35 24.23
C LEU H 770 -5.39 -39.44 25.46
N GLN H 771 -6.56 -38.86 25.74
CA GLN H 771 -6.74 -38.06 26.97
C GLN H 771 -7.94 -38.45 27.82
N ALA H 772 -8.58 -39.57 27.49
CA ALA H 772 -9.65 -40.15 28.31
C ALA H 772 -9.05 -40.99 29.44
N GLY I 6 14.23 -23.78 38.36
CA GLY I 6 15.68 -23.58 38.08
C GLY I 6 16.17 -24.29 36.82
N LEU I 7 17.32 -23.84 36.33
CA LEU I 7 17.99 -24.44 35.16
C LEU I 7 19.48 -24.62 35.42
N LEU I 8 20.09 -25.56 34.69
CA LEU I 8 21.52 -25.84 34.85
C LEU I 8 22.29 -25.27 33.66
N LYS I 9 23.40 -24.58 33.94
CA LYS I 9 24.19 -23.96 32.87
C LYS I 9 24.68 -25.03 31.89
N ALA I 10 25.16 -26.15 32.40
CA ALA I 10 25.63 -27.27 31.56
C ALA I 10 24.61 -27.77 30.54
N LEU I 11 23.32 -27.77 30.89
CA LEU I 11 22.26 -28.17 29.95
C LEU I 11 21.79 -27.04 29.03
N ARG I 12 21.80 -25.80 29.52
CA ARG I 12 21.54 -24.62 28.65
C ARG I 12 22.58 -24.48 27.53
N SER I 13 23.78 -24.99 27.73
CA SER I 13 24.83 -25.04 26.72
C SER I 13 24.30 -25.41 25.32
N ASP I 14 24.62 -24.55 24.37
CA ASP I 14 24.10 -24.62 23.00
C ASP I 14 25.12 -24.00 22.07
N SER I 15 26.22 -24.70 21.91
CA SER I 15 27.40 -24.20 21.25
C SER I 15 27.26 -24.07 19.74
N TYR I 16 26.43 -24.87 19.11
CA TYR I 16 26.25 -24.77 17.65
C TYR I 16 25.50 -23.49 17.22
N VAL I 17 24.87 -22.80 18.18
CA VAL I 17 24.07 -21.60 17.96
C VAL I 17 24.83 -20.29 18.34
N GLU I 18 26.03 -20.42 18.90
CA GLU I 18 26.86 -19.25 19.21
C GLU I 18 27.31 -18.56 17.93
N LEU I 19 27.70 -17.29 18.08
CA LEU I 19 28.17 -16.46 16.96
C LEU I 19 29.55 -16.94 16.56
N SER I 20 29.87 -16.85 15.27
CA SER I 20 31.20 -17.22 14.79
C SER I 20 32.15 -16.01 14.92
N GLN I 21 33.40 -16.19 14.48
CA GLN I 21 34.37 -15.10 14.43
C GLN I 21 34.03 -14.01 13.41
N TYR I 22 33.39 -14.43 12.32
CA TYR I 22 33.06 -13.55 11.18
C TYR I 22 32.21 -12.32 11.51
N ARG I 23 32.57 -11.19 10.90
CA ARG I 23 31.65 -10.05 10.76
C ARG I 23 31.67 -9.50 9.33
N ASP I 24 30.55 -8.89 8.95
CA ASP I 24 30.40 -8.27 7.63
C ASP I 24 31.11 -6.93 7.68
N GLN I 25 32.13 -6.78 6.83
CA GLN I 25 32.95 -5.57 6.85
C GLN I 25 32.24 -4.40 6.16
N HIS I 26 31.38 -4.67 5.18
CA HIS I 26 30.57 -3.63 4.51
C HIS I 26 29.23 -3.34 5.23
N PHE I 27 29.14 -3.64 6.54
CA PHE I 27 27.91 -3.45 7.32
C PHE I 27 27.80 -2.01 7.83
N ARG I 28 26.81 -1.27 7.34
CA ARG I 28 26.47 0.09 7.84
C ARG I 28 26.16 0.09 9.35
N GLY I 29 27.20 0.04 10.18
CA GLY I 29 26.99 0.09 11.61
C GLY I 29 28.14 -0.39 12.48
N ASP I 30 27.95 -0.08 13.76
CA ASP I 30 28.78 -0.50 14.89
C ASP I 30 28.90 -2.04 14.96
N ASN I 31 29.86 -2.57 15.71
CA ASN I 31 29.92 -4.03 15.98
C ASN I 31 28.82 -4.48 16.94
N GLU I 32 28.60 -3.73 18.03
CA GLU I 32 27.51 -4.02 18.99
C GLU I 32 26.13 -4.04 18.31
N GLU I 33 25.94 -3.16 17.31
CA GLU I 33 24.71 -3.11 16.52
C GLU I 33 24.58 -4.32 15.58
N GLN I 34 25.70 -4.85 15.09
CA GLN I 34 25.71 -6.07 14.24
C GLN I 34 25.39 -7.35 15.03
N GLU I 35 25.97 -7.47 16.22
CA GLU I 35 25.73 -8.63 17.10
C GLU I 35 24.28 -8.68 17.58
N LYS I 36 23.74 -7.51 17.89
CA LYS I 36 22.33 -7.34 18.27
C LYS I 36 21.38 -7.90 17.19
N LEU I 37 21.72 -7.70 15.91
CA LEU I 37 20.94 -8.26 14.78
C LEU I 37 21.16 -9.77 14.59
N LEU I 38 22.42 -10.21 14.72
CA LEU I 38 22.78 -11.64 14.61
C LEU I 38 22.09 -12.52 15.66
N LYS I 39 21.91 -11.99 16.86
CA LYS I 39 21.25 -12.72 17.95
C LYS I 39 19.74 -12.84 17.78
N LYS I 40 19.16 -11.99 16.93
CA LYS I 40 17.73 -12.02 16.57
C LYS I 40 17.47 -12.55 15.15
N SER I 41 18.52 -12.83 14.38
CA SER I 41 18.36 -13.18 12.96
C SER I 41 17.62 -14.49 12.75
N CYS I 42 16.98 -14.62 11.60
CA CYS I 42 16.44 -15.89 11.12
C CYS I 42 17.08 -16.27 9.80
N THR I 43 18.23 -15.65 9.51
CA THR I 43 18.86 -15.78 8.22
C THR I 43 20.24 -16.38 8.43
N LEU I 44 20.59 -17.37 7.60
CA LEU I 44 21.86 -18.07 7.70
C LEU I 44 22.68 -17.90 6.43
N TYR I 45 23.94 -17.52 6.55
CA TYR I 45 24.93 -17.72 5.48
C TYR I 45 25.23 -19.21 5.42
N VAL I 46 25.39 -19.75 4.22
CA VAL I 46 25.70 -21.16 4.01
C VAL I 46 26.94 -21.26 3.13
N GLY I 47 28.05 -21.73 3.72
CA GLY I 47 29.35 -21.84 3.02
C GLY I 47 29.70 -23.20 2.43
N ASN I 48 30.69 -23.20 1.55
CA ASN I 48 31.30 -24.40 0.97
C ASN I 48 30.38 -25.27 0.12
N LEU I 49 29.37 -24.66 -0.51
CA LEU I 49 28.53 -25.37 -1.47
C LEU I 49 29.29 -25.64 -2.77
N SER I 50 28.87 -26.68 -3.48
CA SER I 50 29.28 -26.86 -4.87
C SER I 50 28.68 -25.75 -5.74
N PHE I 51 29.42 -25.37 -6.78
CA PHE I 51 28.92 -24.44 -7.80
C PHE I 51 27.75 -25.06 -8.54
N TYR I 52 27.74 -26.38 -8.66
CA TYR I 52 26.67 -27.11 -9.35
C TYR I 52 25.46 -27.46 -8.46
N THR I 53 25.51 -27.13 -7.16
CA THR I 53 24.40 -27.38 -6.24
C THR I 53 23.28 -26.38 -6.55
N THR I 54 22.07 -26.94 -6.75
CA THR I 54 20.86 -26.18 -7.05
C THR I 54 20.26 -25.49 -5.83
N GLU I 55 19.48 -24.46 -6.10
CA GLU I 55 18.55 -23.86 -5.13
C GLU I 55 17.55 -24.90 -4.58
N GLU I 56 17.10 -25.80 -5.44
CA GLU I 56 16.13 -26.84 -5.09
C GLU I 56 16.68 -27.89 -4.15
N GLN I 57 18.00 -28.12 -4.19
CA GLN I 57 18.65 -29.02 -3.24
C GLN I 57 18.79 -28.37 -1.88
N ILE I 58 19.20 -27.10 -1.86
CA ILE I 58 19.28 -26.35 -0.59
C ILE I 58 17.92 -26.28 0.10
N TYR I 59 16.85 -26.12 -0.69
CA TYR I 59 15.50 -26.05 -0.15
C TYR I 59 15.13 -27.39 0.54
N GLU I 60 15.39 -28.51 -0.14
CA GLU I 60 15.08 -29.83 0.42
C GLU I 60 15.79 -30.10 1.73
N LEU I 61 17.09 -29.81 1.79
CA LEU I 61 17.88 -30.06 2.99
C LEU I 61 17.47 -29.13 4.12
N PHE I 62 17.54 -27.82 3.87
CA PHE I 62 17.27 -26.81 4.91
C PHE I 62 15.81 -26.79 5.42
N SER I 63 14.89 -27.36 4.63
CA SER I 63 13.51 -27.58 5.07
C SER I 63 13.35 -28.55 6.22
N LYS I 64 14.34 -29.41 6.45
CA LYS I 64 14.32 -30.36 7.56
C LYS I 64 14.38 -29.74 8.96
N SER I 65 14.80 -28.48 9.06
CA SER I 65 14.81 -27.79 10.35
C SER I 65 13.57 -26.95 10.53
N GLY I 66 12.77 -26.80 9.47
CA GLY I 66 11.59 -25.92 9.50
C GLY I 66 11.21 -25.32 8.16
N ASP I 67 10.25 -24.38 8.19
CA ASP I 67 9.67 -23.78 6.97
C ASP I 67 10.50 -22.57 6.54
N ILE I 68 10.96 -22.61 5.28
CA ILE I 68 11.85 -21.62 4.69
C ILE I 68 11.04 -20.50 4.02
N LYS I 69 11.42 -19.26 4.30
CA LYS I 69 10.81 -18.09 3.69
C LYS I 69 11.46 -17.76 2.35
N LYS I 70 12.79 -17.72 2.30
CA LYS I 70 13.51 -17.30 1.10
C LYS I 70 14.90 -17.92 1.02
N ILE I 71 15.29 -18.33 -0.19
CA ILE I 71 16.68 -18.71 -0.48
C ILE I 71 17.26 -17.74 -1.51
N ILE I 72 18.33 -17.05 -1.12
CA ILE I 72 19.05 -16.13 -2.00
C ILE I 72 20.41 -16.73 -2.36
N MET I 73 20.54 -17.29 -3.56
CA MET I 73 21.79 -17.90 -4.02
C MET I 73 22.93 -16.90 -4.14
N GLY I 74 24.13 -17.35 -3.77
CA GLY I 74 25.35 -16.55 -3.90
C GLY I 74 25.82 -16.65 -5.34
N LEU I 75 25.97 -15.48 -5.98
CA LEU I 75 26.22 -15.39 -7.41
C LEU I 75 27.56 -14.71 -7.69
N ASP I 76 28.18 -15.12 -8.81
CA ASP I 76 29.38 -14.44 -9.34
C ASP I 76 28.97 -13.05 -9.82
N LYS I 77 29.68 -12.01 -9.36
CA LYS I 77 29.29 -10.63 -9.66
C LYS I 77 29.27 -10.33 -11.16
N MET I 78 30.24 -10.89 -11.86
CA MET I 78 30.38 -10.73 -13.30
C MET I 78 29.40 -11.66 -14.04
N LYS I 79 29.58 -12.97 -13.89
CA LYS I 79 28.89 -14.00 -14.70
C LYS I 79 27.43 -14.31 -14.27
N LYS I 80 27.08 -13.93 -13.03
CA LYS I 80 25.77 -14.24 -12.43
C LYS I 80 25.35 -15.72 -12.48
N THR I 81 26.34 -16.57 -12.19
CA THR I 81 26.16 -17.99 -11.93
C THR I 81 26.54 -18.24 -10.47
N ALA I 82 26.09 -19.38 -9.95
CA ALA I 82 26.32 -19.78 -8.56
C ALA I 82 27.80 -19.93 -8.26
N CYS I 83 28.29 -19.17 -7.28
CA CYS I 83 29.70 -19.24 -6.84
C CYS I 83 29.91 -19.78 -5.41
N GLY I 84 29.01 -20.67 -4.98
CA GLY I 84 29.26 -21.56 -3.83
C GLY I 84 28.87 -21.10 -2.42
N PHE I 85 28.08 -20.04 -2.30
CA PHE I 85 27.39 -19.78 -1.05
C PHE I 85 25.93 -19.49 -1.30
N CYS I 86 25.18 -19.33 -0.21
CA CYS I 86 23.80 -18.84 -0.27
C CYS I 86 23.34 -18.31 1.08
N PHE I 87 22.14 -17.74 1.09
CA PHE I 87 21.46 -17.36 2.32
C PHE I 87 20.15 -18.13 2.42
N VAL I 88 19.76 -18.50 3.65
CA VAL I 88 18.50 -19.18 3.92
C VAL I 88 17.83 -18.41 5.03
N GLU I 89 16.64 -17.87 4.76
CA GLU I 89 15.86 -17.12 5.72
C GLU I 89 14.70 -17.98 6.16
N TYR I 90 14.52 -18.13 7.47
CA TYR I 90 13.39 -18.87 8.03
C TYR I 90 12.34 -17.89 8.56
N TYR I 91 11.10 -18.37 8.66
CA TYR I 91 10.03 -17.59 9.28
C TYR I 91 10.28 -17.41 10.78
N SER I 92 10.75 -18.47 11.47
CA SER I 92 11.05 -18.38 12.91
C SER I 92 12.55 -18.60 13.27
N ARG I 93 12.98 -17.96 14.35
CA ARG I 93 14.32 -18.12 14.92
C ARG I 93 14.62 -19.59 15.28
N ALA I 94 13.64 -20.25 15.90
CA ALA I 94 13.80 -21.61 16.39
C ALA I 94 14.19 -22.59 15.28
N ASP I 95 13.61 -22.40 14.10
CA ASP I 95 13.89 -23.25 12.95
C ASP I 95 15.29 -23.02 12.39
N ALA I 96 15.75 -21.77 12.47
CA ALA I 96 17.12 -21.41 12.07
C ALA I 96 18.13 -21.95 13.05
N GLU I 97 17.81 -21.88 14.35
CA GLU I 97 18.66 -22.49 15.38
C GLU I 97 18.83 -23.99 15.13
N ASN I 98 17.76 -24.67 14.79
CA ASN I 98 17.84 -26.11 14.50
C ASN I 98 18.68 -26.42 13.28
N ALA I 99 18.67 -25.57 12.27
CA ALA I 99 19.55 -25.76 11.12
C ALA I 99 21.02 -25.67 11.55
N MET I 100 21.32 -24.65 12.35
CA MET I 100 22.65 -24.44 12.92
C MET I 100 23.11 -25.59 13.82
N ARG I 101 22.17 -26.24 14.48
CA ARG I 101 22.46 -27.39 15.32
C ARG I 101 22.67 -28.71 14.58
N TYR I 102 21.89 -28.98 13.52
CA TYR I 102 21.83 -30.32 12.90
C TYR I 102 22.11 -30.42 11.40
N ILE I 103 22.00 -29.31 10.68
CA ILE I 103 22.35 -29.30 9.25
C ILE I 103 23.77 -28.81 9.03
N ASN I 104 24.13 -27.75 9.76
CA ASN I 104 25.52 -27.30 9.91
C ASN I 104 26.53 -28.45 10.03
N GLY I 105 27.55 -28.46 9.20
CA GLY I 105 28.56 -29.51 9.24
C GLY I 105 28.16 -30.88 8.71
N THR I 106 27.06 -30.96 7.98
CA THR I 106 26.66 -32.20 7.29
C THR I 106 26.77 -31.99 5.78
N ARG I 107 26.42 -33.00 5.00
CA ARG I 107 26.71 -33.03 3.56
C ARG I 107 25.58 -32.58 2.63
N LEU I 108 25.96 -31.84 1.60
CA LEU I 108 25.09 -31.48 0.48
C LEU I 108 25.89 -31.53 -0.82
N ASP I 109 25.51 -32.46 -1.71
CA ASP I 109 26.34 -32.87 -2.87
C ASP I 109 27.72 -33.33 -2.41
N ASP I 110 27.69 -34.22 -1.45
CA ASP I 110 28.87 -34.78 -0.81
C ASP I 110 29.94 -33.78 -0.31
N ARG I 111 29.54 -32.58 0.09
CA ARG I 111 30.47 -31.61 0.67
C ARG I 111 30.01 -31.17 2.04
N ILE I 112 30.93 -31.01 2.97
CA ILE I 112 30.59 -30.57 4.31
C ILE I 112 30.33 -29.07 4.27
N ILE I 113 29.06 -28.70 4.23
CA ILE I 113 28.64 -27.29 4.26
C ILE I 113 28.76 -26.74 5.68
N ARG I 114 28.88 -25.43 5.78
CA ARG I 114 29.14 -24.74 7.03
C ARG I 114 28.18 -23.56 7.09
N THR I 115 27.40 -23.45 8.16
CA THR I 115 26.40 -22.39 8.30
C THR I 115 26.82 -21.40 9.38
N ASP I 116 26.45 -20.13 9.20
CA ASP I 116 26.68 -19.07 10.19
C ASP I 116 25.48 -18.12 10.19
N TRP I 117 25.21 -17.51 11.34
CA TRP I 117 24.21 -16.45 11.46
C TRP I 117 24.60 -15.29 10.58
N ASP I 118 23.62 -14.74 9.87
CA ASP I 118 23.81 -13.52 9.08
C ASP I 118 22.99 -12.39 9.67
N ALA I 119 23.45 -11.16 9.47
CA ALA I 119 22.78 -9.99 10.06
C ALA I 119 21.51 -9.59 9.32
N GLY I 120 21.33 -10.12 8.12
CA GLY I 120 20.17 -9.82 7.28
C GLY I 120 20.62 -9.57 5.86
N PHE I 121 19.79 -10.01 4.91
CA PHE I 121 20.06 -9.72 3.50
C PHE I 121 19.74 -8.26 3.17
N LYS I 122 20.60 -7.67 2.35
CA LYS I 122 20.36 -6.38 1.68
C LYS I 122 20.80 -6.60 0.24
N GLU I 123 20.38 -5.71 -0.66
CA GLU I 123 20.85 -5.81 -2.06
C GLU I 123 22.37 -5.72 -2.14
N GLY I 124 22.94 -6.50 -3.06
CA GLY I 124 24.40 -6.52 -3.27
C GLY I 124 25.14 -7.59 -2.49
N ARG I 125 24.54 -8.07 -1.41
CA ARG I 125 25.16 -9.11 -0.57
C ARG I 125 25.16 -10.51 -1.17
N GLN I 126 24.33 -10.73 -2.20
CA GLN I 126 24.36 -11.98 -2.95
C GLN I 126 25.60 -12.18 -3.83
N TYR I 127 26.41 -11.14 -4.00
CA TYR I 127 27.52 -11.17 -4.96
C TYR I 127 28.84 -11.40 -4.26
N GLY I 128 29.64 -12.30 -4.85
CA GLY I 128 30.99 -12.56 -4.38
C GLY I 128 31.83 -11.30 -4.40
N ARG I 129 32.58 -11.08 -3.33
CA ARG I 129 33.35 -9.85 -3.13
C ARG I 129 34.82 -9.95 -3.53
N GLY I 130 35.21 -11.07 -4.14
CA GLY I 130 36.58 -11.21 -4.66
C GLY I 130 36.78 -10.48 -5.98
N ARG I 131 38.03 -10.08 -6.23
CA ARG I 131 38.44 -9.42 -7.49
C ARG I 131 37.80 -10.01 -8.73
N SER I 132 37.98 -11.32 -8.91
CA SER I 132 37.55 -11.99 -10.15
C SER I 132 36.05 -12.22 -10.30
N GLY I 133 35.27 -11.96 -9.23
CA GLY I 133 33.79 -12.04 -9.29
C GLY I 133 33.21 -13.03 -8.28
N GLY I 134 33.89 -14.15 -8.08
CA GLY I 134 33.50 -15.15 -7.08
C GLY I 134 33.82 -14.73 -5.65
N GLN I 135 33.81 -15.72 -4.75
CA GLN I 135 34.06 -15.45 -3.33
C GLN I 135 35.53 -15.14 -3.08
N VAL I 136 35.79 -14.33 -2.05
CA VAL I 136 37.15 -14.00 -1.61
C VAL I 136 37.96 -15.27 -1.29
N ARG I 137 37.34 -16.20 -0.58
CA ARG I 137 37.95 -17.48 -0.25
C ARG I 137 38.47 -18.26 -1.49
N ASP I 138 37.82 -18.10 -2.64
CA ASP I 138 38.21 -18.80 -3.87
C ASP I 138 39.41 -18.20 -4.66
N GLU I 139 39.91 -17.02 -4.29
CA GLU I 139 41.06 -16.42 -5.01
C GLU I 139 42.42 -16.95 -4.52
N TYR I 140 42.64 -16.87 -3.21
CA TYR I 140 43.92 -17.20 -2.58
C TYR I 140 44.23 -18.70 -2.46
N ARG I 141 43.22 -19.54 -2.59
CA ARG I 141 43.38 -20.98 -2.33
C ARG I 141 44.22 -21.67 -3.41
N GLN I 142 45.05 -22.61 -2.96
CA GLN I 142 45.98 -23.34 -3.84
C GLN I 142 45.37 -24.63 -4.38
N ASP I 143 44.64 -25.35 -3.54
CA ASP I 143 44.06 -26.68 -3.85
C ASP I 143 43.19 -26.79 -5.12
N TYR I 144 43.02 -28.01 -5.60
CA TYR I 144 42.12 -28.31 -6.71
C TYR I 144 40.78 -28.79 -6.16
N ASP I 145 39.71 -28.14 -6.61
CA ASP I 145 38.36 -28.36 -6.10
C ASP I 145 37.38 -28.41 -7.29
N ALA I 146 37.15 -29.62 -7.81
CA ALA I 146 36.23 -29.83 -8.95
C ALA I 146 34.90 -29.06 -8.81
N GLY I 147 34.33 -29.06 -7.61
CA GLY I 147 33.08 -28.39 -7.32
C GLY I 147 33.13 -26.87 -7.18
N ARG I 148 34.32 -26.27 -7.16
CA ARG I 148 34.43 -24.81 -7.09
C ARG I 148 35.25 -24.19 -8.24
N GLY I 149 35.06 -24.70 -9.45
CA GLY I 149 35.71 -24.14 -10.66
C GLY I 149 36.96 -24.89 -11.10
N GLY I 150 37.91 -25.03 -10.19
CA GLY I 150 39.15 -25.81 -10.42
C GLY I 150 40.20 -25.39 -9.42
N TYR I 151 41.28 -24.77 -9.90
CA TYR I 151 42.27 -24.15 -9.01
C TYR I 151 41.76 -22.77 -8.64
N GLY I 152 42.38 -22.16 -7.63
CA GLY I 152 42.08 -20.78 -7.27
C GLY I 152 42.38 -19.81 -8.40
N LYS I 153 41.90 -18.57 -8.20
CA LYS I 153 41.92 -17.49 -9.20
C LYS I 153 42.43 -16.18 -8.59
N LYS J 2 29.79 -32.21 -13.47
CA LYS J 2 29.26 -32.72 -14.77
C LYS J 2 28.10 -31.88 -15.37
N ARG J 3 27.26 -31.27 -14.53
CA ARG J 3 25.99 -30.63 -15.00
C ARG J 3 26.12 -29.14 -15.30
N THR J 4 25.08 -28.61 -15.97
CA THR J 4 25.03 -27.21 -16.42
C THR J 4 24.44 -26.30 -15.35
N GLN J 5 25.16 -25.23 -15.02
CA GLN J 5 24.65 -24.18 -14.15
C GLN J 5 23.61 -23.33 -14.87
N ILE J 6 22.62 -22.86 -14.13
CA ILE J 6 21.68 -21.86 -14.66
C ILE J 6 22.24 -20.46 -14.43
N VAL J 7 21.74 -19.50 -15.20
CA VAL J 7 22.09 -18.07 -15.06
C VAL J 7 20.91 -17.36 -14.35
N TYR J 8 21.23 -16.49 -13.40
CA TYR J 8 20.23 -15.75 -12.63
C TYR J 8 20.03 -14.33 -13.19
N SER J 9 18.76 -13.93 -13.34
CA SER J 9 18.39 -12.61 -13.87
C SER J 9 18.76 -11.46 -12.92
N ASP J 10 18.58 -10.23 -13.43
CA ASP J 10 18.82 -9.00 -12.65
C ASP J 10 17.63 -8.68 -11.73
N ASP J 11 16.43 -9.11 -12.11
CA ASP J 11 15.18 -8.76 -11.41
C ASP J 11 14.61 -9.89 -10.52
N VAL J 12 15.33 -11.00 -10.37
CA VAL J 12 14.82 -12.19 -9.66
C VAL J 12 14.68 -12.03 -8.13
N TYR J 13 15.46 -11.13 -7.52
CA TYR J 13 15.33 -10.77 -6.08
C TYR J 13 14.86 -9.32 -5.93
N LYS J 14 13.56 -9.11 -6.19
CA LYS J 14 12.85 -7.86 -5.92
C LYS J 14 11.49 -8.12 -5.24
N GLU J 15 11.53 -8.92 -4.16
CA GLU J 15 10.40 -9.18 -3.24
C GLU J 15 9.25 -10.00 -3.84
N ASP J 19 3.85 -13.65 2.14
CA ASP J 19 3.17 -13.14 3.33
C ASP J 19 2.01 -12.18 2.97
N GLY J 20 0.90 -12.29 3.68
CA GLY J 20 -0.45 -11.98 3.16
C GLY J 20 -1.49 -12.96 3.74
N PHE J 21 -1.06 -14.20 4.01
CA PHE J 21 -1.76 -15.17 4.89
C PHE J 21 -0.83 -15.48 6.09
N LYS K 2 -24.27 65.66 -19.04
CA LYS K 2 -23.64 66.85 -18.35
C LYS K 2 -22.38 67.40 -19.09
N ARG K 3 -21.59 66.54 -19.74
CA ARG K 3 -20.23 66.88 -20.22
C ARG K 3 -20.19 67.34 -21.68
N THR K 4 -19.00 67.77 -22.10
CA THR K 4 -18.70 68.26 -23.45
C THR K 4 -18.32 67.12 -24.39
N GLN K 5 -19.01 67.03 -25.53
CA GLN K 5 -18.60 66.10 -26.59
C GLN K 5 -17.39 66.65 -27.32
N ILE K 6 -16.47 65.79 -27.74
CA ILE K 6 -15.39 66.23 -28.62
C ILE K 6 -15.86 66.08 -30.07
N VAL K 7 -15.20 66.80 -30.98
CA VAL K 7 -15.43 66.69 -32.42
C VAL K 7 -14.27 65.88 -33.02
N TYR K 8 -14.59 64.97 -33.94
CA TYR K 8 -13.59 64.11 -34.59
C TYR K 8 -13.22 64.64 -35.98
N SER K 9 -11.90 64.69 -36.26
CA SER K 9 -11.38 65.16 -37.55
C SER K 9 -11.71 64.21 -38.71
N ASP K 10 -11.38 64.66 -39.92
CA ASP K 10 -11.55 63.86 -41.15
C ASP K 10 -10.42 62.84 -41.33
N ASP K 11 -9.24 63.16 -40.80
CA ASP K 11 -8.02 62.34 -41.00
C ASP K 11 -7.62 61.46 -39.79
N VAL K 12 -8.46 61.40 -38.75
CA VAL K 12 -8.17 60.61 -37.54
C VAL K 12 -8.21 59.08 -37.74
N TYR K 13 -8.95 58.59 -38.74
CA TYR K 13 -8.97 57.15 -39.13
C TYR K 13 -8.37 56.97 -40.53
N GLY K 20 3.77 45.63 -36.78
CA GLY K 20 5.07 44.98 -37.03
C GLY K 20 5.42 43.94 -35.97
N PHE K 21 5.35 44.37 -34.70
CA PHE K 21 5.65 43.54 -33.53
C PHE K 21 4.35 42.90 -33.00
PG MGT L . -31.21 50.10 -38.07
O1G MGT L . -32.30 51.11 -38.15
O2G MGT L . -31.29 48.99 -39.14
O3G MGT L . -31.15 49.64 -36.62
O3B MGT L . -29.84 50.97 -38.37
PB MGT L . -28.92 51.01 -39.72
O1B MGT L . -27.99 49.83 -39.85
O2B MGT L . -29.85 51.24 -40.88
O3A MGT L . -27.93 52.26 -39.64
PA MGT L . -27.53 53.07 -38.30
O1A MGT L . -27.54 54.55 -38.61
O2A MGT L . -28.32 52.64 -37.08
O5' MGT L . -26.01 52.56 -38.16
C5' MGT L . -24.80 53.27 -38.42
C4' MGT L . -23.62 52.30 -38.52
O4' MGT L . -23.62 51.32 -37.46
C3' MGT L . -23.66 51.49 -39.82
O3' MGT L . -22.33 51.10 -40.21
C2' MGT L . -24.47 50.28 -39.46
O2' MGT L . -24.23 49.20 -40.34
C1' MGT L . -23.97 50.03 -38.04
N9 MGT L . -24.95 49.18 -37.28
C8 MGT L . -26.19 49.81 -36.81
N7 MGT L . -26.76 48.63 -36.18
CM7 MGT L . -28.07 48.89 -35.55
C5 MGT L . -26.03 47.53 -36.26
C6 MGT L . -26.20 46.15 -35.77
O6 MGT L . -27.20 45.75 -35.14
N1 MGT L . -25.20 45.32 -36.08
C2 MGT L . -24.10 45.70 -36.75
N2 MGT L . -23.13 44.81 -37.01
N3 MGT L . -23.89 46.95 -37.21
C4 MGT L . -24.81 47.89 -36.99
PG MGT M . -29.51 -60.04 24.25
O1G MGT M . -28.51 -61.14 24.54
O2G MGT M . -30.39 -60.41 23.08
O3G MGT M . -28.94 -58.62 24.30
O3B MGT M . -30.41 -60.08 25.58
PB MGT M . -31.93 -60.56 25.73
O1B MGT M . -32.80 -59.72 24.87
O2B MGT M . -32.13 -62.05 25.55
O3A MGT M . -32.09 -60.18 27.29
PA MGT M . -31.83 -58.70 27.88
O1A MGT M . -31.63 -58.75 29.37
O2A MGT M . -30.80 -57.93 27.05
O5' MGT M . -33.32 -58.16 27.62
C5' MGT M . -34.30 -58.07 28.65
C4' MGT M . -35.69 -57.69 28.09
O4' MGT M . -35.54 -56.73 27.03
C3' MGT M . -36.44 -58.87 27.48
O3' MGT M . -37.88 -58.71 27.54
C2' MGT M . -35.93 -58.85 26.07
O2' MGT M . -36.77 -59.61 25.21
C1' MGT M . -35.91 -57.34 25.80
N9 MGT M . -35.06 -56.93 24.64
C8 MGT M . -33.64 -56.75 24.91
N7 MGT M . -33.27 -56.39 23.55
CM7 MGT M . -31.82 -56.13 23.40
C5 MGT M . -34.25 -56.34 22.68
C6 MGT M . -34.30 -56.01 21.25
O6 MGT M . -33.29 -55.69 20.58
N1 MGT M . -35.52 -56.08 20.70
C2 MGT M . -36.63 -56.41 21.40
N2 MGT M . -37.82 -56.45 20.77
N3 MGT M . -36.63 -56.73 22.72
C4 MGT M . -35.48 -56.70 23.40
PG MGT N . 26.26 23.25 14.13
O1G MGT N . 25.12 22.76 14.99
O2G MGT N . 27.05 24.36 14.80
O3G MGT N . 25.86 23.44 12.67
O3B MGT N . 27.27 21.99 14.03
PB MGT N . 28.29 21.37 15.15
O1B MGT N . 29.67 21.90 14.85
O2B MGT N . 27.79 21.63 16.55
O3A MGT N . 28.26 19.78 14.79
PA MGT N . 28.30 19.03 13.33
O1A MGT N . 27.77 17.63 13.48
O2A MGT N . 27.67 19.88 12.23
O5' MGT N . 29.88 18.97 13.05
C5' MGT N . 30.72 17.84 12.78
C4' MGT N . 32.18 18.30 12.65
O4' MGT N . 32.31 19.33 11.66
C3' MGT N . 32.74 18.92 13.93
O3' MGT N . 34.15 18.71 14.02
C2' MGT N . 32.39 20.39 13.79
O2' MGT N . 33.14 21.23 14.67
C1' MGT N . 32.67 20.57 12.29
N9 MGT N . 31.98 21.79 11.76
C8 MGT N . 30.54 21.70 11.48
N7 MGT N . 30.37 23.07 11.01
CM7 MGT N . 28.97 23.37 10.61
C5 MGT N . 31.46 23.83 11.01
C6 MGT N . 31.77 25.23 10.63
O6 MGT N . 30.91 26.03 10.19
N1 MGT N . 33.05 25.61 10.79
C2 MGT N . 34.02 24.79 11.26
N2 MGT N . 35.28 25.26 11.39
N3 MGT N . 33.80 23.50 11.62
C4 MGT N . 32.56 22.97 11.51
PG MGT O . 36.06 -13.47 3.56
O1G MGT O . 37.30 -12.68 3.25
O2G MGT O . 35.45 -13.06 4.88
O3G MGT O . 36.22 -14.97 3.32
O3B MGT O . 34.98 -13.02 2.44
PB MGT O . 33.86 -11.84 2.51
O1B MGT O . 32.79 -12.16 3.50
O2B MGT O . 34.54 -10.52 2.75
O3A MGT O . 33.22 -11.93 1.02
PA MGT O . 32.88 -13.30 0.20
O1A MGT O . 32.92 -13.09 -1.31
O2A MGT O . 33.64 -14.53 0.67
O5' MGT O . 31.32 -13.34 0.64
C5' MGT O . 30.25 -12.93 -0.20
C4' MGT O . 28.93 -12.76 0.56
O4' MGT O . 28.77 -13.81 1.50
C3' MGT O . 28.88 -11.48 1.35
O3' MGT O . 27.51 -11.02 1.48
C2' MGT O . 29.42 -11.87 2.69
O2' MGT O . 29.00 -10.92 3.68
C1' MGT O . 28.84 -13.28 2.84
N9 MGT O . 29.58 -14.15 3.82
C8 MGT O . 30.79 -14.81 3.34
N7 MGT O . 31.13 -15.51 4.57
CM7 MGT O . 32.37 -16.32 4.46
C5 MGT O . 30.29 -15.33 5.58
C6 MGT O . 30.24 -15.83 6.98
O6 MGT O . 31.11 -16.60 7.46
N1 MGT O . 29.20 -15.39 7.72
C2 MGT O . 28.23 -14.55 7.21
N2 MGT O . 27.21 -14.15 8.00
N3 MGT O . 28.25 -14.07 5.94
C4 MGT O . 29.24 -14.41 5.09
#